data_6YTT
#
_entry.id   6YTT
#
_cell.length_a   298.943
_cell.length_b   298.943
_cell.length_c   128.895
_cell.angle_alpha   90.000
_cell.angle_beta   90.000
_cell.angle_gamma   90.000
#
_symmetry.space_group_name_H-M   'P 42 21 2'
#
loop_
_entity.id
_entity.type
_entity.pdbx_description
1 polymer 'CO dehydrogenase/acetyl-CoA synthase complex, beta subunit'
2 polymer 'Carbon-monoxide dehydrogenase (Acceptor),Carbon-monoxide dehydrogenase (Acceptor)'
3 non-polymer GLYCEROL
4 non-polymer 2-{2-[2-(2-{2-[2-(2-ETHOXY-ETHOXY)-ETHOXY]-ETHOXY}-ETHOXY)-ETHOXY]-ETHOXY}-ETHANOL
5 non-polymer 'IRON/SULFUR CLUSTER'
6 non-polymer 'FLUORIDE ION'
7 non-polymer 'NICKEL (II) ION'
8 non-polymer 'FE(4)-NI(1)-S(4) CLUSTER'
9 non-polymer 'SODIUM ION'
#
loop_
_entity_poly.entity_id
_entity_poly.type
_entity_poly.pdbx_seq_one_letter_code
_entity_poly.pdbx_strand_id
1 'polypeptide(L)'
;MNLFQTVFTGSKQALAAAEGIVKQAVDEKGRDYKVAFPDTAYSLPVIFAATGKKITNVGELEGALDIVRSLIVEEEMLDK
LLNSGLATAVAAEIIEAAKYVLSDAPYAEPCVGFISDPIIRSLGVPLVTGDIPGVAVILGECPDSETAAKIIKDYQSKGL
LTCLVGKVIDQAIEGKVKMGLDLRVIPLGYDVTSVIHVVTIAIRAALIFGGIKGGQLNDILKYTAERVPAFVNAFGPLSE
LVVSAGAGAIALGFPVLTDQVVPEVPTLLLTQKDYDKMVKTSLEARNIKIKITEIPIPVSFAAAFEGERIRKNDMLAEFG
GNKTKAWELVMCADQGEVEDHKIEVIGPDIDTIDKAPGRMPLGMLIKVSGTNMQKDFEPVLERRLHYFLNYIEGVMHVGQ
RNLTWVRIGKEAFEKGFRLKHFGEVIYAKMLDEFGSVVDKCEVTIITDPGKAEELEGKYAVPRYKERDARLESLVDEKVD
TFYSCNLCQSFAPAHVCIVTPERLGLCGAVSWLDAKATLELNPTGPCQAVPKEGVVDENLGIWEKVNETVSKISQGAVTS
VTLYSILQDPMTSCGCFECITGIMPEANGVVMVNREFGATTPLGMTFGELASMTGGGVQTPGFMGHGRQFIASKKFMKGE
GGLGRIVWMPKELKDFVAEKLNKTAKELYNIDNFADMICDETIATESEEVVKFLEEKGHPALKMDPIM
;
A,D
2 'polypeptide(L)'
;MEEKAKSIDQATLQLLDKAKQDGVETVWDRKADMKVQCGFGSAGVCCRNCSMGPCRVSPVPGKGVERGICGATADVIVSR
NFARMVAAGTAAHSDHGRSIALSLYHTSKDGDIKVKDENKLKEVAKSFNVETEGRDIYDIAHDVAKEGLSNYGKQLGEVT
LPPSLPEKRKELWRKLGVYPRAVDREIAAVMHSTHIGCNADAEAMIKMSMRCSLTDGWMGSFMGTEFSDIMFGTPHSIDT
EANLGVLEKNSVNVVLHGHEPLLSEMVVEAASDPELVELAKSVGADGINLCGMCCTGNEVSMRHGIKIAGNFMQQELAVV
TGAVDGLIVDVQCIMPALAKLSKSYHTKFITTSPKAHITDSIYMEFDEENPLDSAKKILKEAILNFKNRDQSKVMIPELK
CKAILGYSVEEIINKLDKVVNTQIGPMQTVKPLADVLVSGVLRGAAAVVGCNNPKVVQDSAHIETIKGLIKNDVIVVVTG
CAAQAAAKYGLLQKEAAEKYAGPGLATVCKLVDIPPVLHMGSCVDISRILDLVGRVANLLGVDMSDLPVAGVAPEWMSEK
AVAIGTYVVTSGIDTWLGVAPPVTGGPEVVDILTNKMEDWVGAKFFIETDPHKAVEQIVNRMNEKRKKLGI
;
B,C
#
loop_
_chem_comp.id
_chem_comp.type
_chem_comp.name
_chem_comp.formula
F non-polymer 'FLUORIDE ION' 'F -1'
GOL non-polymer GLYCEROL 'C3 H8 O3'
NA non-polymer 'SODIUM ION' 'Na 1'
NI non-polymer 'NICKEL (II) ION' 'Ni 2'
PE4 non-polymer 2-{2-[2-(2-{2-[2-(2-ETHOXY-ETHOXY)-ETHOXY]-ETHOXY}-ETHOXY)-ETHOXY]-ETHOXY}-ETHANOL 'C16 H34 O8'
SF4 non-polymer 'IRON/SULFUR CLUSTER' 'Fe4 S4'
XCC non-polymer 'FE(4)-NI(1)-S(4) CLUSTER' 'Fe4 Ni S4'
#
# COMPACT_ATOMS: atom_id res chain seq x y z
N MET A 1 -22.67 -31.63 -42.41
CA MET A 1 -21.88 -31.32 -43.59
C MET A 1 -21.83 -29.81 -43.83
N ASN A 2 -20.67 -29.34 -44.29
CA ASN A 2 -20.50 -27.94 -44.64
C ASN A 2 -21.45 -27.56 -45.78
N LEU A 3 -21.89 -26.29 -45.78
CA LEU A 3 -22.92 -25.87 -46.72
C LEU A 3 -22.37 -25.80 -48.15
N PHE A 4 -21.12 -25.39 -48.31
CA PHE A 4 -20.53 -25.36 -49.65
C PHE A 4 -20.44 -26.77 -50.24
N GLN A 5 -19.99 -27.74 -49.44
CA GLN A 5 -19.92 -29.11 -49.90
C GLN A 5 -21.32 -29.70 -50.11
N THR A 6 -22.31 -29.24 -49.33
CA THR A 6 -23.67 -29.72 -49.54
C THR A 6 -24.21 -29.27 -50.89
N VAL A 7 -23.83 -28.06 -51.33
CA VAL A 7 -24.26 -27.59 -52.64
C VAL A 7 -23.46 -28.28 -53.73
N PHE A 8 -22.14 -28.37 -53.56
CA PHE A 8 -21.29 -29.02 -54.55
C PHE A 8 -21.74 -30.45 -54.80
N THR A 9 -21.98 -31.20 -53.73
CA THR A 9 -22.40 -32.59 -53.86
C THR A 9 -23.67 -32.70 -54.70
N GLY A 10 -24.68 -31.89 -54.38
CA GLY A 10 -25.90 -31.90 -55.17
C GLY A 10 -25.68 -31.45 -56.60
N SER A 11 -24.84 -30.43 -56.80
CA SER A 11 -24.50 -29.97 -58.14
C SER A 11 -23.92 -31.12 -58.96
N LYS A 12 -22.99 -31.87 -58.37
CA LYS A 12 -22.43 -33.02 -59.06
C LYS A 12 -23.50 -34.08 -59.32
N GLN A 13 -24.38 -34.30 -58.34
CA GLN A 13 -25.51 -35.20 -58.55
C GLN A 13 -26.40 -34.72 -59.69
N ALA A 14 -26.67 -33.40 -59.74
CA ALA A 14 -27.44 -32.84 -60.84
C ALA A 14 -26.79 -33.12 -62.18
N LEU A 15 -25.48 -32.86 -62.26
CA LEU A 15 -24.74 -33.17 -63.49
C LEU A 15 -24.85 -34.65 -63.83
N ALA A 16 -24.61 -35.52 -62.84
CA ALA A 16 -24.63 -36.96 -63.08
C ALA A 16 -25.97 -37.41 -63.65
N ALA A 17 -27.06 -36.84 -63.16
CA ALA A 17 -28.37 -37.19 -63.67
C ALA A 17 -28.53 -36.75 -65.12
N ALA A 18 -28.06 -35.54 -65.45
CA ALA A 18 -28.18 -35.05 -66.82
C ALA A 18 -27.39 -35.92 -67.79
N GLU A 19 -26.23 -36.44 -67.35
CA GLU A 19 -25.46 -37.33 -68.21
C GLU A 19 -26.20 -38.64 -68.48
N GLY A 20 -26.99 -39.11 -67.52
CA GLY A 20 -27.71 -40.35 -67.66
C GLY A 20 -28.89 -40.27 -68.61
N ILE A 21 -29.69 -39.20 -68.50
CA ILE A 21 -30.86 -39.09 -69.37
C ILE A 21 -30.48 -38.63 -70.77
N VAL A 22 -29.42 -37.80 -70.90
CA VAL A 22 -28.96 -37.45 -72.24
C VAL A 22 -28.31 -38.66 -72.91
N LYS A 23 -27.90 -39.66 -72.13
CA LYS A 23 -27.42 -40.91 -72.71
C LYS A 23 -28.59 -41.74 -73.23
N GLN A 24 -29.71 -41.75 -72.49
CA GLN A 24 -30.94 -42.33 -73.03
C GLN A 24 -31.34 -41.63 -74.32
N ALA A 25 -31.12 -40.31 -74.39
CA ALA A 25 -31.51 -39.55 -75.57
C ALA A 25 -30.71 -39.98 -76.80
N VAL A 26 -29.39 -40.11 -76.66
CA VAL A 26 -28.56 -40.43 -77.81
C VAL A 26 -28.72 -41.87 -78.28
N ASP A 27 -29.36 -42.73 -77.48
CA ASP A 27 -29.54 -44.12 -77.86
C ASP A 27 -30.90 -44.36 -78.53
N GLU A 28 -31.96 -43.73 -78.02
CA GLU A 28 -33.27 -43.88 -78.63
C GLU A 28 -33.41 -43.06 -79.92
N LYS A 29 -32.66 -41.96 -80.03
CA LYS A 29 -32.95 -40.96 -81.05
C LYS A 29 -31.73 -40.44 -81.80
N GLY A 30 -30.52 -40.82 -81.41
CA GLY A 30 -29.32 -40.33 -82.06
C GLY A 30 -29.00 -38.88 -81.71
N ARG A 31 -27.84 -38.43 -82.17
CA ARG A 31 -27.33 -37.11 -81.86
C ARG A 31 -27.91 -36.02 -82.75
N ASP A 32 -28.92 -36.33 -83.57
CA ASP A 32 -29.43 -35.38 -84.55
C ASP A 32 -30.93 -35.15 -84.44
N TYR A 33 -31.57 -35.57 -83.35
CA TYR A 33 -33.00 -35.37 -83.18
C TYR A 33 -33.26 -33.96 -82.67
N LYS A 34 -34.31 -33.33 -83.18
CA LYS A 34 -34.71 -32.00 -82.73
C LYS A 34 -34.90 -31.97 -81.22
N VAL A 35 -34.33 -30.94 -80.60
CA VAL A 35 -34.52 -30.65 -79.18
C VAL A 35 -35.18 -29.28 -79.08
N ALA A 36 -36.37 -29.24 -78.49
CA ALA A 36 -37.09 -27.97 -78.40
C ALA A 36 -38.21 -28.10 -77.37
N PHE A 37 -38.51 -26.97 -76.73
CA PHE A 37 -39.68 -26.82 -75.89
C PHE A 37 -40.84 -26.20 -76.69
N PRO A 38 -42.08 -26.48 -76.30
CA PRO A 38 -43.22 -25.94 -77.07
C PRO A 38 -43.35 -24.44 -76.93
N ASP A 39 -43.56 -23.77 -78.07
CA ASP A 39 -43.91 -22.35 -78.13
C ASP A 39 -42.90 -21.48 -77.41
N THR A 40 -41.65 -21.55 -77.84
CA THR A 40 -40.59 -20.75 -77.25
C THR A 40 -39.62 -20.30 -78.33
N ALA A 41 -39.37 -18.98 -78.38
CA ALA A 41 -38.43 -18.41 -79.34
C ALA A 41 -36.99 -18.43 -78.85
N TYR A 42 -36.76 -18.81 -77.59
CA TYR A 42 -35.44 -18.74 -76.97
C TYR A 42 -34.83 -20.12 -76.71
N SER A 43 -35.32 -21.15 -77.41
CA SER A 43 -34.77 -22.50 -77.31
C SER A 43 -34.71 -22.96 -75.86
N LEU A 44 -33.51 -23.23 -75.36
CA LEU A 44 -33.30 -23.54 -73.96
C LEU A 44 -32.95 -22.24 -73.23
N PRO A 45 -33.90 -21.66 -72.48
CA PRO A 45 -33.69 -20.28 -71.98
C PRO A 45 -32.51 -20.13 -71.03
N VAL A 46 -32.28 -21.07 -70.12
CA VAL A 46 -31.16 -20.91 -69.18
C VAL A 46 -29.84 -20.98 -69.92
N ILE A 47 -29.70 -21.94 -70.83
CA ILE A 47 -28.49 -22.04 -71.63
C ILE A 47 -28.37 -20.85 -72.57
N PHE A 48 -29.50 -20.33 -73.05
CA PHE A 48 -29.47 -19.16 -73.93
C PHE A 48 -29.03 -17.91 -73.18
N ALA A 49 -29.57 -17.71 -71.98
CA ALA A 49 -29.18 -16.53 -71.19
C ALA A 49 -27.71 -16.57 -70.82
N ALA A 50 -27.17 -17.77 -70.58
CA ALA A 50 -25.78 -17.88 -70.15
C ALA A 50 -24.83 -17.67 -71.32
N THR A 51 -25.12 -18.30 -72.46
CA THR A 51 -24.16 -18.38 -73.56
C THR A 51 -24.66 -17.79 -74.87
N GLY A 52 -25.91 -17.34 -74.95
CA GLY A 52 -26.40 -16.73 -76.17
C GLY A 52 -26.43 -17.66 -77.37
N LYS A 53 -26.32 -18.97 -77.15
CA LYS A 53 -26.34 -19.95 -78.22
C LYS A 53 -27.56 -20.85 -78.05
N LYS A 54 -28.27 -21.10 -79.15
CA LYS A 54 -29.44 -21.95 -79.13
C LYS A 54 -29.05 -23.41 -79.32
N ILE A 55 -29.82 -24.30 -78.71
CA ILE A 55 -29.58 -25.74 -78.79
C ILE A 55 -30.73 -26.36 -79.56
N THR A 56 -30.40 -27.07 -80.64
CA THR A 56 -31.38 -27.60 -81.58
C THR A 56 -31.44 -29.11 -81.61
N ASN A 57 -30.31 -29.79 -81.66
CA ASN A 57 -30.27 -31.24 -81.79
C ASN A 57 -29.68 -31.88 -80.53
N VAL A 58 -29.75 -33.21 -80.50
CA VAL A 58 -29.35 -33.95 -79.31
C VAL A 58 -27.84 -33.85 -79.09
N GLY A 59 -27.06 -33.86 -80.17
CA GLY A 59 -25.63 -33.71 -80.03
C GLY A 59 -25.24 -32.43 -79.33
N GLU A 60 -26.00 -31.35 -79.57
CA GLU A 60 -25.75 -30.10 -78.86
C GLU A 60 -26.18 -30.20 -77.40
N LEU A 61 -27.28 -30.91 -77.13
CA LEU A 61 -27.70 -31.13 -75.75
C LEU A 61 -26.65 -31.90 -74.98
N GLU A 62 -26.09 -32.95 -75.58
CA GLU A 62 -24.99 -33.69 -74.96
C GLU A 62 -23.76 -32.80 -74.79
N GLY A 63 -23.48 -31.97 -75.80
CA GLY A 63 -22.33 -31.06 -75.70
C GLY A 63 -22.53 -29.95 -74.70
N ALA A 64 -23.76 -29.66 -74.31
CA ALA A 64 -24.03 -28.62 -73.33
C ALA A 64 -23.77 -29.07 -71.90
N LEU A 65 -23.35 -30.33 -71.69
CA LEU A 65 -22.94 -30.75 -70.36
C LEU A 65 -21.63 -30.09 -69.95
N ASP A 66 -20.79 -29.74 -70.93
CA ASP A 66 -19.54 -29.03 -70.63
C ASP A 66 -19.80 -27.72 -69.90
N ILE A 67 -20.97 -27.11 -70.12
CA ILE A 67 -21.35 -25.91 -69.37
C ILE A 67 -21.46 -26.23 -67.89
N VAL A 68 -22.21 -27.28 -67.56
CA VAL A 68 -22.41 -27.65 -66.16
C VAL A 68 -21.09 -28.02 -65.50
N ARG A 69 -20.17 -28.62 -66.26
CA ARG A 69 -18.86 -28.94 -65.70
C ARG A 69 -18.01 -27.70 -65.48
N SER A 70 -18.17 -26.67 -66.32
CA SER A 70 -17.37 -25.47 -66.18
C SER A 70 -17.82 -24.59 -65.02
N LEU A 71 -19.05 -24.77 -64.53
CA LEU A 71 -19.61 -23.94 -63.48
C LEU A 71 -19.44 -24.53 -62.09
N ILE A 72 -18.63 -25.57 -61.94
CA ILE A 72 -18.71 -26.42 -60.76
C ILE A 72 -17.37 -26.50 -60.03
N VAL A 73 -16.60 -25.41 -60.08
CA VAL A 73 -15.36 -25.33 -59.30
C VAL A 73 -15.66 -25.53 -57.83
N GLU A 74 -14.94 -26.47 -57.21
CA GLU A 74 -15.23 -26.88 -55.84
C GLU A 74 -14.27 -26.19 -54.86
N GLU A 75 -14.39 -24.87 -54.78
CA GLU A 75 -13.63 -24.08 -53.82
C GLU A 75 -14.60 -23.28 -52.95
N GLU A 76 -14.34 -23.25 -51.64
CA GLU A 76 -15.25 -22.64 -50.69
C GLU A 76 -15.09 -21.11 -50.72
N MET A 77 -15.61 -20.53 -51.80
CA MET A 77 -15.73 -19.08 -51.92
C MET A 77 -17.11 -18.78 -52.49
N LEU A 78 -17.64 -17.61 -52.13
CA LEU A 78 -19.04 -17.32 -52.42
C LEU A 78 -19.35 -17.44 -53.92
N ASP A 79 -18.47 -16.90 -54.77
CA ASP A 79 -18.75 -16.89 -56.21
C ASP A 79 -18.83 -18.32 -56.74
N LYS A 80 -17.95 -19.21 -56.29
CA LYS A 80 -17.99 -20.59 -56.76
C LYS A 80 -19.29 -21.29 -56.34
N LEU A 81 -19.86 -20.87 -55.21
CA LEU A 81 -21.13 -21.47 -54.76
C LEU A 81 -22.27 -21.04 -55.66
N LEU A 82 -22.33 -19.76 -56.03
CA LEU A 82 -23.38 -19.28 -56.91
C LEU A 82 -23.26 -19.94 -58.29
N ASN A 83 -22.05 -20.00 -58.84
CA ASN A 83 -21.85 -20.67 -60.12
C ASN A 83 -22.26 -22.14 -60.03
N SER A 84 -21.84 -22.83 -58.98
CA SER A 84 -22.27 -24.22 -58.77
C SER A 84 -23.78 -24.31 -58.70
N GLY A 85 -24.43 -23.32 -58.10
CA GLY A 85 -25.88 -23.28 -58.11
C GLY A 85 -26.44 -23.08 -59.51
N LEU A 86 -25.77 -22.24 -60.31
CA LEU A 86 -26.17 -22.09 -61.71
C LEU A 86 -25.98 -23.39 -62.47
N ALA A 87 -24.91 -24.14 -62.15
CA ALA A 87 -24.67 -25.42 -62.80
C ALA A 87 -25.85 -26.37 -62.59
N THR A 88 -26.34 -26.45 -61.35
CA THR A 88 -27.50 -27.30 -61.07
C THR A 88 -28.71 -26.85 -61.88
N ALA A 89 -28.87 -25.54 -62.08
CA ALA A 89 -29.97 -25.02 -62.88
C ALA A 89 -29.81 -25.43 -64.34
N VAL A 90 -28.60 -25.28 -64.89
CA VAL A 90 -28.38 -25.64 -66.29
C VAL A 90 -28.57 -27.13 -66.51
N ALA A 91 -28.10 -27.95 -65.56
CA ALA A 91 -28.33 -29.39 -65.65
C ALA A 91 -29.80 -29.74 -65.52
N ALA A 92 -30.57 -28.91 -64.79
CA ALA A 92 -32.02 -29.13 -64.71
C ALA A 92 -32.68 -28.87 -66.05
N GLU A 93 -32.28 -27.80 -66.74
CA GLU A 93 -32.80 -27.55 -68.09
C GLU A 93 -32.42 -28.68 -69.04
N ILE A 94 -31.21 -29.23 -68.88
CA ILE A 94 -30.77 -30.33 -69.72
C ILE A 94 -31.64 -31.56 -69.49
N ILE A 95 -31.80 -31.96 -68.23
CA ILE A 95 -32.63 -33.11 -67.89
C ILE A 95 -34.04 -32.91 -68.41
N GLU A 96 -34.59 -31.73 -68.13
CA GLU A 96 -35.99 -31.39 -68.51
C GLU A 96 -36.12 -31.41 -70.04
N ALA A 97 -35.11 -30.89 -70.75
CA ALA A 97 -35.13 -30.92 -72.21
C ALA A 97 -35.18 -32.35 -72.74
N ALA A 98 -34.38 -33.24 -72.14
CA ALA A 98 -34.38 -34.63 -72.57
C ALA A 98 -35.73 -35.29 -72.31
N LYS A 99 -36.43 -34.88 -71.26
CA LYS A 99 -37.78 -35.38 -71.03
C LYS A 99 -38.67 -35.13 -72.24
N TYR A 100 -38.55 -33.94 -72.84
CA TYR A 100 -39.36 -33.57 -73.98
C TYR A 100 -38.82 -34.14 -75.30
N VAL A 101 -37.63 -34.74 -75.31
CA VAL A 101 -37.14 -35.39 -76.52
C VAL A 101 -37.40 -36.89 -76.50
N LEU A 102 -37.68 -37.49 -75.35
CA LEU A 102 -38.04 -38.89 -75.28
C LEU A 102 -39.54 -39.12 -75.41
N SER A 103 -40.35 -38.09 -75.15
CA SER A 103 -41.79 -38.18 -75.27
C SER A 103 -42.33 -36.89 -75.86
N ASP A 104 -43.28 -37.03 -76.78
CA ASP A 104 -43.84 -35.85 -77.44
C ASP A 104 -44.64 -34.99 -76.48
N ALA A 105 -45.37 -35.62 -75.56
CA ALA A 105 -46.12 -34.92 -74.51
C ALA A 105 -45.71 -35.53 -73.17
N PRO A 106 -44.54 -35.14 -72.64
CA PRO A 106 -44.04 -35.81 -71.43
C PRO A 106 -44.77 -35.40 -70.17
N TYR A 107 -45.39 -34.23 -70.16
CA TYR A 107 -46.16 -33.76 -69.01
C TYR A 107 -47.64 -33.80 -69.34
N ALA A 108 -48.43 -34.34 -68.42
CA ALA A 108 -49.88 -34.38 -68.56
C ALA A 108 -50.50 -33.74 -67.33
N GLU A 109 -51.59 -33.01 -67.55
CA GLU A 109 -52.32 -32.41 -66.45
C GLU A 109 -52.67 -33.47 -65.42
N PRO A 110 -52.69 -33.15 -64.11
CA PRO A 110 -52.64 -31.82 -63.47
C PRO A 110 -51.30 -31.08 -63.55
N CYS A 111 -50.22 -31.74 -63.94
CA CYS A 111 -48.94 -31.05 -64.05
C CYS A 111 -48.86 -30.31 -65.38
N VAL A 112 -48.47 -29.04 -65.32
CA VAL A 112 -48.43 -28.21 -66.53
C VAL A 112 -47.15 -28.47 -67.33
N GLY A 113 -46.03 -28.68 -66.65
CA GLY A 113 -44.78 -28.87 -67.33
C GLY A 113 -44.16 -27.55 -67.76
N PHE A 114 -43.59 -27.51 -68.96
CA PHE A 114 -42.92 -26.31 -69.43
C PHE A 114 -43.93 -25.22 -69.77
N ILE A 115 -43.57 -23.97 -69.50
CA ILE A 115 -44.44 -22.82 -69.71
C ILE A 115 -44.10 -22.19 -71.05
N SER A 116 -45.12 -21.98 -71.88
CA SER A 116 -44.93 -21.43 -73.21
C SER A 116 -44.74 -19.92 -73.15
N ASP A 117 -44.08 -19.39 -74.19
CA ASP A 117 -43.82 -17.95 -74.26
C ASP A 117 -45.08 -17.09 -74.18
N PRO A 118 -46.19 -17.43 -74.83
CA PRO A 118 -47.39 -16.56 -74.71
C PRO A 118 -47.86 -16.39 -73.27
N ILE A 119 -47.72 -17.42 -72.44
CA ILE A 119 -48.11 -17.27 -71.03
C ILE A 119 -47.16 -16.32 -70.32
N ILE A 120 -45.89 -16.30 -70.71
CA ILE A 120 -44.96 -15.33 -70.15
C ILE A 120 -45.44 -13.92 -70.40
N ARG A 121 -45.89 -13.64 -71.63
CA ARG A 121 -46.38 -12.31 -71.97
C ARG A 121 -47.66 -11.98 -71.23
N SER A 122 -48.59 -12.94 -71.15
CA SER A 122 -49.82 -12.73 -70.40
C SER A 122 -49.54 -12.48 -68.92
N LEU A 123 -48.52 -13.15 -68.38
CA LEU A 123 -48.22 -13.08 -66.96
C LEU A 123 -47.20 -12.00 -66.62
N GLY A 124 -46.47 -11.50 -67.61
CA GLY A 124 -45.40 -10.56 -67.37
C GLY A 124 -45.84 -9.16 -67.03
N VAL A 125 -46.81 -8.62 -67.79
CA VAL A 125 -47.25 -7.24 -67.58
C VAL A 125 -47.83 -7.00 -66.19
N PRO A 126 -48.61 -7.91 -65.59
CA PRO A 126 -49.04 -7.65 -64.20
C PRO A 126 -47.92 -7.77 -63.19
N LEU A 127 -46.81 -8.43 -63.54
CA LEU A 127 -45.64 -8.42 -62.68
C LEU A 127 -44.95 -7.08 -62.69
N VAL A 128 -45.00 -6.37 -63.82
CA VAL A 128 -44.42 -5.03 -63.90
C VAL A 128 -45.29 -4.03 -63.15
N THR A 129 -46.61 -4.09 -63.36
CA THR A 129 -47.52 -3.24 -62.61
C THR A 129 -47.58 -3.60 -61.13
N GLY A 130 -47.04 -4.74 -60.74
CA GLY A 130 -47.17 -5.19 -59.36
C GLY A 130 -48.56 -5.66 -59.00
N ASP A 131 -49.43 -5.89 -59.98
CA ASP A 131 -50.75 -6.43 -59.67
C ASP A 131 -50.65 -7.80 -59.04
N ILE A 132 -49.67 -8.60 -59.46
CA ILE A 132 -49.25 -9.79 -58.72
C ILE A 132 -47.96 -9.43 -57.99
N PRO A 133 -48.00 -9.26 -56.66
CA PRO A 133 -46.84 -8.66 -55.97
C PRO A 133 -45.56 -9.48 -56.06
N GLY A 134 -45.66 -10.79 -56.20
CA GLY A 134 -44.48 -11.63 -56.32
C GLY A 134 -44.89 -13.03 -56.74
N VAL A 135 -43.89 -13.88 -56.95
CA VAL A 135 -44.16 -15.27 -57.28
C VAL A 135 -43.57 -16.17 -56.20
N ALA A 136 -44.33 -17.18 -55.81
CA ALA A 136 -44.02 -18.05 -54.68
C ALA A 136 -43.72 -19.45 -55.22
N VAL A 137 -42.44 -19.79 -55.30
CA VAL A 137 -42.00 -21.10 -55.79
C VAL A 137 -41.90 -22.00 -54.57
N ILE A 138 -42.98 -22.73 -54.28
CA ILE A 138 -43.03 -23.60 -53.11
C ILE A 138 -42.86 -25.04 -53.56
N LEU A 139 -41.82 -25.70 -53.05
CA LEU A 139 -41.51 -27.07 -53.41
C LEU A 139 -41.26 -27.90 -52.16
N GLY A 140 -41.55 -29.20 -52.27
CA GLY A 140 -41.29 -30.15 -51.20
C GLY A 140 -42.58 -30.80 -50.71
N GLU A 141 -42.66 -30.98 -49.39
CA GLU A 141 -43.74 -31.71 -48.76
C GLU A 141 -44.09 -31.04 -47.44
N CYS A 142 -45.33 -30.75 -47.25
CA CYS A 142 -45.69 -30.19 -45.96
C CYS A 142 -46.04 -31.32 -45.00
N PRO A 143 -45.88 -31.12 -43.68
CA PRO A 143 -46.20 -32.20 -42.73
C PRO A 143 -47.67 -32.55 -42.68
N ASP A 144 -48.53 -31.72 -43.28
CA ASP A 144 -49.98 -31.88 -43.15
C ASP A 144 -50.63 -31.22 -44.36
N SER A 145 -51.54 -31.94 -45.00
CA SER A 145 -52.24 -31.39 -46.16
C SER A 145 -52.95 -30.08 -45.80
N GLU A 146 -53.52 -30.02 -44.60
CA GLU A 146 -54.18 -28.80 -44.16
C GLU A 146 -53.19 -27.63 -44.10
N THR A 147 -51.99 -27.86 -43.56
CA THR A 147 -51.02 -26.79 -43.44
C THR A 147 -50.49 -26.32 -44.79
N ALA A 148 -50.57 -27.17 -45.82
CA ALA A 148 -50.14 -26.74 -47.15
C ALA A 148 -51.20 -25.89 -47.84
N ALA A 149 -52.46 -26.34 -47.80
CA ALA A 149 -53.54 -25.56 -48.37
C ALA A 149 -53.69 -24.22 -47.66
N LYS A 150 -53.49 -24.21 -46.34
CA LYS A 150 -53.53 -22.96 -45.57
C LYS A 150 -52.57 -21.93 -46.15
N ILE A 151 -51.41 -22.38 -46.63
CA ILE A 151 -50.39 -21.45 -47.11
C ILE A 151 -50.68 -21.01 -48.54
N ILE A 152 -50.98 -21.97 -49.42
CA ILE A 152 -51.19 -21.63 -50.83
C ILE A 152 -52.40 -20.72 -50.99
N LYS A 153 -53.46 -20.97 -50.21
CA LYS A 153 -54.61 -20.07 -50.25
C LYS A 153 -54.25 -18.70 -49.69
N ASP A 154 -53.34 -18.64 -48.73
CA ASP A 154 -52.86 -17.36 -48.22
C ASP A 154 -52.18 -16.57 -49.33
N TYR A 155 -51.23 -17.20 -50.02
CA TYR A 155 -50.56 -16.55 -51.16
C TYR A 155 -51.57 -16.20 -52.24
N GLN A 156 -52.48 -17.14 -52.55
CA GLN A 156 -53.50 -16.90 -53.55
C GLN A 156 -54.34 -15.68 -53.20
N SER A 157 -54.63 -15.49 -51.92
CA SER A 157 -55.46 -14.36 -51.49
C SER A 157 -54.73 -13.03 -51.65
N LYS A 158 -53.40 -13.02 -51.42
CA LYS A 158 -52.62 -11.81 -51.63
C LYS A 158 -52.54 -11.40 -53.10
N GLY A 159 -53.09 -12.21 -54.00
CA GLY A 159 -53.06 -11.91 -55.42
C GLY A 159 -51.83 -12.40 -56.16
N LEU A 160 -50.80 -12.83 -55.45
CA LEU A 160 -49.55 -13.20 -56.10
C LEU A 160 -49.66 -14.59 -56.74
N LEU A 161 -48.67 -14.91 -57.58
CA LEU A 161 -48.65 -16.17 -58.33
C LEU A 161 -47.82 -17.20 -57.57
N THR A 162 -48.42 -18.35 -57.30
CA THR A 162 -47.75 -19.44 -56.61
C THR A 162 -47.57 -20.63 -57.53
N CYS A 163 -46.39 -21.23 -57.50
CA CYS A 163 -46.03 -22.34 -58.38
C CYS A 163 -45.58 -23.52 -57.55
N LEU A 164 -46.25 -24.65 -57.73
CA LEU A 164 -45.99 -25.86 -56.95
C LEU A 164 -45.11 -26.82 -57.74
N VAL A 165 -44.21 -27.50 -57.03
CA VAL A 165 -43.38 -28.55 -57.60
C VAL A 165 -42.99 -29.55 -56.51
N GLY A 166 -43.37 -30.81 -56.70
CA GLY A 166 -43.12 -31.82 -55.70
C GLY A 166 -44.39 -32.40 -55.12
N LYS A 167 -44.28 -33.01 -53.93
CA LYS A 167 -45.42 -33.69 -53.31
C LYS A 167 -46.55 -32.73 -52.95
N VAL A 168 -46.25 -31.43 -52.80
CA VAL A 168 -47.28 -30.47 -52.42
C VAL A 168 -48.41 -30.40 -53.43
N ILE A 169 -48.16 -30.76 -54.69
CA ILE A 169 -49.24 -30.81 -55.68
C ILE A 169 -50.32 -31.79 -55.23
N ASP A 170 -49.90 -32.95 -54.70
CA ASP A 170 -50.88 -33.88 -54.17
C ASP A 170 -51.47 -33.39 -52.86
N GLN A 171 -50.68 -32.65 -52.06
CA GLN A 171 -51.23 -32.09 -50.83
C GLN A 171 -52.18 -30.93 -51.11
N ALA A 172 -51.93 -30.18 -52.18
CA ALA A 172 -52.78 -29.04 -52.49
C ALA A 172 -54.11 -29.48 -53.10
N ILE A 173 -54.10 -30.56 -53.90
CA ILE A 173 -55.37 -31.07 -54.41
C ILE A 173 -56.15 -31.74 -53.29
N GLU A 174 -55.46 -32.27 -52.28
CA GLU A 174 -56.15 -32.78 -51.09
C GLU A 174 -56.73 -31.62 -50.28
N GLY A 175 -56.03 -30.49 -50.24
CA GLY A 175 -56.48 -29.37 -49.45
C GLY A 175 -57.57 -28.52 -50.07
N LYS A 176 -58.14 -28.98 -51.19
CA LYS A 176 -59.30 -28.42 -51.89
C LYS A 176 -58.92 -27.17 -52.69
N VAL A 177 -57.63 -26.83 -52.81
CA VAL A 177 -57.30 -25.65 -53.60
C VAL A 177 -57.45 -25.98 -55.08
N LYS A 178 -57.69 -24.95 -55.89
CA LYS A 178 -57.99 -25.11 -57.31
C LYS A 178 -56.89 -24.44 -58.12
N MET A 179 -56.32 -25.17 -59.06
CA MET A 179 -55.20 -24.70 -59.87
C MET A 179 -55.67 -24.15 -61.20
N GLY A 180 -54.76 -23.45 -61.87
CA GLY A 180 -55.02 -22.81 -63.14
C GLY A 180 -54.25 -21.52 -63.24
N LEU A 181 -54.07 -21.07 -64.48
CA LEU A 181 -53.37 -19.80 -64.70
C LEU A 181 -54.20 -18.63 -64.17
N ASP A 182 -55.50 -18.61 -64.48
CA ASP A 182 -56.39 -17.59 -63.93
C ASP A 182 -56.53 -17.70 -62.42
N LEU A 183 -56.25 -18.88 -61.85
CA LEU A 183 -56.23 -19.07 -60.41
C LEU A 183 -54.88 -18.74 -59.79
N ARG A 184 -53.87 -18.42 -60.61
CA ARG A 184 -52.55 -18.01 -60.14
C ARG A 184 -51.85 -19.10 -59.33
N VAL A 185 -52.24 -20.36 -59.53
CA VAL A 185 -51.64 -21.51 -58.84
C VAL A 185 -51.27 -22.53 -59.90
N ILE A 186 -49.98 -22.65 -60.19
CA ILE A 186 -49.50 -23.48 -61.30
C ILE A 186 -48.66 -24.62 -60.74
N PRO A 187 -49.01 -25.87 -61.00
CA PRO A 187 -48.08 -26.98 -60.69
C PRO A 187 -47.16 -27.30 -61.86
N LEU A 188 -45.85 -27.30 -61.61
CA LEU A 188 -44.88 -27.57 -62.68
C LEU A 188 -44.72 -29.07 -62.90
N GLY A 189 -44.08 -29.75 -61.96
CA GLY A 189 -43.87 -31.19 -62.06
C GLY A 189 -43.62 -31.76 -60.69
N TYR A 190 -43.68 -33.09 -60.61
CA TYR A 190 -43.38 -33.75 -59.34
C TYR A 190 -41.88 -33.85 -59.08
N ASP A 191 -41.06 -33.82 -60.13
CA ASP A 191 -39.62 -33.93 -59.97
C ASP A 191 -39.02 -32.59 -59.56
N VAL A 192 -37.89 -32.66 -58.84
CA VAL A 192 -37.24 -31.45 -58.36
C VAL A 192 -36.81 -30.56 -59.52
N THR A 193 -36.36 -31.16 -60.62
CA THR A 193 -35.84 -30.41 -61.75
C THR A 193 -36.86 -29.50 -62.42
N SER A 194 -38.16 -29.68 -62.16
CA SER A 194 -39.15 -28.82 -62.79
C SER A 194 -39.25 -27.44 -62.16
N VAL A 195 -38.40 -27.11 -61.18
CA VAL A 195 -38.32 -25.72 -60.75
C VAL A 195 -37.75 -24.86 -61.87
N ILE A 196 -37.02 -25.46 -62.81
CA ILE A 196 -36.44 -24.70 -63.90
C ILE A 196 -37.51 -24.02 -64.75
N HIS A 197 -38.74 -24.51 -64.69
CA HIS A 197 -39.83 -23.93 -65.47
C HIS A 197 -40.45 -22.69 -64.84
N VAL A 198 -40.14 -22.38 -63.58
CA VAL A 198 -40.38 -21.02 -63.10
C VAL A 198 -39.11 -20.18 -63.29
N VAL A 199 -37.94 -20.81 -63.28
CA VAL A 199 -36.71 -20.08 -63.54
C VAL A 199 -36.72 -19.53 -64.95
N THR A 200 -37.21 -20.33 -65.91
CA THR A 200 -37.36 -19.83 -67.27
C THR A 200 -38.43 -18.76 -67.39
N ILE A 201 -39.34 -18.64 -66.41
CA ILE A 201 -40.27 -17.50 -66.41
C ILE A 201 -39.51 -16.21 -66.23
N ALA A 202 -38.65 -16.16 -65.21
CA ALA A 202 -37.93 -14.92 -64.90
C ALA A 202 -36.89 -14.60 -65.98
N ILE A 203 -36.18 -15.61 -66.47
CA ILE A 203 -35.17 -15.37 -67.49
C ILE A 203 -35.83 -14.87 -68.78
N ARG A 204 -36.85 -15.59 -69.25
CA ARG A 204 -37.56 -15.13 -70.44
C ARG A 204 -38.21 -13.77 -70.21
N ALA A 205 -38.55 -13.45 -68.96
CA ALA A 205 -39.08 -12.12 -68.66
C ALA A 205 -38.03 -11.04 -68.87
N ALA A 206 -36.76 -11.36 -68.60
CA ALA A 206 -35.70 -10.41 -68.88
C ALA A 206 -35.52 -10.22 -70.38
N LEU A 207 -35.48 -11.32 -71.13
CA LEU A 207 -35.21 -11.25 -72.57
C LEU A 207 -36.32 -10.54 -73.34
N ILE A 208 -37.53 -10.48 -72.79
CA ILE A 208 -38.66 -9.86 -73.48
C ILE A 208 -38.80 -8.42 -73.02
N PHE A 209 -38.93 -8.22 -71.71
CA PHE A 209 -39.21 -6.88 -71.19
C PHE A 209 -37.93 -6.07 -71.02
N GLY A 210 -36.94 -6.62 -70.31
CA GLY A 210 -35.67 -5.93 -70.16
C GLY A 210 -34.96 -5.69 -71.48
N GLY A 211 -35.35 -6.39 -72.54
CA GLY A 211 -34.71 -6.22 -73.82
C GLY A 211 -33.24 -6.58 -73.87
N ILE A 212 -32.72 -7.24 -72.83
CA ILE A 212 -31.31 -7.61 -72.83
C ILE A 212 -31.06 -8.78 -73.80
N LYS A 213 -29.80 -8.95 -74.17
CA LYS A 213 -29.41 -9.95 -75.15
C LYS A 213 -28.94 -11.23 -74.47
N GLY A 214 -29.02 -12.34 -75.19
CA GLY A 214 -28.47 -13.58 -74.68
C GLY A 214 -26.98 -13.51 -74.53
N GLY A 215 -26.46 -14.25 -73.55
CA GLY A 215 -25.05 -14.18 -73.22
C GLY A 215 -24.68 -13.08 -72.25
N GLN A 216 -25.56 -12.11 -72.01
CA GLN A 216 -25.35 -11.10 -70.97
C GLN A 216 -25.87 -11.62 -69.63
N LEU A 217 -25.21 -12.68 -69.16
CA LEU A 217 -25.72 -13.43 -68.01
C LEU A 217 -25.77 -12.57 -66.76
N ASN A 218 -24.71 -11.81 -66.49
CA ASN A 218 -24.69 -10.98 -65.29
C ASN A 218 -25.73 -9.86 -65.36
N ASP A 219 -26.09 -9.43 -66.57
CA ASP A 219 -27.18 -8.47 -66.70
C ASP A 219 -28.54 -9.13 -66.50
N ILE A 220 -28.67 -10.40 -66.89
CA ILE A 220 -29.87 -11.17 -66.58
C ILE A 220 -30.04 -11.29 -65.06
N LEU A 221 -28.99 -11.75 -64.39
CA LEU A 221 -29.06 -11.95 -62.94
C LEU A 221 -29.37 -10.65 -62.21
N LYS A 222 -28.93 -9.51 -62.75
CA LYS A 222 -29.32 -8.23 -62.19
C LYS A 222 -30.80 -7.94 -62.42
N TYR A 223 -31.33 -8.31 -63.59
CA TYR A 223 -32.73 -8.09 -63.86
C TYR A 223 -33.60 -8.99 -63.02
N THR A 224 -33.21 -10.26 -62.86
CA THR A 224 -34.02 -11.18 -62.06
C THR A 224 -34.03 -10.78 -60.60
N ALA A 225 -32.90 -10.29 -60.09
CA ALA A 225 -32.83 -9.90 -58.69
C ALA A 225 -33.61 -8.63 -58.42
N GLU A 226 -33.50 -7.64 -59.30
CA GLU A 226 -34.12 -6.35 -59.04
C GLU A 226 -35.57 -6.27 -59.49
N ARG A 227 -35.92 -6.88 -60.63
CA ARG A 227 -37.25 -6.70 -61.21
C ARG A 227 -38.25 -7.76 -60.75
N VAL A 228 -38.09 -9.00 -61.21
CA VAL A 228 -39.07 -10.06 -60.96
C VAL A 228 -39.03 -10.52 -59.51
N PRO A 229 -40.13 -10.38 -58.77
CA PRO A 229 -40.13 -10.72 -57.34
C PRO A 229 -40.42 -12.20 -57.08
N ALA A 230 -39.39 -13.01 -56.99
CA ALA A 230 -39.57 -14.44 -56.71
C ALA A 230 -39.02 -14.77 -55.34
N PHE A 231 -39.59 -15.82 -54.74
CA PHE A 231 -39.07 -16.40 -53.51
C PHE A 231 -39.49 -17.85 -53.47
N VAL A 232 -38.57 -18.71 -53.08
CA VAL A 232 -38.80 -20.15 -53.05
C VAL A 232 -39.04 -20.60 -51.61
N ASN A 233 -40.02 -21.48 -51.43
CA ASN A 233 -40.34 -22.08 -50.13
C ASN A 233 -40.08 -23.58 -50.24
N ALA A 234 -39.11 -24.07 -49.49
CA ALA A 234 -38.77 -25.49 -49.46
C ALA A 234 -39.35 -26.09 -48.19
N PHE A 235 -40.20 -27.10 -48.34
CA PHE A 235 -40.84 -27.76 -47.20
C PHE A 235 -40.46 -29.23 -47.17
N GLY A 236 -40.36 -29.76 -45.96
CA GLY A 236 -39.97 -31.14 -45.76
C GLY A 236 -38.47 -31.32 -45.81
N PRO A 237 -38.01 -32.56 -45.61
CA PRO A 237 -36.57 -32.82 -45.63
C PRO A 237 -35.93 -32.41 -46.94
N LEU A 238 -34.76 -31.80 -46.84
CA LEU A 238 -34.08 -31.19 -47.99
C LEU A 238 -32.89 -32.07 -48.39
N SER A 239 -32.96 -32.62 -49.60
CA SER A 239 -31.86 -33.38 -50.17
C SER A 239 -30.71 -32.44 -50.55
N GLU A 240 -29.57 -33.05 -50.91
CA GLU A 240 -28.44 -32.26 -51.38
C GLU A 240 -28.75 -31.63 -52.74
N LEU A 241 -29.48 -32.34 -53.60
CA LEU A 241 -29.80 -31.81 -54.91
C LEU A 241 -30.67 -30.56 -54.82
N VAL A 242 -31.70 -30.60 -53.98
CA VAL A 242 -32.61 -29.45 -53.89
C VAL A 242 -31.91 -28.27 -53.21
N VAL A 243 -31.03 -28.53 -52.24
CA VAL A 243 -30.23 -27.45 -51.67
C VAL A 243 -29.36 -26.81 -52.76
N SER A 244 -28.80 -27.64 -53.65
CA SER A 244 -28.10 -27.14 -54.81
C SER A 244 -29.01 -26.25 -55.66
N ALA A 245 -30.22 -26.72 -55.95
CA ALA A 245 -31.19 -25.91 -56.68
C ALA A 245 -31.49 -24.61 -55.96
N GLY A 246 -31.52 -24.66 -54.61
CA GLY A 246 -31.70 -23.44 -53.85
C GLY A 246 -30.60 -22.42 -54.12
N ALA A 247 -29.37 -22.89 -54.31
CA ALA A 247 -28.29 -22.00 -54.67
C ALA A 247 -28.55 -21.31 -56.00
N GLY A 248 -29.23 -21.98 -56.93
CA GLY A 248 -29.62 -21.34 -58.17
C GLY A 248 -30.57 -20.17 -57.95
N ALA A 249 -31.55 -20.35 -57.07
CA ALA A 249 -32.45 -19.25 -56.74
C ALA A 249 -31.69 -18.09 -56.10
N ILE A 250 -30.69 -18.38 -55.26
CA ILE A 250 -29.83 -17.33 -54.71
C ILE A 250 -29.13 -16.59 -55.84
N ALA A 251 -28.74 -17.32 -56.88
CA ALA A 251 -28.01 -16.71 -57.99
C ALA A 251 -28.89 -15.75 -58.78
N LEU A 252 -30.17 -16.09 -58.96
CA LEU A 252 -31.09 -15.16 -59.61
C LEU A 252 -31.50 -14.02 -58.69
N GLY A 253 -31.27 -14.16 -57.38
CA GLY A 253 -31.63 -13.17 -56.41
C GLY A 253 -32.83 -13.53 -55.54
N PHE A 254 -33.20 -14.80 -55.47
CA PHE A 254 -34.43 -15.20 -54.80
C PHE A 254 -34.10 -15.78 -53.43
N PRO A 255 -34.56 -15.18 -52.34
CA PRO A 255 -34.34 -15.80 -51.02
C PRO A 255 -35.01 -17.16 -50.94
N VAL A 256 -34.46 -18.01 -50.08
CA VAL A 256 -34.91 -19.40 -49.95
C VAL A 256 -35.38 -19.59 -48.51
N LEU A 257 -36.69 -19.53 -48.30
CA LEU A 257 -37.27 -19.83 -46.99
C LEU A 257 -37.56 -21.32 -46.88
N THR A 258 -37.22 -21.90 -45.73
CA THR A 258 -37.42 -23.33 -45.52
C THR A 258 -37.81 -23.57 -44.06
N ASP A 259 -38.41 -24.74 -43.82
CA ASP A 259 -38.70 -25.19 -42.47
C ASP A 259 -37.64 -26.13 -41.93
N GLN A 260 -36.67 -26.50 -42.75
CA GLN A 260 -35.61 -27.41 -42.35
C GLN A 260 -34.46 -26.64 -41.74
N VAL A 261 -33.89 -27.18 -40.66
CA VAL A 261 -32.70 -26.58 -40.06
C VAL A 261 -31.58 -26.61 -41.08
N VAL A 262 -30.98 -25.44 -41.32
CA VAL A 262 -30.03 -25.26 -42.41
C VAL A 262 -29.09 -24.12 -42.02
N PRO A 263 -27.85 -24.08 -42.51
CA PRO A 263 -26.99 -22.92 -42.21
C PRO A 263 -27.48 -21.66 -42.90
N GLU A 264 -28.13 -20.78 -42.15
CA GLU A 264 -28.78 -19.63 -42.74
C GLU A 264 -27.77 -18.65 -43.31
N VAL A 265 -28.21 -17.88 -44.31
CA VAL A 265 -27.46 -16.76 -44.85
C VAL A 265 -28.41 -15.57 -44.89
N PRO A 266 -28.07 -14.44 -44.27
CA PRO A 266 -29.04 -13.36 -44.10
C PRO A 266 -29.62 -12.89 -45.43
N THR A 267 -30.93 -12.67 -45.43
CA THR A 267 -31.73 -12.23 -46.57
C THR A 267 -31.72 -13.23 -47.73
N LEU A 268 -31.17 -14.43 -47.54
CA LEU A 268 -31.00 -15.33 -48.67
C LEU A 268 -31.46 -16.76 -48.41
N LEU A 269 -31.13 -17.33 -47.24
CA LEU A 269 -31.54 -18.70 -46.93
C LEU A 269 -31.89 -18.74 -45.45
N LEU A 270 -33.17 -18.96 -45.15
CA LEU A 270 -33.69 -18.73 -43.81
C LEU A 270 -34.56 -19.91 -43.37
N THR A 271 -34.65 -20.11 -42.06
CA THR A 271 -35.50 -21.14 -41.46
C THR A 271 -36.65 -20.48 -40.73
N GLN A 272 -37.88 -20.83 -41.12
CA GLN A 272 -39.08 -20.41 -40.38
C GLN A 272 -39.92 -21.66 -40.15
N LYS A 273 -40.06 -22.06 -38.89
CA LYS A 273 -40.79 -23.26 -38.54
C LYS A 273 -42.24 -23.02 -38.17
N ASP A 274 -42.65 -21.76 -38.02
CA ASP A 274 -44.04 -21.41 -37.72
C ASP A 274 -44.75 -21.17 -39.04
N TYR A 275 -45.49 -22.18 -39.51
CA TYR A 275 -46.13 -22.10 -40.82
C TYR A 275 -47.16 -20.99 -40.88
N ASP A 276 -47.85 -20.72 -39.76
CA ASP A 276 -48.87 -19.69 -39.74
C ASP A 276 -48.31 -18.33 -40.13
N LYS A 277 -47.06 -18.06 -39.76
CA LYS A 277 -46.41 -16.79 -40.08
C LYS A 277 -45.37 -16.92 -41.18
N MET A 278 -45.38 -18.03 -41.93
CA MET A 278 -44.37 -18.21 -42.98
C MET A 278 -44.57 -17.22 -44.12
N VAL A 279 -45.82 -16.99 -44.54
CA VAL A 279 -46.08 -16.04 -45.62
C VAL A 279 -45.52 -14.67 -45.30
N LYS A 280 -45.64 -14.24 -44.03
CA LYS A 280 -45.15 -12.92 -43.65
C LYS A 280 -43.64 -12.83 -43.79
N THR A 281 -42.91 -13.86 -43.36
CA THR A 281 -41.45 -13.84 -43.49
C THR A 281 -41.04 -13.83 -44.95
N SER A 282 -41.78 -14.54 -45.81
CA SER A 282 -41.41 -14.63 -47.22
C SER A 282 -41.61 -13.27 -47.90
N LEU A 283 -42.78 -12.66 -47.71
CA LEU A 283 -43.03 -11.35 -48.31
C LEU A 283 -42.00 -10.33 -47.87
N GLU A 284 -41.65 -10.33 -46.58
CA GLU A 284 -40.62 -9.42 -46.10
C GLU A 284 -39.26 -9.76 -46.70
N ALA A 285 -38.91 -11.05 -46.76
CA ALA A 285 -37.63 -11.46 -47.32
C ALA A 285 -37.47 -11.04 -48.76
N ARG A 286 -38.57 -10.82 -49.48
CA ARG A 286 -38.54 -10.35 -50.85
C ARG A 286 -38.97 -8.89 -50.97
N ASN A 287 -39.11 -8.19 -49.85
CA ASN A 287 -39.53 -6.79 -49.82
C ASN A 287 -40.80 -6.59 -50.65
N ILE A 288 -41.82 -7.37 -50.29
CA ILE A 288 -43.10 -7.36 -50.98
C ILE A 288 -44.15 -6.84 -50.02
N LYS A 289 -44.76 -5.71 -50.37
CA LYS A 289 -45.81 -5.10 -49.57
C LYS A 289 -47.13 -5.18 -50.34
N ILE A 290 -48.16 -5.67 -49.69
CA ILE A 290 -49.46 -5.79 -50.32
C ILE A 290 -50.14 -4.43 -50.34
N LYS A 291 -50.92 -4.18 -51.39
CA LYS A 291 -51.52 -2.86 -51.60
C LYS A 291 -52.42 -2.45 -50.44
N ILE A 292 -53.07 -3.41 -49.78
CA ILE A 292 -54.02 -3.13 -48.71
C ILE A 292 -53.64 -3.98 -47.50
N THR A 293 -53.43 -3.31 -46.36
CA THR A 293 -53.13 -4.02 -45.12
C THR A 293 -54.34 -4.82 -44.66
N GLU A 294 -54.08 -6.00 -44.10
CA GLU A 294 -55.15 -6.85 -43.61
C GLU A 294 -55.68 -6.34 -42.28
N ILE A 295 -57.01 -6.32 -42.15
CA ILE A 295 -57.69 -5.85 -40.95
C ILE A 295 -58.53 -7.00 -40.41
N PRO A 296 -58.38 -7.39 -39.15
CA PRO A 296 -59.21 -8.48 -38.61
C PRO A 296 -60.58 -8.02 -38.17
N ILE A 297 -60.73 -6.73 -37.85
CA ILE A 297 -62.03 -6.22 -37.41
C ILE A 297 -63.03 -6.36 -38.54
N PRO A 298 -64.27 -6.80 -38.28
CA PRO A 298 -65.23 -6.98 -39.39
C PRO A 298 -65.69 -5.68 -40.02
N VAL A 299 -65.82 -4.60 -39.23
CA VAL A 299 -66.36 -3.35 -39.75
C VAL A 299 -65.45 -2.80 -40.85
N SER A 300 -66.05 -2.07 -41.79
CA SER A 300 -65.33 -1.58 -42.95
C SER A 300 -64.30 -0.53 -42.56
N PHE A 301 -63.19 -0.52 -43.30
CA PHE A 301 -62.06 0.37 -43.02
C PHE A 301 -61.63 1.01 -44.33
N ALA A 302 -61.65 2.34 -44.38
CA ALA A 302 -61.25 3.09 -45.56
C ALA A 302 -61.07 4.55 -45.16
N ALA A 303 -60.34 5.29 -46.01
CA ALA A 303 -60.13 6.71 -45.76
C ALA A 303 -61.40 7.52 -45.94
N ALA A 304 -62.31 7.06 -46.80
CA ALA A 304 -63.56 7.78 -47.02
C ALA A 304 -64.44 7.78 -45.78
N PHE A 305 -64.30 6.76 -44.92
CA PHE A 305 -65.10 6.69 -43.71
C PHE A 305 -64.72 7.77 -42.71
N GLU A 306 -63.50 8.31 -42.79
CA GLU A 306 -63.12 9.41 -41.92
C GLU A 306 -64.00 10.62 -42.16
N GLY A 307 -64.17 11.43 -41.12
CA GLY A 307 -65.01 12.61 -41.20
C GLY A 307 -66.49 12.35 -41.07
N GLU A 308 -66.91 11.10 -40.86
CA GLU A 308 -68.33 10.81 -40.70
C GLU A 308 -68.85 11.47 -39.43
N ARG A 309 -70.09 11.95 -39.49
CA ARG A 309 -70.71 12.72 -38.42
C ARG A 309 -71.72 11.83 -37.70
N ILE A 310 -71.49 11.60 -36.41
CA ILE A 310 -72.36 10.76 -35.59
C ILE A 310 -73.04 11.65 -34.55
N ARG A 311 -74.36 11.70 -34.61
CA ARG A 311 -75.18 12.51 -33.71
C ARG A 311 -75.51 11.71 -32.44
N LYS A 312 -75.96 12.44 -31.41
CA LYS A 312 -76.33 11.81 -30.14
C LYS A 312 -77.31 10.65 -30.34
N ASN A 313 -78.24 10.79 -31.28
CA ASN A 313 -79.25 9.76 -31.50
C ASN A 313 -78.70 8.50 -32.14
N ASP A 314 -77.44 8.50 -32.61
CA ASP A 314 -76.86 7.36 -33.28
C ASP A 314 -75.58 6.84 -32.61
N MET A 315 -75.16 7.44 -31.50
CA MET A 315 -73.94 7.01 -30.83
C MET A 315 -74.24 5.93 -29.80
N LEU A 316 -73.26 5.06 -29.58
CA LEU A 316 -73.39 3.96 -28.61
C LEU A 316 -72.63 4.27 -27.32
N ALA A 317 -71.37 4.65 -27.43
CA ALA A 317 -70.55 5.00 -26.28
C ALA A 317 -69.73 6.24 -26.60
N GLU A 318 -69.46 7.03 -25.57
CA GLU A 318 -68.73 8.29 -25.71
C GLU A 318 -67.65 8.36 -24.65
N PHE A 319 -66.42 8.58 -25.08
CA PHE A 319 -65.27 8.73 -24.20
C PHE A 319 -64.62 10.09 -24.44
N GLY A 320 -64.27 10.76 -23.36
CA GLY A 320 -63.59 12.03 -23.45
C GLY A 320 -64.49 13.23 -23.28
N GLY A 321 -64.05 14.34 -23.88
CA GLY A 321 -64.67 15.63 -23.64
C GLY A 321 -64.36 16.09 -22.22
N ASN A 322 -65.17 17.06 -21.78
CA ASN A 322 -65.12 17.46 -20.38
C ASN A 322 -65.87 16.49 -19.48
N LYS A 323 -66.43 15.42 -20.05
CA LYS A 323 -67.27 14.48 -19.33
C LYS A 323 -66.48 13.34 -18.69
N THR A 324 -65.53 12.76 -19.42
CA THR A 324 -64.72 11.66 -18.92
C THR A 324 -63.25 11.94 -19.17
N LYS A 325 -62.41 11.27 -18.38
CA LYS A 325 -60.96 11.38 -18.51
C LYS A 325 -60.48 10.32 -19.49
N ALA A 326 -60.12 10.74 -20.70
CA ALA A 326 -59.66 9.84 -21.75
C ALA A 326 -58.33 10.32 -22.28
N TRP A 327 -57.38 9.39 -22.40
CA TRP A 327 -56.03 9.72 -22.85
C TRP A 327 -55.50 8.63 -23.77
N GLU A 328 -54.56 9.01 -24.64
CA GLU A 328 -53.86 8.08 -25.50
C GLU A 328 -52.36 8.36 -25.41
N LEU A 329 -51.55 7.31 -25.46
CA LEU A 329 -50.13 7.43 -25.26
C LEU A 329 -49.38 6.45 -26.15
N VAL A 330 -48.30 6.94 -26.77
CA VAL A 330 -47.34 6.10 -27.49
C VAL A 330 -45.96 6.40 -26.94
N MET A 331 -45.28 5.36 -26.47
CA MET A 331 -43.96 5.52 -25.87
C MET A 331 -43.03 4.43 -26.40
N CYS A 332 -41.78 4.80 -26.60
CA CYS A 332 -40.75 3.82 -26.98
C CYS A 332 -40.43 2.91 -25.80
N ALA A 333 -40.12 1.66 -26.12
CA ALA A 333 -39.88 0.68 -25.06
C ALA A 333 -38.80 -0.29 -25.53
N ASP A 334 -38.25 -1.02 -24.56
CA ASP A 334 -37.26 -2.05 -24.86
C ASP A 334 -37.89 -3.21 -25.61
N GLN A 335 -37.04 -4.05 -26.19
CA GLN A 335 -37.54 -5.19 -26.95
C GLN A 335 -38.20 -6.21 -26.04
N GLY A 336 -37.61 -6.45 -24.87
CA GLY A 336 -38.16 -7.37 -23.91
C GLY A 336 -39.27 -6.84 -23.04
N GLU A 337 -39.58 -5.54 -23.15
CA GLU A 337 -40.65 -4.94 -22.37
C GLU A 337 -42.02 -5.08 -23.03
N VAL A 338 -42.08 -5.57 -24.26
CA VAL A 338 -43.33 -5.67 -25.00
C VAL A 338 -43.42 -7.05 -25.64
N GLU A 339 -44.64 -7.57 -25.70
CA GLU A 339 -44.93 -8.79 -26.45
C GLU A 339 -45.70 -8.40 -27.71
N ASP A 340 -45.29 -8.97 -28.84
CA ASP A 340 -45.86 -8.56 -30.12
C ASP A 340 -47.29 -9.04 -30.24
N HIS A 341 -48.14 -8.18 -30.81
CA HIS A 341 -49.57 -8.46 -30.99
C HIS A 341 -50.23 -8.85 -29.68
N LYS A 342 -49.87 -8.15 -28.61
CA LYS A 342 -50.47 -8.35 -27.29
C LYS A 342 -51.56 -7.30 -27.11
N ILE A 343 -52.81 -7.74 -27.20
CA ILE A 343 -53.97 -6.87 -27.03
C ILE A 343 -54.61 -7.20 -25.70
N GLU A 344 -54.93 -6.17 -24.92
CA GLU A 344 -55.48 -6.34 -23.59
C GLU A 344 -56.52 -5.26 -23.32
N VAL A 345 -57.74 -5.67 -22.98
CA VAL A 345 -58.80 -4.77 -22.57
C VAL A 345 -58.99 -4.93 -21.08
N ILE A 346 -58.64 -3.91 -20.32
CA ILE A 346 -58.77 -3.91 -18.86
C ILE A 346 -59.96 -3.02 -18.51
N GLY A 347 -61.06 -3.64 -18.11
CA GLY A 347 -62.23 -2.91 -17.71
C GLY A 347 -63.46 -3.34 -18.49
N PRO A 348 -64.57 -2.61 -18.30
CA PRO A 348 -65.82 -2.96 -18.98
C PRO A 348 -65.70 -2.78 -20.49
N ASP A 349 -66.00 -3.86 -21.22
CA ASP A 349 -66.04 -3.81 -22.68
C ASP A 349 -67.39 -3.26 -23.12
N ILE A 350 -67.64 -3.27 -24.43
CA ILE A 350 -68.90 -2.75 -24.95
C ILE A 350 -70.04 -3.75 -24.79
N ASP A 351 -69.72 -5.04 -24.61
CA ASP A 351 -70.77 -6.03 -24.42
C ASP A 351 -71.38 -5.95 -23.03
N THR A 352 -70.60 -5.48 -22.04
CA THR A 352 -71.09 -5.41 -20.68
C THR A 352 -72.17 -4.35 -20.53
N ILE A 353 -72.03 -3.24 -21.24
CA ILE A 353 -73.00 -2.14 -21.17
C ILE A 353 -74.13 -2.44 -22.15
N ASP A 354 -75.32 -2.69 -21.62
CA ASP A 354 -76.50 -2.92 -22.44
C ASP A 354 -77.53 -1.80 -22.31
N LYS A 355 -77.24 -0.76 -21.54
CA LYS A 355 -78.16 0.34 -21.33
C LYS A 355 -78.00 1.38 -22.44
N ALA A 356 -78.65 2.54 -22.26
CA ALA A 356 -78.59 3.68 -23.17
C ALA A 356 -77.16 4.19 -23.27
N PRO A 357 -76.85 5.06 -24.26
CA PRO A 357 -75.48 5.60 -24.36
C PRO A 357 -74.92 6.15 -23.06
N GLY A 358 -73.79 5.59 -22.63
CA GLY A 358 -73.13 6.04 -21.43
C GLY A 358 -71.67 6.34 -21.69
N ARG A 359 -71.04 6.97 -20.70
CA ARG A 359 -69.67 7.46 -20.83
C ARG A 359 -68.73 6.62 -19.96
N MET A 360 -67.69 6.08 -20.58
CA MET A 360 -66.64 5.31 -19.94
C MET A 360 -65.30 6.05 -20.01
N PRO A 361 -64.42 5.85 -19.03
CA PRO A 361 -63.04 6.32 -19.18
C PRO A 361 -62.32 5.48 -20.22
N LEU A 362 -61.34 6.10 -20.89
CA LEU A 362 -60.63 5.44 -21.99
C LEU A 362 -59.16 5.81 -21.95
N GLY A 363 -58.33 4.86 -21.54
CA GLY A 363 -56.89 5.04 -21.61
C GLY A 363 -56.26 4.08 -22.60
N MET A 364 -55.71 4.62 -23.69
CA MET A 364 -55.12 3.80 -24.75
C MET A 364 -53.60 3.83 -24.60
N LEU A 365 -53.04 2.77 -24.03
CA LEU A 365 -51.60 2.61 -23.89
C LEU A 365 -51.07 1.86 -25.11
N ILE A 366 -50.04 2.42 -25.73
CA ILE A 366 -49.43 1.84 -26.92
C ILE A 366 -47.92 1.78 -26.68
N LYS A 367 -47.43 0.60 -26.34
CA LYS A 367 -46.00 0.36 -26.18
C LYS A 367 -45.42 -0.13 -27.50
N VAL A 368 -44.31 0.46 -27.92
CA VAL A 368 -43.67 0.14 -29.20
C VAL A 368 -42.18 -0.06 -28.97
N SER A 369 -41.64 -1.13 -29.56
CA SER A 369 -40.22 -1.43 -29.53
C SER A 369 -39.64 -1.28 -30.93
N GLY A 370 -38.45 -0.71 -31.01
CA GLY A 370 -37.82 -0.47 -32.29
C GLY A 370 -36.32 -0.37 -32.14
N THR A 371 -35.61 -0.88 -33.16
CA THR A 371 -34.15 -0.85 -33.14
C THR A 371 -33.62 0.58 -33.26
N ASN A 372 -34.17 1.35 -34.18
CA ASN A 372 -33.77 2.73 -34.40
C ASN A 372 -34.82 3.74 -33.93
N MET A 373 -35.86 3.27 -33.26
CA MET A 373 -36.86 4.16 -32.68
C MET A 373 -36.25 4.98 -31.54
N GLN A 374 -36.66 6.23 -31.43
CA GLN A 374 -36.16 7.11 -30.38
C GLN A 374 -37.31 7.91 -29.78
N LYS A 375 -37.00 8.64 -28.70
CA LYS A 375 -38.00 9.35 -27.93
C LYS A 375 -38.60 10.53 -28.71
N ASP A 376 -37.91 11.03 -29.73
CA ASP A 376 -38.39 12.16 -30.50
C ASP A 376 -39.44 11.78 -31.55
N PHE A 377 -39.77 10.50 -31.67
CA PHE A 377 -40.77 10.04 -32.62
C PHE A 377 -42.10 9.66 -31.98
N GLU A 378 -42.18 9.60 -30.65
CA GLU A 378 -43.43 9.27 -29.98
C GLU A 378 -44.59 10.18 -30.37
N PRO A 379 -44.44 11.51 -30.46
CA PRO A 379 -45.57 12.32 -30.91
C PRO A 379 -45.99 12.03 -32.34
N VAL A 380 -45.05 11.62 -33.19
CA VAL A 380 -45.38 11.30 -34.58
C VAL A 380 -46.29 10.07 -34.64
N LEU A 381 -45.98 9.04 -33.85
CA LEU A 381 -46.82 7.86 -33.83
C LEU A 381 -48.16 8.14 -33.16
N GLU A 382 -48.19 9.00 -32.15
CA GLU A 382 -49.45 9.38 -31.52
C GLU A 382 -50.38 10.08 -32.49
N ARG A 383 -49.82 10.87 -33.42
CA ARG A 383 -50.63 11.63 -34.36
C ARG A 383 -51.46 10.71 -35.24
N ARG A 384 -50.90 9.58 -35.66
CA ARG A 384 -51.58 8.71 -36.61
C ARG A 384 -52.77 7.99 -36.00
N LEU A 385 -52.89 7.96 -34.67
CA LEU A 385 -54.03 7.30 -34.04
C LEU A 385 -55.34 7.96 -34.45
N HIS A 386 -55.35 9.29 -34.53
CA HIS A 386 -56.53 10.00 -35.03
C HIS A 386 -56.87 9.54 -36.45
N TYR A 387 -55.85 9.42 -37.31
CA TYR A 387 -56.08 8.99 -38.68
C TYR A 387 -56.34 7.49 -38.77
N PHE A 388 -55.81 6.72 -37.82
CA PHE A 388 -56.07 5.28 -37.83
C PHE A 388 -57.51 4.98 -37.42
N LEU A 389 -57.98 5.60 -36.35
CA LEU A 389 -59.28 5.24 -35.79
C LEU A 389 -60.42 5.81 -36.63
N ASN A 390 -60.30 7.08 -37.04
CA ASN A 390 -61.39 7.71 -37.80
C ASN A 390 -61.65 6.97 -39.11
N TYR A 391 -60.64 6.28 -39.65
CA TYR A 391 -60.84 5.48 -40.85
C TYR A 391 -61.84 4.36 -40.61
N ILE A 392 -61.96 3.87 -39.38
CA ILE A 392 -62.90 2.81 -39.07
C ILE A 392 -64.33 3.37 -39.13
N GLU A 393 -65.19 2.69 -39.87
CA GLU A 393 -66.58 3.11 -39.99
C GLU A 393 -67.29 3.00 -38.64
N GLY A 394 -67.99 4.06 -38.26
CA GLY A 394 -68.79 4.04 -37.05
C GLY A 394 -68.09 4.55 -35.79
N VAL A 395 -66.82 4.90 -35.88
CA VAL A 395 -66.10 5.46 -34.74
C VAL A 395 -65.52 6.80 -35.14
N MET A 396 -65.47 7.72 -34.17
CA MET A 396 -65.01 9.09 -34.39
C MET A 396 -64.01 9.44 -33.30
N HIS A 397 -62.91 10.07 -33.70
CA HIS A 397 -61.84 10.42 -32.76
C HIS A 397 -61.35 11.83 -33.08
N VAL A 398 -61.32 12.68 -32.07
CA VAL A 398 -60.74 14.01 -32.15
C VAL A 398 -59.98 14.29 -30.86
N GLY A 399 -59.24 15.39 -30.85
CA GLY A 399 -58.35 15.69 -29.73
C GLY A 399 -56.95 15.15 -29.96
N GLN A 400 -56.11 15.32 -28.95
CA GLN A 400 -54.72 14.88 -29.09
C GLN A 400 -54.28 13.90 -28.02
N ARG A 401 -54.02 14.37 -26.80
CA ARG A 401 -53.37 13.54 -25.79
C ARG A 401 -54.34 13.04 -24.74
N ASN A 402 -54.49 13.77 -23.64
CA ASN A 402 -55.48 13.47 -22.62
C ASN A 402 -56.74 14.32 -22.76
N LEU A 403 -56.79 15.19 -23.77
CA LEU A 403 -57.99 15.95 -24.10
C LEU A 403 -58.73 15.35 -25.29
N THR A 404 -58.66 14.04 -25.46
CA THR A 404 -59.27 13.37 -26.59
C THR A 404 -60.78 13.21 -26.37
N TRP A 405 -61.46 12.82 -27.45
CA TRP A 405 -62.90 12.59 -27.41
C TRP A 405 -63.22 11.56 -28.48
N VAL A 406 -63.80 10.44 -28.07
CA VAL A 406 -64.09 9.32 -28.96
C VAL A 406 -65.57 8.99 -28.87
N ARG A 407 -66.19 8.76 -30.02
CA ARG A 407 -67.57 8.32 -30.11
C ARG A 407 -67.65 7.09 -30.99
N ILE A 408 -68.30 6.05 -30.49
CA ILE A 408 -68.59 4.85 -31.29
C ILE A 408 -70.10 4.80 -31.54
N GLY A 409 -70.47 4.27 -32.71
CA GLY A 409 -71.84 4.30 -33.15
C GLY A 409 -72.59 3.00 -32.90
N LYS A 410 -73.90 3.07 -33.13
CA LYS A 410 -74.76 1.91 -32.95
C LYS A 410 -74.63 0.90 -34.09
N GLU A 411 -74.20 1.35 -35.27
CA GLU A 411 -74.05 0.43 -36.39
C GLU A 411 -72.92 -0.56 -36.15
N ALA A 412 -71.78 -0.09 -35.65
CA ALA A 412 -70.63 -0.96 -35.46
C ALA A 412 -70.91 -2.02 -34.40
N PHE A 413 -71.58 -1.63 -33.31
CA PHE A 413 -71.94 -2.63 -32.30
C PHE A 413 -72.94 -3.64 -32.85
N GLU A 414 -73.93 -3.17 -33.62
CA GLU A 414 -74.84 -4.08 -34.31
C GLU A 414 -74.10 -4.92 -35.34
N LYS A 415 -72.93 -4.50 -35.78
CA LYS A 415 -72.07 -5.31 -36.63
C LYS A 415 -71.04 -6.10 -35.84
N GLY A 416 -71.03 -5.98 -34.52
CA GLY A 416 -70.17 -6.79 -33.68
C GLY A 416 -68.84 -6.16 -33.35
N PHE A 417 -68.83 -4.86 -33.07
CA PHE A 417 -67.60 -4.17 -32.74
C PHE A 417 -67.20 -4.45 -31.30
N ARG A 418 -65.90 -4.54 -31.06
CA ARG A 418 -65.34 -4.84 -29.75
C ARG A 418 -64.11 -3.98 -29.53
N LEU A 419 -63.80 -3.72 -28.25
CA LEU A 419 -62.59 -2.98 -27.92
C LEU A 419 -61.33 -3.74 -28.32
N LYS A 420 -61.42 -5.07 -28.44
CA LYS A 420 -60.27 -5.84 -28.92
C LYS A 420 -59.85 -5.40 -30.32
N HIS A 421 -60.81 -4.94 -31.13
CA HIS A 421 -60.49 -4.50 -32.49
C HIS A 421 -59.68 -3.22 -32.51
N PHE A 422 -59.71 -2.43 -31.44
CA PHE A 422 -58.94 -1.18 -31.42
C PHE A 422 -57.44 -1.46 -31.56
N GLY A 423 -56.91 -2.36 -30.74
CA GLY A 423 -55.50 -2.70 -30.85
C GLY A 423 -55.15 -3.38 -32.16
N GLU A 424 -56.10 -4.16 -32.70
CA GLU A 424 -55.85 -4.84 -33.97
C GLU A 424 -55.62 -3.84 -35.10
N VAL A 425 -56.32 -2.70 -35.07
CA VAL A 425 -56.10 -1.67 -36.07
C VAL A 425 -54.77 -0.98 -35.84
N ILE A 426 -54.49 -0.60 -34.59
CA ILE A 426 -53.26 0.12 -34.28
C ILE A 426 -52.04 -0.76 -34.50
N TYR A 427 -52.13 -2.05 -34.16
CA TYR A 427 -51.00 -2.95 -34.35
C TYR A 427 -50.63 -3.05 -35.83
N ALA A 428 -51.62 -3.29 -36.69
CA ALA A 428 -51.33 -3.53 -38.09
C ALA A 428 -50.91 -2.24 -38.80
N LYS A 429 -51.56 -1.12 -38.48
CA LYS A 429 -51.26 0.12 -39.19
C LYS A 429 -49.92 0.70 -38.78
N MET A 430 -49.57 0.61 -37.49
CA MET A 430 -48.26 1.08 -37.04
C MET A 430 -47.14 0.33 -37.76
N LEU A 431 -47.33 -0.96 -37.99
CA LEU A 431 -46.34 -1.73 -38.74
C LEU A 431 -46.33 -1.34 -40.20
N ASP A 432 -47.51 -1.25 -40.82
CA ASP A 432 -47.59 -0.91 -42.23
C ASP A 432 -47.04 0.49 -42.49
N GLU A 433 -47.44 1.46 -41.67
CA GLU A 433 -46.99 2.83 -41.86
C GLU A 433 -45.50 2.94 -41.58
N PHE A 434 -45.05 2.45 -40.43
CA PHE A 434 -43.66 2.61 -40.02
C PHE A 434 -42.96 1.25 -39.99
N GLY A 435 -42.84 0.60 -41.14
CA GLY A 435 -42.26 -0.72 -41.22
C GLY A 435 -40.74 -0.78 -41.13
N SER A 436 -40.08 0.36 -41.00
CA SER A 436 -38.63 0.40 -40.88
C SER A 436 -38.14 0.76 -39.49
N VAL A 437 -38.95 1.48 -38.70
CA VAL A 437 -38.54 1.98 -37.40
C VAL A 437 -39.25 1.29 -36.25
N VAL A 438 -40.15 0.34 -36.53
CA VAL A 438 -40.96 -0.31 -35.52
C VAL A 438 -40.76 -1.81 -35.63
N ASP A 439 -40.52 -2.46 -34.49
CA ASP A 439 -40.33 -3.90 -34.41
C ASP A 439 -41.53 -4.63 -33.81
N LYS A 440 -41.99 -4.21 -32.64
CA LYS A 440 -43.09 -4.85 -31.95
C LYS A 440 -44.08 -3.80 -31.46
N CYS A 441 -45.34 -4.20 -31.32
CA CYS A 441 -46.40 -3.33 -30.84
C CYS A 441 -47.20 -4.04 -29.75
N GLU A 442 -47.48 -3.30 -28.67
CA GLU A 442 -48.32 -3.78 -27.58
C GLU A 442 -49.35 -2.71 -27.27
N VAL A 443 -50.63 -3.06 -27.36
CA VAL A 443 -51.72 -2.11 -27.16
C VAL A 443 -52.56 -2.57 -25.97
N THR A 444 -52.87 -1.63 -25.08
CA THR A 444 -53.68 -1.89 -23.90
C THR A 444 -54.73 -0.80 -23.77
N ILE A 445 -55.99 -1.16 -23.98
CA ILE A 445 -57.11 -0.23 -23.89
C ILE A 445 -57.73 -0.37 -22.52
N ILE A 446 -57.81 0.74 -21.78
CA ILE A 446 -58.25 0.74 -20.39
C ILE A 446 -59.57 1.48 -20.29
N THR A 447 -60.60 0.78 -19.81
CA THR A 447 -61.83 1.39 -19.34
C THR A 447 -62.01 1.22 -17.83
N ASP A 448 -60.99 0.70 -17.16
CA ASP A 448 -60.98 0.60 -15.71
C ASP A 448 -60.70 1.96 -15.08
N PRO A 449 -61.45 2.36 -14.05
CA PRO A 449 -61.19 3.68 -13.46
C PRO A 449 -59.88 3.76 -12.71
N GLY A 450 -59.52 2.72 -11.96
CA GLY A 450 -58.27 2.74 -11.23
C GLY A 450 -57.06 2.73 -12.14
N LYS A 451 -57.03 1.79 -13.10
CA LYS A 451 -55.86 1.68 -13.97
C LYS A 451 -55.76 2.86 -14.94
N ALA A 452 -56.89 3.48 -15.29
CA ALA A 452 -56.82 4.73 -16.05
C ALA A 452 -56.16 5.82 -15.22
N GLU A 453 -56.49 5.90 -13.93
CA GLU A 453 -55.79 6.81 -13.04
C GLU A 453 -54.38 6.31 -12.73
N GLU A 454 -54.19 5.00 -12.64
CA GLU A 454 -52.88 4.41 -12.39
C GLU A 454 -52.03 4.28 -13.66
N LEU A 455 -52.40 4.97 -14.73
CA LEU A 455 -51.56 5.02 -15.92
C LEU A 455 -51.58 6.38 -16.60
N GLU A 456 -52.28 7.37 -16.04
CA GLU A 456 -52.29 8.72 -16.58
C GLU A 456 -51.14 9.55 -16.00
N GLY A 457 -51.13 9.72 -14.68
CA GLY A 457 -50.05 10.46 -14.06
C GLY A 457 -48.73 9.71 -13.97
N LYS A 458 -48.73 8.42 -14.27
CA LYS A 458 -47.54 7.60 -14.11
C LYS A 458 -46.75 7.42 -15.40
N TYR A 459 -47.42 7.37 -16.55
CA TYR A 459 -46.73 7.23 -17.83
C TYR A 459 -47.21 8.24 -18.86
N ALA A 460 -48.48 8.66 -18.76
CA ALA A 460 -49.02 9.59 -19.74
C ALA A 460 -48.60 11.03 -19.43
N VAL A 461 -48.83 11.49 -18.20
CA VAL A 461 -48.47 12.86 -17.84
C VAL A 461 -46.97 13.11 -17.95
N PRO A 462 -46.08 12.28 -17.40
CA PRO A 462 -44.64 12.57 -17.52
C PRO A 462 -44.15 12.59 -18.95
N ARG A 463 -44.73 11.78 -19.84
CA ARG A 463 -44.35 11.84 -21.24
C ARG A 463 -44.82 13.12 -21.90
N TYR A 464 -45.95 13.67 -21.45
CA TYR A 464 -46.42 14.95 -21.98
C TYR A 464 -45.61 16.11 -21.41
N LYS A 465 -45.34 16.09 -20.11
CA LYS A 465 -44.60 17.18 -19.47
C LYS A 465 -43.21 17.33 -20.08
N GLU A 466 -42.49 16.21 -20.20
CA GLU A 466 -41.19 16.24 -20.86
C GLU A 466 -41.33 16.70 -22.32
N ARG A 467 -42.44 16.33 -22.96
CA ARG A 467 -42.69 16.74 -24.33
C ARG A 467 -42.90 18.24 -24.41
N ASP A 468 -43.89 18.76 -23.67
CA ASP A 468 -44.20 20.19 -23.69
C ASP A 468 -43.06 21.03 -23.15
N ALA A 469 -42.12 20.44 -22.40
CA ALA A 469 -41.01 21.21 -21.88
C ALA A 469 -39.98 21.52 -22.96
N ARG A 470 -39.81 20.62 -23.93
CA ARG A 470 -38.81 20.83 -24.96
C ARG A 470 -39.19 21.95 -25.93
N LEU A 471 -40.46 22.33 -25.98
CA LEU A 471 -40.90 23.44 -26.81
C LEU A 471 -40.89 24.77 -26.06
N GLU A 472 -41.12 24.73 -24.74
CA GLU A 472 -41.18 25.96 -23.96
C GLU A 472 -39.92 26.80 -24.12
N SER A 473 -38.76 26.14 -24.23
CA SER A 473 -37.51 26.88 -24.36
C SER A 473 -37.43 27.63 -25.69
N LEU A 474 -37.98 27.06 -26.74
CA LEU A 474 -37.74 27.57 -28.08
C LEU A 474 -38.55 28.82 -28.37
N VAL A 475 -37.99 29.68 -29.22
CA VAL A 475 -38.62 30.91 -29.69
C VAL A 475 -38.48 30.93 -31.22
N ASP A 476 -39.46 31.53 -31.89
CA ASP A 476 -39.47 31.52 -33.35
C ASP A 476 -38.20 32.12 -33.95
N GLU A 477 -37.61 33.11 -33.27
CA GLU A 477 -36.42 33.76 -33.81
C GLU A 477 -35.20 32.84 -33.76
N LYS A 478 -35.17 31.91 -32.81
CA LYS A 478 -33.99 31.06 -32.65
C LYS A 478 -33.86 30.08 -33.81
N VAL A 479 -34.99 29.58 -34.33
CA VAL A 479 -34.95 28.61 -35.41
C VAL A 479 -34.81 29.34 -36.74
N ASP A 480 -34.45 28.58 -37.77
CA ASP A 480 -34.28 29.11 -39.12
C ASP A 480 -35.15 28.40 -40.15
N THR A 481 -36.05 27.53 -39.71
CA THR A 481 -36.84 26.73 -40.64
C THR A 481 -38.21 26.47 -40.06
N PHE A 482 -39.26 26.72 -40.84
CA PHE A 482 -40.62 26.38 -40.50
C PHE A 482 -41.10 25.22 -41.37
N TYR A 483 -42.17 24.57 -40.94
CA TYR A 483 -42.65 23.36 -41.59
C TYR A 483 -44.09 23.52 -42.05
N SER A 484 -44.40 22.87 -43.17
CA SER A 484 -45.67 23.02 -43.86
C SER A 484 -46.34 21.65 -43.97
N CYS A 485 -47.53 21.52 -43.41
CA CYS A 485 -48.27 20.26 -43.43
C CYS A 485 -49.53 20.39 -44.28
N ASN A 486 -49.86 19.33 -45.00
CA ASN A 486 -51.00 19.32 -45.91
C ASN A 486 -51.91 18.11 -45.70
N LEU A 487 -51.78 17.43 -44.55
CA LEU A 487 -52.59 16.24 -44.29
C LEU A 487 -54.08 16.54 -44.40
N CYS A 488 -54.51 17.71 -43.94
CA CYS A 488 -55.92 18.06 -43.92
C CYS A 488 -56.40 18.69 -45.23
N GLN A 489 -55.58 18.65 -46.29
CA GLN A 489 -56.07 19.01 -47.61
C GLN A 489 -57.07 18.00 -48.15
N SER A 490 -57.29 16.89 -47.45
CA SER A 490 -58.28 15.91 -47.89
C SER A 490 -59.68 16.49 -47.87
N PHE A 491 -59.94 17.46 -47.00
CA PHE A 491 -61.22 18.16 -46.97
C PHE A 491 -61.11 19.66 -47.07
N ALA A 492 -59.90 20.23 -47.05
CA ALA A 492 -59.66 21.65 -47.27
C ALA A 492 -58.50 21.77 -48.24
N PRO A 493 -58.78 21.70 -49.55
CA PRO A 493 -57.68 21.55 -50.52
C PRO A 493 -56.72 22.72 -50.58
N ALA A 494 -57.18 23.94 -50.29
CA ALA A 494 -56.33 25.12 -50.37
C ALA A 494 -55.62 25.42 -49.06
N HIS A 495 -55.77 24.58 -48.05
CA HIS A 495 -55.28 24.88 -46.71
C HIS A 495 -53.88 24.32 -46.50
N VAL A 496 -53.00 25.14 -45.93
CA VAL A 496 -51.65 24.73 -45.57
C VAL A 496 -51.34 25.35 -44.21
N CYS A 497 -50.86 24.54 -43.27
CA CYS A 497 -50.45 25.02 -41.96
C CYS A 497 -48.94 25.15 -41.91
N ILE A 498 -48.47 26.31 -41.44
CA ILE A 498 -47.06 26.57 -41.20
C ILE A 498 -46.83 26.48 -39.70
N VAL A 499 -46.07 25.47 -39.28
CA VAL A 499 -45.81 25.24 -37.86
C VAL A 499 -44.52 25.94 -37.47
N THR A 500 -44.57 26.67 -36.36
CA THR A 500 -43.42 27.34 -35.77
C THR A 500 -43.33 26.92 -34.32
N PRO A 501 -42.17 27.15 -33.67
CA PRO A 501 -42.09 26.86 -32.23
C PRO A 501 -43.15 27.58 -31.41
N GLU A 502 -43.45 28.84 -31.73
CA GLU A 502 -44.44 29.61 -30.99
C GLU A 502 -45.81 29.58 -31.63
N ARG A 503 -45.96 28.99 -32.81
CA ARG A 503 -47.25 28.82 -33.48
C ARG A 503 -47.40 27.33 -33.80
N LEU A 504 -48.01 26.59 -32.87
CA LEU A 504 -48.24 25.17 -33.09
C LEU A 504 -49.28 24.97 -34.19
N GLY A 505 -49.26 23.79 -34.80
CA GLY A 505 -50.31 23.43 -35.72
C GLY A 505 -51.66 23.52 -35.04
N LEU A 506 -52.64 24.08 -35.75
CA LEU A 506 -53.90 24.46 -35.11
C LEU A 506 -54.70 23.27 -34.61
N CYS A 507 -54.39 22.05 -35.08
CA CYS A 507 -54.96 20.86 -34.46
C CYS A 507 -54.42 20.64 -33.05
N GLY A 508 -53.28 21.25 -32.73
CA GLY A 508 -52.62 21.06 -31.46
C GLY A 508 -51.69 19.87 -31.40
N ALA A 509 -51.95 18.85 -32.22
CA ALA A 509 -51.20 17.60 -32.14
C ALA A 509 -49.89 17.62 -32.91
N VAL A 510 -49.64 18.66 -33.70
CA VAL A 510 -48.40 18.77 -34.47
C VAL A 510 -47.64 20.00 -33.98
N SER A 511 -46.42 19.78 -33.51
CA SER A 511 -45.53 20.84 -33.04
C SER A 511 -44.43 21.07 -34.07
N TRP A 512 -43.62 22.09 -33.81
CA TRP A 512 -42.47 22.33 -34.68
C TRP A 512 -41.50 21.17 -34.62
N LEU A 513 -41.22 20.67 -33.41
CA LEU A 513 -40.37 19.50 -33.26
C LEU A 513 -41.05 18.25 -33.79
N ASP A 514 -42.37 18.14 -33.61
CA ASP A 514 -43.11 17.04 -34.22
C ASP A 514 -43.03 17.10 -35.74
N ALA A 515 -43.17 18.30 -36.31
CA ALA A 515 -43.11 18.45 -37.76
C ALA A 515 -41.71 18.21 -38.29
N LYS A 516 -40.68 18.50 -37.49
CA LYS A 516 -39.32 18.17 -37.88
C LYS A 516 -39.10 16.66 -37.92
N ALA A 517 -39.71 15.94 -36.97
CA ALA A 517 -39.51 14.51 -36.89
C ALA A 517 -40.25 13.76 -37.99
N THR A 518 -41.47 14.20 -38.31
CA THR A 518 -42.22 13.58 -39.40
C THR A 518 -41.45 13.68 -40.72
N LEU A 519 -40.65 14.74 -40.89
CA LEU A 519 -39.82 14.85 -42.09
C LEU A 519 -38.67 13.87 -42.07
N GLU A 520 -38.15 13.54 -40.88
CA GLU A 520 -37.05 12.58 -40.79
C GLU A 520 -37.52 11.17 -41.12
N LEU A 521 -38.75 10.82 -40.70
CA LEU A 521 -39.27 9.50 -41.01
C LEU A 521 -39.76 9.40 -42.44
N ASN A 522 -40.40 10.45 -42.95
CA ASN A 522 -41.03 10.42 -44.27
C ASN A 522 -40.58 11.63 -45.06
N PRO A 523 -39.60 11.48 -45.97
CA PRO A 523 -39.22 12.62 -46.82
C PRO A 523 -40.27 12.96 -47.86
N THR A 524 -41.00 11.96 -48.37
CA THR A 524 -42.16 12.19 -49.23
C THR A 524 -43.45 12.32 -48.43
N GLY A 525 -43.37 12.82 -47.20
CA GLY A 525 -44.53 12.92 -46.35
C GLY A 525 -45.18 14.29 -46.38
N PRO A 526 -46.21 14.49 -45.55
CA PRO A 526 -46.95 15.75 -45.61
C PRO A 526 -46.15 16.95 -45.09
N CYS A 527 -45.34 16.76 -44.06
CA CYS A 527 -44.60 17.87 -43.47
C CYS A 527 -43.31 18.12 -44.26
N GLN A 528 -43.12 19.37 -44.67
CA GLN A 528 -41.96 19.76 -45.47
C GLN A 528 -41.34 21.04 -44.89
N ALA A 529 -40.03 21.14 -45.02
CA ALA A 529 -39.29 22.25 -44.44
C ALA A 529 -39.39 23.50 -45.32
N VAL A 530 -39.41 24.66 -44.66
CA VAL A 530 -39.44 25.96 -45.34
C VAL A 530 -38.45 26.89 -44.64
N PRO A 531 -37.41 27.34 -45.32
CA PRO A 531 -36.39 28.18 -44.65
C PRO A 531 -36.90 29.58 -44.36
N LYS A 532 -36.48 30.11 -43.21
CA LYS A 532 -36.82 31.47 -42.79
C LYS A 532 -35.90 32.45 -43.51
N GLU A 533 -36.29 32.79 -44.74
CA GLU A 533 -35.50 33.70 -45.57
C GLU A 533 -36.42 34.72 -46.21
N GLY A 534 -35.83 35.83 -46.65
CA GLY A 534 -36.58 36.89 -47.28
C GLY A 534 -37.64 37.52 -46.39
N VAL A 535 -37.30 37.81 -45.14
CA VAL A 535 -38.25 38.40 -44.20
C VAL A 535 -38.55 39.84 -44.62
N VAL A 536 -39.84 40.17 -44.68
CA VAL A 536 -40.25 41.53 -45.04
C VAL A 536 -40.75 42.25 -43.81
N ASP A 537 -41.35 41.53 -42.87
CA ASP A 537 -41.84 42.14 -41.64
C ASP A 537 -41.86 41.11 -40.52
N GLU A 538 -41.12 41.39 -39.45
CA GLU A 538 -41.02 40.45 -38.34
C GLU A 538 -42.18 40.56 -37.37
N ASN A 539 -42.80 41.74 -37.28
CA ASN A 539 -43.87 41.94 -36.30
C ASN A 539 -45.10 41.09 -36.63
N LEU A 540 -45.49 41.04 -37.89
CA LEU A 540 -46.65 40.25 -38.31
C LEU A 540 -46.27 38.88 -38.84
N GLY A 541 -45.02 38.68 -39.25
CA GLY A 541 -44.56 37.37 -39.69
C GLY A 541 -44.89 37.04 -41.12
N ILE A 542 -44.35 37.82 -42.06
CA ILE A 542 -44.51 37.58 -43.49
C ILE A 542 -43.15 37.21 -44.05
N TRP A 543 -43.06 36.04 -44.67
CA TRP A 543 -41.82 35.53 -45.23
C TRP A 543 -41.99 35.26 -46.71
N GLU A 544 -40.98 35.62 -47.51
CA GLU A 544 -41.09 35.47 -48.95
C GLU A 544 -41.09 34.01 -49.36
N LYS A 545 -40.25 33.18 -48.75
CA LYS A 545 -40.22 31.76 -49.09
C LYS A 545 -41.44 31.03 -48.57
N VAL A 546 -42.03 31.51 -47.47
CA VAL A 546 -43.30 30.95 -47.00
C VAL A 546 -44.39 31.18 -48.04
N ASN A 547 -44.44 32.39 -48.61
CA ASN A 547 -45.42 32.67 -49.65
C ASN A 547 -45.15 31.86 -50.91
N GLU A 548 -43.89 31.52 -51.17
CA GLU A 548 -43.56 30.70 -52.33
C GLU A 548 -44.13 29.29 -52.19
N THR A 549 -43.92 28.66 -51.04
CA THR A 549 -44.35 27.28 -50.86
C THR A 549 -45.84 27.15 -50.63
N VAL A 550 -46.47 28.13 -49.97
CA VAL A 550 -47.91 28.08 -49.79
C VAL A 550 -48.63 28.16 -51.13
N SER A 551 -48.15 29.03 -52.03
CA SER A 551 -48.74 29.13 -53.36
C SER A 551 -48.61 27.82 -54.12
N LYS A 552 -47.49 27.12 -53.96
CA LYS A 552 -47.30 25.85 -54.65
C LYS A 552 -48.21 24.78 -54.08
N ILE A 553 -48.19 24.59 -52.75
CA ILE A 553 -48.94 23.50 -52.14
C ILE A 553 -50.44 23.77 -52.22
N SER A 554 -50.86 25.04 -52.15
CA SER A 554 -52.27 25.37 -52.30
C SER A 554 -52.71 25.45 -53.76
N GLN A 555 -51.82 25.15 -54.71
CA GLN A 555 -52.13 25.16 -56.13
C GLN A 555 -52.61 26.55 -56.58
N GLY A 556 -51.95 27.59 -56.07
CA GLY A 556 -52.26 28.95 -56.47
C GLY A 556 -53.48 29.57 -55.81
N ALA A 557 -54.08 28.91 -54.83
CA ALA A 557 -55.27 29.44 -54.18
C ALA A 557 -54.95 30.48 -53.12
N VAL A 558 -53.74 30.45 -52.55
CA VAL A 558 -53.30 31.42 -51.56
C VAL A 558 -52.01 32.07 -52.05
N THR A 559 -51.93 33.39 -51.91
CA THR A 559 -50.81 34.17 -52.44
C THR A 559 -49.93 34.79 -51.38
N SER A 560 -50.46 35.08 -50.19
CA SER A 560 -49.66 35.71 -49.13
C SER A 560 -50.25 35.37 -47.78
N VAL A 561 -49.38 35.09 -46.81
CA VAL A 561 -49.78 34.70 -45.47
C VAL A 561 -48.99 35.51 -44.46
N THR A 562 -49.67 35.97 -43.41
CA THR A 562 -49.04 36.55 -42.24
C THR A 562 -49.27 35.61 -41.05
N LEU A 563 -48.19 35.28 -40.35
CA LEU A 563 -48.29 34.24 -39.32
C LEU A 563 -48.83 34.77 -38.00
N TYR A 564 -48.48 36.01 -37.63
CA TYR A 564 -48.85 36.57 -36.34
C TYR A 564 -49.90 37.66 -36.46
N SER A 565 -50.77 37.57 -37.47
CA SER A 565 -51.83 38.56 -37.66
C SER A 565 -53.06 37.87 -38.23
N ILE A 566 -54.24 38.26 -37.75
CA ILE A 566 -55.48 37.66 -38.22
C ILE A 566 -56.30 38.59 -39.10
N LEU A 567 -55.94 39.87 -39.18
CA LEU A 567 -56.68 40.80 -40.03
C LEU A 567 -56.08 40.92 -41.43
N GLN A 568 -54.75 40.92 -41.52
CA GLN A 568 -54.06 41.03 -42.80
C GLN A 568 -53.62 39.64 -43.24
N ASP A 569 -54.21 39.16 -44.34
CA ASP A 569 -53.78 37.94 -45.02
C ASP A 569 -53.60 36.77 -44.05
N PRO A 570 -54.65 36.37 -43.34
CA PRO A 570 -54.47 35.35 -42.29
C PRO A 570 -54.24 33.97 -42.87
N MET A 571 -53.52 33.15 -42.11
CA MET A 571 -53.42 31.74 -42.45
C MET A 571 -54.80 31.11 -42.43
N THR A 572 -55.06 30.21 -43.37
CA THR A 572 -56.35 29.57 -43.45
C THR A 572 -56.55 28.63 -42.25
N SER A 573 -57.75 28.07 -42.16
CA SER A 573 -58.09 27.11 -41.12
C SER A 573 -58.84 25.94 -41.74
N CYS A 574 -58.50 24.73 -41.30
CA CYS A 574 -59.10 23.53 -41.87
C CYS A 574 -60.43 23.20 -41.19
N GLY A 575 -60.42 22.31 -40.20
CA GLY A 575 -61.66 21.94 -39.55
C GLY A 575 -61.49 21.16 -38.28
N CYS A 576 -60.26 21.07 -37.78
CA CYS A 576 -59.95 20.31 -36.58
C CYS A 576 -59.37 21.20 -35.47
N PHE A 577 -59.61 22.50 -35.54
CA PHE A 577 -59.13 23.39 -34.50
C PHE A 577 -59.89 23.13 -33.20
N GLU A 578 -59.14 23.06 -32.09
CA GLU A 578 -59.79 22.84 -30.80
C GLU A 578 -60.59 24.06 -30.37
N CYS A 579 -60.15 25.26 -30.73
CA CYS A 579 -60.79 26.51 -30.36
C CYS A 579 -60.91 27.41 -31.58
N ILE A 580 -61.63 28.51 -31.41
CA ILE A 580 -61.84 29.50 -32.47
C ILE A 580 -61.72 30.89 -31.86
N THR A 581 -61.08 31.80 -32.59
CA THR A 581 -60.94 33.19 -32.18
C THR A 581 -61.74 34.06 -33.15
N GLY A 582 -62.66 34.85 -32.62
CA GLY A 582 -63.51 35.70 -33.44
C GLY A 582 -63.43 37.15 -33.03
N ILE A 583 -63.50 38.03 -34.02
CA ILE A 583 -63.28 39.46 -33.80
C ILE A 583 -64.57 40.11 -33.30
N MET A 584 -64.49 40.75 -32.12
CA MET A 584 -65.61 41.54 -31.62
C MET A 584 -65.25 43.02 -31.66
N PRO A 585 -65.86 43.82 -32.53
CA PRO A 585 -65.51 45.24 -32.60
C PRO A 585 -65.94 46.06 -31.40
N GLU A 586 -67.00 45.65 -30.68
CA GLU A 586 -67.47 46.43 -29.55
C GLU A 586 -66.44 46.47 -28.43
N ALA A 587 -65.79 45.35 -28.16
CA ALA A 587 -64.82 45.25 -27.08
C ALA A 587 -63.40 45.59 -27.52
N ASN A 588 -63.22 46.03 -28.77
CA ASN A 588 -61.89 46.31 -29.31
C ASN A 588 -60.95 45.12 -29.10
N GLY A 589 -61.53 43.91 -29.10
CA GLY A 589 -60.77 42.69 -28.89
C GLY A 589 -61.36 41.51 -29.63
N VAL A 590 -61.07 40.30 -29.15
CA VAL A 590 -61.55 39.09 -29.77
C VAL A 590 -62.08 38.14 -28.70
N VAL A 591 -62.96 37.24 -29.12
CA VAL A 591 -63.51 36.23 -28.23
C VAL A 591 -63.01 34.86 -28.66
N MET A 592 -62.99 33.94 -27.70
CA MET A 592 -62.48 32.60 -27.90
C MET A 592 -63.52 31.61 -27.39
N VAL A 593 -63.89 30.65 -28.23
CA VAL A 593 -64.84 29.61 -27.88
C VAL A 593 -64.22 28.26 -28.22
N ASN A 594 -64.40 27.29 -27.34
CA ASN A 594 -63.83 25.97 -27.52
C ASN A 594 -64.89 24.98 -28.01
N ARG A 595 -64.42 23.84 -28.52
CA ARG A 595 -65.29 22.85 -29.13
C ARG A 595 -66.31 22.31 -28.14
N GLU A 596 -65.88 22.06 -26.90
CA GLU A 596 -66.77 21.42 -25.93
C GLU A 596 -67.88 22.35 -25.46
N PHE A 597 -67.64 23.67 -25.49
CA PHE A 597 -68.65 24.62 -25.06
C PHE A 597 -69.77 24.71 -26.10
N GLY A 598 -71.01 24.56 -25.64
CA GLY A 598 -72.13 24.42 -26.56
C GLY A 598 -73.17 25.51 -26.52
N ALA A 599 -72.99 26.51 -25.65
CA ALA A 599 -73.93 27.62 -25.57
C ALA A 599 -73.48 28.75 -26.50
N THR A 600 -74.25 29.82 -26.54
CA THR A 600 -73.99 30.92 -27.46
C THR A 600 -72.87 31.82 -26.94
N THR A 601 -72.18 32.47 -27.86
CA THR A 601 -71.16 33.46 -27.59
C THR A 601 -71.70 34.86 -27.88
N PRO A 602 -71.08 35.91 -27.33
CA PRO A 602 -71.61 37.27 -27.56
C PRO A 602 -71.62 37.70 -29.01
N LEU A 603 -70.97 36.94 -29.91
CA LEU A 603 -71.05 37.19 -31.34
C LEU A 603 -72.37 36.70 -31.95
N GLY A 604 -73.30 36.24 -31.13
CA GLY A 604 -74.56 35.73 -31.64
C GLY A 604 -74.44 34.41 -32.37
N MET A 605 -73.39 33.64 -32.09
CA MET A 605 -73.17 32.36 -32.76
C MET A 605 -72.63 31.35 -31.75
N THR A 606 -72.84 30.08 -32.08
CA THR A 606 -72.27 28.97 -31.31
C THR A 606 -71.02 28.45 -32.03
N PHE A 607 -70.27 27.60 -31.33
CA PHE A 607 -69.03 27.07 -31.89
C PHE A 607 -69.25 26.44 -33.26
N GLY A 608 -70.32 25.67 -33.40
CA GLY A 608 -70.64 25.11 -34.71
C GLY A 608 -70.95 26.17 -35.74
N GLU A 609 -71.50 27.32 -35.32
CA GLU A 609 -71.74 28.41 -36.25
C GLU A 609 -70.46 29.19 -36.53
N LEU A 610 -69.63 29.42 -35.51
CA LEU A 610 -68.31 30.02 -35.77
C LEU A 610 -67.46 29.11 -36.66
N ALA A 611 -67.54 27.80 -36.45
CA ALA A 611 -66.73 26.86 -37.22
C ALA A 611 -67.05 26.94 -38.71
N SER A 612 -68.27 27.34 -39.06
CA SER A 612 -68.65 27.55 -40.44
C SER A 612 -68.12 28.86 -41.00
N MET A 613 -67.58 29.74 -40.16
CA MET A 613 -67.09 31.05 -40.60
C MET A 613 -65.57 31.13 -40.62
N THR A 614 -64.87 30.01 -40.39
CA THR A 614 -63.42 30.04 -40.38
C THR A 614 -62.78 28.93 -41.18
N GLY A 615 -63.35 27.73 -41.16
CA GLY A 615 -62.74 26.59 -41.80
C GLY A 615 -62.83 26.64 -43.32
N GLY A 616 -62.48 25.51 -43.94
CA GLY A 616 -62.59 25.34 -45.36
C GLY A 616 -61.38 25.78 -46.17
N GLY A 617 -60.28 26.18 -45.53
CA GLY A 617 -59.15 26.69 -46.26
C GLY A 617 -59.41 28.02 -46.95
N VAL A 618 -60.24 28.86 -46.36
CA VAL A 618 -60.60 30.16 -46.91
C VAL A 618 -59.91 31.23 -46.06
N GLN A 619 -59.32 32.21 -46.74
CA GLN A 619 -58.62 33.31 -46.06
C GLN A 619 -59.67 34.21 -45.40
N THR A 620 -59.81 34.08 -44.08
CA THR A 620 -60.89 34.72 -43.34
C THR A 620 -60.33 35.77 -42.38
N PRO A 621 -60.40 37.06 -42.71
CA PRO A 621 -59.94 38.09 -41.77
C PRO A 621 -60.84 38.17 -40.54
N GLY A 622 -60.20 38.31 -39.38
CA GLY A 622 -60.91 38.44 -38.12
C GLY A 622 -61.28 37.13 -37.47
N PHE A 623 -61.10 36.00 -38.14
CA PHE A 623 -61.42 34.69 -37.59
C PHE A 623 -60.26 33.74 -37.87
N MET A 624 -59.89 32.95 -36.85
CA MET A 624 -58.84 31.97 -37.02
C MET A 624 -59.15 30.75 -36.16
N GLY A 625 -58.73 29.59 -36.65
CA GLY A 625 -58.78 28.36 -35.88
C GLY A 625 -57.39 28.00 -35.38
N HIS A 626 -57.31 27.65 -34.11
CA HIS A 626 -56.02 27.47 -33.45
C HIS A 626 -56.15 26.46 -32.33
N GLY A 627 -55.03 25.86 -31.96
CA GLY A 627 -54.98 24.91 -30.88
C GLY A 627 -55.07 25.60 -29.52
N ARG A 628 -55.12 24.77 -28.48
CA ARG A 628 -55.27 25.27 -27.13
C ARG A 628 -53.99 25.88 -26.58
N GLN A 629 -52.83 25.34 -26.95
CA GLN A 629 -51.57 25.85 -26.43
C GLN A 629 -51.14 27.14 -27.11
N PHE A 630 -51.71 27.45 -28.28
CA PHE A 630 -51.38 28.68 -28.99
C PHE A 630 -51.97 29.93 -28.32
N ILE A 631 -52.88 29.75 -27.37
CA ILE A 631 -53.48 30.90 -26.70
C ILE A 631 -52.43 31.68 -25.93
N ALA A 632 -51.66 30.99 -25.09
CA ALA A 632 -50.64 31.63 -24.25
C ALA A 632 -49.36 31.92 -25.02
N SER A 633 -49.40 31.93 -26.35
CA SER A 633 -48.21 32.16 -27.16
C SER A 633 -47.84 33.63 -27.17
N LYS A 634 -46.54 33.92 -27.09
CA LYS A 634 -46.07 35.29 -27.19
C LYS A 634 -46.43 35.90 -28.54
N LYS A 635 -46.35 35.09 -29.60
CA LYS A 635 -46.61 35.55 -30.96
C LYS A 635 -48.07 35.41 -31.36
N PHE A 636 -48.96 35.11 -30.42
CA PHE A 636 -50.39 35.01 -30.72
C PHE A 636 -50.95 36.42 -30.90
N MET A 637 -51.30 36.77 -32.15
CA MET A 637 -51.81 38.10 -32.47
C MET A 637 -50.84 39.21 -32.04
N LYS A 638 -49.56 39.03 -32.37
CA LYS A 638 -48.57 40.01 -31.96
C LYS A 638 -48.78 41.35 -32.66
N GLY A 639 -49.22 41.31 -33.93
CA GLY A 639 -49.47 42.54 -34.64
C GLY A 639 -50.69 43.29 -34.11
N GLU A 640 -51.72 42.55 -33.71
CA GLU A 640 -52.94 43.19 -33.21
C GLU A 640 -52.78 43.69 -31.78
N GLY A 641 -52.11 42.92 -30.93
CA GLY A 641 -51.89 43.33 -29.56
C GLY A 641 -51.68 42.21 -28.59
N GLY A 642 -51.56 40.98 -29.10
CA GLY A 642 -51.28 39.85 -28.24
C GLY A 642 -52.51 39.33 -27.52
N LEU A 643 -52.25 38.59 -26.43
CA LEU A 643 -53.32 38.03 -25.62
C LEU A 643 -54.20 39.10 -24.99
N GLY A 644 -53.73 40.35 -24.94
CA GLY A 644 -54.50 41.43 -24.34
C GLY A 644 -55.83 41.72 -25.02
N ARG A 645 -56.08 41.12 -26.18
CA ARG A 645 -57.33 41.34 -26.90
C ARG A 645 -58.47 40.45 -26.41
N ILE A 646 -58.17 39.35 -25.72
CA ILE A 646 -59.21 38.43 -25.30
C ILE A 646 -60.08 39.07 -24.23
N VAL A 647 -61.39 38.93 -24.37
CA VAL A 647 -62.33 39.56 -23.45
C VAL A 647 -63.39 38.57 -23.00
N TRP A 648 -63.47 37.42 -23.68
CA TRP A 648 -64.54 36.46 -23.39
C TRP A 648 -64.09 35.05 -23.73
N MET A 649 -64.12 34.18 -22.74
CA MET A 649 -63.89 32.74 -22.87
C MET A 649 -64.89 32.02 -22.00
N PRO A 650 -65.17 30.75 -22.28
CA PRO A 650 -65.88 29.92 -21.30
C PRO A 650 -65.04 29.68 -20.06
N LYS A 651 -65.71 29.30 -18.97
CA LYS A 651 -65.02 29.08 -17.70
C LYS A 651 -64.00 27.94 -17.80
N GLU A 652 -64.30 26.93 -18.62
CA GLU A 652 -63.37 25.81 -18.75
C GLU A 652 -62.05 26.25 -19.39
N LEU A 653 -62.11 27.17 -20.36
CA LEU A 653 -60.90 27.66 -20.98
C LEU A 653 -60.05 28.47 -20.00
N LYS A 654 -60.71 29.23 -19.13
CA LYS A 654 -59.99 29.99 -18.11
C LYS A 654 -59.22 29.06 -17.18
N ASP A 655 -59.91 28.09 -16.58
CA ASP A 655 -59.31 27.25 -15.56
C ASP A 655 -58.20 26.37 -16.12
N PHE A 656 -58.25 26.08 -17.42
CA PHE A 656 -57.21 25.24 -18.02
C PHE A 656 -55.95 26.05 -18.36
N VAL A 657 -56.10 27.34 -18.60
CA VAL A 657 -54.96 28.18 -19.01
C VAL A 657 -54.58 29.18 -17.92
N ALA A 658 -55.17 29.08 -16.74
CA ALA A 658 -54.91 30.05 -15.67
C ALA A 658 -53.42 30.17 -15.38
N GLU A 659 -52.74 29.03 -15.25
CA GLU A 659 -51.30 29.07 -15.03
C GLU A 659 -50.55 29.53 -16.26
N LYS A 660 -50.93 29.02 -17.44
CA LYS A 660 -50.20 29.34 -18.67
C LYS A 660 -50.44 30.78 -19.11
N LEU A 661 -51.62 31.34 -18.82
CA LEU A 661 -51.97 32.65 -19.34
C LEU A 661 -51.54 33.80 -18.42
N ASN A 662 -51.70 33.62 -17.10
CA ASN A 662 -51.27 34.65 -16.16
C ASN A 662 -49.81 35.01 -16.37
N LYS A 663 -48.98 34.01 -16.68
CA LYS A 663 -47.55 34.27 -16.89
C LYS A 663 -47.32 35.09 -18.15
N THR A 664 -48.05 34.80 -19.23
CA THR A 664 -47.90 35.59 -20.44
C THR A 664 -48.45 37.00 -20.26
N ALA A 665 -49.40 37.19 -19.35
CA ALA A 665 -49.89 38.52 -19.04
C ALA A 665 -48.81 39.35 -18.34
N LYS A 666 -48.24 38.82 -17.27
CA LYS A 666 -47.15 39.50 -16.58
C LYS A 666 -45.96 39.71 -17.51
N GLU A 667 -45.77 38.83 -18.49
CA GLU A 667 -44.73 39.02 -19.48
C GLU A 667 -45.01 40.21 -20.39
N LEU A 668 -46.27 40.64 -20.49
CA LEU A 668 -46.65 41.83 -21.22
C LEU A 668 -47.05 42.98 -20.29
N TYR A 669 -46.58 42.93 -19.04
CA TYR A 669 -46.82 43.99 -18.04
C TYR A 669 -48.30 44.09 -17.71
N ASN A 670 -48.97 42.96 -17.61
CA ASN A 670 -50.37 42.89 -17.19
C ASN A 670 -50.44 42.28 -15.79
N ILE A 671 -51.28 42.88 -14.95
CA ILE A 671 -51.40 42.42 -13.56
C ILE A 671 -51.86 40.96 -13.56
N ASP A 672 -51.39 40.22 -12.55
CA ASP A 672 -51.65 38.77 -12.48
C ASP A 672 -53.15 38.44 -12.52
N ASN A 673 -54.02 39.41 -12.23
CA ASN A 673 -55.46 39.20 -12.26
C ASN A 673 -56.02 39.20 -13.68
N PHE A 674 -55.17 39.05 -14.69
CA PHE A 674 -55.63 39.21 -16.07
C PHE A 674 -56.58 38.09 -16.48
N ALA A 675 -56.37 36.87 -15.96
CA ALA A 675 -57.30 35.78 -16.29
C ALA A 675 -58.69 36.06 -15.74
N ASP A 676 -58.80 36.87 -14.69
CA ASP A 676 -60.09 37.18 -14.08
C ASP A 676 -60.81 38.31 -14.79
N MET A 677 -60.07 39.21 -15.46
CA MET A 677 -60.71 40.31 -16.17
C MET A 677 -61.53 39.82 -17.36
N ILE A 678 -61.17 38.67 -17.93
CA ILE A 678 -61.89 38.14 -19.08
C ILE A 678 -63.27 37.69 -18.64
N CYS A 679 -64.29 38.02 -19.45
CA CYS A 679 -65.65 37.64 -19.14
C CYS A 679 -65.91 36.19 -19.52
N ASP A 680 -66.86 35.56 -18.82
CA ASP A 680 -67.22 34.18 -19.09
C ASP A 680 -68.74 34.05 -19.11
N GLU A 681 -69.23 32.82 -19.23
CA GLU A 681 -70.66 32.59 -19.34
C GLU A 681 -71.39 32.57 -18.01
N THR A 682 -70.66 32.57 -16.89
CA THR A 682 -71.27 32.75 -15.57
C THR A 682 -71.39 34.21 -15.18
N ILE A 683 -71.16 35.13 -16.12
CA ILE A 683 -71.23 36.56 -15.86
C ILE A 683 -72.22 37.19 -16.83
N ALA A 684 -71.96 37.05 -18.13
CA ALA A 684 -72.78 37.60 -19.18
C ALA A 684 -72.35 36.99 -20.50
N THR A 685 -73.30 36.88 -21.44
CA THR A 685 -73.03 36.29 -22.75
C THR A 685 -73.48 37.16 -23.90
N GLU A 686 -73.78 38.44 -23.66
CA GLU A 686 -74.19 39.36 -24.70
C GLU A 686 -73.32 40.61 -24.66
N SER A 687 -72.99 41.13 -25.85
CA SER A 687 -72.09 42.28 -25.93
C SER A 687 -72.64 43.47 -25.15
N GLU A 688 -73.95 43.65 -25.12
CA GLU A 688 -74.53 44.74 -24.34
C GLU A 688 -74.19 44.60 -22.86
N GLU A 689 -74.21 43.36 -22.35
CA GLU A 689 -73.88 43.13 -20.94
C GLU A 689 -72.38 43.03 -20.73
N VAL A 690 -71.66 42.44 -21.69
CA VAL A 690 -70.23 42.21 -21.52
C VAL A 690 -69.44 43.52 -21.59
N VAL A 691 -69.90 44.48 -22.39
CA VAL A 691 -69.17 45.75 -22.53
C VAL A 691 -69.08 46.45 -21.18
N LYS A 692 -70.19 46.52 -20.44
CA LYS A 692 -70.17 47.16 -19.14
C LYS A 692 -69.32 46.36 -18.14
N PHE A 693 -69.23 45.04 -18.31
CA PHE A 693 -68.32 44.26 -17.49
C PHE A 693 -66.86 44.60 -17.79
N LEU A 694 -66.55 44.84 -19.06
CA LEU A 694 -65.18 45.23 -19.43
C LEU A 694 -64.88 46.68 -19.05
N GLU A 695 -65.90 47.52 -18.93
CA GLU A 695 -65.68 48.88 -18.44
C GLU A 695 -65.52 48.91 -16.93
N GLU A 696 -66.08 47.93 -16.22
CA GLU A 696 -65.94 47.89 -14.77
C GLU A 696 -64.57 47.41 -14.35
N LYS A 697 -64.07 46.35 -15.01
CA LYS A 697 -62.78 45.77 -14.63
C LYS A 697 -61.59 46.59 -15.10
N GLY A 698 -61.79 47.52 -16.03
CA GLY A 698 -60.69 48.28 -16.59
C GLY A 698 -59.82 47.42 -17.49
N HIS A 699 -60.43 46.86 -18.53
CA HIS A 699 -59.73 45.92 -19.40
C HIS A 699 -58.67 46.66 -20.23
N PRO A 700 -57.47 46.07 -20.38
CA PRO A 700 -56.42 46.76 -21.14
C PRO A 700 -56.72 46.89 -22.62
N ALA A 701 -57.59 46.05 -23.17
CA ALA A 701 -57.91 46.15 -24.59
C ALA A 701 -58.72 47.41 -24.91
N LEU A 702 -59.55 47.85 -23.97
CA LEU A 702 -60.42 49.01 -24.22
C LEU A 702 -59.59 50.25 -24.54
N LYS A 703 -58.43 50.40 -23.91
CA LYS A 703 -57.56 51.54 -24.13
C LYS A 703 -56.40 51.21 -25.08
N MET A 704 -56.56 50.20 -25.92
CA MET A 704 -55.60 49.92 -26.98
C MET A 704 -56.04 50.61 -28.27
N ASP A 705 -55.24 50.43 -29.32
CA ASP A 705 -55.63 50.92 -30.62
C ASP A 705 -56.81 50.10 -31.15
N PRO A 706 -57.70 50.74 -31.92
CA PRO A 706 -58.75 49.97 -32.61
C PRO A 706 -58.14 48.94 -33.53
N ILE A 707 -58.77 47.76 -33.59
CA ILE A 707 -58.20 46.67 -34.36
C ILE A 707 -58.33 46.93 -35.86
N MET A 708 -59.43 47.55 -36.27
CA MET A 708 -59.64 47.86 -37.69
C MET A 708 -60.39 49.17 -37.87
N GLU B 3 18.36 3.24 -48.86
CA GLU B 3 17.95 2.30 -49.89
C GLU B 3 16.49 1.89 -49.71
N LYS B 4 16.11 1.56 -48.48
CA LYS B 4 14.74 1.16 -48.20
C LYS B 4 13.85 2.39 -48.06
N ALA B 5 12.61 2.26 -48.53
CA ALA B 5 11.64 3.32 -48.38
C ALA B 5 11.26 3.47 -46.91
N LYS B 6 11.04 4.72 -46.49
CA LYS B 6 10.70 5.00 -45.10
C LYS B 6 9.22 4.91 -44.82
N SER B 7 8.38 5.06 -45.85
CA SER B 7 6.93 5.01 -45.69
C SER B 7 6.29 4.72 -47.03
N ILE B 8 5.00 4.38 -47.00
CA ILE B 8 4.19 4.25 -48.19
C ILE B 8 3.21 5.38 -48.35
N ASP B 9 3.15 6.31 -47.40
CA ASP B 9 2.24 7.44 -47.45
C ASP B 9 2.97 8.64 -48.03
N GLN B 10 2.35 9.27 -49.03
CA GLN B 10 3.01 10.38 -49.73
C GLN B 10 3.20 11.58 -48.81
N ALA B 11 2.13 12.01 -48.13
CA ALA B 11 2.24 13.12 -47.19
C ALA B 11 3.32 12.84 -46.15
N THR B 12 3.41 11.59 -45.69
CA THR B 12 4.49 11.21 -44.77
C THR B 12 5.86 11.42 -45.42
N LEU B 13 5.97 11.13 -46.72
CA LEU B 13 7.24 11.29 -47.40
C LEU B 13 7.55 12.75 -47.70
N GLN B 14 6.54 13.52 -48.13
CA GLN B 14 6.75 14.93 -48.44
C GLN B 14 7.33 15.67 -47.23
N LEU B 15 6.73 15.47 -46.06
CA LEU B 15 7.21 16.16 -44.87
C LEU B 15 8.58 15.64 -44.45
N LEU B 16 8.85 14.36 -44.68
CA LEU B 16 10.18 13.82 -44.40
C LEU B 16 11.26 14.57 -45.17
N ASP B 17 10.95 15.02 -46.38
CA ASP B 17 11.91 15.84 -47.13
C ASP B 17 12.07 17.22 -46.50
N LYS B 18 10.97 17.82 -46.05
CA LYS B 18 11.06 19.10 -45.37
C LYS B 18 11.89 18.99 -44.09
N ALA B 19 11.71 17.88 -43.36
CA ALA B 19 12.47 17.68 -42.13
C ALA B 19 13.97 17.67 -42.41
N LYS B 20 14.39 17.08 -43.53
CA LYS B 20 15.80 17.10 -43.90
C LYS B 20 16.25 18.51 -44.26
N GLN B 21 15.41 19.26 -44.96
CA GLN B 21 15.76 20.64 -45.30
C GLN B 21 15.87 21.50 -44.06
N ASP B 22 14.88 21.41 -43.17
CA ASP B 22 14.91 22.19 -41.93
C ASP B 22 16.06 21.77 -41.02
N GLY B 23 16.65 20.60 -41.26
CA GLY B 23 17.77 20.15 -40.46
C GLY B 23 17.41 19.54 -39.14
N VAL B 24 16.27 18.84 -39.07
CA VAL B 24 15.76 18.31 -37.82
C VAL B 24 15.79 16.79 -37.87
N GLU B 25 15.88 16.18 -36.70
CA GLU B 25 15.94 14.73 -36.56
C GLU B 25 14.53 14.13 -36.56
N THR B 26 14.42 12.91 -37.09
CA THR B 26 13.18 12.15 -37.02
C THR B 26 13.47 10.78 -36.42
N VAL B 27 12.40 10.00 -36.23
CA VAL B 27 12.56 8.66 -35.68
C VAL B 27 13.33 7.76 -36.64
N TRP B 28 13.21 8.01 -37.95
CA TRP B 28 13.99 7.24 -38.91
C TRP B 28 15.48 7.52 -38.76
N ASP B 29 15.85 8.80 -38.58
CA ASP B 29 17.25 9.17 -38.46
C ASP B 29 17.89 8.52 -37.24
N ARG B 30 17.16 8.47 -36.13
CA ARG B 30 17.72 7.89 -34.92
C ARG B 30 17.84 6.38 -35.03
N LYS B 31 16.92 5.73 -35.75
CA LYS B 31 17.07 4.31 -36.03
C LYS B 31 18.33 4.04 -36.84
N ALA B 32 18.61 4.90 -37.83
CA ALA B 32 19.82 4.75 -38.62
C ALA B 32 21.07 4.93 -37.77
N ASP B 33 21.08 5.95 -36.91
CA ASP B 33 22.22 6.19 -36.04
C ASP B 33 22.51 4.98 -35.16
N MET B 34 21.50 4.18 -34.87
CA MET B 34 21.70 2.99 -34.04
C MET B 34 22.44 1.89 -34.79
N LYS B 35 22.38 1.89 -36.12
CA LYS B 35 23.16 0.98 -36.98
C LYS B 35 22.78 -0.46 -36.61
N VAL B 36 23.75 -1.38 -36.55
CA VAL B 36 23.48 -2.79 -36.28
C VAL B 36 23.24 -2.95 -34.79
N GLN B 37 22.00 -3.22 -34.40
CA GLN B 37 21.62 -3.29 -32.99
C GLN B 37 22.09 -4.60 -32.37
N CYS B 38 22.32 -4.58 -31.06
CA CYS B 38 22.98 -5.68 -30.38
C CYS B 38 22.17 -6.95 -30.48
N GLY B 39 22.78 -8.00 -31.04
CA GLY B 39 22.05 -9.24 -31.28
C GLY B 39 21.67 -9.98 -30.02
N PHE B 40 22.38 -9.72 -28.92
CA PHE B 40 22.01 -10.30 -27.64
C PHE B 40 20.62 -9.83 -27.21
N GLY B 41 20.45 -8.52 -27.08
CA GLY B 41 19.15 -7.99 -26.70
C GLY B 41 18.08 -8.21 -27.75
N SER B 42 18.49 -8.32 -29.01
CA SER B 42 17.54 -8.67 -30.06
C SER B 42 17.05 -10.10 -29.94
N ALA B 43 17.83 -10.98 -29.31
CA ALA B 43 17.43 -12.35 -29.07
C ALA B 43 16.88 -12.57 -27.67
N GLY B 44 17.04 -11.60 -26.77
CA GLY B 44 16.55 -11.74 -25.42
C GLY B 44 17.42 -12.51 -24.48
N VAL B 45 18.70 -12.71 -24.82
CA VAL B 45 19.60 -13.51 -24.01
C VAL B 45 20.55 -12.62 -23.21
N CYS B 46 20.11 -11.41 -22.89
CA CYS B 46 20.83 -10.54 -21.97
C CYS B 46 19.94 -10.20 -20.80
N CYS B 47 20.49 -10.32 -19.58
CA CYS B 47 19.76 -10.03 -18.36
C CYS B 47 20.51 -8.97 -17.56
N ARG B 48 19.74 -8.05 -16.98
CA ARG B 48 20.29 -7.03 -16.08
C ARG B 48 19.48 -6.97 -14.79
N ASN B 49 18.91 -8.10 -14.37
CA ASN B 49 18.01 -8.12 -13.23
C ASN B 49 18.74 -8.05 -11.89
N CYS B 50 20.06 -7.92 -11.89
CA CYS B 50 20.83 -7.73 -10.67
C CYS B 50 22.22 -7.24 -11.05
N SER B 51 22.93 -6.70 -10.07
CA SER B 51 24.21 -6.06 -10.31
C SER B 51 25.39 -7.03 -10.30
N MET B 52 25.12 -8.35 -10.24
CA MET B 52 26.17 -9.30 -10.60
C MET B 52 26.48 -9.21 -12.10
N GLY B 53 25.49 -8.82 -12.90
CA GLY B 53 25.66 -8.70 -14.33
C GLY B 53 26.22 -7.35 -14.73
N PRO B 54 25.97 -6.93 -15.98
CA PRO B 54 25.12 -7.55 -16.99
C PRO B 54 25.65 -8.86 -17.56
N CYS B 55 24.77 -9.85 -17.67
CA CYS B 55 25.12 -11.16 -18.20
C CYS B 55 24.52 -11.35 -19.58
N ARG B 56 25.24 -12.07 -20.44
CA ARG B 56 24.77 -12.39 -21.78
C ARG B 56 25.20 -13.81 -22.12
N VAL B 57 24.22 -14.66 -22.43
CA VAL B 57 24.49 -16.03 -22.83
C VAL B 57 24.25 -16.16 -24.32
N SER B 58 24.83 -17.20 -24.90
CA SER B 58 24.79 -17.36 -26.35
C SER B 58 23.40 -17.79 -26.79
N PRO B 59 22.83 -17.15 -27.83
CA PRO B 59 21.55 -17.62 -28.37
C PRO B 59 21.66 -18.92 -29.14
N VAL B 60 22.87 -19.31 -29.55
CA VAL B 60 23.09 -20.59 -30.21
C VAL B 60 23.39 -21.62 -29.12
N PRO B 61 22.51 -22.59 -28.89
CA PRO B 61 22.76 -23.55 -27.80
C PRO B 61 24.01 -24.38 -28.06
N GLY B 62 24.72 -24.70 -26.98
CA GLY B 62 25.91 -25.51 -27.05
C GLY B 62 27.20 -24.74 -27.23
N LYS B 63 27.14 -23.50 -27.70
CA LYS B 63 28.32 -22.70 -27.97
C LYS B 63 28.35 -21.48 -27.06
N GLY B 64 29.56 -20.97 -26.83
CA GLY B 64 29.74 -19.76 -26.04
C GLY B 64 29.37 -19.92 -24.57
N VAL B 65 29.09 -18.78 -23.95
CA VAL B 65 28.66 -18.77 -22.55
C VAL B 65 27.25 -19.33 -22.46
N GLU B 66 27.06 -20.33 -21.60
CA GLU B 66 25.80 -21.03 -21.53
C GLU B 66 24.85 -20.42 -20.51
N ARG B 67 25.32 -20.17 -19.29
CA ARG B 67 24.48 -19.74 -18.19
C ARG B 67 24.96 -18.40 -17.66
N GLY B 68 24.06 -17.68 -17.00
CA GLY B 68 24.43 -16.48 -16.30
C GLY B 68 25.14 -16.79 -15.00
N ILE B 69 25.67 -15.73 -14.38
CA ILE B 69 26.45 -15.89 -13.16
C ILE B 69 25.64 -16.58 -12.07
N CYS B 70 24.36 -16.22 -11.94
CA CYS B 70 23.49 -16.87 -10.96
C CYS B 70 23.11 -18.29 -11.36
N GLY B 71 23.34 -18.67 -12.61
CA GLY B 71 22.97 -19.98 -13.10
C GLY B 71 21.79 -20.01 -14.06
N ALA B 72 21.25 -18.85 -14.43
CA ALA B 72 20.09 -18.82 -15.31
C ALA B 72 20.48 -19.25 -16.72
N THR B 73 19.69 -20.16 -17.30
CA THR B 73 19.91 -20.59 -18.67
C THR B 73 19.43 -19.51 -19.64
N ALA B 74 19.60 -19.77 -20.93
CA ALA B 74 19.08 -18.86 -21.94
C ALA B 74 17.56 -18.79 -21.90
N ASP B 75 16.91 -19.94 -21.72
CA ASP B 75 15.45 -19.96 -21.64
C ASP B 75 14.95 -19.20 -20.42
N VAL B 76 15.65 -19.31 -19.30
CA VAL B 76 15.26 -18.57 -18.09
C VAL B 76 15.38 -17.08 -18.33
N ILE B 77 16.47 -16.65 -18.97
CA ILE B 77 16.69 -15.22 -19.20
C ILE B 77 15.67 -14.68 -20.19
N VAL B 78 15.39 -15.42 -21.25
CA VAL B 78 14.45 -14.96 -22.28
C VAL B 78 13.05 -14.83 -21.68
N SER B 79 12.58 -15.86 -20.99
CA SER B 79 11.21 -15.89 -20.49
C SER B 79 10.99 -14.80 -19.45
N ARG B 80 11.99 -14.51 -18.61
CA ARG B 80 11.86 -13.43 -17.65
C ARG B 80 11.79 -12.08 -18.35
N ASN B 81 12.63 -11.87 -19.36
CA ASN B 81 12.58 -10.63 -20.12
C ASN B 81 11.25 -10.50 -20.85
N PHE B 82 10.73 -11.61 -21.38
CA PHE B 82 9.41 -11.58 -22.01
C PHE B 82 8.34 -11.24 -20.99
N ALA B 83 8.45 -11.80 -19.77
CA ALA B 83 7.46 -11.54 -18.74
C ALA B 83 7.38 -10.05 -18.40
N ARG B 84 8.53 -9.43 -18.17
CA ARG B 84 8.52 -8.03 -17.76
C ARG B 84 7.94 -7.12 -18.84
N MET B 85 7.99 -7.56 -20.11
CA MET B 85 7.31 -6.81 -21.16
C MET B 85 5.80 -6.85 -20.95
N VAL B 86 5.26 -8.04 -20.69
CA VAL B 86 3.83 -8.15 -20.42
C VAL B 86 3.46 -7.35 -19.18
N ALA B 87 4.24 -7.50 -18.10
CA ALA B 87 3.99 -6.73 -16.89
C ALA B 87 3.96 -5.23 -17.17
N ALA B 88 4.81 -4.77 -18.08
CA ALA B 88 4.83 -3.35 -18.41
C ALA B 88 3.57 -2.94 -19.19
N GLY B 89 3.28 -3.65 -20.28
CA GLY B 89 2.09 -3.34 -21.05
C GLY B 89 0.82 -3.46 -20.23
N THR B 90 0.76 -4.47 -19.34
CA THR B 90 -0.38 -4.59 -18.44
C THR B 90 -0.52 -3.35 -17.57
N ALA B 91 0.60 -2.89 -17.00
CA ALA B 91 0.57 -1.71 -16.13
C ALA B 91 0.14 -0.47 -16.90
N ALA B 92 0.58 -0.35 -18.15
CA ALA B 92 0.20 0.79 -18.97
C ALA B 92 -1.31 0.88 -19.08
N HIS B 93 -1.95 -0.20 -19.56
CA HIS B 93 -3.41 -0.22 -19.62
C HIS B 93 -4.03 -0.19 -18.24
N SER B 94 -3.34 -0.71 -17.23
CA SER B 94 -3.87 -0.72 -15.87
C SER B 94 -4.13 0.70 -15.39
N ASP B 95 -3.08 1.52 -15.30
CA ASP B 95 -3.25 2.90 -14.84
C ASP B 95 -4.22 3.67 -15.72
N HIS B 96 -4.29 3.33 -17.01
CA HIS B 96 -5.27 3.93 -17.90
C HIS B 96 -6.68 3.71 -17.38
N GLY B 97 -7.08 2.44 -17.22
CA GLY B 97 -8.43 2.15 -16.74
C GLY B 97 -8.67 2.61 -15.32
N ARG B 98 -7.63 2.63 -14.49
CA ARG B 98 -7.80 3.08 -13.11
C ARG B 98 -8.23 4.54 -13.06
N SER B 99 -7.63 5.38 -13.91
CA SER B 99 -8.06 6.78 -13.98
C SER B 99 -9.49 6.88 -14.47
N ILE B 100 -9.87 6.05 -15.45
CA ILE B 100 -11.21 6.10 -15.99
C ILE B 100 -12.23 5.69 -14.94
N ALA B 101 -11.91 4.66 -14.16
CA ALA B 101 -12.81 4.26 -13.08
C ALA B 101 -12.89 5.33 -11.99
N LEU B 102 -11.77 5.99 -11.71
CA LEU B 102 -11.77 7.05 -10.71
C LEU B 102 -12.61 8.24 -11.19
N SER B 103 -12.52 8.57 -12.47
CA SER B 103 -13.37 9.63 -13.01
C SER B 103 -14.84 9.27 -12.90
N LEU B 104 -15.17 7.99 -13.09
CA LEU B 104 -16.56 7.55 -12.93
C LEU B 104 -17.02 7.69 -11.49
N TYR B 105 -16.13 7.43 -10.54
CA TYR B 105 -16.48 7.60 -9.13
C TYR B 105 -16.76 9.05 -8.79
N HIS B 106 -16.23 9.99 -9.55
CA HIS B 106 -16.37 11.41 -9.28
C HIS B 106 -17.37 12.08 -10.22
N THR B 107 -18.21 11.31 -10.89
CA THR B 107 -19.26 11.88 -11.72
C THR B 107 -20.37 12.43 -10.84
N SER B 108 -20.93 13.57 -11.26
CA SER B 108 -22.04 14.18 -10.54
C SER B 108 -23.06 14.71 -11.53
N LYS B 109 -24.26 14.99 -11.01
CA LYS B 109 -25.35 15.50 -11.85
C LYS B 109 -24.93 16.79 -12.56
N ASP B 110 -24.35 17.73 -11.81
CA ASP B 110 -24.00 19.04 -12.34
C ASP B 110 -22.50 19.22 -12.55
N GLY B 111 -21.71 18.17 -12.38
CA GLY B 111 -20.27 18.27 -12.51
C GLY B 111 -19.80 18.28 -13.95
N ASP B 112 -18.48 18.40 -14.10
CA ASP B 112 -17.90 18.43 -15.44
C ASP B 112 -17.96 17.07 -16.11
N ILE B 113 -17.85 15.98 -15.34
CA ILE B 113 -17.97 14.63 -15.86
C ILE B 113 -19.33 14.08 -15.47
N LYS B 114 -20.08 13.62 -16.46
CA LYS B 114 -21.44 13.13 -16.27
C LYS B 114 -21.56 11.70 -16.79
N VAL B 115 -22.72 11.11 -16.58
CA VAL B 115 -23.07 9.81 -17.15
C VAL B 115 -23.88 10.08 -18.41
N LYS B 116 -23.35 9.66 -19.56
CA LYS B 116 -23.97 9.96 -20.84
C LYS B 116 -24.74 8.80 -21.44
N ASP B 117 -24.39 7.57 -21.10
CA ASP B 117 -25.08 6.38 -21.60
C ASP B 117 -25.69 5.63 -20.42
N GLU B 118 -26.88 6.06 -20.01
CA GLU B 118 -27.53 5.44 -18.85
C GLU B 118 -27.83 3.97 -19.09
N ASN B 119 -28.20 3.60 -20.32
CA ASN B 119 -28.53 2.22 -20.61
C ASN B 119 -27.31 1.31 -20.47
N LYS B 120 -26.14 1.79 -20.87
CA LYS B 120 -24.93 0.99 -20.72
C LYS B 120 -24.56 0.82 -19.26
N LEU B 121 -24.68 1.90 -18.47
CA LEU B 121 -24.35 1.81 -17.04
C LEU B 121 -25.25 0.82 -16.34
N LYS B 122 -26.56 0.88 -16.59
CA LYS B 122 -27.48 -0.07 -16.02
C LYS B 122 -27.11 -1.50 -16.40
N GLU B 123 -26.65 -1.70 -17.64
CA GLU B 123 -26.28 -3.04 -18.08
C GLU B 123 -24.96 -3.48 -17.47
N VAL B 124 -24.00 -2.56 -17.36
CA VAL B 124 -22.73 -2.90 -16.71
C VAL B 124 -22.94 -3.17 -15.23
N ALA B 125 -23.84 -2.41 -14.60
CA ALA B 125 -24.12 -2.63 -13.18
C ALA B 125 -24.61 -4.05 -12.92
N LYS B 126 -25.33 -4.65 -13.87
CA LYS B 126 -25.78 -6.02 -13.70
C LYS B 126 -24.61 -7.00 -13.70
N SER B 127 -23.51 -6.65 -14.37
CA SER B 127 -22.32 -7.50 -14.36
C SER B 127 -21.55 -7.41 -13.04
N PHE B 128 -21.71 -6.32 -12.30
CA PHE B 128 -21.07 -6.17 -10.99
C PHE B 128 -22.04 -6.41 -9.84
N ASN B 129 -23.23 -6.93 -10.13
CA ASN B 129 -24.29 -7.14 -9.13
C ASN B 129 -24.54 -5.84 -8.35
N VAL B 130 -24.76 -4.76 -9.09
CA VAL B 130 -25.10 -3.47 -8.54
C VAL B 130 -26.58 -3.21 -8.84
N GLU B 131 -27.36 -3.02 -7.80
CA GLU B 131 -28.79 -2.78 -7.97
C GLU B 131 -29.03 -1.49 -8.74
N THR B 132 -30.02 -1.52 -9.63
CA THR B 132 -30.36 -0.35 -10.45
C THR B 132 -31.81 0.06 -10.36
N GLU B 133 -32.71 -0.80 -9.89
CA GLU B 133 -34.13 -0.47 -9.86
C GLU B 133 -34.41 0.68 -8.92
N GLY B 134 -34.95 1.77 -9.46
CA GLY B 134 -35.39 2.90 -8.65
C GLY B 134 -34.29 3.70 -7.99
N ARG B 135 -33.03 3.46 -8.32
CA ARG B 135 -31.91 4.17 -7.72
C ARG B 135 -31.50 5.36 -8.56
N ASP B 136 -30.92 6.37 -7.91
CA ASP B 136 -30.33 7.48 -8.63
C ASP B 136 -29.21 6.98 -9.53
N ILE B 137 -29.12 7.56 -10.74
CA ILE B 137 -28.17 7.05 -11.73
C ILE B 137 -26.73 7.29 -11.34
N TYR B 138 -26.47 8.23 -10.42
CA TYR B 138 -25.08 8.47 -10.01
C TYR B 138 -24.67 7.65 -8.81
N ASP B 139 -25.61 7.35 -7.91
CA ASP B 139 -25.34 6.34 -6.89
C ASP B 139 -25.01 5.00 -7.54
N ILE B 140 -25.67 4.68 -8.66
CA ILE B 140 -25.34 3.48 -9.42
C ILE B 140 -23.93 3.58 -9.99
N ALA B 141 -23.62 4.69 -10.66
CA ALA B 141 -22.31 4.83 -11.29
C ALA B 141 -21.19 4.76 -10.25
N HIS B 142 -21.42 5.34 -9.08
CA HIS B 142 -20.42 5.26 -8.01
C HIS B 142 -20.24 3.83 -7.53
N ASP B 143 -21.35 3.11 -7.34
CA ASP B 143 -21.27 1.70 -6.93
C ASP B 143 -20.59 0.86 -7.99
N VAL B 144 -20.80 1.18 -9.27
CA VAL B 144 -20.11 0.45 -10.33
C VAL B 144 -18.61 0.77 -10.31
N ALA B 145 -18.26 2.04 -10.14
CA ALA B 145 -16.86 2.43 -10.10
C ALA B 145 -16.13 1.75 -8.94
N LYS B 146 -16.73 1.76 -7.75
CA LYS B 146 -16.13 1.10 -6.60
C LYS B 146 -15.89 -0.37 -6.88
N GLU B 147 -16.89 -1.07 -7.42
CA GLU B 147 -16.73 -2.49 -7.70
C GLU B 147 -15.70 -2.73 -8.78
N GLY B 148 -15.60 -1.82 -9.76
CA GLY B 148 -14.57 -1.95 -10.77
C GLY B 148 -13.18 -1.69 -10.21
N LEU B 149 -13.05 -0.67 -9.35
CA LEU B 149 -11.77 -0.40 -8.71
C LEU B 149 -11.29 -1.58 -7.87
N SER B 150 -12.22 -2.31 -7.25
CA SER B 150 -11.84 -3.49 -6.48
C SER B 150 -11.13 -4.53 -7.36
N ASN B 151 -11.40 -4.53 -8.67
CA ASN B 151 -10.70 -5.43 -9.58
C ASN B 151 -9.22 -5.11 -9.71
N TYR B 152 -8.76 -3.98 -9.16
CA TYR B 152 -7.36 -3.60 -9.28
C TYR B 152 -6.50 -4.00 -8.10
N GLY B 153 -7.08 -4.13 -6.91
CA GLY B 153 -6.27 -4.43 -5.74
C GLY B 153 -6.90 -5.29 -4.67
N LYS B 154 -7.97 -6.01 -5.00
CA LYS B 154 -8.58 -6.89 -4.01
C LYS B 154 -7.66 -8.06 -3.73
N GLN B 155 -7.51 -8.38 -2.43
CA GLN B 155 -6.65 -9.47 -1.99
C GLN B 155 -7.43 -10.71 -1.59
N LEU B 156 -8.72 -10.59 -1.33
CA LEU B 156 -9.57 -11.72 -1.01
C LEU B 156 -10.75 -11.76 -1.97
N GLY B 157 -11.24 -12.96 -2.25
CA GLY B 157 -12.34 -13.13 -3.18
C GLY B 157 -11.87 -13.17 -4.62
N GLU B 158 -12.82 -13.42 -5.51
CA GLU B 158 -12.54 -13.48 -6.94
C GLU B 158 -12.85 -12.15 -7.61
N VAL B 159 -12.39 -12.03 -8.86
CA VAL B 159 -12.55 -10.80 -9.63
C VAL B 159 -13.77 -10.92 -10.52
N THR B 160 -14.30 -9.77 -10.93
CA THR B 160 -15.48 -9.70 -11.77
C THR B 160 -15.07 -9.66 -13.23
N LEU B 161 -15.55 -10.60 -14.03
CA LEU B 161 -15.22 -10.69 -15.45
C LEU B 161 -16.46 -10.48 -16.30
N PRO B 162 -16.29 -9.97 -17.53
CA PRO B 162 -17.45 -9.63 -18.36
C PRO B 162 -18.25 -10.85 -18.75
N PRO B 163 -19.53 -10.67 -19.11
CA PRO B 163 -20.38 -11.84 -19.38
C PRO B 163 -20.07 -12.53 -20.71
N SER B 164 -19.56 -11.78 -21.69
CA SER B 164 -19.23 -12.36 -22.99
C SER B 164 -17.98 -13.22 -22.96
N LEU B 165 -17.34 -13.37 -21.81
CA LEU B 165 -16.23 -14.32 -21.67
C LEU B 165 -16.82 -15.72 -21.52
N PRO B 166 -16.56 -16.63 -22.45
CA PRO B 166 -17.22 -17.95 -22.40
C PRO B 166 -16.84 -18.73 -21.15
N GLU B 167 -17.84 -19.40 -20.57
CA GLU B 167 -17.60 -20.18 -19.36
C GLU B 167 -16.66 -21.35 -19.61
N LYS B 168 -16.63 -21.87 -20.85
CA LYS B 168 -15.66 -22.90 -21.19
C LYS B 168 -14.24 -22.40 -21.01
N ARG B 169 -13.97 -21.15 -21.39
CA ARG B 169 -12.63 -20.60 -21.30
C ARG B 169 -12.24 -20.32 -19.84
N LYS B 170 -13.21 -19.88 -19.02
CA LYS B 170 -12.92 -19.66 -17.61
C LYS B 170 -12.44 -20.94 -16.95
N GLU B 171 -13.19 -22.03 -17.10
CA GLU B 171 -12.79 -23.30 -16.51
C GLU B 171 -11.52 -23.86 -17.15
N LEU B 172 -11.23 -23.48 -18.41
CA LEU B 172 -9.95 -23.84 -18.99
C LEU B 172 -8.81 -23.15 -18.25
N TRP B 173 -8.93 -21.84 -18.06
CA TRP B 173 -7.93 -21.09 -17.30
C TRP B 173 -7.74 -21.68 -15.91
N ARG B 174 -8.84 -22.01 -15.24
CA ARG B 174 -8.76 -22.54 -13.88
C ARG B 174 -7.93 -23.81 -13.84
N LYS B 175 -8.16 -24.72 -14.78
CA LYS B 175 -7.40 -25.97 -14.80
C LYS B 175 -5.95 -25.74 -15.18
N LEU B 176 -5.69 -24.76 -16.04
CA LEU B 176 -4.31 -24.43 -16.41
C LEU B 176 -3.61 -23.61 -15.33
N GLY B 177 -4.37 -22.99 -14.42
CA GLY B 177 -3.77 -22.19 -13.37
C GLY B 177 -3.39 -20.79 -13.80
N VAL B 178 -4.19 -20.15 -14.64
CA VAL B 178 -3.89 -18.82 -15.15
C VAL B 178 -5.08 -17.89 -14.98
N TYR B 179 -6.06 -18.31 -14.17
CA TYR B 179 -7.22 -17.46 -13.93
C TYR B 179 -6.76 -16.17 -13.25
N PRO B 180 -7.19 -15.01 -13.73
CA PRO B 180 -6.61 -13.75 -13.25
C PRO B 180 -7.02 -13.42 -11.82
N ARG B 181 -6.13 -12.70 -11.13
CA ARG B 181 -6.40 -12.09 -9.84
C ARG B 181 -6.53 -10.57 -10.04
N ALA B 182 -6.26 -9.81 -8.99
CA ALA B 182 -6.28 -8.35 -9.11
C ALA B 182 -5.20 -7.89 -10.08
N VAL B 183 -5.47 -6.77 -10.77
CA VAL B 183 -4.58 -6.32 -11.83
C VAL B 183 -3.21 -5.96 -11.28
N ASP B 184 -3.16 -4.99 -10.36
CA ASP B 184 -1.90 -4.65 -9.71
C ASP B 184 -1.27 -5.85 -9.02
N ARG B 185 -2.10 -6.78 -8.55
CA ARG B 185 -1.58 -7.94 -7.83
C ARG B 185 -0.81 -8.89 -8.75
N GLU B 186 -1.23 -8.98 -10.02
CA GLU B 186 -0.51 -9.84 -10.94
C GLU B 186 0.76 -9.17 -11.46
N ILE B 187 0.69 -7.86 -11.71
CA ILE B 187 1.87 -7.11 -12.11
C ILE B 187 2.97 -7.27 -11.07
N ALA B 188 2.61 -7.16 -9.80
CA ALA B 188 3.58 -7.39 -8.73
C ALA B 188 4.06 -8.84 -8.73
N ALA B 189 3.16 -9.77 -9.04
CA ALA B 189 3.53 -11.19 -9.05
C ALA B 189 4.57 -11.49 -10.11
N VAL B 190 4.37 -10.98 -11.33
CA VAL B 190 5.35 -11.19 -12.40
C VAL B 190 6.67 -10.54 -12.04
N MET B 191 6.62 -9.30 -11.56
CA MET B 191 7.84 -8.60 -11.16
C MET B 191 8.55 -9.33 -10.02
N HIS B 192 7.80 -10.01 -9.15
CA HIS B 192 8.42 -10.76 -8.07
C HIS B 192 9.19 -11.96 -8.60
N SER B 193 8.55 -12.78 -9.42
CA SER B 193 9.18 -14.02 -9.88
C SER B 193 10.33 -13.78 -10.84
N THR B 194 10.39 -12.60 -11.47
CA THR B 194 11.50 -12.29 -12.38
C THR B 194 12.72 -11.76 -11.66
N HIS B 195 12.62 -11.50 -10.35
CA HIS B 195 13.78 -11.14 -9.55
C HIS B 195 14.81 -12.27 -9.58
N ILE B 196 16.06 -11.93 -9.28
CA ILE B 196 17.12 -12.92 -9.31
C ILE B 196 16.89 -13.96 -8.21
N GLY B 197 17.11 -15.23 -8.56
CA GLY B 197 16.97 -16.29 -7.58
C GLY B 197 15.54 -16.64 -7.26
N CYS B 198 14.61 -16.39 -8.20
CA CYS B 198 13.21 -16.73 -8.00
C CYS B 198 12.85 -17.78 -9.06
N ASN B 199 11.93 -17.46 -9.98
CA ASN B 199 11.56 -18.42 -10.99
C ASN B 199 12.69 -18.66 -11.97
N ALA B 200 12.85 -19.91 -12.39
CA ALA B 200 13.88 -20.30 -13.34
C ALA B 200 13.36 -21.47 -14.16
N ASP B 201 12.15 -21.32 -14.69
CA ASP B 201 11.50 -22.34 -15.50
C ASP B 201 10.67 -21.62 -16.54
N ALA B 202 10.90 -21.95 -17.82
CA ALA B 202 10.27 -21.19 -18.90
C ALA B 202 8.75 -21.37 -18.89
N GLU B 203 8.26 -22.59 -18.71
CA GLU B 203 6.82 -22.84 -18.77
C GLU B 203 6.09 -22.08 -17.67
N ALA B 204 6.54 -22.23 -16.42
CA ALA B 204 5.91 -21.50 -15.32
C ALA B 204 6.01 -20.00 -15.52
N MET B 205 7.13 -19.54 -16.06
CA MET B 205 7.31 -18.10 -16.29
C MET B 205 6.33 -17.57 -17.34
N ILE B 206 6.20 -18.28 -18.46
CA ILE B 206 5.25 -17.86 -19.49
C ILE B 206 3.83 -17.92 -18.96
N LYS B 207 3.50 -18.97 -18.19
CA LYS B 207 2.16 -19.09 -17.64
C LYS B 207 1.81 -17.91 -16.74
N MET B 208 2.79 -17.43 -15.95
CA MET B 208 2.57 -16.21 -15.20
C MET B 208 2.30 -15.02 -16.12
N SER B 209 3.00 -14.96 -17.25
CA SER B 209 2.80 -13.86 -18.19
C SER B 209 1.42 -13.92 -18.81
N MET B 210 0.93 -15.12 -19.14
CA MET B 210 -0.42 -15.24 -19.67
C MET B 210 -1.45 -14.85 -18.62
N ARG B 211 -1.23 -15.27 -17.37
CA ARG B 211 -2.12 -14.88 -16.28
C ARG B 211 -2.14 -13.37 -16.10
N CYS B 212 -0.98 -12.72 -16.27
CA CYS B 212 -0.91 -11.27 -16.14
C CYS B 212 -1.69 -10.58 -17.26
N SER B 213 -1.54 -11.07 -18.49
CA SER B 213 -2.17 -10.40 -19.64
C SER B 213 -3.69 -10.44 -19.57
N LEU B 214 -4.25 -11.43 -18.87
CA LEU B 214 -5.70 -11.52 -18.76
C LEU B 214 -6.28 -10.35 -17.97
N THR B 215 -5.54 -9.84 -16.97
CA THR B 215 -6.00 -8.66 -16.24
C THR B 215 -6.04 -7.41 -17.11
N ASP B 216 -5.43 -7.46 -18.29
CA ASP B 216 -5.46 -6.34 -19.23
C ASP B 216 -6.71 -6.40 -20.11
N GLY B 217 -6.81 -7.44 -20.94
CA GLY B 217 -7.86 -7.47 -21.94
C GLY B 217 -9.26 -7.57 -21.35
N TRP B 218 -9.43 -8.39 -20.31
CA TRP B 218 -10.75 -8.63 -19.74
C TRP B 218 -11.03 -7.82 -18.48
N MET B 219 -10.11 -6.95 -18.07
CA MET B 219 -10.32 -6.17 -16.87
C MET B 219 -9.89 -4.72 -17.06
N GLY B 220 -8.58 -4.47 -17.09
CA GLY B 220 -8.06 -3.13 -17.27
C GLY B 220 -8.56 -2.45 -18.54
N SER B 221 -8.25 -3.05 -19.69
CA SER B 221 -8.72 -2.49 -20.95
C SER B 221 -10.23 -2.59 -21.08
N PHE B 222 -10.83 -3.65 -20.53
CA PHE B 222 -12.27 -3.85 -20.68
C PHE B 222 -13.04 -2.81 -19.88
N MET B 223 -12.74 -2.68 -18.58
CA MET B 223 -13.38 -1.65 -17.75
C MET B 223 -13.09 -0.26 -18.29
N GLY B 224 -11.85 -0.01 -18.72
CA GLY B 224 -11.52 1.27 -19.30
C GLY B 224 -12.44 1.64 -20.45
N THR B 225 -12.73 0.68 -21.33
CA THR B 225 -13.61 0.95 -22.46
C THR B 225 -15.05 1.09 -22.02
N GLU B 226 -15.54 0.16 -21.19
CA GLU B 226 -16.92 0.23 -20.72
C GLU B 226 -17.20 1.53 -19.98
N PHE B 227 -16.26 1.94 -19.11
CA PHE B 227 -16.48 3.17 -18.36
C PHE B 227 -16.29 4.40 -19.24
N SER B 228 -15.40 4.33 -20.23
CA SER B 228 -15.26 5.44 -21.18
C SER B 228 -16.52 5.61 -22.01
N ASP B 229 -17.24 4.52 -22.32
CA ASP B 229 -18.50 4.64 -23.03
C ASP B 229 -19.58 5.23 -22.13
N ILE B 230 -19.57 4.87 -20.84
CA ILE B 230 -20.60 5.34 -19.92
C ILE B 230 -20.52 6.84 -19.76
N MET B 231 -19.31 7.38 -19.65
CA MET B 231 -19.11 8.79 -19.37
C MET B 231 -19.11 9.67 -20.61
N PHE B 232 -18.61 9.16 -21.73
CA PHE B 232 -18.44 9.96 -22.94
C PHE B 232 -19.37 9.56 -24.07
N GLY B 233 -20.03 8.42 -23.97
CA GLY B 233 -20.97 7.99 -25.00
C GLY B 233 -20.44 6.76 -25.73
N THR B 234 -21.33 5.80 -25.96
CA THR B 234 -20.97 4.62 -26.71
C THR B 234 -20.80 4.98 -28.18
N PRO B 235 -19.68 4.62 -28.81
CA PRO B 235 -19.45 5.03 -30.20
C PRO B 235 -20.50 4.46 -31.15
N HIS B 236 -20.84 5.25 -32.16
CA HIS B 236 -21.68 4.81 -33.26
C HIS B 236 -21.03 5.28 -34.55
N SER B 237 -21.49 4.70 -35.67
CA SER B 237 -20.88 4.98 -36.97
C SER B 237 -20.86 6.48 -37.25
N ILE B 238 -19.69 6.98 -37.64
CA ILE B 238 -19.47 8.41 -37.77
C ILE B 238 -18.41 8.65 -38.85
N ASP B 239 -18.52 9.80 -39.51
CA ASP B 239 -17.62 10.15 -40.61
C ASP B 239 -16.51 11.07 -40.11
N THR B 240 -15.32 10.91 -40.69
CA THR B 240 -14.18 11.76 -40.35
C THR B 240 -13.22 11.80 -41.53
N GLU B 241 -12.23 12.68 -41.42
CA GLU B 241 -11.12 12.73 -42.37
C GLU B 241 -9.83 12.36 -41.65
N ALA B 242 -8.93 11.71 -42.38
CA ALA B 242 -7.69 11.21 -41.82
C ALA B 242 -6.50 11.72 -42.63
N ASN B 243 -5.32 11.66 -41.99
CA ASN B 243 -4.01 12.04 -42.51
C ASN B 243 -3.68 13.50 -42.24
N LEU B 244 -2.46 13.90 -42.62
CA LEU B 244 -1.93 15.19 -42.21
C LEU B 244 -2.55 16.37 -42.95
N GLY B 245 -3.33 16.12 -44.01
CA GLY B 245 -4.01 17.19 -44.69
C GLY B 245 -5.19 17.76 -43.94
N VAL B 246 -5.51 17.20 -42.77
CA VAL B 246 -6.60 17.76 -41.96
C VAL B 246 -6.18 19.07 -41.30
N LEU B 247 -4.88 19.34 -41.21
CA LEU B 247 -4.41 20.60 -40.65
C LEU B 247 -4.75 21.76 -41.58
N GLU B 248 -5.38 22.80 -41.03
CA GLU B 248 -5.75 23.97 -41.79
C GLU B 248 -4.73 25.08 -41.55
N LYS B 249 -4.33 25.76 -42.64
CA LYS B 249 -3.31 26.80 -42.52
C LYS B 249 -3.86 28.05 -41.83
N ASN B 250 -5.12 28.39 -42.08
CA ASN B 250 -5.72 29.61 -41.53
C ASN B 250 -6.59 29.35 -40.32
N SER B 251 -6.41 28.22 -39.65
CA SER B 251 -7.10 27.90 -38.41
C SER B 251 -6.07 27.60 -37.32
N VAL B 252 -6.52 27.65 -36.07
CA VAL B 252 -5.66 27.28 -34.95
C VAL B 252 -5.60 25.76 -34.89
N ASN B 253 -4.42 25.20 -35.15
CA ASN B 253 -4.23 23.75 -35.15
C ASN B 253 -3.79 23.31 -33.77
N VAL B 254 -4.68 22.64 -33.05
CA VAL B 254 -4.38 22.03 -31.77
C VAL B 254 -4.44 20.52 -31.97
N VAL B 255 -3.33 19.84 -31.69
CA VAL B 255 -3.23 18.41 -31.92
C VAL B 255 -3.21 17.71 -30.55
N LEU B 256 -4.13 16.76 -30.37
CA LEU B 256 -4.21 15.97 -29.15
C LEU B 256 -3.50 14.64 -29.38
N HIS B 257 -2.38 14.47 -28.68
CA HIS B 257 -1.57 13.26 -28.77
C HIS B 257 -1.57 12.57 -27.42
N GLY B 258 -1.53 11.24 -27.45
CA GLY B 258 -1.50 10.45 -26.24
C GLY B 258 -2.62 9.42 -26.19
N HIS B 259 -3.15 9.20 -24.98
CA HIS B 259 -4.02 8.06 -24.76
C HIS B 259 -5.22 8.34 -23.86
N GLU B 260 -4.99 8.88 -22.66
CA GLU B 260 -6.05 9.04 -21.69
C GLU B 260 -7.12 10.00 -22.22
N PRO B 261 -8.38 9.57 -22.32
CA PRO B 261 -9.37 10.35 -23.08
C PRO B 261 -10.04 11.49 -22.33
N LEU B 262 -9.92 11.53 -20.99
CA LEU B 262 -10.59 12.59 -20.24
C LEU B 262 -10.11 13.98 -20.69
N LEU B 263 -8.80 14.13 -20.90
CA LEU B 263 -8.28 15.44 -21.31
C LEU B 263 -8.78 15.84 -22.68
N SER B 264 -8.67 14.93 -23.67
CA SER B 264 -9.12 15.26 -25.01
C SER B 264 -10.63 15.47 -25.05
N GLU B 265 -11.39 14.69 -24.27
CA GLU B 265 -12.82 14.91 -24.18
C GLU B 265 -13.15 16.31 -23.69
N MET B 266 -12.36 16.81 -22.74
CA MET B 266 -12.59 18.15 -22.20
C MET B 266 -12.10 19.23 -23.16
N VAL B 267 -11.07 18.94 -23.96
CA VAL B 267 -10.61 19.89 -24.94
C VAL B 267 -11.63 20.06 -26.05
N VAL B 268 -12.28 18.97 -26.46
CA VAL B 268 -13.36 19.06 -27.45
C VAL B 268 -14.45 20.01 -26.94
N GLU B 269 -14.92 19.79 -25.71
CA GLU B 269 -15.95 20.66 -25.15
C GLU B 269 -15.41 22.07 -24.92
N ALA B 270 -14.11 22.21 -24.68
CA ALA B 270 -13.54 23.54 -24.49
C ALA B 270 -13.42 24.29 -25.82
N ALA B 271 -13.27 23.58 -26.92
CA ALA B 271 -13.18 24.21 -28.23
C ALA B 271 -14.50 24.77 -28.72
N SER B 272 -15.56 24.76 -27.90
CA SER B 272 -16.83 25.36 -28.23
C SER B 272 -17.21 26.50 -27.30
N ASP B 273 -16.39 26.81 -26.31
CA ASP B 273 -16.64 27.93 -25.43
C ASP B 273 -16.63 29.21 -26.26
N PRO B 274 -17.72 30.00 -26.26
CA PRO B 274 -17.74 31.22 -27.09
C PRO B 274 -16.56 32.15 -26.86
N GLU B 275 -16.05 32.26 -25.63
CA GLU B 275 -14.86 33.06 -25.39
C GLU B 275 -13.67 32.51 -26.16
N LEU B 276 -13.48 31.19 -26.12
CA LEU B 276 -12.34 30.61 -26.84
C LEU B 276 -12.58 30.60 -28.34
N VAL B 277 -13.83 30.52 -28.77
CA VAL B 277 -14.13 30.64 -30.20
C VAL B 277 -13.87 32.06 -30.69
N GLU B 278 -14.34 33.05 -29.92
CA GLU B 278 -14.08 34.45 -30.27
C GLU B 278 -12.60 34.78 -30.19
N LEU B 279 -11.87 34.12 -29.28
CA LEU B 279 -10.44 34.42 -29.13
C LEU B 279 -9.66 34.00 -30.36
N ALA B 280 -9.91 32.79 -30.88
CA ALA B 280 -9.25 32.36 -32.10
C ALA B 280 -9.54 33.31 -33.26
N LYS B 281 -10.74 33.89 -33.29
CA LYS B 281 -11.04 34.89 -34.31
C LYS B 281 -10.29 36.18 -34.05
N SER B 282 -10.02 36.51 -32.79
CA SER B 282 -9.35 37.77 -32.49
C SER B 282 -7.87 37.74 -32.83
N VAL B 283 -7.25 36.55 -32.83
CA VAL B 283 -5.84 36.42 -33.20
C VAL B 283 -5.65 36.23 -34.71
N GLY B 284 -6.73 36.21 -35.48
CA GLY B 284 -6.62 36.23 -36.93
C GLY B 284 -6.89 34.93 -37.64
N ALA B 285 -7.39 33.91 -36.94
CA ALA B 285 -7.65 32.62 -37.54
C ALA B 285 -9.13 32.47 -37.88
N ASP B 286 -9.44 31.39 -38.60
CA ASP B 286 -10.83 31.10 -38.96
C ASP B 286 -11.56 30.39 -37.83
N GLY B 287 -10.85 29.60 -37.03
CA GLY B 287 -11.48 28.87 -35.95
C GLY B 287 -10.48 27.93 -35.31
N ILE B 288 -11.01 27.05 -34.48
CA ILE B 288 -10.20 26.05 -33.78
C ILE B 288 -10.33 24.73 -34.51
N ASN B 289 -9.21 24.23 -35.03
CA ASN B 289 -9.16 22.97 -35.78
C ASN B 289 -8.53 21.91 -34.88
N LEU B 290 -9.37 21.11 -34.24
CA LEU B 290 -8.88 20.04 -33.40
C LEU B 290 -8.46 18.85 -34.26
N CYS B 291 -7.26 18.33 -33.99
CA CYS B 291 -6.74 17.17 -34.68
C CYS B 291 -6.23 16.19 -33.65
N GLY B 292 -6.48 14.91 -33.89
CA GLY B 292 -6.03 13.88 -32.98
C GLY B 292 -4.95 13.01 -33.57
N MET B 293 -4.12 12.42 -32.72
CA MET B 293 -3.15 11.43 -33.16
C MET B 293 -3.18 10.24 -32.21
N CYS B 294 -2.80 9.08 -32.72
CA CYS B 294 -2.73 7.87 -31.94
C CYS B 294 -4.05 7.63 -31.19
N CYS B 295 -3.98 7.12 -29.97
CA CYS B 295 -5.18 6.57 -29.35
C CYS B 295 -6.13 7.65 -28.84
N THR B 296 -5.61 8.69 -28.19
CA THR B 296 -6.48 9.81 -27.81
C THR B 296 -7.11 10.44 -29.05
N GLY B 297 -6.44 10.34 -30.20
CA GLY B 297 -7.06 10.76 -31.44
C GLY B 297 -8.13 9.80 -31.90
N ASN B 298 -7.89 8.50 -31.71
CA ASN B 298 -8.94 7.52 -31.99
C ASN B 298 -10.13 7.70 -31.07
N GLU B 299 -9.88 7.96 -29.79
CA GLU B 299 -10.96 8.01 -28.81
C GLU B 299 -11.94 9.14 -29.11
N VAL B 300 -11.44 10.32 -29.51
CA VAL B 300 -12.33 11.43 -29.83
C VAL B 300 -12.92 11.32 -31.23
N SER B 301 -12.25 10.60 -32.13
CA SER B 301 -12.81 10.44 -33.47
C SER B 301 -13.97 9.45 -33.47
N MET B 302 -13.87 8.39 -32.67
CA MET B 302 -14.96 7.42 -32.57
C MET B 302 -16.22 8.07 -32.00
N ARG B 303 -16.06 8.95 -31.02
CA ARG B 303 -17.21 9.55 -30.35
C ARG B 303 -17.65 10.86 -30.97
N HIS B 304 -16.72 11.66 -31.48
CA HIS B 304 -17.06 12.99 -31.99
C HIS B 304 -16.59 13.24 -33.41
N GLY B 305 -15.95 12.26 -34.06
CA GLY B 305 -15.50 12.46 -35.42
C GLY B 305 -14.42 13.50 -35.59
N ILE B 306 -13.65 13.78 -34.53
CA ILE B 306 -12.52 14.68 -34.66
C ILE B 306 -11.53 14.09 -35.66
N LYS B 307 -10.95 14.95 -36.50
CA LYS B 307 -10.08 14.48 -37.57
C LYS B 307 -8.80 13.86 -37.00
N ILE B 308 -8.35 12.79 -37.63
CA ILE B 308 -7.19 12.04 -37.19
C ILE B 308 -5.98 12.55 -37.97
N ALA B 309 -5.08 13.25 -37.28
CA ALA B 309 -3.92 13.83 -37.96
C ALA B 309 -2.96 12.76 -38.44
N GLY B 310 -2.79 11.68 -37.68
CA GLY B 310 -1.90 10.62 -38.07
C GLY B 310 -1.60 9.68 -36.92
N ASN B 311 -0.75 8.68 -37.23
CA ASN B 311 -0.42 7.61 -36.30
C ASN B 311 1.01 7.77 -35.78
N PHE B 312 1.51 6.71 -35.12
CA PHE B 312 2.68 6.81 -34.24
C PHE B 312 3.86 7.50 -34.91
N MET B 313 4.39 6.89 -35.97
CA MET B 313 5.62 7.46 -36.53
C MET B 313 5.38 8.73 -37.34
N GLN B 314 4.21 9.35 -37.26
CA GLN B 314 3.96 10.64 -37.90
C GLN B 314 4.00 11.81 -36.93
N GLN B 315 4.02 11.56 -35.62
CA GLN B 315 3.90 12.63 -34.65
C GLN B 315 4.99 13.68 -34.83
N GLU B 316 6.20 13.24 -35.20
CA GLU B 316 7.26 14.20 -35.46
C GLU B 316 6.97 15.05 -36.70
N LEU B 317 6.36 14.44 -37.71
CA LEU B 317 6.13 15.12 -38.98
C LEU B 317 4.99 16.14 -38.90
N ALA B 318 4.07 15.99 -37.95
CA ALA B 318 3.05 17.02 -37.76
C ALA B 318 3.67 18.33 -37.32
N VAL B 319 4.67 18.26 -36.44
CA VAL B 319 5.36 19.46 -36.00
C VAL B 319 6.13 20.10 -37.15
N VAL B 320 6.61 19.27 -38.10
CA VAL B 320 7.44 19.76 -39.19
C VAL B 320 6.63 20.60 -40.19
N THR B 321 5.32 20.40 -40.25
CA THR B 321 4.48 21.25 -41.11
C THR B 321 4.60 22.72 -40.74
N GLY B 322 5.05 23.03 -39.53
CA GLY B 322 5.07 24.40 -39.06
C GLY B 322 3.70 24.98 -38.79
N ALA B 323 2.67 24.14 -38.72
CA ALA B 323 1.30 24.59 -38.57
C ALA B 323 0.68 24.19 -37.24
N VAL B 324 1.40 23.41 -36.42
CA VAL B 324 0.87 22.96 -35.14
C VAL B 324 1.12 24.05 -34.10
N ASP B 325 0.04 24.71 -33.66
CA ASP B 325 0.17 25.73 -32.63
C ASP B 325 0.23 25.14 -31.23
N GLY B 326 -0.39 23.97 -31.04
CA GLY B 326 -0.35 23.30 -29.76
C GLY B 326 -0.29 21.80 -29.90
N LEU B 327 0.64 21.17 -29.19
CA LEU B 327 0.76 19.71 -29.13
C LEU B 327 0.51 19.30 -27.68
N ILE B 328 -0.72 18.93 -27.38
CA ILE B 328 -1.15 18.63 -26.02
C ILE B 328 -1.11 17.11 -25.84
N VAL B 329 -0.24 16.65 -24.96
CA VAL B 329 0.02 15.22 -24.77
C VAL B 329 -0.27 14.84 -23.33
N ASP B 330 -0.60 13.56 -23.14
CA ASP B 330 -0.81 13.02 -21.80
C ASP B 330 0.22 11.95 -21.47
N VAL B 331 -0.08 10.68 -21.76
CA VAL B 331 0.81 9.57 -21.44
C VAL B 331 0.86 8.57 -22.59
N GLN B 332 1.88 7.71 -22.53
CA GLN B 332 2.08 6.58 -23.45
C GLN B 332 2.33 7.00 -24.90
N CYS B 333 3.54 6.71 -25.39
CA CYS B 333 3.89 6.75 -26.80
C CYS B 333 4.06 8.17 -27.33
N ILE B 334 4.48 9.06 -26.44
CA ILE B 334 4.86 10.42 -26.81
C ILE B 334 6.38 10.42 -26.90
N MET B 335 6.91 10.37 -28.13
CA MET B 335 8.35 10.34 -28.35
C MET B 335 9.01 11.54 -27.65
N PRO B 336 9.89 11.32 -26.68
CA PRO B 336 10.56 12.44 -26.01
C PRO B 336 11.33 13.35 -26.96
N ALA B 337 11.56 12.92 -28.20
CA ALA B 337 12.25 13.78 -29.16
C ALA B 337 11.44 15.03 -29.47
N LEU B 338 10.12 14.98 -29.28
CA LEU B 338 9.26 16.12 -29.61
C LEU B 338 9.71 17.38 -28.88
N ALA B 339 10.23 17.25 -27.65
CA ALA B 339 10.67 18.42 -26.91
C ALA B 339 11.84 19.11 -27.62
N LYS B 340 12.79 18.32 -28.14
CA LYS B 340 13.90 18.92 -28.87
C LYS B 340 13.45 19.42 -30.24
N LEU B 341 12.59 18.65 -30.91
CA LEU B 341 12.16 19.02 -32.26
C LEU B 341 11.38 20.33 -32.26
N SER B 342 10.43 20.46 -31.33
CA SER B 342 9.61 21.67 -31.29
C SER B 342 10.40 22.91 -30.89
N LYS B 343 11.64 22.77 -30.45
CA LYS B 343 12.50 23.93 -30.27
C LYS B 343 12.82 24.61 -31.60
N SER B 344 12.61 23.90 -32.71
CA SER B 344 12.86 24.42 -34.05
C SER B 344 11.60 24.96 -34.71
N TYR B 345 10.52 25.13 -33.95
CA TYR B 345 9.26 25.63 -34.49
C TYR B 345 8.53 26.40 -33.40
N HIS B 346 7.56 27.21 -33.82
CA HIS B 346 6.78 27.98 -32.85
C HIS B 346 5.87 27.11 -31.99
N THR B 347 5.83 25.81 -32.25
CA THR B 347 4.90 24.92 -31.56
C THR B 347 5.16 24.92 -30.06
N LYS B 348 4.08 25.03 -29.28
CA LYS B 348 4.15 24.87 -27.83
C LYS B 348 3.83 23.40 -27.52
N PHE B 349 4.85 22.67 -27.09
CA PHE B 349 4.72 21.26 -26.76
C PHE B 349 4.39 21.14 -25.27
N ILE B 350 3.13 20.80 -24.97
CA ILE B 350 2.61 20.89 -23.61
C ILE B 350 2.36 19.48 -23.07
N THR B 351 3.04 19.13 -21.98
CA THR B 351 2.75 17.94 -21.22
C THR B 351 1.71 18.26 -20.15
N THR B 352 0.85 17.30 -19.85
CA THR B 352 -0.26 17.52 -18.94
C THR B 352 -0.37 16.52 -17.80
N SER B 353 0.20 15.32 -17.92
CA SER B 353 0.01 14.31 -16.90
C SER B 353 1.26 14.13 -16.06
N PRO B 354 1.15 14.15 -14.73
CA PRO B 354 2.33 13.88 -13.88
C PRO B 354 2.88 12.48 -14.06
N LYS B 355 2.17 11.60 -14.76
CA LYS B 355 2.71 10.29 -15.08
C LYS B 355 3.78 10.35 -16.17
N ALA B 356 3.82 11.43 -16.96
CA ALA B 356 4.72 11.54 -18.11
C ALA B 356 5.25 12.97 -18.23
N HIS B 357 6.02 13.39 -17.24
CA HIS B 357 6.81 14.60 -17.38
C HIS B 357 7.88 14.39 -18.46
N ILE B 358 8.12 15.42 -19.25
CA ILE B 358 9.18 15.42 -20.25
C ILE B 358 10.02 16.68 -20.05
N THR B 359 11.33 16.52 -19.99
CA THR B 359 12.20 17.67 -19.77
C THR B 359 12.12 18.62 -20.96
N ASP B 360 12.20 19.91 -20.67
CA ASP B 360 12.19 21.00 -21.66
C ASP B 360 10.85 21.10 -22.39
N SER B 361 9.79 20.55 -21.84
CA SER B 361 8.45 20.78 -22.34
C SER B 361 7.76 21.80 -21.42
N ILE B 362 6.55 22.18 -21.80
CA ILE B 362 5.73 23.09 -21.01
C ILE B 362 4.74 22.24 -20.22
N TYR B 363 4.89 22.21 -18.90
CA TYR B 363 4.01 21.40 -18.05
C TYR B 363 2.80 22.24 -17.68
N MET B 364 1.61 21.73 -18.02
CA MET B 364 0.34 22.33 -17.63
C MET B 364 -0.51 21.19 -17.07
N GLU B 365 -0.42 20.97 -15.77
CA GLU B 365 -1.07 19.84 -15.13
C GLU B 365 -2.58 19.91 -15.35
N PHE B 366 -3.13 18.86 -15.94
CA PHE B 366 -4.58 18.74 -16.12
C PHE B 366 -5.23 18.48 -14.78
N ASP B 367 -5.94 19.48 -14.27
CA ASP B 367 -6.61 19.40 -12.98
C ASP B 367 -7.85 18.54 -13.13
N GLU B 368 -7.76 17.29 -12.68
CA GLU B 368 -8.92 16.39 -12.78
C GLU B 368 -10.03 16.75 -11.80
N GLU B 369 -9.80 17.70 -10.90
CA GLU B 369 -10.85 18.18 -10.02
C GLU B 369 -11.59 19.38 -10.59
N ASN B 370 -11.01 20.05 -11.59
CA ASN B 370 -11.71 21.05 -12.40
C ASN B 370 -11.34 20.78 -13.86
N PRO B 371 -11.86 19.69 -14.44
CA PRO B 371 -11.35 19.26 -15.75
C PRO B 371 -11.64 20.24 -16.87
N LEU B 372 -12.87 20.76 -16.96
CA LEU B 372 -13.21 21.66 -18.06
C LEU B 372 -12.45 22.97 -17.95
N ASP B 373 -12.45 23.59 -16.76
CA ASP B 373 -11.66 24.80 -16.54
C ASP B 373 -10.21 24.57 -16.92
N SER B 374 -9.67 23.39 -16.61
CA SER B 374 -8.26 23.11 -16.85
C SER B 374 -7.98 22.94 -18.34
N ALA B 375 -8.87 22.25 -19.06
CA ALA B 375 -8.68 22.11 -20.49
C ALA B 375 -8.76 23.46 -21.18
N LYS B 376 -9.67 24.33 -20.74
CA LYS B 376 -9.76 25.67 -21.30
C LYS B 376 -8.45 26.43 -21.12
N LYS B 377 -7.86 26.34 -19.92
CA LYS B 377 -6.61 27.04 -19.65
C LYS B 377 -5.50 26.55 -20.56
N ILE B 378 -5.48 25.24 -20.87
CA ILE B 378 -4.46 24.70 -21.76
C ILE B 378 -4.76 25.09 -23.21
N LEU B 379 -6.03 25.05 -23.60
CA LEU B 379 -6.39 25.39 -24.98
C LEU B 379 -6.14 26.86 -25.27
N LYS B 380 -6.45 27.75 -24.32
CA LYS B 380 -6.20 29.18 -24.53
C LYS B 380 -4.73 29.43 -24.81
N GLU B 381 -3.83 28.73 -24.12
CA GLU B 381 -2.41 28.89 -24.41
C GLU B 381 -2.08 28.46 -25.84
N ALA B 382 -2.77 27.43 -26.34
CA ALA B 382 -2.55 26.99 -27.71
C ALA B 382 -3.08 28.01 -28.70
N ILE B 383 -4.25 28.58 -28.43
CA ILE B 383 -4.85 29.55 -29.36
C ILE B 383 -4.01 30.83 -29.42
N LEU B 384 -3.51 31.27 -28.28
CA LEU B 384 -2.67 32.47 -28.26
C LEU B 384 -1.38 32.26 -29.04
N ASN B 385 -0.84 31.04 -29.01
CA ASN B 385 0.40 30.74 -29.72
C ASN B 385 0.26 30.89 -31.23
N PHE B 386 -0.97 31.01 -31.73
CA PHE B 386 -1.19 31.19 -33.17
C PHE B 386 -0.56 32.48 -33.67
N LYS B 387 -0.47 33.51 -32.81
CA LYS B 387 0.14 34.77 -33.21
C LYS B 387 1.60 34.60 -33.61
N ASN B 388 2.27 33.57 -33.11
CA ASN B 388 3.69 33.34 -33.40
C ASN B 388 3.91 32.44 -34.61
N ARG B 389 2.87 32.08 -35.34
CA ARG B 389 3.08 31.27 -36.53
C ARG B 389 3.74 32.10 -37.63
N ASP B 390 4.57 31.42 -38.42
CA ASP B 390 5.22 32.02 -39.60
C ASP B 390 4.61 31.32 -40.81
N GLN B 391 3.63 31.98 -41.45
CA GLN B 391 2.88 31.33 -42.52
C GLN B 391 3.72 31.08 -43.76
N SER B 392 4.89 31.72 -43.88
CA SER B 392 5.72 31.49 -45.05
C SER B 392 6.45 30.16 -44.98
N LYS B 393 6.74 29.68 -43.77
CA LYS B 393 7.42 28.40 -43.58
C LYS B 393 6.45 27.24 -43.44
N VAL B 394 5.15 27.48 -43.58
CA VAL B 394 4.14 26.44 -43.36
C VAL B 394 4.05 25.56 -44.60
N MET B 395 3.93 24.25 -44.39
CA MET B 395 3.79 23.29 -45.48
C MET B 395 2.85 22.18 -45.01
N ILE B 396 1.59 22.26 -45.43
CA ILE B 396 0.57 21.27 -45.11
C ILE B 396 0.25 20.51 -46.39
N PRO B 397 0.64 19.24 -46.51
CA PRO B 397 0.37 18.49 -47.75
C PRO B 397 -1.11 18.35 -48.03
N GLU B 398 -1.48 18.52 -49.30
CA GLU B 398 -2.89 18.48 -49.71
C GLU B 398 -3.38 17.04 -49.82
N LEU B 399 -3.24 16.26 -48.75
CA LEU B 399 -3.56 14.84 -48.77
C LEU B 399 -4.36 14.47 -47.53
N LYS B 400 -5.62 14.09 -47.73
CA LYS B 400 -6.45 13.57 -46.66
C LYS B 400 -7.51 12.67 -47.26
N CYS B 401 -7.86 11.63 -46.50
CA CYS B 401 -8.84 10.63 -46.97
C CYS B 401 -10.01 10.54 -46.00
N LYS B 402 -11.20 10.33 -46.54
CA LYS B 402 -12.39 10.13 -45.71
C LYS B 402 -12.36 8.75 -45.07
N ALA B 403 -12.90 8.68 -43.86
CA ALA B 403 -12.91 7.43 -43.11
C ALA B 403 -14.19 7.34 -42.29
N ILE B 404 -14.75 6.14 -42.22
CA ILE B 404 -15.86 5.83 -41.34
C ILE B 404 -15.32 5.01 -40.17
N LEU B 405 -15.72 5.37 -38.96
CA LEU B 405 -15.37 4.59 -37.78
C LEU B 405 -16.53 4.67 -36.80
N GLY B 406 -16.25 4.40 -35.53
CA GLY B 406 -17.31 4.36 -34.54
C GLY B 406 -18.00 3.02 -34.44
N TYR B 407 -17.34 1.94 -34.85
CA TYR B 407 -17.95 0.62 -34.88
C TYR B 407 -17.69 -0.10 -33.57
N SER B 408 -18.50 0.27 -32.57
CA SER B 408 -18.51 -0.47 -31.32
C SER B 408 -19.32 -1.75 -31.48
N VAL B 409 -19.24 -2.61 -30.47
CA VAL B 409 -20.02 -3.86 -30.50
C VAL B 409 -21.49 -3.54 -30.62
N GLU B 410 -21.97 -2.56 -29.86
CA GLU B 410 -23.39 -2.18 -29.92
C GLU B 410 -23.77 -1.73 -31.32
N GLU B 411 -22.90 -0.95 -31.97
CA GLU B 411 -23.21 -0.43 -33.30
C GLU B 411 -23.12 -1.49 -34.38
N ILE B 412 -22.20 -2.44 -34.26
CA ILE B 412 -22.16 -3.56 -35.20
C ILE B 412 -23.41 -4.41 -35.06
N ILE B 413 -23.82 -4.68 -33.82
CA ILE B 413 -25.07 -5.39 -33.59
C ILE B 413 -26.25 -4.60 -34.14
N ASN B 414 -26.26 -3.28 -33.90
CA ASN B 414 -27.33 -2.45 -34.45
C ASN B 414 -27.35 -2.52 -35.97
N LYS B 415 -26.17 -2.50 -36.60
CA LYS B 415 -26.11 -2.60 -38.06
C LYS B 415 -26.57 -3.98 -38.54
N LEU B 416 -26.25 -5.03 -37.78
CA LEU B 416 -26.63 -6.38 -38.18
C LEU B 416 -28.13 -6.62 -38.10
N ASP B 417 -28.86 -5.86 -37.27
CA ASP B 417 -30.30 -6.02 -37.18
C ASP B 417 -30.99 -5.80 -38.52
N LYS B 418 -30.35 -5.07 -39.44
CA LYS B 418 -30.96 -4.76 -40.72
C LYS B 418 -31.20 -6.01 -41.56
N VAL B 419 -30.37 -7.03 -41.42
CA VAL B 419 -30.48 -8.24 -42.22
C VAL B 419 -31.22 -9.35 -41.47
N VAL B 420 -31.92 -9.00 -40.38
CA VAL B 420 -32.69 -9.97 -39.61
C VAL B 420 -34.15 -9.88 -40.01
N ASN B 421 -34.74 -11.02 -40.36
CA ASN B 421 -36.15 -11.03 -40.74
C ASN B 421 -37.01 -10.84 -39.51
N THR B 422 -37.94 -9.87 -39.60
CA THR B 422 -38.74 -9.47 -38.44
C THR B 422 -39.43 -10.65 -37.78
N GLN B 423 -39.87 -11.64 -38.56
CA GLN B 423 -40.62 -12.76 -38.04
C GLN B 423 -39.78 -13.99 -37.76
N ILE B 424 -38.48 -13.95 -38.07
CA ILE B 424 -37.64 -15.14 -37.91
C ILE B 424 -36.71 -14.97 -36.72
N GLY B 425 -35.52 -14.43 -36.97
CA GLY B 425 -34.46 -14.46 -36.00
C GLY B 425 -34.69 -13.49 -34.86
N PRO B 426 -33.74 -13.44 -33.94
CA PRO B 426 -33.79 -12.47 -32.85
C PRO B 426 -33.03 -11.20 -33.18
N MET B 427 -33.52 -10.10 -32.61
CA MET B 427 -32.85 -8.82 -32.77
C MET B 427 -31.86 -8.59 -31.64
N GLN B 428 -30.93 -7.65 -31.89
CA GLN B 428 -29.93 -7.22 -30.91
C GLN B 428 -28.95 -8.32 -30.53
N THR B 429 -28.75 -9.31 -31.40
CA THR B 429 -27.77 -10.38 -31.20
C THR B 429 -26.68 -10.29 -32.27
N VAL B 430 -25.64 -11.10 -32.09
CA VAL B 430 -24.57 -11.18 -33.09
C VAL B 430 -24.82 -12.36 -34.01
N LYS B 431 -26.03 -12.89 -33.99
CA LYS B 431 -26.36 -14.04 -34.83
C LYS B 431 -26.09 -13.80 -36.31
N PRO B 432 -26.48 -12.66 -36.92
CA PRO B 432 -26.16 -12.46 -38.35
C PRO B 432 -24.70 -12.69 -38.69
N LEU B 433 -23.78 -12.22 -37.84
CA LEU B 433 -22.35 -12.43 -38.10
C LEU B 433 -21.98 -13.89 -37.90
N ALA B 434 -22.53 -14.55 -36.88
CA ALA B 434 -22.25 -15.97 -36.68
C ALA B 434 -22.72 -16.79 -37.87
N ASP B 435 -23.85 -16.40 -38.47
CA ASP B 435 -24.43 -17.18 -39.56
C ASP B 435 -23.55 -17.10 -40.82
N VAL B 436 -23.13 -15.90 -41.20
CA VAL B 436 -22.26 -15.78 -42.38
C VAL B 436 -20.92 -16.46 -42.16
N LEU B 437 -20.49 -16.62 -40.90
CA LEU B 437 -19.28 -17.38 -40.62
C LEU B 437 -19.53 -18.87 -40.70
N VAL B 438 -20.60 -19.34 -40.06
CA VAL B 438 -20.93 -20.76 -40.10
C VAL B 438 -21.20 -21.21 -41.53
N SER B 439 -21.96 -20.41 -42.28
CA SER B 439 -22.33 -20.78 -43.65
C SER B 439 -21.10 -20.83 -44.55
N GLY B 440 -20.10 -20.00 -44.29
CA GLY B 440 -18.90 -19.96 -45.11
C GLY B 440 -18.82 -18.81 -46.07
N VAL B 441 -19.85 -17.97 -46.16
CA VAL B 441 -19.76 -16.77 -47.00
C VAL B 441 -18.58 -15.91 -46.57
N LEU B 442 -18.46 -15.66 -45.27
CA LEU B 442 -17.24 -15.10 -44.70
C LEU B 442 -16.34 -16.24 -44.24
N ARG B 443 -15.10 -16.26 -44.75
CA ARG B 443 -14.18 -17.31 -44.35
C ARG B 443 -13.74 -17.14 -42.90
N GLY B 444 -13.69 -15.92 -42.40
CA GLY B 444 -13.35 -15.69 -41.01
C GLY B 444 -13.34 -14.22 -40.67
N ALA B 445 -12.88 -13.92 -39.46
CA ALA B 445 -12.73 -12.55 -38.98
C ALA B 445 -11.34 -12.39 -38.39
N ALA B 446 -10.66 -11.31 -38.77
CA ALA B 446 -9.30 -11.07 -38.33
C ALA B 446 -9.16 -9.66 -37.76
N ALA B 447 -8.58 -9.55 -36.57
CA ALA B 447 -8.24 -8.26 -36.00
C ALA B 447 -6.82 -7.89 -36.40
N VAL B 448 -6.66 -6.69 -36.96
CA VAL B 448 -5.36 -6.16 -37.32
C VAL B 448 -5.10 -4.94 -36.44
N VAL B 449 -4.22 -5.12 -35.47
CA VAL B 449 -3.90 -4.10 -34.48
C VAL B 449 -2.39 -3.85 -34.55
N GLY B 450 -1.93 -2.84 -33.82
CA GLY B 450 -0.50 -2.69 -33.60
C GLY B 450 -0.01 -1.29 -33.91
N CYS B 451 1.31 -1.15 -33.82
CA CYS B 451 2.02 0.12 -33.81
C CYS B 451 2.56 0.45 -35.20
N ASN B 452 3.57 1.31 -35.26
CA ASN B 452 4.53 1.40 -36.34
C ASN B 452 5.89 1.05 -35.76
N ASN B 453 6.80 0.60 -36.63
CA ASN B 453 8.12 0.22 -36.16
C ASN B 453 9.09 0.49 -37.29
N PRO B 454 10.19 1.22 -37.03
CA PRO B 454 11.16 1.50 -38.09
C PRO B 454 11.73 0.26 -38.75
N LYS B 455 11.65 -0.90 -38.11
CA LYS B 455 12.09 -2.14 -38.76
C LYS B 455 11.20 -2.51 -39.93
N VAL B 456 10.03 -1.90 -40.06
CA VAL B 456 9.10 -2.16 -41.14
C VAL B 456 8.76 -0.84 -41.82
N VAL B 457 8.69 -0.86 -43.15
CA VAL B 457 8.24 0.32 -43.90
C VAL B 457 6.90 0.74 -43.33
N GLN B 458 6.82 1.97 -42.84
CA GLN B 458 5.70 2.35 -41.99
C GLN B 458 4.39 2.31 -42.79
N ASP B 459 3.38 1.66 -42.20
CA ASP B 459 2.07 1.41 -42.77
C ASP B 459 2.05 0.37 -43.89
N SER B 460 3.23 -0.10 -44.33
CA SER B 460 3.24 -1.01 -45.48
C SER B 460 2.76 -2.40 -45.09
N ALA B 461 3.17 -2.89 -43.92
CA ALA B 461 2.72 -4.22 -43.48
C ALA B 461 1.25 -4.19 -43.08
N HIS B 462 0.80 -3.11 -42.46
CA HIS B 462 -0.63 -2.97 -42.14
C HIS B 462 -1.48 -3.07 -43.39
N ILE B 463 -1.14 -2.31 -44.43
CA ILE B 463 -1.99 -2.21 -45.60
C ILE B 463 -1.99 -3.52 -46.38
N GLU B 464 -0.83 -4.17 -46.49
CA GLU B 464 -0.79 -5.42 -47.24
C GLU B 464 -1.50 -6.55 -46.51
N THR B 465 -1.36 -6.61 -45.19
CA THR B 465 -2.09 -7.61 -44.41
C THR B 465 -3.60 -7.41 -44.54
N ILE B 466 -4.05 -6.17 -44.34
CA ILE B 466 -5.49 -5.89 -44.36
C ILE B 466 -6.06 -6.15 -45.75
N LYS B 467 -5.39 -5.63 -46.78
CA LYS B 467 -5.87 -5.80 -48.15
C LYS B 467 -5.95 -7.27 -48.54
N GLY B 468 -5.04 -8.10 -48.02
CA GLY B 468 -5.03 -9.51 -48.35
C GLY B 468 -6.11 -10.29 -47.65
N LEU B 469 -6.41 -9.92 -46.40
CA LEU B 469 -7.44 -10.62 -45.67
C LEU B 469 -8.83 -10.34 -46.24
N ILE B 470 -9.12 -9.07 -46.57
CA ILE B 470 -10.43 -8.75 -47.13
C ILE B 470 -10.59 -9.33 -48.53
N LYS B 471 -9.49 -9.58 -49.26
CA LYS B 471 -9.62 -10.22 -50.56
C LYS B 471 -10.08 -11.66 -50.42
N ASN B 472 -9.64 -12.35 -49.37
CA ASN B 472 -10.02 -13.73 -49.12
C ASN B 472 -11.30 -13.85 -48.29
N ASP B 473 -12.18 -12.86 -48.38
CA ASP B 473 -13.47 -12.87 -47.67
C ASP B 473 -13.28 -13.08 -46.18
N VAL B 474 -12.31 -12.38 -45.61
CA VAL B 474 -12.09 -12.31 -44.17
C VAL B 474 -12.35 -10.88 -43.75
N ILE B 475 -13.49 -10.64 -43.09
CA ILE B 475 -13.77 -9.30 -42.57
C ILE B 475 -12.70 -8.92 -41.57
N VAL B 476 -12.28 -7.66 -41.60
CA VAL B 476 -11.15 -7.19 -40.81
C VAL B 476 -11.63 -6.08 -39.89
N VAL B 477 -11.31 -6.22 -38.60
CA VAL B 477 -11.53 -5.17 -37.62
C VAL B 477 -10.16 -4.63 -37.21
N VAL B 478 -10.11 -3.33 -36.93
CA VAL B 478 -8.83 -2.65 -36.69
C VAL B 478 -8.96 -1.71 -35.51
N THR B 479 -7.85 -1.55 -34.78
CA THR B 479 -7.77 -0.59 -33.69
C THR B 479 -6.42 0.12 -33.75
N GLY B 480 -6.32 1.22 -33.02
CA GLY B 480 -5.04 1.87 -32.82
C GLY B 480 -4.39 2.34 -34.11
N CYS B 481 -3.06 2.29 -34.12
CA CYS B 481 -2.29 2.85 -35.22
C CYS B 481 -2.51 2.09 -36.52
N ALA B 482 -2.80 0.79 -36.46
CA ALA B 482 -3.17 0.05 -37.66
C ALA B 482 -4.47 0.58 -38.23
N ALA B 483 -5.47 0.81 -37.37
CA ALA B 483 -6.73 1.39 -37.82
C ALA B 483 -6.51 2.73 -38.49
N GLN B 484 -5.71 3.60 -37.85
CA GLN B 484 -5.40 4.90 -38.43
C GLN B 484 -4.60 4.76 -39.72
N ALA B 485 -3.87 3.65 -39.89
CA ALA B 485 -3.20 3.39 -41.15
C ALA B 485 -4.20 2.99 -42.23
N ALA B 486 -5.22 2.22 -41.86
CA ALA B 486 -6.30 1.92 -42.80
C ALA B 486 -7.06 3.20 -43.14
N ALA B 487 -7.30 4.06 -42.16
CA ALA B 487 -8.03 5.30 -42.39
C ALA B 487 -7.32 6.18 -43.42
N LYS B 488 -6.00 6.35 -43.26
CA LYS B 488 -5.24 7.18 -44.19
C LYS B 488 -5.28 6.60 -45.60
N TYR B 489 -5.12 5.29 -45.72
CA TYR B 489 -5.04 4.66 -47.04
C TYR B 489 -6.36 4.74 -47.79
N GLY B 490 -7.48 4.75 -47.07
CA GLY B 490 -8.80 4.79 -47.68
C GLY B 490 -9.59 3.49 -47.63
N LEU B 491 -9.29 2.59 -46.68
CA LEU B 491 -10.05 1.36 -46.50
C LEU B 491 -11.28 1.53 -45.65
N LEU B 492 -11.30 2.54 -44.76
CA LEU B 492 -12.46 2.81 -43.92
C LEU B 492 -13.58 3.50 -44.68
N GLN B 493 -13.85 3.05 -45.90
CA GLN B 493 -14.90 3.59 -46.75
C GLN B 493 -15.79 2.46 -47.23
N LYS B 494 -17.09 2.73 -47.33
CA LYS B 494 -18.00 1.75 -47.92
C LYS B 494 -17.62 1.44 -49.35
N GLU B 495 -17.00 2.40 -50.05
CA GLU B 495 -16.55 2.18 -51.42
C GLU B 495 -15.41 1.17 -51.50
N ALA B 496 -14.72 0.91 -50.38
CA ALA B 496 -13.59 0.00 -50.39
C ALA B 496 -13.99 -1.46 -50.61
N ALA B 497 -15.27 -1.78 -50.50
CA ALA B 497 -15.72 -3.16 -50.64
C ALA B 497 -15.49 -3.65 -52.06
N GLU B 498 -16.24 -3.12 -53.03
CA GLU B 498 -16.03 -3.50 -54.42
C GLU B 498 -14.63 -3.19 -54.90
N LYS B 499 -13.93 -2.26 -54.22
CA LYS B 499 -12.58 -1.90 -54.64
C LYS B 499 -11.57 -2.99 -54.30
N TYR B 500 -11.68 -3.58 -53.11
CA TYR B 500 -10.64 -4.47 -52.61
C TYR B 500 -11.13 -5.81 -52.07
N ALA B 501 -12.41 -5.97 -51.75
CA ALA B 501 -12.86 -7.15 -51.04
C ALA B 501 -13.20 -8.27 -52.02
N GLY B 502 -13.20 -9.50 -51.49
CA GLY B 502 -13.66 -10.65 -52.23
C GLY B 502 -15.17 -10.68 -52.32
N PRO B 503 -15.69 -11.72 -52.98
CA PRO B 503 -17.13 -11.78 -53.26
C PRO B 503 -18.01 -11.87 -52.02
N GLY B 504 -17.65 -12.75 -51.08
CA GLY B 504 -18.45 -12.90 -49.88
C GLY B 504 -18.46 -11.64 -49.02
N LEU B 505 -17.28 -11.09 -48.76
CA LEU B 505 -17.19 -9.88 -47.96
C LEU B 505 -17.87 -8.70 -48.64
N ALA B 506 -17.75 -8.62 -49.98
CA ALA B 506 -18.43 -7.56 -50.71
C ALA B 506 -19.94 -7.68 -50.58
N THR B 507 -20.46 -8.91 -50.58
CA THR B 507 -21.90 -9.11 -50.43
C THR B 507 -22.36 -8.73 -49.04
N VAL B 508 -21.66 -9.20 -48.01
CA VAL B 508 -22.02 -8.82 -46.64
C VAL B 508 -21.95 -7.32 -46.47
N CYS B 509 -20.91 -6.69 -47.03
CA CYS B 509 -20.76 -5.24 -46.90
C CYS B 509 -21.95 -4.51 -47.48
N LYS B 510 -22.43 -4.94 -48.65
CA LYS B 510 -23.58 -4.30 -49.26
C LYS B 510 -24.85 -4.53 -48.44
N LEU B 511 -25.03 -5.75 -47.93
CA LEU B 511 -26.24 -6.08 -47.18
C LEU B 511 -26.29 -5.34 -45.85
N VAL B 512 -25.15 -5.25 -45.16
CA VAL B 512 -25.10 -4.61 -43.85
C VAL B 512 -24.85 -3.11 -43.94
N ASP B 513 -24.41 -2.61 -45.10
CA ASP B 513 -24.07 -1.20 -45.31
C ASP B 513 -22.88 -0.81 -44.42
N ILE B 514 -21.79 -1.54 -44.60
CA ILE B 514 -20.56 -1.35 -43.81
C ILE B 514 -19.36 -1.39 -44.74
N PRO B 515 -18.25 -0.78 -44.32
CA PRO B 515 -17.00 -0.97 -45.04
C PRO B 515 -16.41 -2.33 -44.74
N PRO B 516 -15.51 -2.84 -45.59
CA PRO B 516 -14.87 -4.13 -45.29
C PRO B 516 -13.90 -4.09 -44.11
N VAL B 517 -13.53 -2.91 -43.63
CA VAL B 517 -12.64 -2.76 -42.49
C VAL B 517 -13.36 -1.92 -41.45
N LEU B 518 -13.51 -2.47 -40.24
CA LEU B 518 -14.25 -1.82 -39.17
C LEU B 518 -13.28 -1.28 -38.13
N HIS B 519 -13.25 0.04 -37.97
CA HIS B 519 -12.41 0.71 -36.98
C HIS B 519 -13.12 0.66 -35.63
N MET B 520 -12.69 -0.23 -34.75
CA MET B 520 -13.36 -0.46 -33.47
C MET B 520 -12.73 0.33 -32.32
N GLY B 521 -11.90 1.30 -32.62
CA GLY B 521 -11.47 2.28 -31.65
C GLY B 521 -10.00 2.18 -31.28
N SER B 522 -9.70 2.63 -30.06
CA SER B 522 -8.34 2.68 -29.56
C SER B 522 -7.88 1.27 -29.16
N CYS B 523 -6.73 1.18 -28.49
CA CYS B 523 -6.17 -0.12 -28.19
C CYS B 523 -6.69 -0.72 -26.90
N VAL B 524 -7.14 0.11 -25.95
CA VAL B 524 -7.97 -0.44 -24.89
C VAL B 524 -9.30 -0.93 -25.45
N ASP B 525 -9.72 -0.36 -26.59
CA ASP B 525 -10.95 -0.79 -27.25
C ASP B 525 -10.81 -2.14 -27.94
N ILE B 526 -9.62 -2.76 -27.93
CA ILE B 526 -9.50 -4.14 -28.38
C ILE B 526 -10.41 -5.03 -27.54
N SER B 527 -10.69 -4.63 -26.30
CA SER B 527 -11.68 -5.33 -25.49
C SER B 527 -13.00 -5.49 -26.22
N ARG B 528 -13.34 -4.56 -27.12
CA ARG B 528 -14.52 -4.72 -27.95
C ARG B 528 -14.41 -5.96 -28.83
N ILE B 529 -13.21 -6.24 -29.34
CA ILE B 529 -13.02 -7.42 -30.19
C ILE B 529 -13.28 -8.69 -29.39
N LEU B 530 -12.72 -8.75 -28.17
CA LEU B 530 -12.99 -9.90 -27.31
C LEU B 530 -14.48 -10.01 -26.99
N ASP B 531 -15.12 -8.89 -26.67
CA ASP B 531 -16.56 -8.88 -26.47
C ASP B 531 -17.28 -9.46 -27.68
N LEU B 532 -16.82 -9.11 -28.88
CA LEU B 532 -17.46 -9.58 -30.10
C LEU B 532 -17.25 -11.08 -30.28
N VAL B 533 -15.99 -11.51 -30.34
CA VAL B 533 -15.69 -12.92 -30.57
C VAL B 533 -16.32 -13.79 -29.49
N GLY B 534 -16.21 -13.38 -28.23
CA GLY B 534 -16.84 -14.13 -27.15
C GLY B 534 -18.34 -14.26 -27.32
N ARG B 535 -18.99 -13.21 -27.83
CA ARG B 535 -20.42 -13.28 -28.07
C ARG B 535 -20.74 -14.32 -29.15
N VAL B 536 -19.89 -14.40 -30.18
CA VAL B 536 -20.11 -15.38 -31.23
C VAL B 536 -19.88 -16.80 -30.70
N ALA B 537 -18.84 -16.98 -29.88
CA ALA B 537 -18.58 -18.29 -29.30
C ALA B 537 -19.74 -18.74 -28.41
N ASN B 538 -20.17 -17.87 -27.50
CA ASN B 538 -21.29 -18.20 -26.63
C ASN B 538 -22.55 -18.49 -27.44
N LEU B 539 -22.78 -17.72 -28.52
CA LEU B 539 -23.96 -17.95 -29.32
C LEU B 539 -23.92 -19.28 -30.04
N LEU B 540 -22.73 -19.76 -30.40
CA LEU B 540 -22.58 -21.03 -31.10
C LEU B 540 -22.25 -22.18 -30.14
N GLY B 541 -22.36 -21.94 -28.83
CA GLY B 541 -22.11 -22.98 -27.85
C GLY B 541 -20.70 -23.55 -27.87
N VAL B 542 -19.74 -22.80 -28.39
CA VAL B 542 -18.36 -23.25 -28.49
C VAL B 542 -17.45 -22.32 -27.69
N ASP B 543 -16.16 -22.61 -27.70
CA ASP B 543 -15.15 -21.75 -27.11
C ASP B 543 -14.47 -20.93 -28.20
N MET B 544 -13.72 -19.92 -27.76
CA MET B 544 -13.15 -18.96 -28.71
C MET B 544 -12.05 -19.58 -29.55
N SER B 545 -11.35 -20.58 -29.04
CA SER B 545 -10.34 -21.26 -29.82
C SER B 545 -10.93 -22.07 -30.98
N ASP B 546 -12.25 -22.26 -31.01
CA ASP B 546 -12.90 -23.05 -32.03
C ASP B 546 -13.33 -22.23 -33.24
N LEU B 547 -13.42 -20.91 -33.11
CA LEU B 547 -13.87 -20.06 -34.20
C LEU B 547 -12.73 -19.75 -35.16
N PRO B 548 -13.04 -19.48 -36.43
CA PRO B 548 -12.02 -19.05 -37.41
C PRO B 548 -11.69 -17.56 -37.27
N VAL B 549 -11.01 -17.21 -36.19
CA VAL B 549 -10.61 -15.84 -35.92
C VAL B 549 -9.10 -15.77 -35.77
N ALA B 550 -8.56 -14.56 -35.92
CA ALA B 550 -7.12 -14.37 -35.84
C ALA B 550 -6.81 -12.90 -35.54
N GLY B 551 -5.68 -12.68 -34.89
CA GLY B 551 -5.18 -11.33 -34.66
C GLY B 551 -3.81 -11.16 -35.31
N VAL B 552 -3.56 -9.95 -35.81
CA VAL B 552 -2.29 -9.63 -36.47
C VAL B 552 -1.75 -8.33 -35.90
N ALA B 553 -0.43 -8.30 -35.66
CA ALA B 553 0.27 -7.10 -35.25
C ALA B 553 1.42 -6.88 -36.22
N PRO B 554 1.15 -6.25 -37.37
CA PRO B 554 2.15 -6.24 -38.45
C PRO B 554 3.36 -5.36 -38.18
N GLU B 555 3.24 -4.32 -37.36
CA GLU B 555 4.34 -3.37 -37.15
C GLU B 555 4.39 -2.92 -35.69
N TRP B 556 4.29 -3.88 -34.77
CA TRP B 556 4.20 -3.52 -33.36
C TRP B 556 5.55 -3.10 -32.80
N MET B 557 5.51 -2.50 -31.61
CA MET B 557 6.69 -1.93 -30.98
C MET B 557 6.55 -1.87 -29.47
N SER B 558 5.38 -1.46 -28.99
CA SER B 558 5.18 -1.21 -27.58
C SER B 558 5.10 -2.50 -26.77
N GLU B 559 5.51 -2.42 -25.51
CA GLU B 559 5.26 -3.52 -24.59
C GLU B 559 3.76 -3.76 -24.41
N LYS B 560 2.95 -2.73 -24.64
CA LYS B 560 1.51 -2.90 -24.64
C LYS B 560 1.09 -3.93 -25.69
N ALA B 561 1.75 -3.92 -26.86
CA ALA B 561 1.42 -4.87 -27.92
C ALA B 561 1.77 -6.30 -27.50
N VAL B 562 2.87 -6.48 -26.77
CA VAL B 562 3.22 -7.81 -26.29
C VAL B 562 2.16 -8.32 -25.31
N ALA B 563 1.74 -7.46 -24.39
CA ALA B 563 0.66 -7.83 -23.48
C ALA B 563 -0.62 -8.10 -24.24
N ILE B 564 -0.95 -7.22 -25.19
CA ILE B 564 -2.15 -7.41 -26.01
C ILE B 564 -2.09 -8.73 -26.75
N GLY B 565 -0.98 -8.98 -27.46
CA GLY B 565 -0.83 -10.24 -28.17
C GLY B 565 -0.89 -11.44 -27.26
N THR B 566 -0.37 -11.32 -26.04
CA THR B 566 -0.35 -12.46 -25.13
C THR B 566 -1.74 -12.76 -24.59
N TYR B 567 -2.56 -11.74 -24.30
CA TYR B 567 -3.90 -12.03 -23.83
C TYR B 567 -4.83 -12.45 -24.96
N VAL B 568 -4.57 -11.99 -26.19
CA VAL B 568 -5.35 -12.46 -27.32
C VAL B 568 -5.15 -13.95 -27.53
N VAL B 569 -3.93 -14.43 -27.29
CA VAL B 569 -3.64 -15.85 -27.46
C VAL B 569 -4.25 -16.65 -26.32
N THR B 570 -4.01 -16.23 -25.08
CA THR B 570 -4.56 -16.92 -23.92
C THR B 570 -6.08 -16.99 -23.98
N SER B 571 -6.72 -15.95 -24.52
CA SER B 571 -8.17 -15.99 -24.70
C SER B 571 -8.59 -17.03 -25.75
N GLY B 572 -7.67 -17.46 -26.59
CA GLY B 572 -7.93 -18.50 -27.57
C GLY B 572 -7.91 -18.05 -29.03
N ILE B 573 -7.21 -16.97 -29.36
CA ILE B 573 -7.17 -16.44 -30.72
C ILE B 573 -5.74 -16.47 -31.22
N ASP B 574 -5.52 -17.10 -32.37
CA ASP B 574 -4.19 -17.13 -32.97
C ASP B 574 -3.74 -15.72 -33.34
N THR B 575 -2.46 -15.44 -33.06
CA THR B 575 -1.92 -14.10 -33.25
C THR B 575 -0.68 -14.18 -34.14
N TRP B 576 -0.66 -13.35 -35.17
CA TRP B 576 0.51 -13.20 -36.04
C TRP B 576 1.24 -11.92 -35.67
N LEU B 577 2.56 -12.01 -35.54
CA LEU B 577 3.41 -10.85 -35.29
C LEU B 577 4.24 -10.57 -36.53
N GLY B 578 4.29 -9.30 -36.93
CA GLY B 578 5.08 -8.87 -38.06
C GLY B 578 6.45 -8.35 -37.71
N VAL B 579 6.79 -8.31 -36.42
CA VAL B 579 8.10 -7.92 -35.94
C VAL B 579 8.55 -8.99 -34.94
N ALA B 580 9.73 -9.56 -35.17
CA ALA B 580 10.21 -10.64 -34.32
C ALA B 580 10.41 -10.13 -32.88
N PRO B 581 9.75 -10.73 -31.90
CA PRO B 581 9.99 -10.37 -30.51
C PRO B 581 11.34 -10.92 -30.04
N PRO B 582 11.92 -10.35 -29.00
CA PRO B 582 13.24 -10.83 -28.54
C PRO B 582 13.16 -12.18 -27.83
N VAL B 583 12.96 -13.26 -28.59
CA VAL B 583 12.75 -14.57 -28.01
C VAL B 583 13.59 -15.63 -28.71
N THR B 584 14.25 -15.25 -29.81
CA THR B 584 14.97 -16.24 -30.62
C THR B 584 16.08 -16.95 -29.85
N GLY B 585 16.58 -16.34 -28.77
CA GLY B 585 17.71 -16.93 -28.06
C GLY B 585 17.35 -18.15 -27.25
N GLY B 586 16.10 -18.22 -26.77
CA GLY B 586 15.67 -19.31 -25.93
C GLY B 586 14.76 -20.29 -26.66
N PRO B 587 15.33 -21.41 -27.11
CA PRO B 587 14.54 -22.35 -27.93
C PRO B 587 13.31 -22.90 -27.23
N GLU B 588 13.38 -23.12 -25.91
CA GLU B 588 12.20 -23.59 -25.19
C GLU B 588 11.11 -22.52 -25.18
N VAL B 589 11.48 -21.25 -25.02
CA VAL B 589 10.51 -20.17 -25.08
C VAL B 589 9.86 -20.12 -26.46
N VAL B 590 10.65 -20.38 -27.51
CA VAL B 590 10.11 -20.37 -28.86
C VAL B 590 9.08 -21.48 -29.04
N ASP B 591 9.43 -22.69 -28.59
CA ASP B 591 8.51 -23.82 -28.72
C ASP B 591 7.23 -23.61 -27.91
N ILE B 592 7.33 -22.91 -26.77
CA ILE B 592 6.13 -22.61 -25.99
C ILE B 592 5.23 -21.64 -26.74
N LEU B 593 5.81 -20.55 -27.25
CA LEU B 593 5.00 -19.50 -27.87
C LEU B 593 4.45 -19.92 -29.23
N THR B 594 5.16 -20.77 -29.95
CA THR B 594 4.78 -21.11 -31.32
C THR B 594 4.30 -22.54 -31.49
N ASN B 595 4.29 -23.35 -30.43
CA ASN B 595 3.80 -24.72 -30.55
C ASN B 595 3.00 -25.16 -29.33
N LYS B 596 3.67 -25.34 -28.19
CA LYS B 596 3.01 -25.87 -27.00
C LYS B 596 1.82 -25.03 -26.57
N MET B 597 1.85 -23.72 -26.89
CA MET B 597 0.73 -22.85 -26.58
C MET B 597 -0.59 -23.44 -27.06
N GLU B 598 -0.57 -24.09 -28.23
CA GLU B 598 -1.78 -24.70 -28.78
C GLU B 598 -2.38 -25.70 -27.81
N ASP B 599 -1.55 -26.55 -27.21
CA ASP B 599 -2.04 -27.58 -26.31
C ASP B 599 -2.57 -27.00 -25.00
N TRP B 600 -2.23 -25.74 -24.69
CA TRP B 600 -2.65 -25.12 -23.44
C TRP B 600 -3.97 -24.36 -23.58
N VAL B 601 -4.08 -23.50 -24.60
CA VAL B 601 -5.19 -22.58 -24.70
C VAL B 601 -5.90 -22.64 -26.05
N GLY B 602 -5.43 -23.47 -26.98
CA GLY B 602 -6.08 -23.61 -28.27
C GLY B 602 -5.65 -22.62 -29.33
N ALA B 603 -4.61 -21.84 -29.07
CA ALA B 603 -4.04 -20.95 -30.08
C ALA B 603 -2.54 -20.87 -29.85
N LYS B 604 -1.85 -20.13 -30.72
CA LYS B 604 -0.41 -19.97 -30.59
C LYS B 604 0.02 -18.73 -31.34
N PHE B 605 1.24 -18.28 -31.04
CA PHE B 605 1.83 -17.14 -31.74
C PHE B 605 2.38 -17.58 -33.08
N PHE B 606 2.32 -16.67 -34.05
CA PHE B 606 2.99 -16.81 -35.33
C PHE B 606 3.89 -15.60 -35.54
N ILE B 607 5.13 -15.85 -35.94
CA ILE B 607 6.08 -14.78 -36.25
C ILE B 607 6.34 -14.82 -37.75
N GLU B 608 5.77 -13.86 -38.48
CA GLU B 608 5.93 -13.79 -39.92
C GLU B 608 6.10 -12.34 -40.31
N THR B 609 7.24 -12.01 -40.93
CA THR B 609 7.52 -10.65 -41.33
C THR B 609 7.07 -10.32 -42.74
N ASP B 610 6.79 -11.33 -43.56
CA ASP B 610 6.22 -11.11 -44.89
C ASP B 610 4.70 -11.12 -44.75
N PRO B 611 4.02 -9.98 -44.93
CA PRO B 611 2.56 -9.98 -44.71
C PRO B 611 1.82 -10.90 -45.66
N HIS B 612 2.28 -11.01 -46.92
CA HIS B 612 1.61 -11.90 -47.86
C HIS B 612 1.69 -13.34 -47.41
N LYS B 613 2.82 -13.74 -46.84
CA LYS B 613 2.92 -15.08 -46.26
C LYS B 613 1.99 -15.21 -45.06
N ALA B 614 1.95 -14.20 -44.20
CA ALA B 614 1.08 -14.24 -43.04
C ALA B 614 -0.38 -14.41 -43.44
N VAL B 615 -0.80 -13.74 -44.51
CA VAL B 615 -2.18 -13.86 -44.97
C VAL B 615 -2.49 -15.30 -45.36
N GLU B 616 -1.58 -15.95 -46.10
CA GLU B 616 -1.73 -17.36 -46.40
C GLU B 616 -1.93 -18.18 -45.13
N GLN B 617 -1.03 -17.99 -44.16
CA GLN B 617 -1.10 -18.75 -42.92
C GLN B 617 -2.42 -18.54 -42.19
N ILE B 618 -2.87 -17.28 -42.10
CA ILE B 618 -4.13 -16.99 -41.42
C ILE B 618 -5.29 -17.69 -42.11
N VAL B 619 -5.33 -17.61 -43.44
CA VAL B 619 -6.41 -18.25 -44.20
C VAL B 619 -6.37 -19.75 -44.01
N ASN B 620 -5.17 -20.34 -44.13
CA ASN B 620 -5.03 -21.78 -43.97
C ASN B 620 -5.40 -22.22 -42.56
N ARG B 621 -4.89 -21.51 -41.55
CA ARG B 621 -5.22 -21.85 -40.17
C ARG B 621 -6.72 -21.73 -39.92
N MET B 622 -7.37 -20.72 -40.51
CA MET B 622 -8.81 -20.56 -40.37
C MET B 622 -9.54 -21.75 -40.98
N ASN B 623 -9.21 -22.09 -42.23
CA ASN B 623 -9.84 -23.23 -42.88
C ASN B 623 -9.58 -24.52 -42.12
N GLU B 624 -8.38 -24.63 -41.53
CA GLU B 624 -8.09 -25.76 -40.66
C GLU B 624 -9.04 -25.80 -39.48
N LYS B 625 -9.19 -24.68 -38.78
CA LYS B 625 -10.11 -24.63 -37.66
C LYS B 625 -11.56 -24.80 -38.12
N ARG B 626 -11.88 -24.28 -39.31
CA ARG B 626 -13.23 -24.46 -39.84
C ARG B 626 -13.54 -25.93 -40.04
N LYS B 627 -12.59 -26.70 -40.57
CA LYS B 627 -12.82 -28.12 -40.81
C LYS B 627 -13.03 -28.87 -39.50
N LYS B 628 -12.23 -28.54 -38.47
CA LYS B 628 -12.40 -29.16 -37.17
C LYS B 628 -13.79 -28.93 -36.61
N LEU B 629 -14.36 -27.74 -36.87
CA LEU B 629 -15.69 -27.39 -36.39
C LEU B 629 -16.80 -27.86 -37.33
N GLY B 630 -16.46 -28.28 -38.55
CA GLY B 630 -17.47 -28.74 -39.49
C GLY B 630 -18.17 -27.66 -40.27
N ILE B 631 -17.54 -26.50 -40.45
CA ILE B 631 -18.14 -25.40 -41.18
C ILE B 631 -17.26 -25.00 -42.35
N GLU C 2 48.12 -15.27 -9.21
CA GLU C 2 48.23 -13.85 -9.52
C GLU C 2 46.84 -13.24 -9.74
N GLU C 3 45.88 -13.66 -8.95
CA GLU C 3 44.52 -13.17 -9.03
C GLU C 3 44.03 -12.78 -7.64
N LYS C 4 42.85 -12.17 -7.59
CA LYS C 4 42.25 -11.80 -6.32
C LYS C 4 41.64 -13.02 -5.64
N ALA C 5 41.64 -13.00 -4.31
CA ALA C 5 41.03 -14.07 -3.54
C ALA C 5 39.52 -14.06 -3.73
N LYS C 6 38.93 -15.26 -3.69
CA LYS C 6 37.49 -15.37 -3.85
C LYS C 6 36.73 -15.10 -2.56
N SER C 7 37.39 -15.22 -1.41
CA SER C 7 36.71 -15.03 -0.13
C SER C 7 37.76 -14.80 0.95
N ILE C 8 37.28 -14.31 2.09
CA ILE C 8 38.10 -14.19 3.30
C ILE C 8 37.73 -15.23 4.35
N ASP C 9 36.74 -16.09 4.07
CA ASP C 9 36.33 -17.12 5.00
C ASP C 9 37.11 -18.39 4.71
N GLN C 10 37.63 -19.03 5.76
CA GLN C 10 38.47 -20.21 5.58
C GLN C 10 37.66 -21.39 5.05
N ALA C 11 36.50 -21.65 5.64
CA ALA C 11 35.66 -22.74 5.16
C ALA C 11 35.23 -22.52 3.72
N THR C 12 34.99 -21.26 3.35
CA THR C 12 34.60 -20.96 1.97
C THR C 12 35.72 -21.31 0.99
N LEU C 13 36.97 -21.03 1.37
CA LEU C 13 38.09 -21.33 0.49
C LEU C 13 38.36 -22.82 0.39
N GLN C 14 38.16 -23.55 1.49
CA GLN C 14 38.43 -24.98 1.49
C GLN C 14 37.49 -25.72 0.55
N LEU C 15 36.19 -25.44 0.65
CA LEU C 15 35.23 -26.13 -0.20
C LEU C 15 35.35 -25.71 -1.65
N LEU C 16 35.76 -24.46 -1.90
CA LEU C 16 36.02 -24.03 -3.28
C LEU C 16 37.13 -24.86 -3.91
N ASP C 17 38.11 -25.30 -3.12
CA ASP C 17 39.10 -26.24 -3.63
C ASP C 17 38.47 -27.60 -3.92
N LYS C 18 37.55 -28.03 -3.04
CA LYS C 18 36.86 -29.29 -3.28
C LYS C 18 35.96 -29.19 -4.52
N ALA C 19 35.31 -28.04 -4.72
CA ALA C 19 34.50 -27.86 -5.92
C ALA C 19 35.34 -27.96 -7.17
N LYS C 20 36.53 -27.36 -7.18
CA LYS C 20 37.45 -27.53 -8.30
C LYS C 20 37.88 -28.99 -8.44
N GLN C 21 38.09 -29.67 -7.31
CA GLN C 21 38.52 -31.07 -7.34
C GLN C 21 37.39 -31.96 -7.82
N ASP C 22 36.18 -31.76 -7.30
CA ASP C 22 35.03 -32.55 -7.75
C ASP C 22 34.65 -32.25 -9.19
N GLY C 23 35.10 -31.14 -9.74
CA GLY C 23 34.83 -30.84 -11.14
C GLY C 23 33.51 -30.14 -11.39
N VAL C 24 33.02 -29.37 -10.42
CA VAL C 24 31.78 -28.63 -10.57
C VAL C 24 32.10 -27.14 -10.70
N GLU C 25 31.11 -26.36 -11.10
CA GLU C 25 31.28 -24.93 -11.31
C GLU C 25 30.56 -24.14 -10.23
N THR C 26 31.11 -22.96 -9.91
CA THR C 26 30.60 -22.11 -8.86
C THR C 26 30.20 -20.75 -9.44
N VAL C 27 29.62 -19.92 -8.56
CA VAL C 27 29.24 -18.57 -8.99
C VAL C 27 30.47 -17.75 -9.33
N TRP C 28 31.60 -18.03 -8.66
CA TRP C 28 32.85 -17.40 -9.05
C TRP C 28 33.27 -17.82 -10.45
N ASP C 29 33.11 -19.11 -10.77
CA ASP C 29 33.51 -19.61 -12.09
C ASP C 29 32.65 -19.00 -13.19
N ARG C 30 31.33 -18.89 -12.96
CA ARG C 30 30.46 -18.31 -13.96
C ARG C 30 30.71 -16.81 -14.11
N LYS C 31 31.16 -16.14 -13.05
CA LYS C 31 31.57 -14.75 -13.16
C LYS C 31 32.77 -14.62 -14.09
N ALA C 32 33.73 -15.54 -13.99
CA ALA C 32 34.90 -15.50 -14.85
C ALA C 32 34.54 -15.82 -16.30
N ASP C 33 33.53 -16.65 -16.53
CA ASP C 33 33.11 -16.96 -17.88
C ASP C 33 32.51 -15.75 -18.58
N MET C 34 31.80 -14.89 -17.85
CA MET C 34 31.19 -13.72 -18.45
C MET C 34 32.22 -12.72 -18.95
N LYS C 35 33.44 -12.79 -18.43
CA LYS C 35 34.60 -12.02 -18.91
C LYS C 35 34.31 -10.53 -18.71
N VAL C 36 34.54 -9.68 -19.71
CA VAL C 36 34.32 -8.25 -19.57
C VAL C 36 32.86 -7.95 -19.80
N GLN C 37 32.14 -7.63 -18.73
CA GLN C 37 30.72 -7.29 -18.86
C GLN C 37 30.56 -5.99 -19.63
N CYS C 38 29.37 -5.83 -20.23
CA CYS C 38 29.16 -4.74 -21.18
C CYS C 38 29.16 -3.40 -20.47
N GLY C 39 29.99 -2.47 -20.99
CA GLY C 39 30.06 -1.14 -20.42
C GLY C 39 28.78 -0.35 -20.57
N PHE C 40 28.04 -0.58 -21.65
CA PHE C 40 26.76 0.10 -21.85
C PHE C 40 25.79 -0.23 -20.73
N GLY C 41 25.50 -1.52 -20.55
CA GLY C 41 24.63 -1.94 -19.46
C GLY C 41 25.24 -1.68 -18.10
N SER C 42 26.57 -1.64 -18.01
CA SER C 42 27.23 -1.28 -16.76
C SER C 42 26.98 0.19 -16.41
N ALA C 43 26.84 1.04 -17.43
CA ALA C 43 26.53 2.44 -17.22
C ALA C 43 25.04 2.74 -17.22
N GLY C 44 24.21 1.76 -17.55
CA GLY C 44 22.78 2.00 -17.61
C GLY C 44 22.31 2.76 -18.82
N VAL C 45 23.16 2.88 -19.85
CA VAL C 45 22.82 3.64 -21.05
C VAL C 45 22.38 2.69 -22.16
N CYS C 46 21.71 1.61 -21.79
CA CYS C 46 21.06 0.74 -22.76
C CYS C 46 19.60 0.55 -22.35
N CYS C 47 18.71 0.60 -23.34
CA CYS C 47 17.28 0.42 -23.10
C CYS C 47 16.76 -0.74 -23.95
N ARG C 48 15.80 -1.47 -23.38
CA ARG C 48 15.13 -2.55 -24.09
C ARG C 48 13.63 -2.51 -23.85
N ASN C 49 13.09 -1.32 -23.58
CA ASN C 49 11.70 -1.17 -23.17
C ASN C 49 10.72 -1.20 -24.35
N CYS C 50 11.18 -1.43 -25.57
CA CYS C 50 10.30 -1.70 -26.69
C CYS C 50 11.13 -2.26 -27.83
N SER C 51 10.45 -2.71 -28.87
CA SER C 51 11.08 -3.43 -29.95
C SER C 51 11.61 -2.55 -31.06
N MET C 52 11.51 -1.23 -30.93
CA MET C 52 12.26 -0.37 -31.84
C MET C 52 13.76 -0.57 -31.66
N GLY C 53 14.16 -0.97 -30.45
CA GLY C 53 15.55 -1.20 -30.15
C GLY C 53 15.96 -2.66 -30.31
N PRO C 54 16.94 -3.12 -29.52
CA PRO C 54 17.61 -2.41 -28.43
C PRO C 54 18.46 -1.21 -28.86
N CYS C 55 18.45 -0.16 -28.04
CA CYS C 55 19.22 1.05 -28.28
C CYS C 55 20.31 1.19 -27.22
N ARG C 56 21.41 1.83 -27.61
CA ARG C 56 22.50 2.13 -26.70
C ARG C 56 23.03 3.53 -27.02
N VAL C 57 23.08 4.37 -26.00
CA VAL C 57 23.57 5.73 -26.14
C VAL C 57 24.91 5.84 -25.42
N SER C 58 25.65 6.90 -25.75
CA SER C 58 26.99 7.04 -25.21
C SER C 58 26.96 7.47 -23.75
N PRO C 59 27.71 6.80 -22.87
CA PRO C 59 27.78 7.26 -21.47
C PRO C 59 28.65 8.49 -21.29
N VAL C 60 29.44 8.87 -22.29
CA VAL C 60 30.23 10.10 -22.26
C VAL C 60 29.44 11.17 -23.00
N PRO C 61 28.87 12.16 -22.31
CA PRO C 61 28.03 13.15 -22.98
C PRO C 61 28.82 13.96 -24.00
N GLY C 62 28.11 14.45 -25.02
CA GLY C 62 28.73 15.23 -26.07
C GLY C 62 29.47 14.44 -27.12
N LYS C 63 29.68 13.14 -26.90
CA LYS C 63 30.37 12.27 -27.84
C LYS C 63 29.48 11.08 -28.16
N GLY C 64 29.59 10.58 -29.39
CA GLY C 64 28.87 9.39 -29.79
C GLY C 64 27.39 9.63 -30.02
N VAL C 65 26.63 8.53 -29.96
CA VAL C 65 25.17 8.57 -30.12
C VAL C 65 24.55 9.06 -28.82
N GLU C 66 23.86 10.21 -28.88
CA GLU C 66 23.39 10.88 -27.68
C GLU C 66 21.95 10.53 -27.31
N ARG C 67 21.15 10.03 -28.24
CA ARG C 67 19.74 9.76 -27.98
C ARG C 67 19.33 8.42 -28.58
N GLY C 68 18.41 7.75 -27.91
CA GLY C 68 17.81 6.55 -28.45
C GLY C 68 16.83 6.89 -29.56
N ILE C 69 16.26 5.84 -30.16
CA ILE C 69 15.38 6.01 -31.31
C ILE C 69 14.19 6.89 -30.95
N CYS C 70 13.56 6.62 -29.82
CA CYS C 70 12.40 7.40 -29.39
C CYS C 70 12.76 8.81 -28.94
N GLY C 71 14.04 9.14 -28.82
CA GLY C 71 14.46 10.44 -28.34
C GLY C 71 14.94 10.46 -26.91
N ALA C 72 14.91 9.32 -26.21
CA ALA C 72 15.32 9.28 -24.81
C ALA C 72 16.81 9.57 -24.69
N THR C 73 17.15 10.56 -23.86
CA THR C 73 18.53 10.86 -23.56
C THR C 73 19.13 9.77 -22.66
N ALA C 74 20.44 9.87 -22.43
CA ALA C 74 21.10 8.94 -21.52
C ALA C 74 20.51 9.05 -20.12
N ASP C 75 20.22 10.26 -19.67
CA ASP C 75 19.61 10.45 -18.36
C ASP C 75 18.25 9.78 -18.27
N VAL C 76 17.44 9.86 -19.34
CA VAL C 76 16.13 9.23 -19.33
C VAL C 76 16.27 7.72 -19.24
N ILE C 77 17.18 7.15 -20.03
CA ILE C 77 17.35 5.70 -20.04
C ILE C 77 17.88 5.20 -18.71
N VAL C 78 18.87 5.90 -18.15
CA VAL C 78 19.43 5.53 -16.85
C VAL C 78 18.35 5.61 -15.78
N SER C 79 17.59 6.70 -15.76
CA SER C 79 16.60 6.90 -14.72
C SER C 79 15.48 5.87 -14.80
N ARG C 80 15.09 5.47 -16.01
CA ARG C 80 14.03 4.47 -16.15
C ARG C 80 14.52 3.09 -15.72
N ASN C 81 15.76 2.74 -16.09
CA ASN C 81 16.29 1.44 -15.67
C ASN C 81 16.46 1.37 -14.16
N PHE C 82 16.86 2.48 -13.54
CA PHE C 82 16.88 2.54 -12.08
C PHE C 82 15.50 2.31 -11.49
N ALA C 83 14.48 2.94 -12.07
CA ALA C 83 13.12 2.82 -11.54
C ALA C 83 12.65 1.37 -11.54
N ARG C 84 12.94 0.63 -12.61
CA ARG C 84 12.44 -0.74 -12.70
C ARG C 84 13.13 -1.66 -11.68
N MET C 85 14.38 -1.35 -11.31
CA MET C 85 15.02 -2.09 -10.23
C MET C 85 14.27 -1.91 -8.92
N VAL C 86 13.92 -0.66 -8.59
CA VAL C 86 13.15 -0.38 -7.39
C VAL C 86 11.81 -1.09 -7.43
N ALA C 87 11.14 -1.06 -8.59
CA ALA C 87 9.84 -1.70 -8.71
C ALA C 87 9.93 -3.21 -8.46
N ALA C 88 10.96 -3.85 -9.00
CA ALA C 88 11.13 -5.28 -8.80
C ALA C 88 11.46 -5.59 -7.34
N GLY C 89 12.40 -4.83 -6.77
CA GLY C 89 12.73 -5.02 -5.37
C GLY C 89 11.53 -4.80 -4.46
N THR C 90 10.73 -3.77 -4.77
CA THR C 90 9.51 -3.55 -4.00
C THR C 90 8.55 -4.73 -4.14
N ALA C 91 8.39 -5.25 -5.36
CA ALA C 91 7.46 -6.35 -5.58
C ALA C 91 7.87 -7.61 -4.84
N ALA C 92 9.18 -7.86 -4.70
CA ALA C 92 9.64 -9.02 -3.98
C ALA C 92 9.23 -8.95 -2.51
N HIS C 93 9.57 -7.85 -1.84
CA HIS C 93 9.14 -7.67 -0.45
C HIS C 93 7.63 -7.59 -0.34
N SER C 94 6.97 -7.00 -1.34
CA SER C 94 5.51 -6.92 -1.33
C SER C 94 4.88 -8.30 -1.19
N ASP C 95 5.12 -9.18 -2.16
CA ASP C 95 4.54 -10.52 -2.12
C ASP C 95 4.99 -11.29 -0.89
N HIS C 96 6.20 -11.00 -0.39
CA HIS C 96 6.67 -11.62 0.84
C HIS C 96 5.72 -11.31 1.99
N GLY C 97 5.43 -10.02 2.21
CA GLY C 97 4.54 -9.63 3.28
C GLY C 97 3.08 -9.89 2.99
N ARG C 98 2.69 -9.84 1.70
CA ARG C 98 1.33 -10.17 1.33
C ARG C 98 0.97 -11.59 1.76
N SER C 99 1.85 -12.55 1.46
CA SER C 99 1.59 -13.93 1.83
C SER C 99 1.55 -14.10 3.34
N ILE C 100 2.39 -13.35 4.06
CA ILE C 100 2.41 -13.44 5.52
C ILE C 100 1.13 -12.88 6.10
N ALA C 101 0.63 -11.78 5.54
CA ALA C 101 -0.65 -11.23 6.00
C ALA C 101 -1.79 -12.20 5.73
N LEU C 102 -1.72 -12.93 4.61
CA LEU C 102 -2.75 -13.92 4.32
C LEU C 102 -2.76 -15.03 5.37
N SER C 103 -1.57 -15.49 5.78
CA SER C 103 -1.49 -16.48 6.85
C SER C 103 -2.12 -15.95 8.13
N LEU C 104 -1.88 -14.67 8.44
CA LEU C 104 -2.50 -14.07 9.62
C LEU C 104 -4.02 -14.05 9.51
N TYR C 105 -4.55 -13.89 8.29
CA TYR C 105 -5.99 -13.93 8.10
C TYR C 105 -6.56 -15.32 8.33
N HIS C 106 -5.75 -16.36 8.09
CA HIS C 106 -6.20 -17.73 8.24
C HIS C 106 -5.78 -18.36 9.56
N THR C 107 -5.31 -17.56 10.51
CA THR C 107 -4.97 -18.08 11.83
C THR C 107 -6.22 -18.60 12.54
N SER C 108 -6.02 -19.60 13.39
CA SER C 108 -7.14 -20.20 14.11
C SER C 108 -6.65 -20.70 15.47
N LYS C 109 -7.62 -20.95 16.35
CA LYS C 109 -7.30 -21.40 17.71
C LYS C 109 -6.53 -22.71 17.69
N ASP C 110 -7.05 -23.70 16.95
CA ASP C 110 -6.48 -25.05 16.94
C ASP C 110 -5.76 -25.36 15.63
N GLY C 111 -5.54 -24.37 14.77
CA GLY C 111 -4.87 -24.59 13.52
C GLY C 111 -3.37 -24.66 13.65
N ASP C 112 -2.70 -24.85 12.51
CA ASP C 112 -1.26 -24.93 12.50
C ASP C 112 -0.61 -23.57 12.77
N ILE C 113 -1.23 -22.50 12.29
CA ILE C 113 -0.73 -21.14 12.48
C ILE C 113 -1.56 -20.48 13.58
N LYS C 114 -0.90 -20.08 14.65
CA LYS C 114 -1.57 -19.45 15.79
C LYS C 114 -0.96 -18.08 16.06
N VAL C 115 -1.66 -17.29 16.87
CA VAL C 115 -1.15 -16.02 17.35
C VAL C 115 -0.31 -16.29 18.59
N LYS C 116 0.96 -15.87 18.55
CA LYS C 116 1.89 -16.15 19.63
C LYS C 116 2.24 -14.93 20.48
N ASP C 117 2.28 -13.74 19.90
CA ASP C 117 2.57 -12.51 20.63
C ASP C 117 1.30 -11.66 20.63
N GLU C 118 0.41 -11.97 21.57
CA GLU C 118 -0.85 -11.22 21.68
C GLU C 118 -0.59 -9.75 21.99
N ASN C 119 0.40 -9.47 22.85
CA ASN C 119 0.71 -8.09 23.19
C ASN C 119 1.23 -7.31 22.00
N LYS C 120 1.94 -7.98 21.08
CA LYS C 120 2.31 -7.34 19.83
C LYS C 120 1.09 -7.15 18.93
N LEU C 121 0.24 -8.17 18.86
CA LEU C 121 -0.96 -8.07 18.03
C LEU C 121 -1.90 -6.98 18.52
N LYS C 122 -2.12 -6.91 19.84
CA LYS C 122 -2.98 -5.88 20.39
C LYS C 122 -2.43 -4.49 20.08
N GLU C 123 -1.11 -4.32 20.18
CA GLU C 123 -0.51 -3.02 19.89
C GLU C 123 -0.59 -2.68 18.42
N VAL C 124 -0.43 -3.69 17.54
CA VAL C 124 -0.54 -3.45 16.11
C VAL C 124 -1.96 -3.09 15.73
N ALA C 125 -2.95 -3.73 16.37
CA ALA C 125 -4.35 -3.43 16.07
C ALA C 125 -4.66 -1.95 16.34
N LYS C 126 -4.12 -1.40 17.43
CA LYS C 126 -4.31 0.02 17.70
C LYS C 126 -3.67 0.89 16.62
N SER C 127 -2.65 0.37 15.93
CA SER C 127 -2.04 1.12 14.84
C SER C 127 -2.93 1.11 13.60
N PHE C 128 -3.77 0.09 13.44
CA PHE C 128 -4.68 -0.02 12.30
C PHE C 128 -6.10 0.40 12.66
N ASN C 129 -6.29 1.05 13.82
CA ASN C 129 -7.61 1.46 14.30
C ASN C 129 -8.57 0.27 14.36
N VAL C 130 -8.14 -0.79 15.05
CA VAL C 130 -8.93 -1.99 15.24
C VAL C 130 -9.20 -2.16 16.73
N GLU C 131 -10.49 -2.30 17.08
CA GLU C 131 -10.87 -2.43 18.47
C GLU C 131 -10.37 -3.76 19.04
N THR C 132 -9.95 -3.73 20.31
CA THR C 132 -9.42 -4.90 20.98
C THR C 132 -10.09 -5.23 22.31
N GLU C 133 -10.82 -4.29 22.93
CA GLU C 133 -11.36 -4.50 24.26
C GLU C 133 -12.42 -5.59 24.25
N GLY C 134 -12.16 -6.67 25.00
CA GLY C 134 -13.13 -7.73 25.19
C GLY C 134 -13.44 -8.55 23.96
N ARG C 135 -12.63 -8.48 22.91
CA ARG C 135 -12.86 -9.25 21.70
C ARG C 135 -12.00 -10.51 21.69
N ASP C 136 -12.50 -11.54 21.00
CA ASP C 136 -11.71 -12.73 20.79
C ASP C 136 -10.41 -12.38 20.06
N ILE C 137 -9.35 -13.12 20.36
CA ILE C 137 -8.04 -12.72 19.87
C ILE C 137 -7.89 -13.00 18.37
N TYR C 138 -8.64 -13.97 17.84
CA TYR C 138 -8.53 -14.29 16.43
C TYR C 138 -9.46 -13.47 15.55
N ASP C 139 -10.57 -12.96 16.12
CA ASP C 139 -11.31 -11.91 15.43
C ASP C 139 -10.46 -10.67 15.26
N ILE C 140 -9.57 -10.38 16.22
CA ILE C 140 -8.68 -9.24 16.12
C ILE C 140 -7.62 -9.49 15.05
N ALA C 141 -7.04 -10.69 15.03
CA ALA C 141 -6.00 -11.00 14.05
C ALA C 141 -6.54 -10.90 12.63
N HIS C 142 -7.79 -11.30 12.41
CA HIS C 142 -8.35 -11.27 11.06
C HIS C 142 -8.66 -9.83 10.64
N ASP C 143 -9.20 -9.02 11.54
CA ASP C 143 -9.42 -7.61 11.22
C ASP C 143 -8.10 -6.91 10.91
N VAL C 144 -7.04 -7.23 11.68
CA VAL C 144 -5.73 -6.64 11.42
C VAL C 144 -5.19 -7.10 10.07
N ALA C 145 -5.42 -8.37 9.72
CA ALA C 145 -4.95 -8.87 8.43
C ALA C 145 -5.66 -8.17 7.27
N LYS C 146 -6.99 -8.01 7.37
CA LYS C 146 -7.72 -7.34 6.31
C LYS C 146 -7.25 -5.90 6.14
N GLU C 147 -7.00 -5.20 7.25
CA GLU C 147 -6.50 -3.83 7.16
C GLU C 147 -5.12 -3.78 6.54
N GLY C 148 -4.28 -4.77 6.84
CA GLY C 148 -2.97 -4.83 6.21
C GLY C 148 -3.03 -5.17 4.74
N LEU C 149 -4.00 -5.99 4.34
CA LEU C 149 -4.13 -6.36 2.93
C LEU C 149 -4.65 -5.20 2.09
N SER C 150 -5.46 -4.33 2.68
CA SER C 150 -5.91 -3.15 1.94
C SER C 150 -4.75 -2.23 1.61
N ASN C 151 -3.69 -2.24 2.42
CA ASN C 151 -2.52 -1.43 2.13
C ASN C 151 -1.83 -1.84 0.84
N TYR C 152 -2.11 -3.05 0.34
CA TYR C 152 -1.49 -3.51 -0.89
C TYR C 152 -2.25 -3.04 -2.13
N GLY C 153 -3.57 -2.86 -2.03
CA GLY C 153 -4.33 -2.56 -3.22
C GLY C 153 -5.55 -1.68 -3.07
N LYS C 154 -5.65 -0.94 -1.97
CA LYS C 154 -6.77 -0.01 -1.83
C LYS C 154 -6.63 1.12 -2.84
N GLN C 155 -7.75 1.53 -3.42
CA GLN C 155 -7.77 2.54 -4.47
C GLN C 155 -8.34 3.88 -4.01
N LEU C 156 -8.88 3.96 -2.81
CA LEU C 156 -9.42 5.19 -2.26
C LEU C 156 -9.04 5.28 -0.80
N GLY C 157 -8.74 6.49 -0.34
CA GLY C 157 -8.30 6.70 1.03
C GLY C 157 -6.79 6.62 1.16
N GLU C 158 -6.34 6.83 2.39
CA GLU C 158 -4.92 6.82 2.70
C GLU C 158 -4.49 5.46 3.25
N VAL C 159 -3.17 5.27 3.29
CA VAL C 159 -2.58 4.01 3.75
C VAL C 159 -2.23 4.12 5.22
N THR C 160 -2.24 2.98 5.92
CA THR C 160 -1.91 2.94 7.33
C THR C 160 -0.41 2.78 7.50
N LEU C 161 0.21 3.70 8.25
CA LEU C 161 1.65 3.71 8.42
C LEU C 161 2.02 3.56 9.89
N PRO C 162 3.24 3.09 10.19
CA PRO C 162 3.58 2.80 11.58
C PRO C 162 3.64 4.07 12.39
N PRO C 163 3.45 3.97 13.71
CA PRO C 163 3.49 5.18 14.55
C PRO C 163 4.89 5.74 14.69
N SER C 164 5.93 4.91 14.54
CA SER C 164 7.30 5.40 14.69
C SER C 164 7.75 6.23 13.50
N LEU C 165 6.90 6.46 12.52
CA LEU C 165 7.24 7.34 11.41
C LEU C 165 6.93 8.78 11.80
N PRO C 166 7.93 9.66 11.86
CA PRO C 166 7.68 11.02 12.36
C PRO C 166 6.81 11.83 11.41
N GLU C 167 5.94 12.66 12.00
CA GLU C 167 5.05 13.49 11.18
C GLU C 167 5.83 14.49 10.34
N LYS C 168 7.01 14.90 10.80
CA LYS C 168 7.85 15.77 9.99
C LYS C 168 8.24 15.10 8.68
N ARG C 169 8.48 13.79 8.72
CA ARG C 169 8.83 13.07 7.50
C ARG C 169 7.61 12.90 6.59
N LYS C 170 6.46 12.57 7.17
CA LYS C 170 5.23 12.48 6.37
C LYS C 170 4.94 13.80 5.68
N GLU C 171 4.97 14.91 6.45
CA GLU C 171 4.70 16.22 5.86
C GLU C 171 5.75 16.60 4.83
N LEU C 172 6.98 16.09 4.98
CA LEU C 172 8.00 16.33 3.98
C LEU C 172 7.67 15.61 2.68
N TRP C 173 7.28 14.33 2.78
CA TRP C 173 6.92 13.56 1.60
C TRP C 173 5.74 14.18 0.86
N ARG C 174 4.72 14.63 1.60
CA ARG C 174 3.54 15.20 0.96
C ARG C 174 3.91 16.42 0.14
N LYS C 175 4.68 17.34 0.70
CA LYS C 175 5.11 18.52 -0.05
C LYS C 175 6.02 18.14 -1.21
N LEU C 176 6.82 17.09 -1.05
CA LEU C 176 7.68 16.62 -2.14
C LEU C 176 6.90 15.83 -3.18
N GLY C 177 5.75 15.27 -2.83
CA GLY C 177 4.95 14.51 -3.76
C GLY C 177 5.36 13.05 -3.85
N VAL C 178 5.70 12.45 -2.71
CA VAL C 178 6.16 11.05 -2.70
C VAL C 178 5.51 10.27 -1.56
N TYR C 179 4.44 10.81 -0.99
CA TYR C 179 3.71 10.06 0.03
C TYR C 179 3.17 8.78 -0.60
N PRO C 180 3.46 7.62 -0.02
CA PRO C 180 3.14 6.36 -0.72
C PRO C 180 1.64 6.09 -0.78
N ARG C 181 1.25 5.37 -1.83
CA ARG C 181 -0.09 4.85 -1.99
C ARG C 181 -0.06 3.34 -1.74
N ALA C 182 -0.99 2.61 -2.34
CA ALA C 182 -1.02 1.16 -2.18
C ALA C 182 0.23 0.53 -2.80
N VAL C 183 0.68 -0.56 -2.19
CA VAL C 183 1.95 -1.17 -2.57
C VAL C 183 1.92 -1.63 -4.03
N ASP C 184 0.97 -2.51 -4.36
CA ASP C 184 0.86 -2.98 -5.74
C ASP C 184 0.55 -1.84 -6.71
N ARG C 185 -0.05 -0.75 -6.23
CA ARG C 185 -0.40 0.36 -7.12
C ARG C 185 0.84 1.15 -7.52
N GLU C 186 1.71 1.45 -6.56
CA GLU C 186 2.93 2.19 -6.87
C GLU C 186 3.86 1.37 -7.76
N ILE C 187 3.86 0.04 -7.60
CA ILE C 187 4.64 -0.82 -8.48
C ILE C 187 4.13 -0.68 -9.92
N ALA C 188 2.80 -0.73 -10.09
CA ALA C 188 2.23 -0.58 -11.42
C ALA C 188 2.51 0.81 -11.98
N ALA C 189 2.43 1.85 -11.13
CA ALA C 189 2.67 3.20 -11.60
C ALA C 189 4.08 3.38 -12.14
N VAL C 190 5.07 2.78 -11.47
CA VAL C 190 6.44 2.91 -11.93
C VAL C 190 6.63 2.15 -13.25
N MET C 191 6.03 0.96 -13.37
CA MET C 191 6.12 0.23 -14.61
C MET C 191 5.43 0.96 -15.75
N HIS C 192 4.36 1.70 -15.45
CA HIS C 192 3.67 2.48 -16.48
C HIS C 192 4.58 3.57 -17.03
N SER C 193 5.11 4.43 -16.16
CA SER C 193 5.89 5.58 -16.60
C SER C 193 7.19 5.18 -17.27
N THR C 194 7.69 3.96 -17.04
CA THR C 194 8.88 3.50 -17.75
C THR C 194 8.58 2.93 -19.12
N HIS C 195 7.30 2.72 -19.44
CA HIS C 195 6.90 2.34 -20.79
C HIS C 195 7.36 3.41 -21.79
N ILE C 196 7.51 2.99 -23.05
CA ILE C 196 8.02 3.90 -24.08
C ILE C 196 7.07 5.07 -24.26
N GLY C 197 7.64 6.26 -24.37
CA GLY C 197 6.84 7.45 -24.64
C GLY C 197 6.05 7.95 -23.46
N CYS C 198 6.52 7.67 -22.24
CA CYS C 198 5.87 8.17 -21.04
C CYS C 198 6.76 9.19 -20.35
N ASN C 199 7.16 8.90 -19.10
CA ASN C 199 8.08 9.79 -18.40
C ASN C 199 9.39 9.88 -19.14
N ALA C 200 9.92 11.11 -19.22
CA ALA C 200 11.21 11.35 -19.86
C ALA C 200 11.91 12.51 -19.16
N ASP C 201 11.90 12.49 -17.83
CA ASP C 201 12.53 13.50 -17.01
C ASP C 201 13.13 12.81 -15.79
N ALA C 202 14.43 12.99 -15.59
CA ALA C 202 15.13 12.21 -14.57
C ALA C 202 14.59 12.50 -13.17
N GLU C 203 14.34 13.77 -12.85
CA GLU C 203 13.83 14.13 -11.53
C GLU C 203 12.49 13.47 -11.26
N ALA C 204 11.52 13.65 -12.16
CA ALA C 204 10.20 13.06 -11.98
C ALA C 204 10.28 11.55 -11.88
N MET C 205 11.22 10.93 -12.61
CA MET C 205 11.33 9.48 -12.60
C MET C 205 11.88 8.97 -11.28
N ILE C 206 12.97 9.57 -10.78
CA ILE C 206 13.53 9.16 -9.50
C ILE C 206 12.52 9.38 -8.39
N LYS C 207 11.80 10.50 -8.42
CA LYS C 207 10.78 10.77 -7.41
C LYS C 207 9.72 9.67 -7.40
N MET C 208 9.35 9.17 -8.57
CA MET C 208 8.43 8.03 -8.64
C MET C 208 9.06 6.80 -7.98
N SER C 209 10.36 6.62 -8.15
CA SER C 209 11.04 5.49 -7.52
C SER C 209 10.99 5.58 -6.01
N MET C 210 11.24 6.78 -5.47
CA MET C 210 11.22 6.98 -4.03
C MET C 210 9.83 6.72 -3.45
N ARG C 211 8.81 7.26 -4.11
CA ARG C 211 7.43 7.01 -3.68
C ARG C 211 7.13 5.51 -3.67
N CYS C 212 7.66 4.78 -4.65
CA CYS C 212 7.40 3.36 -4.73
C CYS C 212 8.14 2.59 -3.65
N SER C 213 9.41 2.95 -3.40
CA SER C 213 10.19 2.24 -2.40
C SER C 213 9.61 2.40 -1.00
N LEU C 214 8.89 3.50 -0.76
CA LEU C 214 8.32 3.73 0.56
C LEU C 214 7.27 2.68 0.90
N THR C 215 6.56 2.16 -0.11
CA THR C 215 5.60 1.09 0.14
C THR C 215 6.27 -0.21 0.55
N ASP C 216 7.61 -0.28 0.49
CA ASP C 216 8.34 -1.47 0.95
C ASP C 216 8.73 -1.30 2.42
N GLY C 217 9.61 -0.33 2.70
CA GLY C 217 10.18 -0.22 4.04
C GLY C 217 9.14 0.04 5.11
N TRP C 218 8.14 0.86 4.81
CA TRP C 218 7.15 1.24 5.80
C TRP C 218 5.82 0.51 5.64
N MET C 219 5.73 -0.42 4.69
CA MET C 219 4.49 -1.16 4.50
C MET C 219 4.78 -2.63 4.20
N GLY C 220 5.29 -2.92 3.01
CA GLY C 220 5.62 -4.27 2.61
C GLY C 220 6.49 -5.01 3.61
N SER C 221 7.74 -4.56 3.76
CA SER C 221 8.63 -5.20 4.72
C SER C 221 8.13 -5.01 6.15
N PHE C 222 7.60 -3.82 6.46
CA PHE C 222 7.18 -3.52 7.82
C PHE C 222 6.05 -4.45 8.26
N MET C 223 4.99 -4.56 7.46
CA MET C 223 3.88 -5.44 7.81
C MET C 223 4.33 -6.90 7.83
N GLY C 224 5.22 -7.28 6.93
CA GLY C 224 5.78 -8.63 6.98
C GLY C 224 6.47 -8.92 8.30
N THR C 225 7.28 -7.98 8.78
CA THR C 225 8.01 -8.17 10.02
C THR C 225 7.07 -8.21 11.23
N GLU C 226 6.17 -7.22 11.32
CA GLU C 226 5.24 -7.18 12.45
C GLU C 226 4.35 -8.41 12.48
N PHE C 227 3.83 -8.81 11.31
CA PHE C 227 2.94 -9.97 11.26
C PHE C 227 3.70 -11.26 11.52
N SER C 228 4.98 -11.32 11.12
CA SER C 228 5.79 -12.49 11.45
C SER C 228 5.99 -12.61 12.95
N ASP C 229 6.21 -11.48 13.63
CA ASP C 229 6.35 -11.50 15.08
C ASP C 229 5.05 -11.92 15.75
N ILE C 230 3.91 -11.51 15.19
CA ILE C 230 2.63 -11.81 15.83
C ILE C 230 2.34 -13.30 15.77
N MET C 231 2.66 -13.95 14.64
CA MET C 231 2.35 -15.36 14.46
C MET C 231 3.44 -16.27 15.00
N PHE C 232 4.71 -15.88 14.90
CA PHE C 232 5.81 -16.76 15.27
C PHE C 232 6.54 -16.33 16.54
N GLY C 233 6.30 -15.13 17.04
CA GLY C 233 6.95 -14.66 18.25
C GLY C 233 7.96 -13.57 17.96
N THR C 234 7.99 -12.57 18.82
CA THR C 234 8.97 -11.49 18.68
C THR C 234 10.33 -12.01 19.11
N PRO C 235 11.38 -11.83 18.29
CA PRO C 235 12.69 -12.35 18.65
C PRO C 235 13.23 -11.70 19.92
N HIS C 236 14.01 -12.49 20.66
CA HIS C 236 14.68 -12.03 21.87
C HIS C 236 16.11 -12.53 21.83
N SER C 237 16.94 -12.02 22.75
CA SER C 237 18.35 -12.39 22.81
C SER C 237 18.52 -13.91 22.88
N ILE C 238 19.07 -14.50 21.83
CA ILE C 238 19.18 -15.95 21.72
C ILE C 238 20.54 -16.31 21.11
N ASP C 239 21.15 -17.38 21.63
CA ASP C 239 22.45 -17.84 21.18
C ASP C 239 22.31 -18.84 20.05
N THR C 240 23.30 -18.85 19.15
CA THR C 240 23.34 -19.81 18.05
C THR C 240 24.77 -19.92 17.54
N GLU C 241 24.96 -20.85 16.60
CA GLU C 241 26.23 -21.04 15.92
C GLU C 241 26.03 -20.83 14.43
N ALA C 242 27.12 -20.47 13.74
CA ALA C 242 27.03 -20.07 12.34
C ALA C 242 28.17 -20.69 11.54
N ASN C 243 28.18 -20.40 10.24
CA ASN C 243 29.15 -20.85 9.24
C ASN C 243 28.88 -22.30 8.80
N LEU C 244 29.62 -22.76 7.79
CA LEU C 244 29.33 -24.03 7.13
C LEU C 244 29.61 -25.24 8.00
N GLY C 245 30.35 -25.09 9.10
CA GLY C 245 30.68 -26.23 9.93
C GLY C 245 29.52 -26.80 10.70
N VAL C 246 28.40 -26.08 10.79
CA VAL C 246 27.25 -26.53 11.57
C VAL C 246 26.65 -27.81 11.04
N LEU C 247 27.03 -28.26 9.85
CA LEU C 247 26.56 -29.52 9.32
C LEU C 247 27.17 -30.69 10.09
N GLU C 248 26.34 -31.64 10.49
CA GLU C 248 26.78 -32.81 11.23
C GLU C 248 26.83 -34.02 10.29
N LYS C 249 27.97 -34.70 10.27
CA LYS C 249 28.16 -35.80 9.33
C LYS C 249 27.22 -36.96 9.64
N ASN C 250 26.99 -37.26 10.92
CA ASN C 250 26.20 -38.42 11.32
C ASN C 250 24.76 -38.06 11.65
N SER C 251 24.28 -36.90 11.20
CA SER C 251 22.90 -36.49 11.41
C SER C 251 22.26 -36.17 10.07
N VAL C 252 20.94 -36.05 10.08
CA VAL C 252 20.20 -35.62 8.90
C VAL C 252 20.35 -34.11 8.76
N ASN C 253 20.94 -33.68 7.65
CA ASN C 253 21.16 -32.26 7.37
C ASN C 253 20.09 -31.78 6.41
N VAL C 254 19.13 -31.01 6.93
CA VAL C 254 18.11 -30.36 6.12
C VAL C 254 18.42 -28.86 6.12
N VAL C 255 18.60 -28.30 4.93
CA VAL C 255 18.99 -26.90 4.77
C VAL C 255 17.78 -26.13 4.25
N LEU C 256 17.39 -25.09 4.99
CA LEU C 256 16.29 -24.21 4.59
C LEU C 256 16.89 -22.97 3.95
N HIS C 257 16.52 -22.70 2.70
CA HIS C 257 17.06 -21.59 1.94
C HIS C 257 15.92 -20.79 1.33
N GLY C 258 16.07 -19.46 1.33
CA GLY C 258 15.01 -18.61 0.81
C GLY C 258 14.62 -17.48 1.74
N HIS C 259 13.33 -17.13 1.75
CA HIS C 259 12.90 -15.91 2.42
C HIS C 259 11.60 -16.07 3.20
N GLU C 260 10.61 -16.74 2.61
CA GLU C 260 9.29 -16.83 3.22
C GLU C 260 9.36 -17.69 4.48
N PRO C 261 8.99 -17.16 5.65
CA PRO C 261 9.26 -17.89 6.91
C PRO C 261 8.27 -19.00 7.22
N LEU C 262 7.08 -19.02 6.60
CA LEU C 262 6.07 -19.98 7.04
C LEU C 262 6.53 -21.42 6.84
N LEU C 263 7.17 -21.72 5.71
CA LEU C 263 7.65 -23.07 5.48
C LEU C 263 8.76 -23.44 6.47
N SER C 264 9.73 -22.55 6.65
CA SER C 264 10.81 -22.82 7.59
C SER C 264 10.28 -23.00 9.01
N GLU C 265 9.30 -22.18 9.40
CA GLU C 265 8.69 -22.33 10.72
C GLU C 265 8.04 -23.69 10.87
N MET C 266 7.28 -24.13 9.86
CA MET C 266 6.57 -25.40 9.96
C MET C 266 7.52 -26.59 9.92
N VAL C 267 8.66 -26.45 9.25
CA VAL C 267 9.65 -27.54 9.24
C VAL C 267 10.29 -27.66 10.61
N VAL C 268 10.53 -26.54 11.28
CA VAL C 268 11.08 -26.57 12.64
C VAL C 268 10.15 -27.36 13.55
N GLU C 269 8.85 -27.06 13.49
CA GLU C 269 7.89 -27.78 14.34
C GLU C 269 7.78 -29.24 13.92
N ALA C 270 8.05 -29.55 12.65
CA ALA C 270 8.01 -30.93 12.20
C ALA C 270 9.26 -31.70 12.60
N ALA C 271 10.38 -31.02 12.78
CA ALA C 271 11.62 -31.68 13.18
C ALA C 271 11.55 -32.25 14.59
N SER C 272 10.49 -31.95 15.34
CA SER C 272 10.30 -32.51 16.68
C SER C 272 9.16 -33.52 16.72
N ASP C 273 8.60 -33.89 15.58
CA ASP C 273 7.57 -34.92 15.55
C ASP C 273 8.21 -36.27 15.87
N PRO C 274 7.68 -37.02 16.84
CA PRO C 274 8.34 -38.28 17.22
C PRO C 274 8.44 -39.28 16.08
N GLU C 275 7.43 -39.34 15.20
CA GLU C 275 7.48 -40.30 14.09
C GLU C 275 8.66 -40.02 13.18
N LEU C 276 8.95 -38.75 12.90
CA LEU C 276 10.06 -38.40 12.01
C LEU C 276 11.41 -38.56 12.69
N VAL C 277 11.48 -38.36 14.00
CA VAL C 277 12.75 -38.55 14.70
C VAL C 277 13.14 -40.02 14.71
N GLU C 278 12.17 -40.91 14.93
CA GLU C 278 12.46 -42.33 14.89
C GLU C 278 12.83 -42.80 13.48
N LEU C 279 12.23 -42.19 12.45
CA LEU C 279 12.65 -42.49 11.08
C LEU C 279 14.08 -42.05 10.83
N ALA C 280 14.48 -40.91 11.40
CA ALA C 280 15.85 -40.45 11.25
C ALA C 280 16.84 -41.42 11.88
N LYS C 281 16.48 -42.01 13.02
CA LYS C 281 17.35 -43.00 13.64
C LYS C 281 17.30 -44.33 12.91
N SER C 282 16.17 -44.64 12.27
CA SER C 282 16.05 -45.93 11.61
C SER C 282 16.88 -46.02 10.32
N VAL C 283 17.07 -44.89 9.64
CA VAL C 283 17.82 -44.86 8.37
C VAL C 283 19.31 -44.81 8.66
N GLY C 284 19.66 -44.80 9.95
CA GLY C 284 21.03 -44.84 10.38
C GLY C 284 21.67 -43.50 10.66
N ALA C 285 20.91 -42.54 11.17
CA ALA C 285 21.42 -41.22 11.52
C ALA C 285 21.17 -40.95 12.99
N ASP C 286 21.84 -39.91 13.50
CA ASP C 286 21.75 -39.59 14.92
C ASP C 286 20.53 -38.72 15.22
N GLY C 287 20.23 -37.76 14.36
CA GLY C 287 19.09 -36.89 14.59
C GLY C 287 18.85 -35.98 13.41
N ILE C 288 17.98 -35.01 13.61
CA ILE C 288 17.61 -34.04 12.59
C ILE C 288 18.35 -32.75 12.86
N ASN C 289 19.29 -32.39 11.98
CA ASN C 289 20.09 -31.18 12.13
C ASN C 289 19.60 -30.14 11.12
N LEU C 290 18.87 -29.14 11.60
CA LEU C 290 18.37 -28.07 10.76
C LEU C 290 19.40 -26.95 10.68
N CYS C 291 19.64 -26.48 9.46
CA CYS C 291 20.56 -25.38 9.20
C CYS C 291 19.93 -24.45 8.19
N GLY C 292 20.00 -23.14 8.45
CA GLY C 292 19.39 -22.16 7.60
C GLY C 292 20.40 -21.38 6.76
N MET C 293 19.89 -20.74 5.71
CA MET C 293 20.70 -19.91 4.84
C MET C 293 19.92 -18.67 4.44
N CYS C 294 20.60 -17.53 4.40
CA CYS C 294 20.04 -16.25 3.97
C CYS C 294 18.88 -15.88 4.92
N CYS C 295 17.85 -15.22 4.37
CA CYS C 295 16.81 -14.63 5.20
C CYS C 295 16.03 -15.69 5.96
N THR C 296 15.55 -16.72 5.28
CA THR C 296 14.78 -17.76 5.95
C THR C 296 15.60 -18.46 7.03
N GLY C 297 16.92 -18.42 6.93
CA GLY C 297 17.77 -18.92 7.98
C GLY C 297 17.85 -17.94 9.14
N ASN C 298 17.82 -16.64 8.82
CA ASN C 298 17.74 -15.63 9.87
C ASN C 298 16.40 -15.70 10.59
N GLU C 299 15.31 -15.88 9.85
CA GLU C 299 13.98 -15.85 10.45
C GLU C 299 13.82 -16.92 11.52
N VAL C 300 14.39 -18.11 11.30
CA VAL C 300 14.29 -19.18 12.29
C VAL C 300 15.41 -19.14 13.32
N SER C 301 16.51 -18.45 13.02
CA SER C 301 17.58 -18.30 14.01
C SER C 301 17.24 -17.20 15.01
N MET C 302 16.64 -16.11 14.54
CA MET C 302 16.22 -15.04 15.44
C MET C 302 15.19 -15.54 16.45
N ARG C 303 14.32 -16.46 16.03
CA ARG C 303 13.21 -16.91 16.85
C ARG C 303 13.47 -18.24 17.54
N HIS C 304 14.32 -19.10 16.98
CA HIS C 304 14.52 -20.43 17.53
C HIS C 304 15.99 -20.81 17.67
N GLY C 305 16.91 -19.92 17.33
CA GLY C 305 18.32 -20.25 17.45
C GLY C 305 18.78 -21.36 16.54
N ILE C 306 18.07 -21.59 15.43
CA ILE C 306 18.52 -22.59 14.47
C ILE C 306 19.87 -22.17 13.91
N LYS C 307 20.76 -23.14 13.76
CA LYS C 307 22.11 -22.85 13.28
C LYS C 307 22.07 -22.33 11.84
N ILE C 308 22.99 -21.42 11.54
CA ILE C 308 23.02 -20.69 10.28
C ILE C 308 24.13 -21.27 9.42
N ALA C 309 23.75 -21.86 8.28
CA ALA C 309 24.73 -22.56 7.45
C ALA C 309 25.66 -21.60 6.71
N GLY C 310 25.12 -20.54 6.14
CA GLY C 310 25.95 -19.61 5.41
C GLY C 310 25.12 -18.58 4.67
N ASN C 311 25.83 -17.64 4.04
CA ASN C 311 25.20 -16.53 3.35
C ASN C 311 25.06 -16.84 1.85
N PHE C 312 24.86 -15.80 1.04
CA PHE C 312 24.39 -15.98 -0.34
C PHE C 312 25.37 -16.79 -1.16
N MET C 313 26.59 -16.29 -1.34
CA MET C 313 27.52 -16.97 -2.24
C MET C 313 28.08 -18.26 -1.66
N GLN C 314 27.67 -18.65 -0.45
CA GLN C 314 28.08 -19.93 0.13
C GLN C 314 27.08 -21.04 -0.13
N GLN C 315 25.93 -20.74 -0.74
CA GLN C 315 24.88 -21.74 -0.87
C GLN C 315 25.32 -22.90 -1.76
N GLU C 316 26.08 -22.61 -2.82
CA GLU C 316 26.60 -23.68 -3.66
C GLU C 316 27.57 -24.56 -2.89
N LEU C 317 28.46 -23.94 -2.10
CA LEU C 317 29.48 -24.69 -1.38
C LEU C 317 28.88 -25.61 -0.33
N ALA C 318 27.67 -25.29 0.14
CA ALA C 318 27.00 -26.17 1.10
C ALA C 318 26.72 -27.53 0.47
N VAL C 319 26.28 -27.54 -0.79
CA VAL C 319 26.02 -28.79 -1.49
C VAL C 319 27.34 -29.52 -1.76
N VAL C 320 28.44 -28.79 -1.91
CA VAL C 320 29.73 -29.40 -2.20
C VAL C 320 30.24 -30.24 -1.03
N THR C 321 29.79 -29.95 0.20
CA THR C 321 30.21 -30.74 1.35
C THR C 321 29.81 -32.20 1.23
N GLY C 322 28.81 -32.50 0.40
CA GLY C 322 28.34 -33.86 0.29
C GLY C 322 27.54 -34.35 1.47
N ALA C 323 27.08 -33.44 2.32
CA ALA C 323 26.32 -33.80 3.51
C ALA C 323 24.90 -33.26 3.53
N VAL C 324 24.49 -32.52 2.49
CA VAL C 324 23.14 -31.96 2.43
C VAL C 324 22.22 -33.05 1.90
N ASP C 325 21.41 -33.64 2.78
CA ASP C 325 20.45 -34.65 2.37
C ASP C 325 19.20 -34.03 1.75
N GLY C 326 18.79 -32.86 2.25
CA GLY C 326 17.63 -32.18 1.72
C GLY C 326 17.81 -30.68 1.69
N LEU C 327 17.63 -30.07 0.52
CA LEU C 327 17.77 -28.63 0.35
C LEU C 327 16.40 -28.07 -0.03
N ILE C 328 15.72 -27.46 0.93
CA ILE C 328 14.36 -26.96 0.75
C ILE C 328 14.43 -25.45 0.55
N VAL C 329 13.88 -24.99 -0.57
CA VAL C 329 13.92 -23.58 -0.94
C VAL C 329 12.51 -23.09 -1.26
N ASP C 330 12.29 -21.78 -1.08
CA ASP C 330 11.01 -21.17 -1.41
C ASP C 330 11.24 -20.16 -2.52
N VAL C 331 11.40 -18.88 -2.21
CA VAL C 331 11.57 -17.84 -3.22
C VAL C 331 12.74 -16.95 -2.87
N GLN C 332 13.16 -16.14 -3.84
CA GLN C 332 14.14 -15.08 -3.68
C GLN C 332 15.54 -15.60 -3.36
N CYS C 333 16.44 -15.45 -4.33
CA CYS C 333 17.89 -15.61 -4.18
C CYS C 333 18.32 -17.06 -4.13
N ILE C 334 17.56 -17.93 -4.77
CA ILE C 334 17.94 -19.33 -4.94
C ILE C 334 18.56 -19.43 -6.34
N MET C 335 19.88 -19.52 -6.39
CA MET C 335 20.59 -19.57 -7.66
C MET C 335 20.10 -20.75 -8.49
N PRO C 336 19.65 -20.54 -9.72
CA PRO C 336 19.21 -21.67 -10.56
C PRO C 336 20.29 -22.70 -10.81
N ALA C 337 21.56 -22.37 -10.53
CA ALA C 337 22.63 -23.33 -10.70
C ALA C 337 22.52 -24.49 -9.71
N LEU C 338 21.78 -24.32 -8.61
CA LEU C 338 21.63 -25.40 -7.64
C LEU C 338 21.02 -26.64 -8.28
N ALA C 339 20.05 -26.46 -9.18
CA ALA C 339 19.42 -27.59 -9.84
C ALA C 339 20.44 -28.42 -10.61
N LYS C 340 21.39 -27.76 -11.27
CA LYS C 340 22.44 -28.48 -11.97
C LYS C 340 23.50 -29.02 -11.02
N LEU C 341 23.81 -28.26 -9.97
CA LEU C 341 24.82 -28.70 -9.00
C LEU C 341 24.36 -29.94 -8.24
N SER C 342 23.09 -29.97 -7.83
CA SER C 342 22.56 -31.07 -7.04
C SER C 342 22.56 -32.39 -7.79
N LYS C 343 22.78 -32.38 -9.11
CA LYS C 343 22.81 -33.62 -9.87
C LYS C 343 24.13 -34.36 -9.70
N SER C 344 25.18 -33.69 -9.23
CA SER C 344 26.46 -34.32 -8.95
C SER C 344 26.57 -34.81 -7.52
N TYR C 345 25.48 -34.80 -6.76
CA TYR C 345 25.48 -35.26 -5.38
C TYR C 345 24.14 -35.92 -5.07
N HIS C 346 24.12 -36.69 -3.98
CA HIS C 346 22.89 -37.34 -3.55
C HIS C 346 21.84 -36.37 -3.05
N THR C 347 22.17 -35.09 -2.95
CA THR C 347 21.24 -34.09 -2.45
C THR C 347 19.99 -34.04 -3.33
N LYS C 348 18.83 -33.97 -2.68
CA LYS C 348 17.57 -33.72 -3.37
C LYS C 348 17.24 -32.24 -3.24
N PHE C 349 17.21 -31.55 -4.38
CA PHE C 349 16.96 -30.11 -4.42
C PHE C 349 15.47 -29.89 -4.64
N ILE C 350 14.78 -29.45 -3.58
CA ILE C 350 13.32 -29.38 -3.57
C ILE C 350 12.89 -27.92 -3.69
N THR C 351 12.12 -27.61 -4.72
CA THR C 351 11.41 -26.35 -4.81
C THR C 351 10.01 -26.54 -4.24
N THR C 352 9.52 -25.50 -3.55
CA THR C 352 8.25 -25.61 -2.83
C THR C 352 7.23 -24.54 -3.18
N SER C 353 7.64 -23.40 -3.75
CA SER C 353 6.73 -22.30 -3.99
C SER C 353 6.38 -22.20 -5.46
N PRO C 354 5.09 -22.12 -5.80
CA PRO C 354 4.72 -21.87 -7.20
C PRO C 354 5.19 -20.53 -7.73
N LYS C 355 5.69 -19.66 -6.87
CA LYS C 355 6.28 -18.40 -7.33
C LYS C 355 7.64 -18.59 -7.97
N ALA C 356 8.33 -19.72 -7.69
CA ALA C 356 9.71 -19.92 -8.10
C ALA C 356 9.95 -21.39 -8.48
N HIS C 357 9.31 -21.84 -9.55
CA HIS C 357 9.65 -23.13 -10.12
C HIS C 357 11.04 -23.08 -10.74
N ILE C 358 11.82 -24.13 -10.53
CA ILE C 358 13.15 -24.26 -11.10
C ILE C 358 13.22 -25.57 -11.86
N THR C 359 13.66 -25.50 -13.12
CA THR C 359 13.69 -26.68 -13.97
C THR C 359 14.69 -27.71 -13.45
N ASP C 360 14.36 -28.98 -13.66
CA ASP C 360 15.17 -30.11 -13.22
C ASP C 360 15.41 -30.10 -11.72
N SER C 361 14.46 -29.55 -10.96
CA SER C 361 14.40 -29.70 -9.52
C SER C 361 13.20 -30.57 -9.17
N ILE C 362 13.03 -30.85 -7.88
CA ILE C 362 11.92 -31.63 -7.38
C ILE C 362 10.92 -30.69 -6.74
N TYR C 363 9.69 -30.69 -7.23
CA TYR C 363 8.67 -29.73 -6.79
C TYR C 363 7.72 -30.41 -5.81
N MET C 364 7.67 -29.89 -4.59
CA MET C 364 6.72 -30.33 -3.56
C MET C 364 5.97 -29.10 -3.07
N GLU C 365 4.79 -28.85 -3.64
CA GLU C 365 4.06 -27.62 -3.38
C GLU C 365 3.63 -27.55 -1.92
N PHE C 366 4.13 -26.54 -1.22
CA PHE C 366 3.81 -26.34 0.20
C PHE C 366 2.33 -25.99 0.34
N ASP C 367 1.55 -26.94 0.83
CA ASP C 367 0.11 -26.75 0.99
C ASP C 367 -0.14 -25.85 2.21
N GLU C 368 -0.53 -24.61 1.96
CA GLU C 368 -0.79 -23.68 3.06
C GLU C 368 -2.08 -24.00 3.81
N GLU C 369 -2.95 -24.83 3.24
CA GLU C 369 -4.16 -25.23 3.95
C GLU C 369 -3.88 -26.33 4.96
N ASN C 370 -2.86 -27.16 4.71
CA ASN C 370 -2.36 -28.14 5.67
C ASN C 370 -0.86 -27.92 5.84
N PRO C 371 -0.48 -26.81 6.49
CA PRO C 371 0.95 -26.45 6.52
C PRO C 371 1.82 -27.48 7.21
N LEU C 372 1.44 -27.90 8.42
CA LEU C 372 2.29 -28.82 9.17
C LEU C 372 2.41 -30.17 8.49
N ASP C 373 1.29 -30.71 7.97
CA ASP C 373 1.34 -31.97 7.26
C ASP C 373 2.20 -31.86 6.00
N SER C 374 2.12 -30.72 5.30
CA SER C 374 2.95 -30.52 4.13
C SER C 374 4.43 -30.43 4.51
N ALA C 375 4.74 -29.70 5.59
CA ALA C 375 6.10 -29.64 6.08
C ALA C 375 6.57 -31.02 6.55
N LYS C 376 5.70 -31.75 7.24
CA LYS C 376 6.02 -33.12 7.64
C LYS C 376 6.36 -33.97 6.41
N LYS C 377 5.55 -33.86 5.36
CA LYS C 377 5.74 -34.69 4.18
C LYS C 377 7.05 -34.33 3.46
N ILE C 378 7.34 -33.03 3.31
CA ILE C 378 8.56 -32.62 2.64
C ILE C 378 9.79 -33.04 3.44
N LEU C 379 9.71 -32.91 4.77
CA LEU C 379 10.86 -33.26 5.61
C LEU C 379 11.17 -34.74 5.53
N LYS C 380 10.15 -35.59 5.37
CA LYS C 380 10.38 -37.03 5.30
C LYS C 380 11.21 -37.39 4.08
N GLU C 381 11.00 -36.69 2.96
CA GLU C 381 11.79 -36.95 1.77
C GLU C 381 13.26 -36.65 2.00
N ALA C 382 13.56 -35.65 2.83
CA ALA C 382 14.94 -35.35 3.17
C ALA C 382 15.55 -36.46 4.02
N ILE C 383 14.82 -36.91 5.04
CA ILE C 383 15.33 -37.95 5.93
C ILE C 383 15.60 -39.23 5.16
N LEU C 384 14.69 -39.61 4.26
CA LEU C 384 14.87 -40.85 3.50
C LEU C 384 16.04 -40.76 2.53
N ASN C 385 16.39 -39.56 2.08
CA ASN C 385 17.51 -39.41 1.15
C ASN C 385 18.85 -39.62 1.82
N PHE C 386 18.89 -39.70 3.15
CA PHE C 386 20.14 -39.98 3.85
C PHE C 386 20.68 -41.37 3.53
N LYS C 387 19.81 -42.29 3.11
CA LYS C 387 20.27 -43.62 2.70
C LYS C 387 21.17 -43.55 1.47
N ASN C 388 21.04 -42.51 0.65
CA ASN C 388 21.90 -42.32 -0.51
C ASN C 388 23.15 -41.52 -0.20
N ARG C 389 23.38 -41.18 1.07
CA ARG C 389 24.62 -40.53 1.47
C ARG C 389 25.81 -41.47 1.24
N ASP C 390 26.91 -40.89 0.77
CA ASP C 390 28.19 -41.59 0.64
C ASP C 390 29.19 -40.85 1.52
N GLN C 391 29.62 -41.49 2.61
CA GLN C 391 30.43 -40.81 3.61
C GLN C 391 31.91 -40.77 3.26
N SER C 392 32.34 -41.41 2.17
CA SER C 392 33.74 -41.33 1.78
C SER C 392 34.06 -40.00 1.12
N LYS C 393 33.07 -39.35 0.51
CA LYS C 393 33.28 -38.08 -0.18
C LYS C 393 33.00 -36.86 0.70
N VAL C 394 32.42 -37.04 1.89
CA VAL C 394 31.96 -35.91 2.68
C VAL C 394 33.15 -35.15 3.25
N MET C 395 33.06 -33.81 3.20
CA MET C 395 34.13 -32.94 3.71
C MET C 395 33.46 -31.69 4.30
N ILE C 396 33.16 -31.74 5.59
CA ILE C 396 32.59 -30.61 6.31
C ILE C 396 33.72 -29.92 7.07
N PRO C 397 34.14 -28.73 6.68
CA PRO C 397 35.27 -28.07 7.37
C PRO C 397 34.93 -27.76 8.81
N GLU C 398 35.81 -28.18 9.72
CA GLU C 398 35.61 -27.99 11.14
C GLU C 398 35.77 -26.51 11.52
N LEU C 399 34.88 -25.66 11.03
CA LEU C 399 34.97 -24.22 11.25
C LEU C 399 33.58 -23.66 11.49
N LYS C 400 33.39 -23.03 12.65
CA LYS C 400 32.13 -22.39 12.99
C LYS C 400 32.36 -21.46 14.16
N CYS C 401 31.56 -20.40 14.24
CA CYS C 401 31.75 -19.42 15.33
C CYS C 401 30.42 -19.15 16.02
N LYS C 402 30.49 -18.87 17.31
CA LYS C 402 29.33 -18.52 18.12
C LYS C 402 28.84 -17.13 17.75
N ALA C 403 27.53 -16.93 17.88
CA ALA C 403 26.93 -15.66 17.52
C ALA C 403 25.68 -15.44 18.37
N ILE C 404 25.43 -14.17 18.69
CA ILE C 404 24.22 -13.76 19.40
C ILE C 404 23.37 -12.94 18.44
N LEU C 405 22.06 -13.17 18.48
CA LEU C 405 21.13 -12.47 17.61
C LEU C 405 19.78 -12.40 18.32
N GLY C 406 18.72 -12.13 17.55
CA GLY C 406 17.41 -11.93 18.12
C GLY C 406 17.15 -10.51 18.57
N TYR C 407 18.00 -9.56 18.17
CA TYR C 407 17.91 -8.19 18.67
C TYR C 407 16.83 -7.42 17.92
N SER C 408 15.59 -7.78 18.23
CA SER C 408 14.45 -7.01 17.76
C SER C 408 14.38 -5.67 18.50
N VAL C 409 13.47 -4.81 18.05
CA VAL C 409 13.30 -3.50 18.68
C VAL C 409 12.91 -3.67 20.14
N GLU C 410 11.92 -4.56 20.39
CA GLU C 410 11.46 -4.77 21.76
C GLU C 410 12.57 -5.31 22.64
N GLU C 411 13.44 -6.17 22.10
CA GLU C 411 14.52 -6.72 22.92
C GLU C 411 15.62 -5.70 23.15
N ILE C 412 15.91 -4.84 22.17
CA ILE C 412 16.88 -3.78 22.39
C ILE C 412 16.37 -2.81 23.45
N ILE C 413 15.09 -2.46 23.38
CA ILE C 413 14.50 -1.62 24.42
C ILE C 413 14.56 -2.31 25.77
N ASN C 414 14.31 -3.63 25.78
CA ASN C 414 14.38 -4.37 27.03
C ASN C 414 15.79 -4.34 27.61
N LYS C 415 16.81 -4.48 26.76
CA LYS C 415 18.18 -4.46 27.24
C LYS C 415 18.60 -3.07 27.69
N LEU C 416 18.02 -2.02 27.10
CA LEU C 416 18.34 -0.66 27.52
C LEU C 416 17.83 -0.33 28.91
N ASP C 417 16.83 -1.07 29.40
CA ASP C 417 16.29 -0.82 30.74
C ASP C 417 17.31 -1.10 31.83
N LYS C 418 18.32 -1.94 31.57
CA LYS C 418 19.31 -2.26 32.59
C LYS C 418 20.07 -1.02 33.05
N VAL C 419 20.22 -0.02 32.17
CA VAL C 419 21.01 1.16 32.49
C VAL C 419 20.11 2.36 32.80
N VAL C 420 18.86 2.13 33.17
CA VAL C 420 17.94 3.21 33.54
C VAL C 420 17.76 3.20 35.05
N ASN C 421 17.84 4.38 35.66
CA ASN C 421 17.70 4.49 37.11
C ASN C 421 16.23 4.34 37.48
N THR C 422 15.97 3.53 38.53
CA THR C 422 14.61 3.21 38.94
C THR C 422 13.78 4.46 39.21
N GLN C 423 14.42 5.54 39.67
CA GLN C 423 13.69 6.72 40.08
C GLN C 423 13.68 7.83 39.03
N ILE C 424 14.65 7.85 38.12
CA ILE C 424 14.87 8.99 37.25
C ILE C 424 14.04 8.86 35.97
N GLY C 425 14.48 8.01 35.06
CA GLY C 425 13.90 7.93 33.74
C GLY C 425 12.78 6.93 33.62
N PRO C 426 12.08 6.97 32.49
CA PRO C 426 10.99 6.01 32.25
C PRO C 426 11.49 4.74 31.59
N MET C 427 10.79 3.65 31.89
CA MET C 427 11.15 2.35 31.36
C MET C 427 10.47 2.11 30.02
N GLN C 428 10.98 1.14 29.28
CA GLN C 428 10.42 0.70 28.01
C GLN C 428 10.46 1.79 26.93
N THR C 429 11.46 2.66 26.99
CA THR C 429 11.69 3.68 25.96
C THR C 429 13.10 3.50 25.40
N VAL C 430 13.38 4.26 24.32
CA VAL C 430 14.68 4.19 23.66
C VAL C 430 15.58 5.31 24.17
N LYS C 431 15.15 5.96 25.26
CA LYS C 431 15.89 7.10 25.79
C LYS C 431 17.36 6.80 26.08
N PRO C 432 17.74 5.65 26.66
CA PRO C 432 19.18 5.40 26.87
C PRO C 432 20.01 5.48 25.60
N LEU C 433 19.50 4.93 24.49
CA LEU C 433 20.22 5.02 23.23
C LEU C 433 20.24 6.46 22.71
N ALA C 434 19.14 7.19 22.88
CA ALA C 434 19.12 8.59 22.46
C ALA C 434 20.13 9.41 23.25
N ASP C 435 20.27 9.11 24.55
CA ASP C 435 21.13 9.93 25.40
C ASP C 435 22.61 9.74 25.06
N VAL C 436 23.03 8.50 24.80
CA VAL C 436 24.44 8.27 24.49
C VAL C 436 24.80 8.87 23.14
N LEU C 437 23.84 8.98 22.23
CA LEU C 437 24.12 9.62 20.94
C LEU C 437 24.25 11.13 21.10
N VAL C 438 23.27 11.77 21.76
CA VAL C 438 23.33 13.21 21.97
C VAL C 438 24.57 13.59 22.77
N SER C 439 24.90 12.79 23.80
CA SER C 439 26.07 13.09 24.62
C SER C 439 27.35 12.99 23.80
N GLY C 440 27.45 11.97 22.94
CA GLY C 440 28.62 11.76 22.12
C GLY C 440 29.44 10.55 22.49
N VAL C 441 29.07 9.85 23.57
CA VAL C 441 29.74 8.58 23.89
C VAL C 441 29.64 7.63 22.70
N LEU C 442 28.45 7.55 22.10
CA LEU C 442 28.27 6.91 20.81
C LEU C 442 28.28 8.00 19.74
N ARG C 443 29.21 7.89 18.78
CA ARG C 443 29.31 8.91 17.74
C ARG C 443 28.15 8.82 16.77
N GLY C 444 27.61 7.63 16.55
CA GLY C 444 26.48 7.47 15.67
C GLY C 444 25.98 6.05 15.67
N ALA C 445 25.01 5.79 14.80
CA ALA C 445 24.47 4.45 14.59
C ALA C 445 24.46 4.17 13.09
N ALA C 446 24.97 2.99 12.71
CA ALA C 446 25.14 2.64 11.31
C ALA C 446 24.58 1.25 11.05
N ALA C 447 23.78 1.12 9.99
CA ALA C 447 23.20 -0.15 9.58
C ALA C 447 23.96 -0.70 8.38
N VAL C 448 24.58 -1.86 8.55
CA VAL C 448 25.30 -2.55 7.48
C VAL C 448 24.43 -3.72 7.03
N VAL C 449 23.85 -3.59 5.84
CA VAL C 449 23.02 -4.61 5.24
C VAL C 449 23.63 -4.97 3.89
N GLY C 450 22.98 -5.85 3.14
CA GLY C 450 23.34 -6.06 1.76
C GLY C 450 23.72 -7.50 1.45
N CYS C 451 24.06 -7.70 0.17
CA CYS C 451 24.20 -9.01 -0.44
C CYS C 451 25.65 -9.48 -0.34
N ASN C 452 26.00 -10.47 -1.15
CA ASN C 452 27.36 -10.71 -1.62
C ASN C 452 27.40 -10.41 -3.12
N ASN C 453 28.61 -10.21 -3.65
CA ASN C 453 28.74 -9.93 -5.06
C ASN C 453 30.13 -10.39 -5.50
N PRO C 454 30.24 -11.12 -6.60
CA PRO C 454 31.57 -11.54 -7.08
C PRO C 454 32.51 -10.39 -7.39
N LYS C 455 31.99 -9.20 -7.70
CA LYS C 455 32.84 -8.05 -7.96
C LYS C 455 33.61 -7.59 -6.72
N VAL C 456 33.25 -8.10 -5.54
CA VAL C 456 33.96 -7.82 -4.30
C VAL C 456 34.38 -9.15 -3.69
N VAL C 457 35.57 -9.18 -3.10
CA VAL C 457 36.03 -10.34 -2.35
C VAL C 457 35.03 -10.61 -1.25
N GLN C 458 34.32 -11.75 -1.34
CA GLN C 458 33.11 -11.93 -0.56
C GLN C 458 33.40 -11.86 0.94
N ASP C 459 32.57 -11.08 1.64
CA ASP C 459 32.59 -10.79 3.07
C ASP C 459 33.68 -9.81 3.48
N SER C 460 34.64 -9.48 2.60
CA SER C 460 35.71 -8.57 3.00
C SER C 460 35.20 -7.15 3.19
N ALA C 461 34.32 -6.68 2.29
CA ALA C 461 33.77 -5.34 2.44
C ALA C 461 32.86 -5.25 3.66
N HIS C 462 32.12 -6.32 3.95
CA HIS C 462 31.28 -6.34 5.15
C HIS C 462 32.12 -6.20 6.41
N ILE C 463 33.13 -7.05 6.56
CA ILE C 463 33.89 -7.11 7.80
C ILE C 463 34.72 -5.85 7.98
N GLU C 464 35.33 -5.34 6.90
CA GLU C 464 36.14 -4.14 7.02
C GLU C 464 35.27 -2.92 7.33
N THR C 465 34.07 -2.85 6.74
CA THR C 465 33.15 -1.76 7.05
C THR C 465 32.74 -1.80 8.52
N ILE C 466 32.26 -2.96 8.98
CA ILE C 466 31.77 -3.06 10.35
C ILE C 466 32.89 -2.84 11.35
N LYS C 467 34.07 -3.42 11.11
CA LYS C 467 35.18 -3.27 12.04
C LYS C 467 35.61 -1.81 12.15
N GLY C 468 35.63 -1.09 11.02
CA GLY C 468 36.01 0.32 11.07
C GLY C 468 34.99 1.17 11.80
N LEU C 469 33.70 0.84 11.65
CA LEU C 469 32.66 1.63 12.30
C LEU C 469 32.69 1.45 13.81
N ILE C 470 32.70 0.21 14.29
CA ILE C 470 32.72 -0.03 15.72
C ILE C 470 34.04 0.43 16.34
N LYS C 471 35.11 0.50 15.55
CA LYS C 471 36.36 1.08 16.04
C LYS C 471 36.22 2.59 16.27
N ASN C 472 35.34 3.24 15.50
CA ASN C 472 35.09 4.66 15.63
C ASN C 472 33.90 4.97 16.52
N ASP C 473 33.57 4.09 17.46
CA ASP C 473 32.49 4.30 18.42
C ASP C 473 31.15 4.53 17.73
N VAL C 474 30.91 3.78 16.65
CA VAL C 474 29.65 3.82 15.93
C VAL C 474 29.04 2.43 16.04
N ILE C 475 27.98 2.30 16.83
CA ILE C 475 27.31 1.01 16.99
C ILE C 475 26.75 0.58 15.64
N VAL C 476 26.83 -0.72 15.36
CA VAL C 476 26.48 -1.27 14.06
C VAL C 476 25.36 -2.29 14.25
N VAL C 477 24.24 -2.06 13.56
CA VAL C 477 23.19 -3.06 13.44
C VAL C 477 23.32 -3.68 12.06
N VAL C 478 22.91 -4.94 11.94
CA VAL C 478 23.11 -5.72 10.72
C VAL C 478 21.89 -6.59 10.45
N THR C 479 21.54 -6.71 9.17
CA THR C 479 20.50 -7.62 8.73
C THR C 479 20.98 -8.37 7.50
N GLY C 480 20.36 -9.51 7.24
CA GLY C 480 20.61 -10.24 6.01
C GLY C 480 22.00 -10.85 5.93
N CYS C 481 22.52 -10.92 4.70
CA CYS C 481 23.80 -11.57 4.46
C CYS C 481 24.95 -10.82 5.12
N ALA C 482 24.83 -9.50 5.28
CA ALA C 482 25.84 -8.75 6.01
C ALA C 482 25.93 -9.23 7.45
N ALA C 483 24.77 -9.40 8.10
CA ALA C 483 24.76 -9.95 9.46
C ALA C 483 25.41 -11.32 9.49
N GLN C 484 25.10 -12.18 8.52
CA GLN C 484 25.68 -13.51 8.50
C GLN C 484 27.18 -13.46 8.22
N ALA C 485 27.64 -12.46 7.47
CA ALA C 485 29.08 -12.24 7.38
C ALA C 485 29.67 -11.92 8.74
N ALA C 486 28.97 -11.08 9.52
CA ALA C 486 29.44 -10.75 10.87
C ALA C 486 29.40 -11.97 11.78
N ALA C 487 28.41 -12.85 11.60
CA ALA C 487 28.32 -14.04 12.44
C ALA C 487 29.45 -15.03 12.12
N LYS C 488 29.77 -15.19 10.84
CA LYS C 488 30.86 -16.07 10.46
C LYS C 488 32.21 -15.58 11.00
N TYR C 489 32.47 -14.28 10.87
CA TYR C 489 33.73 -13.73 11.36
C TYR C 489 33.81 -13.73 12.89
N GLY C 490 32.67 -13.72 13.57
CA GLY C 490 32.65 -13.72 15.02
C GLY C 490 32.36 -12.38 15.67
N LEU C 491 31.76 -11.44 14.94
CA LEU C 491 31.44 -10.13 15.50
C LEU C 491 30.18 -10.13 16.34
N LEU C 492 29.35 -11.16 16.25
CA LEU C 492 28.10 -11.24 17.03
C LEU C 492 28.35 -11.86 18.40
N GLN C 493 29.40 -11.40 19.08
CA GLN C 493 29.75 -11.88 20.41
C GLN C 493 29.98 -10.69 21.32
N LYS C 494 29.66 -10.88 22.60
CA LYS C 494 29.98 -9.86 23.60
C LYS C 494 31.48 -9.71 23.77
N GLU C 495 32.26 -10.74 23.42
CA GLU C 495 33.71 -10.67 23.48
C GLU C 495 34.28 -9.76 22.39
N ALA C 496 33.49 -9.43 21.36
CA ALA C 496 33.96 -8.58 20.27
C ALA C 496 34.10 -7.12 20.68
N ALA C 497 33.53 -6.71 21.82
CA ALA C 497 33.67 -5.33 22.27
C ALA C 497 35.12 -5.01 22.61
N GLU C 498 35.71 -5.78 23.53
CA GLU C 498 37.11 -5.57 23.88
C GLU C 498 38.02 -5.71 22.66
N LYS C 499 37.68 -6.64 21.76
CA LYS C 499 38.55 -6.93 20.62
C LYS C 499 38.58 -5.76 19.63
N TYR C 500 37.42 -5.26 19.25
CA TYR C 500 37.32 -4.37 18.09
C TYR C 500 36.68 -3.01 18.37
N ALA C 501 35.91 -2.85 19.43
CA ALA C 501 35.17 -1.61 19.63
C ALA C 501 36.08 -0.49 20.11
N GLY C 502 35.65 0.74 19.85
CA GLY C 502 36.31 1.90 20.42
C GLY C 502 35.95 2.08 21.88
N PRO C 503 36.50 3.14 22.47
CA PRO C 503 36.29 3.36 23.91
C PRO C 503 34.83 3.58 24.27
N GLY C 504 34.18 4.55 23.62
CA GLY C 504 32.79 4.83 23.95
C GLY C 504 31.88 3.64 23.72
N LEU C 505 32.07 2.94 22.60
CA LEU C 505 31.20 1.80 22.29
C LEU C 505 31.43 0.65 23.25
N ALA C 506 32.70 0.34 23.57
CA ALA C 506 32.97 -0.72 24.53
C ALA C 506 32.34 -0.41 25.88
N THR C 507 32.35 0.86 26.29
CA THR C 507 31.71 1.25 27.53
C THR C 507 30.19 1.04 27.45
N VAL C 508 29.59 1.34 26.30
CA VAL C 508 28.17 1.09 26.13
C VAL C 508 27.88 -0.40 26.11
N CYS C 509 28.80 -1.21 25.56
CA CYS C 509 28.59 -2.64 25.51
C CYS C 509 28.67 -3.26 26.90
N LYS C 510 29.64 -2.82 27.71
CA LYS C 510 29.74 -3.35 29.07
C LYS C 510 28.52 -2.99 29.90
N LEU C 511 28.02 -1.76 29.77
CA LEU C 511 26.90 -1.32 30.59
C LEU C 511 25.61 -2.01 30.18
N VAL C 512 25.36 -2.15 28.88
CA VAL C 512 24.12 -2.73 28.40
C VAL C 512 24.19 -4.25 28.28
N ASP C 513 25.40 -4.83 28.27
CA ASP C 513 25.61 -6.27 28.14
C ASP C 513 25.14 -6.75 26.77
N ILE C 514 25.78 -6.25 25.72
CA ILE C 514 25.40 -6.53 24.34
C ILE C 514 26.66 -6.55 23.49
N PRO C 515 26.62 -7.23 22.34
CA PRO C 515 27.74 -7.18 21.40
C PRO C 515 27.81 -5.82 20.73
N PRO C 516 28.96 -5.45 20.17
CA PRO C 516 29.03 -4.20 19.41
C PRO C 516 28.31 -4.25 18.07
N VAL C 517 27.87 -5.43 17.64
CA VAL C 517 27.12 -5.58 16.40
C VAL C 517 25.84 -6.32 16.73
N LEU C 518 24.70 -5.69 16.44
CA LEU C 518 23.39 -6.23 16.78
C LEU C 518 22.72 -6.81 15.52
N HIS C 519 22.50 -8.12 15.52
CA HIS C 519 21.78 -8.78 14.44
C HIS C 519 20.28 -8.56 14.64
N MET C 520 19.64 -7.86 13.69
CA MET C 520 18.25 -7.46 13.83
C MET C 520 17.32 -8.21 12.90
N GLY C 521 17.80 -9.25 12.24
CA GLY C 521 16.96 -10.18 11.54
C GLY C 521 17.21 -10.25 10.04
N SER C 522 16.18 -10.65 9.32
CA SER C 522 16.23 -10.74 7.88
C SER C 522 16.23 -9.34 7.26
N CYS C 523 16.03 -9.26 5.94
CA CYS C 523 16.04 -7.97 5.28
C CYS C 523 14.69 -7.28 5.24
N VAL C 524 13.58 -8.02 5.35
CA VAL C 524 12.33 -7.36 5.68
C VAL C 524 12.41 -6.80 7.09
N ASP C 525 13.25 -7.40 7.94
CA ASP C 525 13.49 -6.91 9.29
C ASP C 525 14.29 -5.61 9.32
N ILE C 526 14.74 -5.11 8.17
CA ILE C 526 15.29 -3.74 8.14
C ILE C 526 14.25 -2.76 8.63
N SER C 527 12.97 -3.07 8.45
CA SER C 527 11.90 -2.26 9.01
C SER C 527 12.08 -2.05 10.52
N ARG C 528 12.69 -3.01 11.21
CA ARG C 528 13.03 -2.82 12.61
C ARG C 528 14.00 -1.65 12.78
N ILE C 529 14.91 -1.48 11.83
CA ILE C 529 15.89 -0.39 11.92
C ILE C 529 15.19 0.96 11.77
N LEU C 530 14.30 1.07 10.80
CA LEU C 530 13.49 2.28 10.66
C LEU C 530 12.66 2.52 11.93
N ASP C 531 11.99 1.48 12.41
CA ASP C 531 11.23 1.56 13.65
C ASP C 531 12.10 2.08 14.79
N LEU C 532 13.35 1.63 14.85
CA LEU C 532 14.26 2.08 15.91
C LEU C 532 14.61 3.55 15.73
N VAL C 533 15.11 3.92 14.55
CA VAL C 533 15.55 5.29 14.31
C VAL C 533 14.40 6.27 14.48
N GLY C 534 13.21 5.92 13.98
CA GLY C 534 12.06 6.80 14.13
C GLY C 534 11.70 7.06 15.58
N ARG C 535 11.79 6.02 16.43
CA ARG C 535 11.58 6.22 17.85
C ARG C 535 12.58 7.19 18.43
N VAL C 536 13.84 7.10 17.98
CA VAL C 536 14.86 8.05 18.43
C VAL C 536 14.58 9.43 17.87
N ALA C 537 14.20 9.51 16.60
CA ALA C 537 13.83 10.80 16.02
C ALA C 537 12.63 11.40 16.75
N ASN C 538 11.62 10.58 17.05
CA ASN C 538 10.43 11.08 17.72
C ASN C 538 10.71 11.49 19.16
N LEU C 539 11.60 10.75 19.83
CA LEU C 539 11.92 11.07 21.22
C LEU C 539 12.73 12.35 21.35
N LEU C 540 13.43 12.75 20.30
CA LEU C 540 14.20 13.99 20.31
C LEU C 540 13.49 15.12 19.57
N GLY C 541 12.21 14.95 19.26
CA GLY C 541 11.44 16.01 18.63
C GLY C 541 11.91 16.43 17.26
N VAL C 542 12.76 15.61 16.62
CA VAL C 542 13.36 15.97 15.34
C VAL C 542 12.96 14.97 14.27
N ASP C 543 13.39 15.21 13.04
CA ASP C 543 13.23 14.27 11.94
C ASP C 543 14.44 13.33 11.89
N MET C 544 14.34 12.32 11.02
CA MET C 544 15.39 11.30 10.96
C MET C 544 16.64 11.78 10.24
N SER C 545 16.52 12.77 9.36
CA SER C 545 17.70 13.30 8.69
C SER C 545 18.56 14.16 9.61
N ASP C 546 18.10 14.42 10.84
CA ASP C 546 18.87 15.22 11.77
C ASP C 546 19.81 14.38 12.63
N LEU C 547 19.55 13.07 12.76
CA LEU C 547 20.32 12.16 13.59
C LEU C 547 21.58 11.69 12.87
N PRO C 548 22.67 11.45 13.61
CA PRO C 548 23.90 10.92 12.99
C PRO C 548 23.80 9.43 12.69
N VAL C 549 23.02 9.09 11.68
CA VAL C 549 22.77 7.71 11.30
C VAL C 549 23.15 7.51 9.83
N ALA C 550 23.50 6.26 9.50
CA ALA C 550 23.94 5.93 8.15
C ALA C 550 23.61 4.48 7.85
N GLY C 551 23.39 4.20 6.58
CA GLY C 551 23.20 2.84 6.10
C GLY C 551 24.26 2.47 5.08
N VAL C 552 24.71 1.22 5.12
CA VAL C 552 25.76 0.74 4.23
C VAL C 552 25.33 -0.59 3.62
N ALA C 553 25.57 -0.74 2.32
CA ALA C 553 25.37 -1.99 1.60
C ALA C 553 26.68 -2.32 0.89
N PRO C 554 27.65 -2.92 1.60
CA PRO C 554 29.00 -3.03 1.04
C PRO C 554 29.11 -3.95 -0.16
N GLU C 555 28.25 -4.95 -0.29
CA GLU C 555 28.37 -5.95 -1.35
C GLU C 555 27.01 -6.26 -1.96
N TRP C 556 26.19 -5.24 -2.18
CA TRP C 556 24.82 -5.44 -2.63
C TRP C 556 24.79 -6.04 -4.05
N MET C 557 23.63 -6.62 -4.39
CA MET C 557 23.48 -7.30 -5.68
C MET C 557 22.05 -7.24 -6.20
N SER C 558 21.08 -7.52 -5.34
CA SER C 558 19.71 -7.71 -5.79
C SER C 558 19.00 -6.37 -5.99
N GLU C 559 17.93 -6.41 -6.79
CA GLU C 559 17.04 -5.26 -6.89
C GLU C 559 16.34 -4.97 -5.57
N LYS C 560 16.19 -5.99 -4.71
CA LYS C 560 15.67 -5.74 -3.37
C LYS C 560 16.55 -4.77 -2.61
N ALA C 561 17.88 -4.88 -2.79
CA ALA C 561 18.79 -3.95 -2.13
C ALA C 561 18.60 -2.52 -2.64
N VAL C 562 18.38 -2.36 -3.95
CA VAL C 562 18.17 -1.02 -4.51
C VAL C 562 16.94 -0.37 -3.89
N ALA C 563 15.83 -1.11 -3.86
CA ALA C 563 14.62 -0.59 -3.21
C ALA C 563 14.87 -0.34 -1.73
N ILE C 564 15.67 -1.20 -1.09
CA ILE C 564 16.04 -0.98 0.31
C ILE C 564 16.82 0.32 0.45
N GLY C 565 17.89 0.47 -0.35
CA GLY C 565 18.70 1.68 -0.26
C GLY C 565 17.94 2.93 -0.62
N THR C 566 16.94 2.80 -1.51
CA THR C 566 16.16 3.98 -1.90
C THR C 566 15.20 4.42 -0.80
N TYR C 567 14.58 3.47 -0.09
CA TYR C 567 13.68 3.88 0.98
C TYR C 567 14.44 4.31 2.23
N VAL C 568 15.66 3.80 2.42
CA VAL C 568 16.49 4.29 3.53
C VAL C 568 16.83 5.76 3.32
N VAL C 569 17.16 6.14 2.08
CA VAL C 569 17.49 7.53 1.78
C VAL C 569 16.26 8.41 1.89
N THR C 570 15.16 8.00 1.25
CA THR C 570 13.93 8.80 1.30
C THR C 570 13.42 8.94 2.72
N SER C 571 13.67 7.95 3.58
CA SER C 571 13.33 8.09 4.99
C SER C 571 14.21 9.11 5.69
N GLY C 572 15.36 9.45 5.11
CA GLY C 572 16.22 10.48 5.64
C GLY C 572 17.54 9.99 6.21
N ILE C 573 18.05 8.89 5.67
CA ILE C 573 19.26 8.26 6.19
C ILE C 573 20.26 8.13 5.05
N ASP C 574 21.41 8.80 5.19
CA ASP C 574 22.47 8.70 4.18
C ASP C 574 22.88 7.25 4.00
N THR C 575 23.05 6.84 2.74
CA THR C 575 23.33 5.45 2.41
C THR C 575 24.57 5.36 1.55
N TRP C 576 25.54 4.55 1.99
CA TRP C 576 26.74 4.25 1.23
C TRP C 576 26.55 2.94 0.48
N LEU C 577 26.99 2.91 -0.78
CA LEU C 577 26.91 1.72 -1.61
C LEU C 577 28.32 1.28 -1.99
N GLY C 578 28.65 0.02 -1.69
CA GLY C 578 29.94 -0.55 -2.02
C GLY C 578 30.06 -1.12 -3.40
N VAL C 579 28.94 -1.27 -4.11
CA VAL C 579 28.90 -1.73 -5.49
C VAL C 579 28.19 -0.67 -6.31
N ALA C 580 28.84 -0.20 -7.36
CA ALA C 580 28.31 0.92 -8.13
C ALA C 580 27.07 0.50 -8.91
N PRO C 581 25.93 1.16 -8.73
CA PRO C 581 24.76 0.83 -9.54
C PRO C 581 24.91 1.35 -10.96
N PRO C 582 24.16 0.78 -11.92
CA PRO C 582 24.30 1.21 -13.32
C PRO C 582 23.73 2.59 -13.57
N VAL C 583 24.43 3.62 -13.09
CA VAL C 583 23.98 5.01 -13.22
C VAL C 583 25.06 5.92 -13.79
N THR C 584 26.27 5.42 -14.01
CA THR C 584 27.40 6.27 -14.38
C THR C 584 27.20 6.98 -15.71
N GLY C 585 26.35 6.45 -16.59
CA GLY C 585 26.13 7.05 -17.89
C GLY C 585 25.21 8.25 -17.91
N GLY C 586 24.44 8.46 -16.85
CA GLY C 586 23.52 9.57 -16.79
C GLY C 586 23.96 10.62 -15.79
N PRO C 587 24.67 11.65 -16.26
CA PRO C 587 25.21 12.66 -15.33
C PRO C 587 24.15 13.32 -14.47
N GLU C 588 22.95 13.58 -15.01
CA GLU C 588 21.90 14.17 -14.18
C GLU C 588 21.44 13.19 -13.12
N VAL C 589 21.35 11.90 -13.47
CA VAL C 589 20.94 10.90 -12.49
C VAL C 589 21.96 10.80 -11.37
N VAL C 590 23.25 10.92 -11.70
CA VAL C 590 24.28 10.91 -10.67
C VAL C 590 24.13 12.12 -9.75
N ASP C 591 23.89 13.30 -10.34
CA ASP C 591 23.72 14.50 -9.53
C ASP C 591 22.49 14.39 -8.62
N ILE C 592 21.44 13.74 -9.12
CA ILE C 592 20.23 13.56 -8.30
C ILE C 592 20.51 12.64 -7.13
N LEU C 593 21.19 11.52 -7.39
CA LEU C 593 21.37 10.51 -6.35
C LEU C 593 22.44 10.88 -5.34
N THR C 594 23.44 11.67 -5.73
CA THR C 594 24.59 11.93 -4.87
C THR C 594 24.75 13.39 -4.48
N ASN C 595 23.81 14.26 -4.84
CA ASN C 595 23.87 15.65 -4.40
C ASN C 595 22.48 16.23 -4.18
N LYS C 596 21.71 16.36 -5.26
CA LYS C 596 20.40 17.01 -5.19
C LYS C 596 19.48 16.35 -4.18
N MET C 597 19.60 15.01 -4.03
CA MET C 597 18.75 14.28 -3.09
C MET C 597 18.77 14.90 -1.70
N GLU C 598 19.92 15.42 -1.28
CA GLU C 598 20.04 16.02 0.04
C GLU C 598 19.06 17.16 0.23
N ASP C 599 18.85 17.98 -0.82
CA ASP C 599 17.93 19.11 -0.74
C ASP C 599 16.47 18.69 -0.80
N TRP C 600 16.18 17.42 -1.12
CA TRP C 600 14.81 16.92 -1.17
C TRP C 600 14.39 16.25 0.14
N VAL C 601 15.17 15.28 0.61
CA VAL C 601 14.80 14.46 1.75
C VAL C 601 15.84 14.47 2.86
N GLY C 602 16.91 15.27 2.74
CA GLY C 602 17.87 15.39 3.81
C GLY C 602 18.95 14.34 3.86
N ALA C 603 19.01 13.46 2.86
CA ALA C 603 20.05 12.45 2.77
C ALA C 603 20.39 12.25 1.30
N LYS C 604 21.42 11.45 1.05
CA LYS C 604 21.82 11.17 -0.33
C LYS C 604 22.58 9.85 -0.36
N PHE C 605 22.83 9.38 -1.58
CA PHE C 605 23.63 8.19 -1.80
C PHE C 605 25.12 8.53 -1.80
N PHE C 606 25.93 7.55 -1.41
CA PHE C 606 27.37 7.62 -1.54
C PHE C 606 27.84 6.33 -2.20
N ILE C 607 28.60 6.46 -3.28
CA ILE C 607 29.13 5.31 -4.00
C ILE C 607 30.62 5.25 -3.72
N GLU C 608 31.05 4.25 -2.95
CA GLU C 608 32.46 4.09 -2.61
C GLU C 608 32.74 2.61 -2.47
N THR C 609 33.70 2.11 -3.25
CA THR C 609 34.07 0.70 -3.21
C THR C 609 35.14 0.39 -2.18
N ASP C 610 35.84 1.41 -1.68
CA ASP C 610 36.86 1.21 -0.66
C ASP C 610 36.20 1.34 0.72
N PRO C 611 36.06 0.25 1.48
CA PRO C 611 35.37 0.35 2.77
C PRO C 611 36.06 1.27 3.76
N HIS C 612 37.40 1.38 3.71
CA HIS C 612 38.10 2.28 4.61
C HIS C 612 37.76 3.73 4.29
N LYS C 613 37.76 4.10 3.01
CA LYS C 613 37.31 5.42 2.62
C LYS C 613 35.85 5.64 3.00
N ALA C 614 35.04 4.59 2.90
CA ALA C 614 33.63 4.70 3.26
C ALA C 614 33.46 5.06 4.73
N VAL C 615 34.24 4.41 5.60
CA VAL C 615 34.16 4.72 7.02
C VAL C 615 34.50 6.17 7.28
N GLU C 616 35.57 6.67 6.65
CA GLU C 616 35.93 8.09 6.77
C GLU C 616 34.76 8.98 6.39
N GLN C 617 34.12 8.69 5.26
CA GLN C 617 33.01 9.50 4.79
C GLN C 617 31.83 9.46 5.78
N ILE C 618 31.56 8.29 6.34
CA ILE C 618 30.43 8.15 7.27
C ILE C 618 30.70 8.95 8.54
N VAL C 619 31.91 8.83 9.10
CA VAL C 619 32.23 9.52 10.34
C VAL C 619 32.20 11.03 10.14
N ASN C 620 32.79 11.50 9.05
CA ASN C 620 32.78 12.93 8.76
C ASN C 620 31.36 13.43 8.52
N ARG C 621 30.55 12.65 7.79
CA ARG C 621 29.16 13.03 7.55
C ARG C 621 28.38 13.11 8.85
N MET C 622 28.55 12.10 9.72
CA MET C 622 27.83 12.10 10.99
C MET C 622 28.20 13.32 11.84
N ASN C 623 29.48 13.67 11.89
CA ASN C 623 29.90 14.84 12.67
C ASN C 623 29.27 16.11 12.15
N GLU C 624 29.10 16.22 10.82
CA GLU C 624 28.44 17.39 10.25
C GLU C 624 27.01 17.51 10.75
N LYS C 625 26.27 16.40 10.75
CA LYS C 625 24.89 16.43 11.23
C LYS C 625 24.85 16.63 12.74
N ARG C 626 25.87 16.16 13.46
CA ARG C 626 25.96 16.44 14.89
C ARG C 626 26.21 17.92 15.15
N LYS C 627 27.19 18.49 14.43
CA LYS C 627 27.48 19.92 14.55
C LYS C 627 26.27 20.76 14.13
N LYS C 628 25.59 20.33 13.06
CA LYS C 628 24.39 21.02 12.62
C LYS C 628 23.30 20.95 13.69
N LEU C 629 23.19 19.81 14.37
CA LEU C 629 22.22 19.65 15.45
C LEU C 629 22.71 20.19 16.79
N GLY C 630 24.01 20.46 16.91
CA GLY C 630 24.56 20.95 18.16
C GLY C 630 24.97 19.87 19.14
N ILE C 631 25.30 18.68 18.66
CA ILE C 631 25.70 17.58 19.53
C ILE C 631 27.01 16.97 19.05
N MET D 1 25.59 24.09 24.04
CA MET D 1 26.94 23.67 23.66
C MET D 1 27.08 22.16 23.80
N ASN D 2 27.83 21.56 22.89
CA ASN D 2 28.07 20.11 22.90
C ASN D 2 28.75 19.72 24.22
N LEU D 3 28.45 18.49 24.67
CA LEU D 3 28.89 18.05 25.99
C LEU D 3 30.40 17.94 26.07
N PHE D 4 31.04 17.37 25.04
CA PHE D 4 32.49 17.27 25.03
C PHE D 4 33.14 18.65 25.08
N GLN D 5 32.68 19.56 24.23
CA GLN D 5 33.24 20.91 24.21
C GLN D 5 32.96 21.64 25.51
N THR D 6 31.83 21.34 26.17
CA THR D 6 31.58 21.94 27.48
C THR D 6 32.61 21.48 28.50
N VAL D 7 33.10 20.24 28.36
CA VAL D 7 34.16 19.75 29.25
C VAL D 7 35.51 20.33 28.85
N PHE D 8 35.78 20.40 27.54
CA PHE D 8 37.03 21.00 27.08
C PHE D 8 37.13 22.47 27.48
N THR D 9 36.02 23.20 27.35
CA THR D 9 36.02 24.62 27.72
C THR D 9 36.38 24.80 29.19
N GLY D 10 35.72 24.05 30.08
CA GLY D 10 35.99 24.18 31.49
C GLY D 10 37.39 23.73 31.89
N SER D 11 37.95 22.77 31.16
CA SER D 11 39.29 22.29 31.47
C SER D 11 40.34 23.32 31.08
N LYS D 12 40.20 23.93 29.90
CA LYS D 12 41.11 25.00 29.52
C LYS D 12 40.94 26.21 30.44
N GLN D 13 39.73 26.44 30.96
CA GLN D 13 39.55 27.44 32.01
C GLN D 13 40.34 27.08 33.25
N ALA D 14 40.30 25.81 33.65
CA ALA D 14 41.02 25.38 34.85
C ALA D 14 42.53 25.50 34.66
N LEU D 15 43.02 25.19 33.46
CA LEU D 15 44.44 25.40 33.17
C LEU D 15 44.81 26.87 33.31
N ALA D 16 44.00 27.76 32.75
CA ALA D 16 44.26 29.19 32.86
C ALA D 16 44.28 29.64 34.32
N ALA D 17 43.35 29.12 35.13
CA ALA D 17 43.35 29.48 36.54
C ALA D 17 44.56 28.94 37.28
N ALA D 18 45.05 27.76 36.88
CA ALA D 18 46.24 27.20 37.51
C ALA D 18 47.51 27.94 37.07
N GLU D 19 47.56 28.41 35.82
CA GLU D 19 48.67 29.24 35.39
C GLU D 19 48.65 30.60 36.06
N GLY D 20 47.45 31.15 36.32
CA GLY D 20 47.35 32.46 36.94
C GLY D 20 47.71 32.49 38.40
N ILE D 21 47.44 31.41 39.13
CA ILE D 21 47.80 31.37 40.55
C ILE D 21 49.21 30.83 40.79
N VAL D 22 49.74 30.03 39.86
CA VAL D 22 51.14 29.65 39.95
C VAL D 22 52.06 30.78 39.49
N LYS D 23 51.53 31.72 38.71
CA LYS D 23 52.27 32.94 38.40
C LYS D 23 52.46 33.79 39.66
N GLN D 24 51.49 33.78 40.57
CA GLN D 24 51.68 34.41 41.87
C GLN D 24 52.75 33.69 42.68
N ALA D 25 52.84 32.37 42.54
CA ALA D 25 53.78 31.60 43.35
C ALA D 25 55.23 31.97 43.05
N VAL D 26 55.56 32.13 41.76
CA VAL D 26 56.94 32.46 41.39
C VAL D 26 57.29 33.91 41.66
N ASP D 27 56.31 34.76 41.97
CA ASP D 27 56.58 36.15 42.32
C ASP D 27 56.72 36.35 43.82
N GLU D 28 55.92 35.63 44.62
CA GLU D 28 56.01 35.76 46.07
C GLU D 28 57.13 34.91 46.65
N LYS D 29 57.36 33.72 46.11
CA LYS D 29 58.23 32.74 46.74
C LYS D 29 59.37 32.22 45.88
N GLY D 30 59.42 32.58 44.60
CA GLY D 30 60.50 32.13 43.75
C GLY D 30 60.37 30.68 43.34
N ARG D 31 61.17 30.27 42.34
CA ARG D 31 61.00 28.93 41.76
C ARG D 31 61.34 27.82 42.76
N ASP D 32 62.25 28.09 43.70
CA ASP D 32 62.59 27.13 44.74
C ASP D 32 61.91 27.55 46.04
N TYR D 33 60.88 26.80 46.43
CA TYR D 33 60.15 27.04 47.67
C TYR D 33 59.29 25.84 48.01
N LYS D 34 59.31 25.41 49.27
CA LYS D 34 58.64 24.18 49.67
C LYS D 34 57.16 24.20 49.33
N VAL D 35 56.70 23.15 48.66
CA VAL D 35 55.28 22.94 48.36
C VAL D 35 54.89 21.58 48.93
N ALA D 36 53.88 21.57 49.79
CA ALA D 36 53.45 20.33 50.43
C ALA D 36 52.06 20.52 51.02
N PHE D 37 51.48 19.41 51.45
CA PHE D 37 50.22 19.35 52.16
C PHE D 37 50.44 18.76 53.55
N PRO D 38 49.66 19.17 54.55
CA PRO D 38 49.93 18.73 55.92
C PRO D 38 49.69 17.24 56.10
N ASP D 39 50.65 16.56 56.73
CA ASP D 39 50.54 15.15 57.12
C ASP D 39 50.22 14.26 55.92
N THR D 40 51.05 14.35 54.88
CA THR D 40 50.92 13.48 53.73
C THR D 40 52.28 12.91 53.35
N ALA D 41 52.30 11.63 53.03
CA ALA D 41 53.50 10.94 52.57
C ALA D 41 53.52 10.78 51.06
N TYR D 42 52.48 11.21 50.37
CA TYR D 42 52.35 11.05 48.93
C TYR D 42 52.47 12.36 48.17
N SER D 43 52.92 13.42 48.84
CA SER D 43 53.13 14.74 48.24
C SER D 43 51.80 15.18 47.61
N LEU D 44 51.77 15.54 46.32
CA LEU D 44 50.53 15.85 45.63
C LEU D 44 49.89 14.55 45.18
N PRO D 45 48.83 14.09 45.86
CA PRO D 45 48.33 12.73 45.60
C PRO D 45 47.89 12.48 44.17
N VAL D 46 47.17 13.42 43.56
CA VAL D 46 46.71 13.22 42.18
C VAL D 46 47.89 13.14 41.23
N ILE D 47 48.82 14.10 41.34
CA ILE D 47 49.99 14.09 40.47
C ILE D 47 50.88 12.89 40.77
N PHE D 48 50.95 12.47 42.04
CA PHE D 48 51.72 11.29 42.39
C PHE D 48 51.06 10.02 41.85
N ALA D 49 49.74 9.94 41.91
CA ALA D 49 49.06 8.74 41.44
C ALA D 49 49.21 8.57 39.93
N ALA D 50 49.33 9.67 39.19
CA ALA D 50 49.38 9.59 37.74
C ALA D 50 50.80 9.35 37.24
N THR D 51 51.76 10.11 37.76
CA THR D 51 53.13 10.06 37.26
C THR D 51 54.11 9.41 38.21
N GLY D 52 53.74 9.16 39.47
CA GLY D 52 54.66 8.56 40.41
C GLY D 52 55.81 9.45 40.81
N LYS D 53 55.72 10.75 40.53
CA LYS D 53 56.78 11.71 40.85
C LYS D 53 56.26 12.72 41.87
N LYS D 54 57.05 12.97 42.90
CA LYS D 54 56.68 13.91 43.95
C LYS D 54 57.08 15.33 43.56
N ILE D 55 56.27 16.29 44.00
CA ILE D 55 56.47 17.70 43.71
C ILE D 55 56.93 18.38 45.00
N THR D 56 58.15 18.90 44.98
CA THR D 56 58.77 19.47 46.18
C THR D 56 58.71 21.00 46.19
N ASN D 57 59.29 21.63 45.17
CA ASN D 57 59.42 23.08 45.14
C ASN D 57 58.42 23.70 44.15
N VAL D 58 58.40 25.03 44.12
CA VAL D 58 57.47 25.75 43.26
C VAL D 58 57.86 25.57 41.79
N GLY D 59 59.15 25.46 41.49
CA GLY D 59 59.56 25.24 40.12
C GLY D 59 58.98 23.97 39.53
N GLU D 60 58.96 22.88 40.31
CA GLU D 60 58.35 21.65 39.84
C GLU D 60 56.83 21.76 39.80
N LEU D 61 56.24 22.55 40.69
CA LEU D 61 54.80 22.79 40.63
C LEU D 61 54.44 23.59 39.38
N GLU D 62 55.31 24.53 38.98
CA GLU D 62 55.11 25.22 37.72
C GLU D 62 55.31 24.28 36.54
N GLY D 63 56.33 23.43 36.59
CA GLY D 63 56.55 22.44 35.55
C GLY D 63 55.50 21.35 35.52
N ALA D 64 54.71 21.22 36.60
CA ALA D 64 53.61 20.26 36.60
C ALA D 64 52.45 20.71 35.74
N LEU D 65 52.43 21.97 35.30
CA LEU D 65 51.39 22.42 34.39
C LEU D 65 51.44 21.66 33.07
N ASP D 66 52.62 21.16 32.70
CA ASP D 66 52.76 20.42 31.45
C ASP D 66 51.92 19.15 31.44
N ILE D 67 51.62 18.60 32.62
CA ILE D 67 50.76 17.42 32.69
C ILE D 67 49.32 17.80 32.32
N VAL D 68 48.83 18.90 32.87
CA VAL D 68 47.50 19.38 32.54
C VAL D 68 47.38 19.63 31.04
N ARG D 69 48.41 20.20 30.43
CA ARG D 69 48.38 20.47 29.00
C ARG D 69 48.42 19.19 28.19
N SER D 70 49.04 18.13 28.72
CA SER D 70 49.16 16.87 28.00
C SER D 70 47.92 16.01 28.09
N LEU D 71 46.94 16.38 28.91
CA LEU D 71 45.74 15.58 29.13
C LEU D 71 44.51 16.16 28.45
N ILE D 72 44.69 17.14 27.55
CA ILE D 72 43.56 17.94 27.09
C ILE D 72 43.41 17.87 25.58
N VAL D 73 43.58 16.66 25.03
CA VAL D 73 43.38 16.45 23.59
C VAL D 73 41.91 16.70 23.25
N GLU D 74 41.67 17.59 22.28
CA GLU D 74 40.32 18.06 21.98
C GLU D 74 39.71 17.34 20.79
N GLU D 75 39.57 16.02 20.94
CA GLU D 75 38.88 15.18 19.97
C GLU D 75 37.65 14.55 20.62
N GLU D 76 36.53 14.58 19.91
CA GLU D 76 35.26 14.10 20.48
C GLU D 76 35.24 12.58 20.47
N MET D 77 35.98 12.01 21.42
CA MET D 77 35.95 10.58 21.71
C MET D 77 35.98 10.41 23.22
N LEU D 78 35.50 9.26 23.69
CA LEU D 78 35.29 9.10 25.12
C LEU D 78 36.61 9.17 25.89
N ASP D 79 37.65 8.48 25.40
CA ASP D 79 38.91 8.44 26.13
C ASP D 79 39.53 9.84 26.26
N LYS D 80 39.30 10.72 25.28
CA LYS D 80 39.79 12.08 25.39
C LYS D 80 39.01 12.88 26.42
N LEU D 81 37.72 12.58 26.57
CA LEU D 81 36.89 13.32 27.54
C LEU D 81 37.27 12.96 28.96
N LEU D 82 37.58 11.68 29.23
CA LEU D 82 37.97 11.29 30.57
C LEU D 82 39.32 11.87 30.96
N ASN D 83 40.26 11.91 30.02
CA ASN D 83 41.56 12.51 30.29
C ASN D 83 41.43 14.00 30.55
N SER D 84 40.56 14.68 29.80
CA SER D 84 40.32 16.11 30.03
C SER D 84 39.75 16.34 31.42
N GLY D 85 38.90 15.42 31.90
CA GLY D 85 38.41 15.53 33.26
C GLY D 85 39.51 15.32 34.29
N LEU D 86 40.45 14.41 34.00
CA LEU D 86 41.62 14.27 34.86
C LEU D 86 42.46 15.54 34.85
N ALA D 87 42.57 16.18 33.69
CA ALA D 87 43.35 17.41 33.59
C ALA D 87 42.81 18.48 34.51
N THR D 88 41.48 18.64 34.55
CA THR D 88 40.88 19.60 35.47
C THR D 88 41.20 19.25 36.92
N ALA D 89 41.18 17.96 37.25
CA ALA D 89 41.48 17.52 38.60
C ALA D 89 42.92 17.87 38.97
N VAL D 90 43.87 17.58 38.07
CA VAL D 90 45.26 17.94 38.32
C VAL D 90 45.40 19.44 38.49
N ALA D 91 44.76 20.21 37.60
CA ALA D 91 44.80 21.67 37.71
C ALA D 91 44.24 22.14 39.03
N ALA D 92 43.20 21.47 39.53
CA ALA D 92 42.61 21.85 40.81
C ALA D 92 43.58 21.59 41.95
N GLU D 93 44.35 20.49 41.88
CA GLU D 93 45.37 20.26 42.89
C GLU D 93 46.53 21.23 42.77
N ILE D 94 46.79 21.72 41.56
CA ILE D 94 47.82 22.75 41.37
C ILE D 94 47.40 24.03 42.09
N ILE D 95 46.20 24.52 41.80
CA ILE D 95 45.70 25.75 42.40
C ILE D 95 45.62 25.60 43.91
N GLU D 96 45.19 24.43 44.38
CA GLU D 96 45.01 24.23 45.82
C GLU D 96 46.35 24.12 46.52
N ALA D 97 47.35 23.52 45.86
CA ALA D 97 48.71 23.55 46.40
C ALA D 97 49.27 24.96 46.39
N ALA D 98 48.82 25.80 45.45
CA ALA D 98 49.23 27.19 45.46
C ALA D 98 48.60 27.95 46.61
N LYS D 99 47.35 27.62 46.96
CA LYS D 99 46.69 28.24 48.10
C LYS D 99 47.49 28.01 49.37
N TYR D 100 48.05 26.81 49.54
CA TYR D 100 48.85 26.50 50.71
C TYR D 100 50.24 27.11 50.65
N VAL D 101 50.70 27.51 49.47
CA VAL D 101 52.02 28.10 49.33
C VAL D 101 51.99 29.62 49.49
N LEU D 102 50.91 30.27 49.03
CA LEU D 102 50.80 31.72 49.09
C LEU D 102 50.26 32.23 50.41
N SER D 103 49.58 31.38 51.19
CA SER D 103 49.10 31.73 52.52
C SER D 103 49.55 30.67 53.50
N ASP D 104 49.94 31.10 54.70
CA ASP D 104 50.36 30.14 55.73
C ASP D 104 49.17 29.31 56.21
N ALA D 105 48.02 29.94 56.41
CA ALA D 105 46.79 29.24 56.79
C ALA D 105 45.70 29.66 55.81
N PRO D 106 45.61 29.01 54.64
CA PRO D 106 44.65 29.44 53.63
C PRO D 106 43.21 29.07 53.95
N TYR D 107 42.98 28.06 54.80
CA TYR D 107 41.65 27.62 55.15
C TYR D 107 41.40 27.88 56.63
N ALA D 108 40.26 28.51 56.92
CA ALA D 108 39.83 28.77 58.28
C ALA D 108 38.49 28.08 58.51
N GLU D 109 38.29 27.60 59.74
CA GLU D 109 37.03 26.99 60.10
C GLU D 109 35.88 27.97 59.84
N PRO D 110 34.71 27.49 59.39
CA PRO D 110 34.25 26.10 59.32
C PRO D 110 34.82 25.25 58.18
N CYS D 111 35.62 25.82 57.29
CA CYS D 111 36.17 25.07 56.17
C CYS D 111 37.35 24.22 56.64
N VAL D 112 37.27 22.91 56.39
CA VAL D 112 38.31 22.00 56.82
C VAL D 112 39.54 22.10 55.93
N GLY D 113 39.34 22.13 54.61
CA GLY D 113 40.45 22.15 53.68
C GLY D 113 40.99 20.76 53.43
N PHE D 114 42.31 20.64 53.31
CA PHE D 114 42.92 19.37 52.97
C PHE D 114 42.76 18.36 54.11
N ILE D 115 42.64 17.09 53.74
CA ILE D 115 42.46 15.99 54.68
C ILE D 115 43.79 15.28 54.84
N SER D 116 44.27 15.16 56.07
CA SER D 116 45.57 14.56 56.33
C SER D 116 45.52 13.04 56.16
N ASP D 117 46.70 12.46 55.94
CA ASP D 117 46.79 11.00 55.79
C ASP D 117 46.30 10.22 57.01
N PRO D 118 46.62 10.59 58.25
CA PRO D 118 46.09 9.82 59.39
C PRO D 118 44.58 9.75 59.41
N ILE D 119 43.88 10.74 58.84
CA ILE D 119 42.42 10.65 58.74
C ILE D 119 42.03 9.62 57.70
N ILE D 120 42.81 9.47 56.62
CA ILE D 120 42.54 8.44 55.63
C ILE D 120 42.61 7.07 56.27
N ARG D 121 43.54 6.87 57.20
CA ARG D 121 43.65 5.60 57.91
C ARG D 121 42.50 5.44 58.90
N SER D 122 42.10 6.52 59.56
CA SER D 122 40.98 6.47 60.48
C SER D 122 39.66 6.18 59.77
N LEU D 123 39.51 6.67 58.54
CA LEU D 123 38.28 6.51 57.78
C LEU D 123 38.36 5.35 56.79
N GLY D 124 39.53 4.73 56.62
CA GLY D 124 39.68 3.71 55.60
C GLY D 124 39.23 2.33 56.02
N VAL D 125 39.37 1.97 57.28
CA VAL D 125 38.96 0.65 57.73
C VAL D 125 37.44 0.52 57.82
N PRO D 126 36.65 1.55 58.18
CA PRO D 126 35.19 1.40 58.07
C PRO D 126 34.70 1.39 56.63
N LEU D 127 35.52 1.81 55.67
CA LEU D 127 35.18 1.66 54.26
C LEU D 127 35.32 0.23 53.79
N VAL D 128 36.28 -0.51 54.35
CA VAL D 128 36.48 -1.90 53.96
C VAL D 128 35.35 -2.77 54.49
N THR D 129 35.01 -2.60 55.76
CA THR D 129 33.92 -3.35 56.37
C THR D 129 32.54 -2.87 55.94
N GLY D 130 32.46 -1.82 55.14
CA GLY D 130 31.18 -1.24 54.79
C GLY D 130 30.50 -0.50 55.91
N ASP D 131 31.21 -0.21 57.01
CA ASP D 131 30.61 0.54 58.10
C ASP D 131 30.17 1.93 57.63
N ILE D 132 30.84 2.48 56.63
CA ILE D 132 30.38 3.66 55.91
C ILE D 132 30.02 3.22 54.50
N PRO D 133 28.74 3.25 54.12
CA PRO D 133 28.33 2.64 52.85
C PRO D 133 28.91 3.31 51.62
N GLY D 134 29.02 4.64 51.63
CA GLY D 134 29.59 5.36 50.51
C GLY D 134 29.91 6.77 50.94
N VAL D 135 30.50 7.54 50.01
CA VAL D 135 30.78 8.95 50.26
C VAL D 135 29.97 9.78 49.28
N ALA D 136 29.51 10.94 49.74
CA ALA D 136 28.63 11.81 48.97
C ALA D 136 29.29 13.18 48.82
N VAL D 137 29.79 13.46 47.63
CA VAL D 137 30.46 14.73 47.34
C VAL D 137 29.39 15.65 46.74
N ILE D 138 28.66 16.33 47.63
CA ILE D 138 27.57 17.22 47.23
C ILE D 138 28.11 18.63 47.14
N LEU D 139 28.05 19.21 45.93
CA LEU D 139 28.58 20.54 45.68
C LEU D 139 27.55 21.37 44.91
N GLY D 140 27.71 22.69 45.01
CA GLY D 140 26.89 23.63 44.27
C GLY D 140 26.06 24.50 45.20
N GLU D 141 24.80 24.72 44.82
CA GLU D 141 23.89 25.59 45.57
C GLU D 141 22.49 24.98 45.52
N CYS D 142 21.92 24.75 46.68
CA CYS D 142 20.55 24.29 46.66
C CYS D 142 19.59 25.48 46.64
N PRO D 143 18.41 25.33 46.04
CA PRO D 143 17.47 26.47 45.96
C PRO D 143 16.81 26.79 47.29
N ASP D 144 17.03 25.98 48.33
CA ASP D 144 16.34 26.13 49.60
C ASP D 144 17.18 25.48 50.68
N SER D 145 17.50 26.23 51.73
CA SER D 145 18.32 25.69 52.81
C SER D 145 17.69 24.44 53.41
N GLU D 146 16.35 24.41 53.50
CA GLU D 146 15.67 23.25 54.06
C GLU D 146 15.86 22.02 53.20
N THR D 147 15.76 22.16 51.87
CA THR D 147 15.90 21.01 50.99
C THR D 147 17.34 20.52 50.90
N ALA D 148 18.32 21.35 51.28
CA ALA D 148 19.70 20.89 51.31
C ALA D 148 19.99 20.07 52.56
N ALA D 149 19.59 20.60 53.73
CA ALA D 149 19.77 19.86 54.97
C ALA D 149 18.91 18.60 55.00
N LYS D 150 17.72 18.63 54.40
CA LYS D 150 16.90 17.43 54.31
C LYS D 150 17.64 16.30 53.63
N ILE D 151 18.52 16.61 52.68
CA ILE D 151 19.28 15.58 51.96
C ILE D 151 20.53 15.20 52.73
N ILE D 152 21.28 16.20 53.21
CA ILE D 152 22.53 15.91 53.91
C ILE D 152 22.26 15.13 55.19
N LYS D 153 21.23 15.52 55.94
CA LYS D 153 20.85 14.74 57.12
C LYS D 153 20.31 13.38 56.73
N ASP D 154 19.66 13.26 55.57
CA ASP D 154 19.27 11.95 55.06
C ASP D 154 20.51 11.09 54.80
N TYR D 155 21.51 11.66 54.15
CA TYR D 155 22.75 10.93 53.89
C TYR D 155 23.45 10.55 55.20
N GLN D 156 23.53 11.50 56.13
CA GLN D 156 24.15 11.23 57.42
C GLN D 156 23.37 10.18 58.21
N SER D 157 22.04 10.22 58.12
CA SER D 157 21.21 9.24 58.81
C SER D 157 21.39 7.84 58.22
N LYS D 158 21.62 7.74 56.91
CA LYS D 158 21.89 6.45 56.28
C LYS D 158 23.19 5.83 56.79
N GLY D 159 24.06 6.64 57.40
CA GLY D 159 25.31 6.14 57.93
C GLY D 159 26.52 6.40 57.08
N LEU D 160 26.37 7.04 55.93
CA LEU D 160 27.49 7.27 55.03
C LEU D 160 28.04 8.68 55.17
N LEU D 161 29.28 8.85 54.74
CA LEU D 161 29.99 10.11 54.86
C LEU D 161 29.60 11.06 53.73
N THR D 162 29.42 12.33 54.07
CA THR D 162 29.06 13.37 53.11
C THR D 162 30.08 14.50 53.14
N CYS D 163 30.36 15.06 51.96
CA CYS D 163 31.36 16.11 51.81
C CYS D 163 30.71 17.30 51.12
N LEU D 164 30.80 18.47 51.76
CA LEU D 164 30.22 19.69 51.24
C LEU D 164 31.31 20.58 50.66
N VAL D 165 31.06 21.13 49.48
CA VAL D 165 31.97 22.09 48.85
C VAL D 165 31.18 23.07 48.00
N GLY D 166 31.26 24.36 48.32
CA GLY D 166 30.49 25.36 47.61
C GLY D 166 29.55 26.12 48.52
N LYS D 167 28.51 26.73 47.95
CA LYS D 167 27.59 27.54 48.72
C LYS D 167 26.77 26.73 49.72
N VAL D 168 26.64 25.42 49.49
CA VAL D 168 25.84 24.57 50.38
C VAL D 168 26.38 24.57 51.80
N ILE D 169 27.66 24.90 51.99
CA ILE D 169 28.21 24.98 53.34
C ILE D 169 27.52 26.06 54.15
N ASP D 170 27.32 27.24 53.54
CA ASP D 170 26.55 28.28 54.21
C ASP D 170 25.10 27.88 54.38
N GLN D 171 24.57 27.08 53.45
CA GLN D 171 23.19 26.59 53.60
C GLN D 171 23.09 25.56 54.70
N ALA D 172 24.13 24.73 54.87
CA ALA D 172 24.07 23.65 55.85
C ALA D 172 24.15 24.18 57.28
N ILE D 173 24.92 25.24 57.52
CA ILE D 173 24.93 25.83 58.85
C ILE D 173 23.64 26.61 59.08
N GLU D 174 23.06 27.21 58.03
CA GLU D 174 21.73 27.77 58.15
C GLU D 174 20.69 26.68 58.38
N GLY D 175 20.94 25.48 57.88
CA GLY D 175 20.06 24.34 58.05
C GLY D 175 20.25 23.56 59.33
N LYS D 176 21.11 24.04 60.22
CA LYS D 176 21.33 23.47 61.55
C LYS D 176 21.89 22.05 61.52
N VAL D 177 22.59 21.66 60.46
CA VAL D 177 23.28 20.37 60.48
C VAL D 177 24.62 20.56 61.20
N LYS D 178 25.17 19.45 61.69
CA LYS D 178 26.40 19.46 62.46
C LYS D 178 27.50 18.73 61.71
N MET D 179 28.68 19.33 61.70
CA MET D 179 29.82 18.84 60.94
C MET D 179 30.89 18.28 61.86
N GLY D 180 31.81 17.54 61.25
CA GLY D 180 32.91 16.91 61.97
C GLY D 180 33.20 15.55 61.37
N LEU D 181 34.42 15.05 61.64
CA LEU D 181 34.79 13.73 61.13
C LEU D 181 33.96 12.64 61.79
N ASP D 182 33.75 12.73 63.11
CA ASP D 182 32.88 11.78 63.79
C ASP D 182 31.42 11.95 63.38
N LEU D 183 31.06 13.11 62.83
CA LEU D 183 29.72 13.33 62.30
C LEU D 183 29.60 12.97 60.83
N ARG D 184 30.71 12.64 60.17
CA ARG D 184 30.75 12.25 58.76
C ARG D 184 30.26 13.35 57.81
N VAL D 185 30.35 14.61 58.24
CA VAL D 185 30.00 15.75 57.40
C VAL D 185 31.22 16.68 57.39
N ILE D 186 31.88 16.75 56.25
CA ILE D 186 33.13 17.51 56.14
C ILE D 186 32.98 18.64 55.12
N PRO D 187 33.00 19.90 55.55
CA PRO D 187 33.06 21.00 54.59
C PRO D 187 34.49 21.31 54.17
N LEU D 188 34.74 21.39 52.87
CA LEU D 188 36.10 21.47 52.33
C LEU D 188 36.50 22.90 51.98
N GLY D 189 35.75 23.55 51.11
CA GLY D 189 36.04 24.92 50.74
C GLY D 189 34.90 25.53 49.96
N TYR D 190 34.89 26.87 49.95
CA TYR D 190 33.90 27.58 49.15
C TYR D 190 34.26 27.59 47.67
N ASP D 191 35.54 27.61 47.34
CA ASP D 191 35.96 27.57 45.95
C ASP D 191 35.72 26.19 45.36
N VAL D 192 35.51 26.16 44.04
CA VAL D 192 35.17 24.91 43.36
C VAL D 192 36.33 23.93 43.42
N THR D 193 37.57 24.42 43.39
CA THR D 193 38.73 23.53 43.31
C THR D 193 38.87 22.65 44.55
N SER D 194 38.33 23.09 45.70
CA SER D 194 38.51 22.34 46.94
C SER D 194 37.86 20.95 46.91
N VAL D 195 37.13 20.62 45.84
CA VAL D 195 36.63 19.26 45.67
C VAL D 195 37.78 18.27 45.50
N ILE D 196 38.97 18.76 45.17
CA ILE D 196 40.13 17.87 44.98
C ILE D 196 40.53 17.18 46.27
N HIS D 197 40.15 17.73 47.42
CA HIS D 197 40.49 17.11 48.71
C HIS D 197 39.64 15.90 49.03
N VAL D 198 38.57 15.65 48.27
CA VAL D 198 37.88 14.37 48.36
C VAL D 198 38.44 13.37 47.35
N VAL D 199 38.88 13.87 46.19
CA VAL D 199 39.50 13.00 45.19
C VAL D 199 40.76 12.37 45.76
N THR D 200 41.56 13.14 46.50
CA THR D 200 42.75 12.61 47.14
C THR D 200 42.43 11.60 48.24
N ILE D 201 41.17 11.53 48.70
CA ILE D 201 40.78 10.47 49.64
C ILE D 201 40.78 9.12 48.95
N ALA D 202 40.08 9.02 47.82
CA ALA D 202 39.98 7.75 47.11
C ALA D 202 41.31 7.33 46.53
N ILE D 203 42.07 8.26 45.96
CA ILE D 203 43.38 7.94 45.40
C ILE D 203 44.30 7.41 46.48
N ARG D 204 44.39 8.11 47.60
CA ARG D 204 45.21 7.63 48.71
C ARG D 204 44.66 6.34 49.30
N ALA D 205 43.36 6.09 49.14
CA ALA D 205 42.81 4.80 49.54
C ALA D 205 43.37 3.66 48.70
N ALA D 206 43.72 3.94 47.44
CA ALA D 206 44.36 2.95 46.60
C ALA D 206 45.84 2.80 46.95
N LEU D 207 46.51 3.90 47.26
CA LEU D 207 47.93 3.84 47.58
C LEU D 207 48.19 3.19 48.93
N ILE D 208 47.25 3.33 49.86
CA ILE D 208 47.41 2.77 51.20
C ILE D 208 46.86 1.35 51.29
N PHE D 209 45.60 1.17 50.92
CA PHE D 209 44.93 -0.12 51.06
C PHE D 209 45.12 -1.02 49.85
N GLY D 210 44.99 -0.48 48.65
CA GLY D 210 45.27 -1.26 47.45
C GLY D 210 46.72 -1.61 47.25
N GLY D 211 47.63 -0.91 47.93
CA GLY D 211 49.05 -1.20 47.84
C GLY D 211 49.65 -0.92 46.47
N ILE D 212 48.89 -0.22 45.63
CA ILE D 212 49.34 0.04 44.28
C ILE D 212 50.40 1.14 44.30
N LYS D 213 51.42 1.00 43.47
CA LYS D 213 52.48 1.98 43.40
C LYS D 213 52.04 3.19 42.58
N GLY D 214 52.79 4.28 42.74
CA GLY D 214 52.49 5.48 41.99
C GLY D 214 52.85 5.33 40.52
N GLY D 215 52.12 6.06 39.67
CA GLY D 215 52.32 5.99 38.24
C GLY D 215 51.49 4.95 37.53
N GLN D 216 50.82 4.07 38.27
CA GLN D 216 49.96 3.04 37.67
C GLN D 216 48.52 3.58 37.57
N LEU D 217 48.38 4.65 36.78
CA LEU D 217 47.13 5.42 36.77
C LEU D 217 45.93 4.55 36.45
N ASN D 218 46.04 3.70 35.42
CA ASN D 218 44.92 2.86 35.03
C ASN D 218 44.52 1.89 36.14
N ASP D 219 45.47 1.45 36.96
CA ASP D 219 45.15 0.56 38.06
C ASP D 219 44.56 1.30 39.25
N ILE D 220 45.06 2.51 39.51
CA ILE D 220 44.45 3.36 40.55
C ILE D 220 42.99 3.61 40.23
N LEU D 221 42.71 3.95 38.97
CA LEU D 221 41.33 4.26 38.57
C LEU D 221 40.43 3.04 38.65
N LYS D 222 40.98 1.84 38.45
CA LYS D 222 40.20 0.62 38.65
C LYS D 222 39.81 0.47 40.12
N TYR D 223 40.79 0.55 41.01
CA TYR D 223 40.51 0.50 42.44
C TYR D 223 39.52 1.57 42.85
N THR D 224 39.57 2.73 42.18
CA THR D 224 38.67 3.82 42.55
C THR D 224 37.24 3.50 42.15
N ALA D 225 37.04 2.86 41.00
CA ALA D 225 35.69 2.57 40.54
C ALA D 225 35.10 1.35 41.25
N GLU D 226 35.92 0.34 41.51
CA GLU D 226 35.40 -0.90 42.09
C GLU D 226 35.29 -0.82 43.61
N ARG D 227 36.31 -0.28 44.27
CA ARG D 227 36.41 -0.38 45.74
C ARG D 227 35.69 0.76 46.45
N VAL D 228 36.24 1.97 46.36
CA VAL D 228 35.69 3.12 47.07
C VAL D 228 34.38 3.56 46.43
N PRO D 229 33.26 3.50 47.15
CA PRO D 229 31.97 3.88 46.56
C PRO D 229 31.67 5.36 46.75
N ALA D 230 31.70 6.12 45.65
CA ALA D 230 31.48 7.56 45.71
C ALA D 230 30.46 7.98 44.64
N PHE D 231 29.79 9.08 44.93
CA PHE D 231 28.86 9.71 44.00
C PHE D 231 28.81 11.19 44.33
N VAL D 232 28.69 12.01 43.30
CA VAL D 232 28.72 13.46 43.43
C VAL D 232 27.35 14.02 43.06
N ASN D 233 26.82 14.89 43.91
CA ASN D 233 25.53 15.55 43.70
C ASN D 233 25.80 17.03 43.42
N ALA D 234 25.60 17.45 42.17
CA ALA D 234 25.79 18.83 41.77
C ALA D 234 24.45 19.56 41.78
N PHE D 235 24.39 20.67 42.48
CA PHE D 235 23.16 21.44 42.64
C PHE D 235 23.35 22.87 42.17
N GLY D 236 22.25 23.47 41.72
CA GLY D 236 22.28 24.82 41.20
C GLY D 236 22.87 24.88 39.80
N PRO D 237 23.02 26.10 39.28
CA PRO D 237 23.61 26.24 37.94
C PRO D 237 25.04 25.72 37.91
N LEU D 238 25.41 25.15 36.77
CA LEU D 238 26.72 24.52 36.58
C LEU D 238 27.54 25.33 35.59
N SER D 239 28.66 25.88 36.06
CA SER D 239 29.60 26.54 35.17
C SER D 239 30.29 25.50 34.27
N GLU D 240 30.97 26.00 33.24
CA GLU D 240 31.76 25.11 32.39
C GLU D 240 32.85 24.42 33.20
N LEU D 241 33.40 25.12 34.19
CA LEU D 241 34.46 24.53 35.02
C LEU D 241 33.96 23.31 35.78
N VAL D 242 32.87 23.46 36.54
CA VAL D 242 32.39 22.37 37.37
C VAL D 242 31.95 21.19 36.52
N VAL D 243 31.39 21.45 35.33
CA VAL D 243 31.09 20.36 34.41
C VAL D 243 32.35 19.61 34.04
N SER D 244 33.44 20.36 33.80
CA SER D 244 34.72 19.73 33.53
C SER D 244 35.18 18.88 34.70
N ALA D 245 34.89 19.33 35.93
CA ALA D 245 35.30 18.57 37.11
C ALA D 245 34.49 17.29 37.25
N GLY D 246 33.21 17.33 36.89
CA GLY D 246 32.39 16.12 36.93
C GLY D 246 32.95 15.02 36.04
N ALA D 247 33.51 15.40 34.89
CA ALA D 247 34.19 14.42 34.05
C ALA D 247 35.38 13.80 34.77
N GLY D 248 36.02 14.53 35.68
CA GLY D 248 37.07 13.94 36.48
C GLY D 248 36.56 12.87 37.42
N ALA D 249 35.38 13.09 38.02
CA ALA D 249 34.77 12.07 38.86
C ALA D 249 34.39 10.84 38.06
N ILE D 250 33.99 11.01 36.79
CA ILE D 250 33.68 9.86 35.95
C ILE D 250 34.92 9.00 35.75
N ALA D 251 36.08 9.62 35.55
CA ALA D 251 37.33 8.87 35.39
C ALA D 251 37.60 8.02 36.62
N LEU D 252 37.31 8.55 37.81
CA LEU D 252 37.44 7.77 39.02
C LEU D 252 36.41 6.65 39.10
N GLY D 253 35.31 6.76 38.36
CA GLY D 253 34.22 5.81 38.43
C GLY D 253 33.01 6.27 39.22
N PHE D 254 32.85 7.57 39.43
CA PHE D 254 31.81 8.10 40.30
C PHE D 254 30.72 8.75 39.47
N PRO D 255 29.47 8.28 39.54
CA PRO D 255 28.38 8.92 38.81
C PRO D 255 28.12 10.32 39.35
N VAL D 256 27.49 11.14 38.50
CA VAL D 256 27.21 12.54 38.81
C VAL D 256 25.71 12.77 38.67
N LEU D 257 25.02 12.88 39.80
CA LEU D 257 23.60 13.20 39.84
C LEU D 257 23.43 14.69 40.04
N THR D 258 22.54 15.30 39.25
CA THR D 258 22.33 16.74 39.32
C THR D 258 20.87 17.07 39.12
N ASP D 259 20.48 18.27 39.58
CA ASP D 259 19.15 18.79 39.36
C ASP D 259 19.08 19.71 38.15
N GLN D 260 20.21 20.01 37.52
CA GLN D 260 20.25 20.83 36.33
C GLN D 260 20.08 19.96 35.10
N VAL D 261 19.24 20.43 34.15
CA VAL D 261 19.08 19.71 32.89
C VAL D 261 20.41 19.72 32.15
N VAL D 262 20.82 18.56 31.66
CA VAL D 262 22.18 18.37 31.15
C VAL D 262 22.16 17.18 30.21
N PRO D 263 23.09 17.06 29.23
CA PRO D 263 23.13 15.84 28.42
C PRO D 263 23.45 14.60 29.24
N GLU D 264 22.42 13.80 29.52
CA GLU D 264 22.59 12.66 30.41
C GLU D 264 23.43 11.56 29.76
N VAL D 265 24.12 10.81 30.61
CA VAL D 265 24.79 9.57 30.22
C VAL D 265 24.38 8.50 31.22
N PRO D 266 23.86 7.36 30.77
CA PRO D 266 23.33 6.36 31.71
C PRO D 266 24.37 5.91 32.72
N THR D 267 23.93 5.76 33.98
CA THR D 267 24.72 5.27 35.10
C THR D 267 25.92 6.16 35.43
N LEU D 268 26.09 7.26 34.72
CA LEU D 268 27.26 8.11 34.95
C LEU D 268 26.93 9.58 35.12
N LEU D 269 25.93 10.10 34.41
CA LEU D 269 25.59 11.52 34.50
C LEU D 269 24.08 11.64 34.29
N LEU D 270 23.36 11.91 35.37
CA LEU D 270 21.90 11.84 35.36
C LEU D 270 21.31 13.09 35.99
N THR D 271 20.06 13.38 35.64
CA THR D 271 19.32 14.53 36.14
C THR D 271 18.13 14.07 36.96
N GLN D 272 18.03 14.56 38.20
CA GLN D 272 16.89 14.29 39.06
C GLN D 272 16.45 15.60 39.70
N LYS D 273 15.22 16.02 39.41
CA LYS D 273 14.67 17.25 39.94
C LYS D 273 13.83 17.05 41.19
N ASP D 274 13.59 15.81 41.59
CA ASP D 274 12.81 15.51 42.79
C ASP D 274 13.78 15.34 43.95
N TYR D 275 13.88 16.38 44.78
CA TYR D 275 14.84 16.36 45.88
C TYR D 275 14.45 15.34 46.95
N ASP D 276 13.16 15.06 47.11
CA ASP D 276 12.72 14.11 48.13
C ASP D 276 13.22 12.70 47.86
N LYS D 277 13.38 12.34 46.58
CA LYS D 277 13.87 11.02 46.21
C LYS D 277 15.26 11.05 45.61
N MET D 278 15.96 12.18 45.68
CA MET D 278 17.30 12.28 45.12
C MET D 278 18.28 11.36 45.84
N VAL D 279 18.11 11.17 47.15
CA VAL D 279 19.00 10.30 47.90
C VAL D 279 18.92 8.86 47.39
N LYS D 280 17.72 8.42 47.00
CA LYS D 280 17.55 7.05 46.54
C LYS D 280 18.17 6.85 45.15
N THR D 281 18.03 7.84 44.26
CA THR D 281 18.66 7.72 42.95
C THR D 281 20.17 7.70 43.07
N SER D 282 20.71 8.43 44.05
CA SER D 282 22.16 8.45 44.25
C SER D 282 22.65 7.11 44.78
N LEU D 283 21.99 6.59 45.82
CA LEU D 283 22.38 5.29 46.37
C LEU D 283 22.28 4.20 45.32
N GLU D 284 21.24 4.22 44.50
CA GLU D 284 21.11 3.22 43.45
C GLU D 284 22.17 3.40 42.38
N ALA D 285 22.49 4.65 42.03
CA ALA D 285 23.45 4.91 40.97
C ALA D 285 24.84 4.38 41.32
N ARG D 286 25.14 4.25 42.61
CA ARG D 286 26.43 3.74 43.07
C ARG D 286 26.32 2.35 43.67
N ASN D 287 25.14 1.72 43.57
CA ASN D 287 24.90 0.38 44.10
C ASN D 287 25.22 0.30 45.59
N ILE D 288 24.72 1.29 46.34
CA ILE D 288 24.85 1.33 47.78
C ILE D 288 23.62 0.67 48.39
N LYS D 289 23.84 -0.31 49.26
CA LYS D 289 22.76 -1.07 49.88
C LYS D 289 22.79 -0.86 51.39
N ILE D 290 21.64 -0.55 51.97
CA ILE D 290 21.53 -0.29 53.40
C ILE D 290 21.13 -1.56 54.13
N GLU D 294 16.67 -2.30 58.57
CA GLU D 294 16.10 -1.08 59.11
C GLU D 294 15.40 -1.33 60.45
N ILE D 295 15.46 -0.35 61.34
CA ILE D 295 14.88 -0.45 62.68
C ILE D 295 13.99 0.76 62.93
N PRO D 296 12.79 0.59 63.49
CA PRO D 296 11.92 1.73 63.74
C PRO D 296 12.13 2.38 65.11
N ILE D 297 12.34 3.70 65.10
CA ILE D 297 12.59 4.49 66.29
C ILE D 297 12.23 5.95 65.97
N PRO D 298 11.72 6.73 66.91
CA PRO D 298 11.38 8.13 66.61
C PRO D 298 12.55 9.10 66.70
N VAL D 299 13.79 8.62 66.81
CA VAL D 299 14.97 9.47 66.73
C VAL D 299 15.86 8.91 65.62
N SER D 300 16.80 9.73 65.16
CA SER D 300 17.72 9.30 64.13
C SER D 300 18.75 8.33 64.70
N PHE D 301 19.09 7.30 63.91
CA PHE D 301 19.99 6.23 64.34
C PHE D 301 21.06 6.05 63.28
N ALA D 302 22.31 6.31 63.64
CA ALA D 302 23.43 6.16 62.72
C ALA D 302 24.72 6.10 63.53
N ALA D 303 25.80 5.74 62.83
CA ALA D 303 27.11 5.63 63.49
C ALA D 303 27.71 6.99 63.79
N ALA D 304 27.34 8.02 63.00
CA ALA D 304 27.88 9.35 63.23
C ALA D 304 27.41 9.93 64.56
N PHE D 305 26.22 9.54 65.01
CA PHE D 305 25.72 9.99 66.31
C PHE D 305 26.49 9.37 67.46
N GLU D 306 27.13 8.22 67.24
CA GLU D 306 28.05 7.68 68.23
C GLU D 306 29.19 8.67 68.45
N GLY D 307 29.58 8.83 69.71
CA GLY D 307 30.60 9.80 70.05
C GLY D 307 30.09 11.22 70.23
N GLU D 308 28.78 11.44 70.14
CA GLU D 308 28.23 12.75 70.38
C GLU D 308 28.40 13.14 71.85
N ARG D 309 28.49 14.44 72.10
CA ARG D 309 28.67 14.96 73.45
C ARG D 309 27.35 15.48 73.98
N ILE D 310 26.96 15.00 75.16
CA ILE D 310 25.77 15.47 75.85
C ILE D 310 26.22 16.13 77.15
N ARG D 311 26.11 17.45 77.21
CA ARG D 311 26.57 18.21 78.36
C ARG D 311 25.40 18.50 79.30
N LYS D 312 25.70 19.18 80.40
CA LYS D 312 24.67 19.47 81.40
C LYS D 312 23.60 20.39 80.85
N ASN D 313 23.96 21.31 79.96
CA ASN D 313 23.02 22.31 79.48
C ASN D 313 22.02 21.76 78.46
N ASP D 314 22.28 20.58 77.90
CA ASP D 314 21.42 20.00 76.88
C ASP D 314 20.91 18.61 77.22
N MET D 315 21.15 18.14 78.44
CA MET D 315 20.71 16.81 78.85
C MET D 315 19.40 16.88 79.61
N LEU D 316 18.58 15.85 79.45
CA LEU D 316 17.28 15.74 80.11
C LEU D 316 17.34 14.81 81.32
N ALA D 317 18.05 13.69 81.21
CA ALA D 317 18.18 12.74 82.30
C ALA D 317 19.57 12.12 82.27
N GLU D 318 20.10 11.82 83.45
CA GLU D 318 21.42 11.22 83.60
C GLU D 318 21.32 10.03 84.54
N PHE D 319 21.90 8.90 84.13
CA PHE D 319 21.90 7.68 84.91
C PHE D 319 23.32 7.16 85.01
N GLY D 320 23.66 6.59 86.17
CA GLY D 320 24.96 5.97 86.36
C GLY D 320 26.01 6.93 86.89
N GLY D 321 27.23 6.40 86.99
CA GLY D 321 28.33 7.15 87.52
C GLY D 321 28.28 7.23 89.05
N ASN D 322 28.90 8.27 89.59
CA ASN D 322 28.82 8.52 91.01
C ASN D 322 27.41 8.88 91.44
N LYS D 323 26.55 9.27 90.51
CA LYS D 323 25.27 9.86 90.85
C LYS D 323 24.22 8.79 91.17
N THR D 324 24.13 7.74 90.36
CA THR D 324 23.17 6.67 90.57
C THR D 324 23.80 5.32 90.30
N LYS D 325 23.14 4.27 90.77
CA LYS D 325 23.60 2.90 90.57
C LYS D 325 22.96 2.35 89.30
N ALA D 326 23.76 2.18 88.25
CA ALA D 326 23.26 1.72 86.96
C ALA D 326 24.07 0.51 86.50
N TRP D 327 23.36 -0.47 85.94
CA TRP D 327 23.99 -1.71 85.49
C TRP D 327 23.31 -2.19 84.22
N GLU D 328 24.05 -2.98 83.44
CA GLU D 328 23.51 -3.66 82.27
C GLU D 328 24.00 -5.11 82.29
N LEU D 329 23.10 -6.03 81.93
CA LEU D 329 23.41 -7.45 82.06
C LEU D 329 22.68 -8.24 80.98
N VAL D 330 23.40 -9.16 80.34
CA VAL D 330 22.84 -10.10 79.39
C VAL D 330 23.07 -11.50 79.92
N MET D 331 22.00 -12.30 79.99
CA MET D 331 22.06 -13.64 80.56
C MET D 331 21.21 -14.59 79.72
N CYS D 332 21.76 -15.77 79.46
CA CYS D 332 21.02 -16.79 78.73
C CYS D 332 19.79 -17.23 79.51
N ALA D 333 18.71 -17.53 78.79
CA ALA D 333 17.46 -17.93 79.41
C ALA D 333 16.80 -19.01 78.56
N ASP D 334 15.90 -19.76 79.19
CA ASP D 334 15.20 -20.84 78.51
C ASP D 334 14.18 -20.27 77.53
N GLN D 335 13.71 -21.14 76.63
CA GLN D 335 12.77 -20.70 75.60
C GLN D 335 11.41 -20.35 76.22
N GLY D 336 10.94 -21.15 77.17
CA GLY D 336 9.68 -20.88 77.83
C GLY D 336 9.70 -19.78 78.86
N GLU D 337 10.88 -19.23 79.16
CA GLU D 337 10.98 -18.15 80.13
C GLU D 337 10.68 -16.80 79.49
N VAL D 338 11.12 -16.58 78.25
CA VAL D 338 11.04 -15.28 77.61
C VAL D 338 9.94 -15.31 76.55
N GLU D 339 9.27 -14.18 76.39
CA GLU D 339 8.33 -13.95 75.29
C GLU D 339 8.96 -12.97 74.32
N ASP D 340 8.85 -13.26 73.03
CA ASP D 340 9.53 -12.47 72.02
C ASP D 340 8.94 -11.06 71.95
N HIS D 341 9.82 -10.07 71.77
CA HIS D 341 9.44 -8.66 71.68
C HIS D 341 8.68 -8.23 72.94
N LYS D 342 9.23 -8.57 74.10
CA LYS D 342 8.65 -8.20 75.38
C LYS D 342 9.46 -7.03 75.95
N ILE D 343 8.84 -5.85 75.98
CA ILE D 343 9.43 -4.65 76.54
C ILE D 343 8.62 -4.23 77.76
N GLU D 344 9.30 -3.83 78.82
CA GLU D 344 8.63 -3.45 80.06
C GLU D 344 9.50 -2.46 80.82
N VAL D 345 8.93 -1.29 81.12
CA VAL D 345 9.59 -0.28 81.94
C VAL D 345 8.90 -0.27 83.29
N ILE D 346 9.58 -0.79 84.31
CA ILE D 346 9.05 -0.88 85.66
C ILE D 346 9.59 0.32 86.42
N GLY D 347 8.73 1.33 86.61
CA GLY D 347 9.11 2.50 87.35
C GLY D 347 8.83 3.79 86.60
N PRO D 348 9.36 4.90 87.10
CA PRO D 348 9.13 6.19 86.43
C PRO D 348 9.76 6.23 85.05
N ASP D 349 8.95 6.58 84.05
CA ASP D 349 9.43 6.74 82.69
C ASP D 349 10.14 8.08 82.54
N ILE D 350 10.37 8.53 81.31
CA ILE D 350 10.95 9.85 81.09
C ILE D 350 9.88 10.94 81.02
N ASP D 351 8.62 10.56 80.77
CA ASP D 351 7.54 11.54 80.79
C ASP D 351 7.20 12.00 82.20
N THR D 352 7.54 11.19 83.22
CA THR D 352 7.19 11.52 84.59
C THR D 352 7.95 12.74 85.09
N ILE D 353 9.22 12.86 84.73
CA ILE D 353 10.06 13.97 85.18
C ILE D 353 9.77 15.17 84.29
N ASP D 354 8.95 16.10 84.78
CA ASP D 354 8.66 17.34 84.09
C ASP D 354 9.37 18.53 84.73
N LYS D 355 10.06 18.32 85.85
CA LYS D 355 10.80 19.38 86.52
C LYS D 355 12.21 19.45 85.94
N ALA D 356 13.09 20.19 86.62
CA ALA D 356 14.47 20.38 86.16
C ALA D 356 15.17 19.04 86.02
N PRO D 357 16.20 18.96 85.15
CA PRO D 357 16.89 17.68 84.93
C PRO D 357 17.36 16.99 86.21
N GLY D 358 16.91 15.75 86.43
CA GLY D 358 17.25 15.02 87.62
C GLY D 358 17.73 13.62 87.29
N ARG D 359 18.36 13.00 88.27
CA ARG D 359 18.98 11.69 88.10
C ARG D 359 18.03 10.59 88.56
N MET D 360 18.22 9.40 87.99
CA MET D 360 17.39 8.23 88.28
C MET D 360 18.27 6.99 88.22
N PRO D 361 17.90 5.92 88.93
CA PRO D 361 18.59 4.65 88.77
C PRO D 361 18.16 3.96 87.47
N LEU D 362 19.08 3.19 86.90
CA LEU D 362 18.86 2.57 85.60
C LEU D 362 19.40 1.15 85.61
N GLY D 363 18.49 0.17 85.65
CA GLY D 363 18.88 -1.22 85.54
C GLY D 363 18.41 -1.85 84.25
N MET D 364 19.35 -2.16 83.35
CA MET D 364 19.02 -2.69 82.03
C MET D 364 19.28 -4.20 82.04
N LEU D 365 18.19 -4.97 82.10
CA LEU D 365 18.25 -6.43 82.11
C LEU D 365 17.81 -6.96 80.75
N ILE D 366 18.59 -7.87 80.19
CA ILE D 366 18.33 -8.43 78.86
C ILE D 366 18.34 -9.95 78.97
N LYS D 367 17.18 -10.56 78.81
CA LYS D 367 17.05 -12.01 78.81
C LYS D 367 16.93 -12.48 77.36
N VAL D 368 17.75 -13.46 76.99
CA VAL D 368 17.82 -13.97 75.63
C VAL D 368 17.70 -15.49 75.65
N SER D 369 16.96 -16.04 74.70
CA SER D 369 16.85 -17.47 74.48
C SER D 369 17.36 -17.81 73.09
N GLY D 370 18.17 -18.88 73.01
CA GLY D 370 18.75 -19.26 71.73
C GLY D 370 18.90 -20.76 71.65
N THR D 371 18.96 -21.24 70.40
CA THR D 371 19.14 -22.68 70.16
C THR D 371 20.59 -23.10 70.39
N ASN D 372 21.55 -22.28 69.96
CA ASN D 372 22.97 -22.56 70.15
C ASN D 372 23.61 -21.64 71.18
N MET D 373 22.81 -20.90 71.95
CA MET D 373 23.33 -19.97 72.93
C MET D 373 23.82 -20.71 74.17
N GLN D 374 24.92 -20.22 74.74
CA GLN D 374 25.52 -20.81 75.92
C GLN D 374 25.93 -19.69 76.88
N LYS D 375 26.44 -20.07 78.05
CA LYS D 375 26.89 -19.09 79.04
C LYS D 375 28.13 -18.33 78.60
N ASP D 376 28.84 -18.81 77.57
CA ASP D 376 30.08 -18.19 77.14
C ASP D 376 29.88 -17.11 76.07
N PHE D 377 28.64 -16.81 75.71
CA PHE D 377 28.34 -15.75 74.76
C PHE D 377 27.69 -14.53 75.40
N GLU D 378 27.40 -14.59 76.69
CA GLU D 378 26.74 -13.46 77.36
C GLU D 378 27.56 -12.18 77.35
N PRO D 379 28.87 -12.18 77.63
CA PRO D 379 29.63 -10.92 77.52
C PRO D 379 29.71 -10.40 76.10
N VAL D 380 29.64 -11.28 75.10
CA VAL D 380 29.67 -10.83 73.71
C VAL D 380 28.45 -9.97 73.42
N LEU D 381 27.29 -10.34 73.95
CA LEU D 381 26.09 -9.53 73.75
C LEU D 381 26.12 -8.27 74.59
N GLU D 382 26.80 -8.29 75.74
CA GLU D 382 26.87 -7.12 76.59
C GLU D 382 27.61 -5.97 75.91
N ARG D 383 28.69 -6.29 75.19
CA ARG D 383 29.57 -5.24 74.67
C ARG D 383 28.91 -4.43 73.56
N ARG D 384 28.07 -5.06 72.75
CA ARG D 384 27.44 -4.34 71.64
C ARG D 384 26.45 -3.29 72.11
N LEU D 385 25.97 -3.39 73.36
CA LEU D 385 24.99 -2.43 73.86
C LEU D 385 25.56 -1.02 73.85
N HIS D 386 26.82 -0.86 74.27
CA HIS D 386 27.50 0.42 74.16
C HIS D 386 27.44 0.96 72.74
N TYR D 387 27.72 0.09 71.76
CA TYR D 387 27.69 0.52 70.37
C TYR D 387 26.27 0.55 69.81
N PHE D 388 25.37 -0.28 70.36
CA PHE D 388 23.97 -0.20 69.98
C PHE D 388 23.36 1.11 70.42
N LEU D 389 23.54 1.46 71.70
CA LEU D 389 22.84 2.61 72.26
C LEU D 389 23.44 3.93 71.79
N ASN D 390 24.77 4.02 71.72
CA ASN D 390 25.40 5.28 71.33
C ASN D 390 25.05 5.70 69.91
N TYR D 391 24.66 4.75 69.05
CA TYR D 391 24.21 5.12 67.71
C TYR D 391 22.96 5.98 67.75
N ILE D 392 22.16 5.85 68.82
CA ILE D 392 20.93 6.63 68.93
C ILE D 392 21.28 8.08 69.18
N GLU D 393 20.71 8.97 68.37
CA GLU D 393 20.96 10.41 68.53
C GLU D 393 20.36 10.91 69.83
N GLY D 394 21.11 11.75 70.53
CA GLY D 394 20.63 12.35 71.76
C GLY D 394 20.81 11.50 73.01
N VAL D 395 21.36 10.29 72.89
CA VAL D 395 21.70 9.48 74.04
C VAL D 395 23.19 9.14 73.99
N MET D 396 23.80 9.07 75.16
CA MET D 396 25.23 8.81 75.30
C MET D 396 25.41 7.73 76.36
N HIS D 397 26.15 6.68 76.02
CA HIS D 397 26.35 5.55 76.92
C HIS D 397 27.84 5.27 77.04
N VAL D 398 28.31 5.11 78.28
CA VAL D 398 29.69 4.72 78.58
C VAL D 398 29.65 3.71 79.71
N GLY D 399 30.79 3.05 79.92
CA GLY D 399 30.86 1.97 80.89
C GLY D 399 30.66 0.62 80.24
N GLN D 400 30.71 -0.42 81.08
CA GLN D 400 30.62 -1.78 80.56
C GLN D 400 29.59 -2.61 81.33
N ARG D 401 29.86 -2.90 82.61
CA ARG D 401 29.09 -3.88 83.36
C ARG D 401 28.18 -3.13 84.31
N ASN D 402 28.51 -3.00 85.60
CA ASN D 402 27.68 -2.31 86.57
C ASN D 402 28.20 -0.91 86.88
N LEU D 403 29.16 -0.41 86.11
CA LEU D 403 29.68 0.95 86.25
C LEU D 403 29.34 1.77 85.01
N THR D 404 28.16 1.55 84.43
CA THR D 404 27.75 2.24 83.23
C THR D 404 27.33 3.68 83.57
N TRP D 405 27.05 4.44 82.51
CA TRP D 405 26.67 5.85 82.66
C TRP D 405 25.94 6.26 81.40
N VAL D 406 24.65 6.56 81.51
CA VAL D 406 23.78 6.85 80.38
C VAL D 406 23.23 8.26 80.54
N ARG D 407 23.29 9.04 79.46
CA ARG D 407 22.70 10.38 79.41
C ARG D 407 21.81 10.48 78.19
N ILE D 408 20.58 10.94 78.38
CA ILE D 408 19.66 11.24 77.29
C ILE D 408 19.48 12.75 77.21
N GLY D 409 19.38 13.27 75.99
CA GLY D 409 19.35 14.70 75.76
C GLY D 409 17.94 15.25 75.65
N LYS D 410 17.84 16.57 75.83
CA LYS D 410 16.54 17.23 75.71
C LYS D 410 15.99 17.14 74.30
N GLU D 411 16.86 17.02 73.29
CA GLU D 411 16.40 16.96 71.91
C GLU D 411 15.58 15.70 71.66
N ALA D 412 16.02 14.56 72.19
CA ALA D 412 15.27 13.33 72.02
C ALA D 412 13.91 13.41 72.70
N PHE D 413 13.86 13.93 73.92
CA PHE D 413 12.60 14.07 74.63
C PHE D 413 11.69 15.10 73.97
N GLU D 414 12.27 16.13 73.34
CA GLU D 414 11.46 17.09 72.58
C GLU D 414 10.92 16.46 71.30
N LYS D 415 11.60 15.44 70.77
CA LYS D 415 11.10 14.68 69.63
C LYS D 415 10.19 13.53 70.04
N GLY D 416 10.00 13.32 71.34
CA GLY D 416 9.09 12.31 71.82
C GLY D 416 9.75 10.99 72.18
N PHE D 417 10.95 11.05 72.76
CA PHE D 417 11.66 9.83 73.12
C PHE D 417 11.11 9.26 74.42
N ARG D 418 11.05 7.94 74.49
CA ARG D 418 10.56 7.22 75.65
C ARG D 418 11.51 6.08 75.94
N LEU D 419 11.52 5.62 77.19
CA LEU D 419 12.34 4.47 77.53
C LEU D 419 11.84 3.18 76.89
N LYS D 420 10.62 3.19 76.34
CA LYS D 420 10.15 2.03 75.57
C LYS D 420 11.05 1.75 74.37
N HIS D 421 11.64 2.79 73.79
CA HIS D 421 12.45 2.63 72.60
C HIS D 421 13.83 2.05 72.91
N PHE D 422 14.27 2.07 74.17
CA PHE D 422 15.50 1.39 74.54
C PHE D 422 15.41 -0.10 74.23
N GLY D 423 14.24 -0.70 74.47
CA GLY D 423 14.03 -2.11 74.20
C GLY D 423 13.79 -2.40 72.73
N GLU D 424 13.10 -1.49 72.04
CA GLU D 424 12.87 -1.67 70.61
C GLU D 424 14.18 -1.70 69.84
N VAL D 425 15.19 -0.94 70.28
CA VAL D 425 16.48 -0.96 69.63
C VAL D 425 17.24 -2.24 69.96
N ILE D 426 17.28 -2.59 71.24
CA ILE D 426 18.04 -3.77 71.67
C ILE D 426 17.42 -5.04 71.10
N TYR D 427 16.08 -5.10 71.08
CA TYR D 427 15.43 -6.27 70.51
C TYR D 427 15.75 -6.42 69.02
N ALA D 428 15.82 -5.30 68.31
CA ALA D 428 16.02 -5.36 66.86
C ALA D 428 17.49 -5.55 66.49
N LYS D 429 18.40 -4.93 67.23
CA LYS D 429 19.82 -5.06 66.91
C LYS D 429 20.35 -6.45 67.26
N MET D 430 19.92 -7.01 68.38
CA MET D 430 20.37 -8.35 68.76
C MET D 430 19.93 -9.39 67.73
N LEU D 431 18.74 -9.21 67.14
CA LEU D 431 18.30 -10.10 66.09
C LEU D 431 19.07 -9.86 64.79
N ASP D 432 19.31 -8.58 64.45
CA ASP D 432 19.93 -8.27 63.18
C ASP D 432 21.42 -8.60 63.19
N GLU D 433 22.10 -8.36 64.32
CA GLU D 433 23.54 -8.60 64.37
C GLU D 433 23.85 -10.08 64.51
N PHE D 434 23.05 -10.82 65.28
CA PHE D 434 23.28 -12.24 65.53
C PHE D 434 21.98 -12.99 65.32
N GLY D 435 21.96 -13.87 64.32
CA GLY D 435 20.74 -14.58 63.95
C GLY D 435 20.80 -16.08 64.16
N SER D 436 21.99 -16.66 64.08
CA SER D 436 22.18 -18.09 64.28
C SER D 436 22.40 -18.45 65.75
N VAL D 437 22.19 -17.50 66.67
CA VAL D 437 22.46 -17.73 68.09
C VAL D 437 21.29 -17.18 68.91
N VAL D 438 20.62 -16.15 68.38
CA VAL D 438 19.56 -15.44 69.10
C VAL D 438 18.22 -15.81 68.50
N ASP D 439 17.25 -16.15 69.35
CA ASP D 439 15.90 -16.48 68.94
C ASP D 439 14.86 -15.53 69.50
N LYS D 440 14.88 -15.27 70.80
CA LYS D 440 13.92 -14.37 71.44
C LYS D 440 14.65 -13.47 72.43
N CYS D 441 14.13 -12.26 72.59
CA CYS D 441 14.74 -11.26 73.45
C CYS D 441 13.70 -10.64 74.37
N GLU D 442 14.06 -10.50 75.64
CA GLU D 442 13.23 -9.85 76.64
C GLU D 442 14.03 -8.74 77.29
N VAL D 443 13.51 -7.51 77.26
CA VAL D 443 14.19 -6.34 77.78
C VAL D 443 13.33 -5.73 78.89
N THR D 444 13.96 -5.48 80.04
CA THR D 444 13.29 -4.86 81.18
C THR D 444 14.18 -3.72 81.69
N ILE D 445 13.79 -2.49 81.39
CA ILE D 445 14.53 -1.32 81.84
C ILE D 445 13.96 -0.88 83.18
N ILE D 446 14.83 -0.80 84.19
CA ILE D 446 14.42 -0.53 85.56
C ILE D 446 14.78 0.91 85.91
N THR D 447 13.76 1.71 86.21
CA THR D 447 13.94 2.99 86.88
C THR D 447 13.32 3.00 88.26
N ASP D 448 12.86 1.83 88.73
CA ASP D 448 12.34 1.68 90.07
C ASP D 448 13.49 1.52 91.05
N PRO D 449 13.47 2.22 92.20
CA PRO D 449 14.61 2.09 93.13
C PRO D 449 14.66 0.72 93.79
N GLY D 450 13.50 0.15 94.13
CA GLY D 450 13.51 -1.17 94.75
C GLY D 450 13.91 -2.26 93.77
N LYS D 451 13.27 -2.29 92.59
CA LYS D 451 13.58 -3.32 91.62
C LYS D 451 14.97 -3.17 91.01
N ALA D 452 15.59 -2.00 91.16
CA ALA D 452 17.00 -1.86 90.78
C ALA D 452 17.89 -2.60 91.77
N GLU D 453 17.56 -2.52 93.07
CA GLU D 453 18.24 -3.32 94.07
C GLU D 453 17.75 -4.77 94.05
N GLU D 454 16.48 -4.98 93.73
CA GLU D 454 15.88 -6.32 93.68
C GLU D 454 16.25 -7.09 92.43
N LEU D 455 17.16 -6.56 91.60
CA LEU D 455 17.66 -7.27 90.43
C LEU D 455 19.17 -7.24 90.29
N GLU D 456 19.87 -6.31 90.95
CA GLU D 456 21.32 -6.23 90.83
C GLU D 456 22.00 -7.39 91.55
N GLY D 457 21.79 -7.49 92.86
CA GLY D 457 22.44 -8.54 93.63
C GLY D 457 21.95 -9.94 93.32
N LYS D 458 20.79 -10.06 92.67
CA LYS D 458 20.19 -11.37 92.46
C LYS D 458 20.62 -12.02 91.15
N TYR D 459 20.74 -11.23 90.07
CA TYR D 459 21.12 -11.79 88.78
C TYR D 459 22.31 -11.07 88.16
N ALA D 460 22.47 -9.77 88.45
CA ALA D 460 23.54 -9.00 87.81
C ALA D 460 24.90 -9.35 88.40
N VAL D 461 25.03 -9.30 89.72
CA VAL D 461 26.30 -9.53 90.41
C VAL D 461 26.76 -10.98 90.26
N PRO D 462 25.93 -12.00 90.51
CA PRO D 462 26.43 -13.38 90.35
C PRO D 462 26.89 -13.69 88.93
N ARG D 463 26.32 -13.04 87.92
CA ARG D 463 26.75 -13.26 86.56
C ARG D 463 28.11 -12.63 86.28
N TYR D 464 28.36 -11.48 86.92
CA TYR D 464 29.65 -10.73 86.81
C TYR D 464 30.80 -11.50 87.49
N LYS D 465 30.57 -12.07 88.68
CA LYS D 465 31.60 -12.78 89.43
C LYS D 465 31.94 -14.11 88.78
N GLU D 466 30.94 -14.83 88.27
CA GLU D 466 31.18 -16.17 87.73
C GLU D 466 32.05 -16.12 86.48
N ARG D 467 31.89 -15.07 85.66
CA ARG D 467 32.65 -15.00 84.41
C ARG D 467 34.15 -14.98 84.67
N ASP D 468 34.58 -14.31 85.73
CA ASP D 468 36.00 -14.18 86.03
C ASP D 468 36.58 -15.47 86.60
N ALA D 469 35.76 -16.28 87.28
CA ALA D 469 36.26 -17.47 87.95
C ALA D 469 36.55 -18.61 86.98
N ARG D 470 35.78 -18.71 85.89
CA ARG D 470 35.98 -19.81 84.94
C ARG D 470 37.28 -19.69 84.16
N LEU D 471 37.87 -18.49 84.10
CA LEU D 471 39.03 -18.22 83.27
C LEU D 471 40.36 -18.42 84.00
N GLU D 472 40.33 -18.89 85.25
CA GLU D 472 41.55 -18.98 86.04
C GLU D 472 42.50 -20.05 85.52
N SER D 473 41.96 -21.11 84.92
CA SER D 473 42.76 -22.32 84.66
C SER D 473 43.91 -22.05 83.70
N LEU D 474 43.70 -21.19 82.70
CA LEU D 474 44.69 -21.05 81.65
C LEU D 474 45.87 -20.17 82.07
N VAL D 475 46.99 -20.35 81.36
CA VAL D 475 48.19 -19.57 81.54
C VAL D 475 48.67 -19.15 80.15
N ASP D 476 49.36 -18.00 80.08
CA ASP D 476 49.75 -17.45 78.78
C ASP D 476 50.68 -18.38 78.01
N GLU D 477 51.47 -19.21 78.71
CA GLU D 477 52.41 -20.09 78.03
C GLU D 477 51.73 -21.29 77.38
N LYS D 478 50.52 -21.65 77.82
CA LYS D 478 49.89 -22.85 77.30
C LYS D 478 49.29 -22.64 75.91
N VAL D 479 48.73 -21.45 75.66
CA VAL D 479 48.06 -21.18 74.39
C VAL D 479 49.08 -20.83 73.32
N ASP D 480 48.64 -20.75 72.07
CA ASP D 480 49.51 -20.42 70.95
C ASP D 480 48.94 -19.33 70.06
N THR D 481 47.86 -18.67 70.47
CA THR D 481 47.22 -17.67 69.64
C THR D 481 46.63 -16.57 70.52
N PHE D 482 46.91 -15.33 70.17
CA PHE D 482 46.34 -14.17 70.84
C PHE D 482 45.34 -13.49 69.93
N TYR D 483 44.55 -12.58 70.50
CA TYR D 483 43.48 -11.91 69.77
C TYR D 483 43.60 -10.41 69.95
N SER D 484 43.28 -9.67 68.87
CA SER D 484 43.38 -8.22 68.85
C SER D 484 41.99 -7.64 68.60
N CYS D 485 41.53 -6.79 69.51
CA CYS D 485 40.23 -6.15 69.41
C CYS D 485 40.41 -4.67 69.14
N ASN D 486 39.70 -4.15 68.14
CA ASN D 486 39.83 -2.77 67.70
C ASN D 486 38.56 -1.96 67.91
N LEU D 487 37.61 -2.47 68.69
CA LEU D 487 36.33 -1.78 68.86
C LEU D 487 36.48 -0.34 69.30
N CYS D 488 37.54 -0.03 70.04
CA CYS D 488 37.75 1.32 70.57
C CYS D 488 38.34 2.29 69.56
N GLN D 489 38.70 1.82 68.37
CA GLN D 489 39.30 2.67 67.35
C GLN D 489 38.34 3.74 66.85
N SER D 490 37.11 3.74 67.35
CA SER D 490 36.18 4.82 67.03
C SER D 490 36.65 6.15 67.61
N PHE D 491 37.35 6.12 68.75
CA PHE D 491 37.89 7.32 69.36
C PHE D 491 39.39 7.25 69.64
N ALA D 492 40.02 6.08 69.48
CA ALA D 492 41.47 5.93 69.61
C ALA D 492 41.94 5.20 68.36
N PRO D 493 42.16 5.92 67.25
CA PRO D 493 42.44 5.25 65.97
C PRO D 493 43.72 4.43 65.98
N ALA D 494 44.71 4.81 66.77
CA ALA D 494 45.99 4.13 66.81
C ALA D 494 46.06 3.04 67.88
N HIS D 495 45.00 2.84 68.66
CA HIS D 495 45.01 1.87 69.74
C HIS D 495 44.60 0.49 69.25
N VAL D 496 45.34 -0.53 69.69
CA VAL D 496 45.03 -1.92 69.40
C VAL D 496 45.25 -2.71 70.69
N CYS D 497 44.19 -3.35 71.20
CA CYS D 497 44.28 -4.15 72.41
C CYS D 497 44.62 -5.60 72.07
N ILE D 498 45.52 -6.18 72.84
CA ILE D 498 45.91 -7.58 72.71
C ILE D 498 45.37 -8.31 73.92
N VAL D 499 44.43 -9.24 73.70
CA VAL D 499 43.81 -10.02 74.76
C VAL D 499 44.55 -11.34 74.89
N THR D 500 45.01 -11.64 76.10
CA THR D 500 45.64 -12.90 76.44
C THR D 500 44.89 -13.54 77.61
N PRO D 501 45.12 -14.83 77.88
CA PRO D 501 44.46 -15.44 79.05
C PRO D 501 44.80 -14.75 80.36
N GLU D 502 46.03 -14.26 80.53
CA GLU D 502 46.43 -13.59 81.76
C GLU D 502 46.41 -12.07 81.64
N ARG D 503 46.12 -11.53 80.47
CA ARG D 503 45.98 -10.09 80.27
C ARG D 503 44.58 -9.86 79.69
N LEU D 504 43.60 -9.70 80.59
CA LEU D 504 42.25 -9.39 80.16
C LEU D 504 42.20 -8.05 79.44
N GLY D 505 41.24 -7.91 78.54
CA GLY D 505 40.99 -6.64 77.90
C GLY D 505 40.75 -5.58 78.95
N LEU D 506 41.41 -4.43 78.81
CA LEU D 506 41.41 -3.45 79.89
C LEU D 506 40.04 -2.86 80.19
N CYS D 507 39.03 -3.16 79.37
CA CYS D 507 37.67 -2.75 79.70
C CYS D 507 37.14 -3.52 80.90
N GLY D 508 37.49 -4.79 81.01
CA GLY D 508 37.01 -5.66 82.06
C GLY D 508 35.90 -6.60 81.64
N ALA D 509 35.37 -6.45 80.42
CA ALA D 509 34.27 -7.27 79.94
C ALA D 509 34.66 -8.15 78.76
N VAL D 510 35.94 -8.21 78.40
CA VAL D 510 36.42 -9.03 77.30
C VAL D 510 37.53 -9.93 77.82
N SER D 511 37.40 -11.23 77.60
CA SER D 511 38.38 -12.22 78.02
C SER D 511 38.96 -12.91 76.79
N TRP D 512 39.90 -13.83 77.03
CA TRP D 512 40.48 -14.58 75.94
C TRP D 512 39.46 -15.48 75.27
N LEU D 513 38.62 -16.15 76.07
CA LEU D 513 37.57 -16.99 75.51
C LEU D 513 36.48 -16.15 74.86
N ASP D 514 36.18 -14.97 75.42
CA ASP D 514 35.23 -14.08 74.78
C ASP D 514 35.74 -13.57 73.45
N ALA D 515 37.05 -13.34 73.34
CA ALA D 515 37.63 -12.88 72.09
C ALA D 515 37.67 -13.99 71.05
N LYS D 516 37.92 -15.22 71.48
CA LYS D 516 37.88 -16.36 70.57
C LYS D 516 36.47 -16.60 70.05
N ALA D 517 35.44 -16.30 70.87
CA ALA D 517 34.06 -16.45 70.43
C ALA D 517 33.63 -15.35 69.48
N THR D 518 34.12 -14.12 69.68
CA THR D 518 33.76 -13.04 68.77
C THR D 518 34.37 -13.23 67.38
N LEU D 519 35.51 -13.92 67.29
CA LEU D 519 36.03 -14.31 65.99
C LEU D 519 35.27 -15.49 65.41
N GLU D 520 34.78 -16.38 66.28
CA GLU D 520 33.95 -17.50 65.82
C GLU D 520 32.65 -17.00 65.20
N LEU D 521 32.10 -15.90 65.72
CA LEU D 521 30.84 -15.36 65.24
C LEU D 521 30.99 -14.40 64.07
N ASN D 522 32.11 -13.69 63.99
CA ASN D 522 32.34 -12.71 62.93
C ASN D 522 33.79 -12.78 62.49
N PRO D 523 34.07 -13.41 61.35
CA PRO D 523 35.44 -13.37 60.81
C PRO D 523 35.82 -12.00 60.30
N THR D 524 34.85 -11.23 59.79
CA THR D 524 35.04 -9.82 59.45
C THR D 524 34.74 -8.90 60.61
N GLY D 525 34.90 -9.37 61.84
CA GLY D 525 34.58 -8.60 63.02
C GLY D 525 35.79 -7.90 63.60
N PRO D 526 35.65 -7.39 64.83
CA PRO D 526 36.74 -6.60 65.43
C PRO D 526 37.88 -7.46 65.95
N CYS D 527 37.58 -8.64 66.46
CA CYS D 527 38.59 -9.49 67.09
C CYS D 527 39.24 -10.39 66.03
N GLN D 528 40.55 -10.24 65.86
CA GLN D 528 41.32 -11.04 64.91
C GLN D 528 42.40 -11.82 65.64
N ALA D 529 42.68 -13.02 65.14
CA ALA D 529 43.66 -13.90 65.77
C ALA D 529 45.08 -13.44 65.45
N VAL D 530 46.00 -13.72 66.38
CA VAL D 530 47.39 -13.35 66.25
C VAL D 530 48.25 -14.54 66.68
N PRO D 531 49.07 -15.11 65.81
CA PRO D 531 49.86 -16.28 66.20
C PRO D 531 50.98 -15.92 67.15
N LYS D 532 51.22 -16.81 68.13
CA LYS D 532 52.30 -16.64 69.10
C LYS D 532 53.58 -17.21 68.50
N GLU D 533 54.27 -16.38 67.72
CA GLU D 533 55.47 -16.80 67.02
C GLU D 533 56.52 -15.70 67.10
N GLY D 534 57.78 -16.11 66.94
CA GLY D 534 58.90 -15.17 66.93
C GLY D 534 59.13 -14.47 68.25
N VAL D 535 59.08 -15.19 69.37
CA VAL D 535 59.28 -14.58 70.67
C VAL D 535 60.75 -14.21 70.83
N VAL D 536 61.00 -12.95 71.19
CA VAL D 536 62.35 -12.46 71.41
C VAL D 536 62.66 -12.36 72.90
N ASP D 537 61.69 -11.98 73.71
CA ASP D 537 61.87 -11.88 75.17
C ASP D 537 60.58 -12.33 75.84
N GLU D 538 60.64 -13.45 76.56
CA GLU D 538 59.48 -13.96 77.27
C GLU D 538 59.22 -13.20 78.56
N ASN D 539 60.25 -12.64 79.18
CA ASN D 539 60.07 -11.93 80.44
C ASN D 539 59.23 -10.66 80.25
N LEU D 540 59.51 -9.89 79.20
CA LEU D 540 58.73 -8.69 78.90
C LEU D 540 57.55 -8.96 77.99
N GLY D 541 57.58 -10.05 77.23
CA GLY D 541 56.47 -10.39 76.35
C GLY D 541 56.49 -9.63 75.04
N ILE D 542 57.57 -9.80 74.27
CA ILE D 542 57.72 -9.15 72.98
C ILE D 542 57.65 -10.23 71.91
N TRP D 543 56.69 -10.09 70.99
CA TRP D 543 56.47 -11.05 69.93
C TRP D 543 56.53 -10.34 68.59
N GLU D 544 57.24 -10.94 67.63
CA GLU D 544 57.40 -10.31 66.32
C GLU D 544 56.06 -10.18 65.60
N LYS D 545 55.29 -11.26 65.56
CA LYS D 545 53.99 -11.22 64.88
C LYS D 545 53.01 -10.31 65.61
N VAL D 546 53.10 -10.23 66.94
CA VAL D 546 52.25 -9.29 67.69
C VAL D 546 52.56 -7.87 67.24
N ASN D 547 53.84 -7.54 67.06
CA ASN D 547 54.19 -6.24 66.53
C ASN D 547 53.72 -6.06 65.10
N GLU D 548 53.61 -7.16 64.34
CA GLU D 548 53.15 -7.06 62.96
C GLU D 548 51.68 -6.69 62.87
N THR D 549 50.84 -7.37 63.67
CA THR D 549 49.41 -7.07 63.64
C THR D 549 49.10 -5.72 64.29
N VAL D 550 49.87 -5.32 65.29
CA VAL D 550 49.68 -4.00 65.88
C VAL D 550 50.07 -2.91 64.89
N SER D 551 51.23 -3.07 64.24
CA SER D 551 51.64 -2.10 63.23
C SER D 551 50.66 -2.04 62.07
N LYS D 552 50.02 -3.17 61.74
CA LYS D 552 49.03 -3.17 60.67
C LYS D 552 47.73 -2.52 61.12
N ILE D 553 47.17 -2.98 62.24
CA ILE D 553 45.85 -2.49 62.64
C ILE D 553 45.93 -1.09 63.22
N SER D 554 47.05 -0.71 63.83
CA SER D 554 47.24 0.67 64.25
C SER D 554 47.76 1.57 63.12
N GLN D 555 47.88 1.03 61.90
CA GLN D 555 48.23 1.81 60.71
C GLN D 555 49.62 2.44 60.84
N GLY D 556 50.54 1.71 61.45
CA GLY D 556 51.92 2.14 61.56
C GLY D 556 52.23 3.10 62.69
N ALA D 557 51.22 3.51 63.47
CA ALA D 557 51.46 4.46 64.55
C ALA D 557 52.20 3.83 65.73
N VAL D 558 52.15 2.51 65.87
CA VAL D 558 52.87 1.79 66.92
C VAL D 558 53.79 0.79 66.26
N THR D 559 55.02 0.69 66.77
CA THR D 559 56.05 -0.12 66.13
C THR D 559 56.52 -1.31 66.97
N SER D 560 56.45 -1.22 68.30
CA SER D 560 56.83 -2.34 69.15
C SER D 560 56.06 -2.26 70.46
N VAL D 561 55.67 -3.41 70.98
CA VAL D 561 54.87 -3.50 72.20
C VAL D 561 55.45 -4.59 73.08
N THR D 562 55.55 -4.31 74.38
CA THR D 562 55.88 -5.29 75.39
C THR D 562 54.68 -5.48 76.30
N LEU D 563 54.23 -6.73 76.46
CA LEU D 563 52.96 -6.98 77.12
C LEU D 563 53.07 -6.91 78.64
N TYR D 564 54.19 -7.33 79.21
CA TYR D 564 54.33 -7.49 80.66
C TYR D 564 55.26 -6.45 81.27
N SER D 565 55.29 -5.24 80.70
CA SER D 565 56.12 -4.16 81.21
C SER D 565 55.46 -2.84 80.84
N ILE D 566 55.57 -1.85 81.75
CA ILE D 566 54.99 -0.53 81.51
C ILE D 566 56.05 0.52 81.22
N LEU D 567 57.33 0.22 81.42
CA LEU D 567 58.38 1.21 81.15
C LEU D 567 58.88 1.15 79.71
N GLN D 568 59.05 -0.04 79.15
CA GLN D 568 59.58 -0.21 77.81
C GLN D 568 58.44 -0.51 76.86
N ASP D 569 58.08 0.45 76.02
CA ASP D 569 57.14 0.28 74.93
C ASP D 569 55.85 -0.41 75.36
N PRO D 570 55.13 0.14 76.34
CA PRO D 570 53.90 -0.52 76.80
C PRO D 570 52.80 -0.43 75.75
N MET D 571 51.86 -1.37 75.84
CA MET D 571 50.72 -1.33 74.94
C MET D 571 49.89 -0.08 75.21
N THR D 572 49.25 0.42 74.16
CA THR D 572 48.48 1.64 74.26
C THR D 572 47.23 1.43 75.11
N SER D 573 46.58 2.53 75.46
CA SER D 573 45.36 2.51 76.25
C SER D 573 44.29 3.34 75.55
N CYS D 574 43.07 2.82 75.54
CA CYS D 574 41.96 3.51 74.89
C CYS D 574 41.34 4.55 75.82
N GLY D 575 40.42 4.14 76.68
CA GLY D 575 39.79 5.09 77.59
C GLY D 575 38.67 4.55 78.45
N CYS D 576 38.26 3.31 78.21
CA CYS D 576 37.21 2.68 78.99
C CYS D 576 37.75 1.90 80.19
N PHE D 577 39.01 2.14 80.56
CA PHE D 577 39.64 1.35 81.62
C PHE D 577 38.94 1.57 82.95
N GLU D 578 38.75 0.46 83.68
CA GLU D 578 38.15 0.54 85.01
C GLU D 578 39.12 1.20 85.99
N CYS D 579 40.42 0.96 85.83
CA CYS D 579 41.43 1.47 86.75
C CYS D 579 42.63 1.96 85.96
N ILE D 580 43.47 2.73 86.63
CA ILE D 580 44.72 3.24 86.08
C ILE D 580 45.85 2.91 87.05
N THR D 581 47.01 2.55 86.50
CA THR D 581 48.19 2.19 87.26
C THR D 581 49.27 3.24 87.03
N GLY D 582 49.79 3.81 88.12
CA GLY D 582 50.72 4.92 88.05
C GLY D 582 52.03 4.64 88.76
N ILE D 583 53.12 5.07 88.16
CA ILE D 583 54.46 4.85 88.69
C ILE D 583 54.77 5.91 89.75
N MET D 584 55.33 5.47 90.87
CA MET D 584 55.77 6.39 91.92
C MET D 584 57.26 6.19 92.18
N PRO D 585 58.11 7.16 91.82
CA PRO D 585 59.56 6.95 92.02
C PRO D 585 59.98 6.93 93.47
N GLU D 586 59.41 7.77 94.33
CA GLU D 586 59.86 7.86 95.71
C GLU D 586 59.71 6.53 96.44
N ALA D 587 58.65 5.79 96.17
CA ALA D 587 58.41 4.51 96.83
C ALA D 587 59.01 3.33 96.09
N ASN D 588 59.67 3.57 94.95
CA ASN D 588 60.21 2.49 94.13
C ASN D 588 59.12 1.49 93.75
N GLY D 589 57.90 1.98 93.60
CA GLY D 589 56.73 1.15 93.38
C GLY D 589 55.70 1.82 92.51
N VAL D 590 54.44 1.46 92.71
CA VAL D 590 53.37 1.81 91.79
C VAL D 590 52.07 1.99 92.56
N VAL D 591 51.30 3.02 92.19
CA VAL D 591 50.01 3.29 92.79
C VAL D 591 48.91 2.99 91.79
N MET D 592 47.70 2.82 92.30
CA MET D 592 46.54 2.42 91.50
C MET D 592 45.32 3.20 91.96
N VAL D 593 44.47 3.56 91.00
CA VAL D 593 43.28 4.37 91.29
C VAL D 593 42.17 3.94 90.34
N ASN D 594 40.94 3.89 90.86
CA ASN D 594 39.78 3.46 90.10
C ASN D 594 38.88 4.65 89.76
N ARG D 595 37.98 4.41 88.80
CA ARG D 595 37.19 5.50 88.23
C ARG D 595 36.15 6.04 89.23
N GLU D 596 35.46 5.14 89.94
CA GLU D 596 34.47 5.60 90.90
C GLU D 596 35.11 6.34 92.09
N PHE D 597 36.37 6.07 92.36
CA PHE D 597 37.11 6.83 93.37
C PHE D 597 37.38 8.23 92.85
N GLY D 598 36.99 9.24 93.62
CA GLY D 598 37.05 10.61 93.13
C GLY D 598 37.94 11.55 93.93
N ALA D 599 38.82 11.01 94.77
CA ALA D 599 39.75 11.82 95.53
C ALA D 599 41.12 11.84 94.86
N THR D 600 42.08 12.48 95.51
CA THR D 600 43.40 12.67 94.93
C THR D 600 44.31 11.50 95.28
N THR D 601 45.27 11.25 94.40
CA THR D 601 46.28 10.21 94.55
C THR D 601 47.62 10.83 94.92
N PRO D 602 48.54 10.04 95.49
CA PRO D 602 49.83 10.61 95.92
C PRO D 602 50.67 11.15 94.77
N LEU D 603 50.30 10.89 93.53
CA LEU D 603 50.92 11.53 92.37
C LEU D 603 50.37 12.92 92.11
N GLY D 604 49.71 13.53 93.11
CA GLY D 604 49.17 14.87 92.95
C GLY D 604 48.07 14.99 91.93
N MET D 605 47.43 13.89 91.55
CA MET D 605 46.38 13.90 90.55
C MET D 605 45.23 13.05 91.01
N THR D 606 44.11 13.17 90.30
CA THR D 606 42.95 12.30 90.47
C THR D 606 42.87 11.34 89.29
N PHE D 607 41.90 10.42 89.37
CA PHE D 607 41.71 9.47 88.27
C PHE D 607 41.50 10.18 86.95
N GLY D 608 40.67 11.22 86.94
CA GLY D 608 40.42 11.96 85.71
C GLY D 608 41.66 12.66 85.18
N GLU D 609 42.54 13.11 86.09
CA GLU D 609 43.78 13.74 85.65
C GLU D 609 44.76 12.69 85.12
N LEU D 610 44.81 11.51 85.75
CA LEU D 610 45.59 10.41 85.19
C LEU D 610 45.09 10.01 83.82
N ALA D 611 43.77 10.09 83.60
CA ALA D 611 43.18 9.60 82.35
C ALA D 611 43.68 10.41 81.15
N SER D 612 43.93 11.71 81.33
CA SER D 612 44.46 12.52 80.24
C SER D 612 45.92 12.22 79.94
N MET D 613 46.60 11.47 80.80
CA MET D 613 48.00 11.13 80.61
C MET D 613 48.22 9.68 80.22
N THR D 614 47.15 8.96 79.86
CA THR D 614 47.27 7.53 79.54
C THR D 614 46.43 7.08 78.34
N GLY D 615 45.25 7.64 78.12
CA GLY D 615 44.37 7.16 77.07
C GLY D 615 44.75 7.70 75.70
N GLY D 616 43.82 7.52 74.76
CA GLY D 616 43.99 8.01 73.41
C GLY D 616 44.80 7.13 72.49
N GLY D 617 45.17 5.93 72.93
CA GLY D 617 46.01 5.08 72.11
C GLY D 617 47.42 5.59 71.94
N VAL D 618 47.93 6.30 72.93
CA VAL D 618 49.28 6.87 72.90
C VAL D 618 50.20 5.98 73.72
N GLN D 619 51.43 5.80 73.23
CA GLN D 619 52.43 4.96 73.90
C GLN D 619 53.01 5.75 75.07
N THR D 620 52.52 5.47 76.27
CA THR D 620 52.87 6.25 77.45
C THR D 620 53.72 5.43 78.42
N PRO D 621 55.03 5.64 78.48
CA PRO D 621 55.84 4.93 79.48
C PRO D 621 55.52 5.38 80.88
N GLY D 622 55.38 4.41 81.77
CA GLY D 622 55.14 4.66 83.18
C GLY D 622 53.68 4.62 83.60
N PHE D 623 52.75 4.67 82.66
CA PHE D 623 51.33 4.67 82.96
C PHE D 623 50.63 3.63 82.10
N MET D 624 49.61 2.99 82.67
CA MET D 624 48.82 2.02 81.93
C MET D 624 47.39 2.03 82.45
N GLY D 625 46.46 1.69 81.56
CA GLY D 625 45.06 1.49 81.91
C GLY D 625 44.72 0.01 81.83
N HIS D 626 44.02 -0.48 82.85
CA HIS D 626 43.66 -1.88 82.89
C HIS D 626 42.39 -2.06 83.72
N GLY D 627 41.75 -3.22 83.55
CA GLY D 627 40.55 -3.53 84.26
C GLY D 627 40.84 -3.87 85.72
N ARG D 628 39.78 -4.34 86.40
CA ARG D 628 39.90 -4.70 87.80
C ARG D 628 40.46 -6.10 88.00
N GLN D 629 40.16 -7.02 87.08
CA GLN D 629 40.61 -8.39 87.25
C GLN D 629 42.08 -8.57 86.88
N PHE D 630 42.60 -7.72 86.00
CA PHE D 630 44.02 -7.78 85.62
C PHE D 630 44.95 -7.46 86.77
N ILE D 631 44.42 -7.01 87.91
CA ILE D 631 45.27 -6.69 89.06
C ILE D 631 45.92 -7.94 89.63
N ALA D 632 45.17 -9.05 89.71
CA ALA D 632 45.65 -10.27 90.34
C ALA D 632 46.35 -11.21 89.37
N SER D 633 46.85 -10.69 88.25
CA SER D 633 47.47 -11.54 87.24
C SER D 633 48.91 -11.88 87.62
N LYS D 634 49.34 -13.09 87.24
CA LYS D 634 50.74 -13.46 87.40
C LYS D 634 51.64 -12.62 86.50
N LYS D 635 51.18 -12.35 85.27
CA LYS D 635 51.96 -11.64 84.28
C LYS D 635 51.79 -10.14 84.34
N PHE D 636 51.06 -9.63 85.34
CA PHE D 636 50.92 -8.18 85.52
C PHE D 636 52.29 -7.62 85.92
N MET D 637 52.90 -6.83 85.03
CA MET D 637 54.20 -6.22 85.28
C MET D 637 55.26 -7.26 85.61
N LYS D 638 55.24 -8.38 84.88
CA LYS D 638 56.20 -9.45 85.16
C LYS D 638 57.63 -8.97 84.95
N GLY D 639 57.86 -8.17 83.91
CA GLY D 639 59.20 -7.66 83.66
C GLY D 639 59.67 -6.67 84.72
N GLU D 640 58.74 -6.00 85.38
CA GLU D 640 59.09 -5.03 86.41
C GLU D 640 59.24 -5.68 87.79
N GLY D 641 58.39 -6.64 88.12
CA GLY D 641 58.49 -7.33 89.39
C GLY D 641 57.18 -7.84 89.94
N GLY D 642 56.15 -7.94 89.10
CA GLY D 642 54.86 -8.42 89.55
C GLY D 642 54.14 -7.42 90.44
N LEU D 643 53.16 -7.93 91.17
CA LEU D 643 52.36 -7.08 92.06
C LEU D 643 53.19 -6.49 93.19
N GLY D 644 54.41 -6.97 93.40
CA GLY D 644 55.27 -6.47 94.45
C GLY D 644 55.51 -4.98 94.39
N ARG D 645 55.30 -4.37 93.23
CA ARG D 645 55.47 -2.93 93.08
C ARG D 645 54.28 -2.13 93.60
N ILE D 646 53.09 -2.73 93.64
CA ILE D 646 51.90 -2.01 94.10
C ILE D 646 52.09 -1.60 95.54
N VAL D 647 51.86 -0.31 95.84
CA VAL D 647 52.11 0.22 97.17
C VAL D 647 50.95 1.08 97.66
N TRP D 648 49.98 1.35 96.79
CA TRP D 648 48.89 2.23 97.18
C TRP D 648 47.65 1.95 96.34
N MET D 649 46.58 1.53 96.98
CA MET D 649 45.28 1.29 96.38
C MET D 649 44.22 1.95 97.24
N PRO D 650 43.07 2.28 96.68
CA PRO D 650 41.92 2.64 97.51
C PRO D 650 41.37 1.41 98.24
N LYS D 651 40.69 1.67 99.36
CA LYS D 651 40.16 0.58 100.17
C LYS D 651 39.08 -0.21 99.42
N GLU D 652 38.30 0.46 98.57
CA GLU D 652 37.31 -0.24 97.77
C GLU D 652 37.96 -1.27 96.87
N LEU D 653 39.13 -0.95 96.31
CA LEU D 653 39.86 -1.92 95.51
C LEU D 653 40.38 -3.06 96.37
N LYS D 654 40.99 -2.73 97.51
CA LYS D 654 41.50 -3.76 98.42
C LYS D 654 40.40 -4.75 98.79
N ASP D 655 39.29 -4.25 99.32
CA ASP D 655 38.21 -5.13 99.78
C ASP D 655 37.65 -5.97 98.65
N PHE D 656 37.65 -5.45 97.43
CA PHE D 656 37.20 -6.23 96.28
C PHE D 656 38.25 -7.24 95.82
N VAL D 657 39.52 -7.01 96.12
CA VAL D 657 40.60 -7.88 95.70
C VAL D 657 41.25 -8.59 96.90
N ALA D 658 40.56 -8.58 98.04
CA ALA D 658 41.11 -9.21 99.24
C ALA D 658 41.44 -10.68 99.00
N GLU D 659 40.47 -11.43 98.45
CA GLU D 659 40.68 -12.85 98.24
C GLU D 659 41.65 -13.12 97.09
N LYS D 660 41.48 -12.41 95.97
CA LYS D 660 42.23 -12.73 94.76
C LYS D 660 43.69 -12.29 94.84
N LEU D 661 44.00 -11.28 95.64
CA LEU D 661 45.37 -10.81 95.71
C LEU D 661 46.19 -11.56 96.75
N ASN D 662 45.60 -11.87 97.90
CA ASN D 662 46.31 -12.61 98.94
C ASN D 662 46.80 -13.95 98.41
N LYS D 663 45.95 -14.65 97.66
CA LYS D 663 46.37 -15.92 97.06
C LYS D 663 47.50 -15.72 96.07
N THR D 664 47.47 -14.61 95.33
CA THR D 664 48.59 -14.26 94.45
C THR D 664 49.78 -13.72 95.23
N ALA D 665 49.55 -13.19 96.43
CA ALA D 665 50.64 -12.69 97.25
C ALA D 665 51.51 -13.84 97.77
N LYS D 666 50.88 -14.93 98.20
CA LYS D 666 51.63 -16.09 98.66
C LYS D 666 52.43 -16.75 97.54
N GLU D 667 52.02 -16.56 96.29
CA GLU D 667 52.68 -17.20 95.16
C GLU D 667 54.05 -16.61 94.85
N LEU D 668 54.40 -15.47 95.44
CA LEU D 668 55.71 -14.86 95.27
C LEU D 668 56.54 -14.91 96.54
N TYR D 669 56.19 -15.80 97.48
CA TYR D 669 56.96 -16.06 98.70
C TYR D 669 57.00 -14.84 99.61
N ASN D 670 55.89 -14.10 99.65
CA ASN D 670 55.72 -12.99 100.57
C ASN D 670 54.62 -13.29 101.57
N ILE D 671 54.66 -12.57 102.70
CA ILE D 671 53.68 -12.78 103.75
C ILE D 671 52.28 -12.54 103.20
N ASP D 672 51.33 -13.38 103.61
CA ASP D 672 49.96 -13.24 103.14
C ASP D 672 49.38 -11.87 103.47
N ASN D 673 49.91 -11.21 104.50
CA ASN D 673 49.52 -9.86 104.89
C ASN D 673 49.93 -8.81 103.87
N PHE D 674 50.33 -9.23 102.67
CA PHE D 674 50.75 -8.28 101.64
C PHE D 674 49.63 -7.30 101.29
N ALA D 675 48.37 -7.76 101.35
CA ALA D 675 47.25 -6.86 101.08
C ALA D 675 47.17 -5.76 102.13
N ASP D 676 47.70 -6.00 103.32
CA ASP D 676 47.68 -5.00 104.39
C ASP D 676 48.84 -4.03 104.32
N MET D 677 49.94 -4.40 103.65
CA MET D 677 51.11 -3.52 103.56
C MET D 677 50.86 -2.34 102.64
N ILE D 678 49.92 -2.44 101.72
CA ILE D 678 49.65 -1.37 100.76
C ILE D 678 48.85 -0.28 101.45
N CYS D 679 49.24 0.97 101.23
CA CYS D 679 48.56 2.10 101.84
C CYS D 679 47.25 2.40 101.10
N ASP D 680 46.33 3.06 101.81
CA ASP D 680 45.03 3.42 101.23
C ASP D 680 44.67 4.84 101.68
N GLU D 681 43.54 5.32 101.18
CA GLU D 681 43.14 6.71 101.39
C GLU D 681 42.69 7.00 102.81
N THR D 682 42.48 5.97 103.64
CA THR D 682 42.14 6.17 105.04
C THR D 682 43.37 6.16 105.95
N ILE D 683 44.57 6.21 105.37
CA ILE D 683 45.80 6.24 106.14
C ILE D 683 46.62 7.47 105.78
N ALA D 684 46.90 7.64 104.48
CA ALA D 684 47.67 8.77 103.99
C ALA D 684 47.53 8.84 102.47
N THR D 685 47.60 10.06 101.93
CA THR D 685 47.45 10.27 100.50
C THR D 685 48.57 11.11 99.90
N GLU D 686 49.65 11.36 100.65
CA GLU D 686 50.79 12.11 100.14
C GLU D 686 52.06 11.30 100.32
N SER D 687 52.95 11.37 99.34
CA SER D 687 54.20 10.59 99.40
C SER D 687 54.97 10.88 100.68
N GLU D 688 55.06 12.15 101.07
CA GLU D 688 55.73 12.49 102.33
C GLU D 688 55.14 11.73 103.50
N GLU D 689 53.81 11.58 103.51
CA GLU D 689 53.15 10.76 104.53
C GLU D 689 53.24 9.28 104.20
N VAL D 690 53.08 8.92 102.92
CA VAL D 690 52.98 7.52 102.53
C VAL D 690 54.36 6.84 102.53
N VAL D 691 55.42 7.57 102.19
CA VAL D 691 56.76 6.96 102.16
C VAL D 691 57.10 6.38 103.53
N LYS D 692 56.79 7.10 104.61
CA LYS D 692 57.06 6.59 105.94
C LYS D 692 56.18 5.40 106.29
N PHE D 693 54.96 5.35 105.75
CA PHE D 693 54.11 4.18 105.96
C PHE D 693 54.72 2.95 105.32
N LEU D 694 55.31 3.10 104.13
CA LEU D 694 55.92 1.96 103.45
C LEU D 694 57.24 1.57 104.09
N GLU D 695 57.92 2.52 104.74
CA GLU D 695 59.10 2.18 105.52
C GLU D 695 58.73 1.51 106.84
N GLU D 696 57.57 1.86 107.40
CA GLU D 696 57.15 1.25 108.67
C GLU D 696 56.73 -0.21 108.46
N LYS D 697 55.99 -0.50 107.39
CA LYS D 697 55.52 -1.85 107.15
C LYS D 697 56.60 -2.77 106.61
N GLY D 698 57.65 -2.22 106.00
CA GLY D 698 58.69 -3.04 105.40
C GLY D 698 58.25 -3.65 104.09
N HIS D 699 57.81 -2.80 103.17
CA HIS D 699 57.29 -3.27 101.90
C HIS D 699 58.39 -3.94 101.09
N PRO D 700 58.09 -5.06 100.41
CA PRO D 700 59.14 -5.74 99.64
C PRO D 700 59.64 -4.97 98.43
N ALA D 701 58.86 -3.99 97.93
CA ALA D 701 59.30 -3.21 96.78
C ALA D 701 60.42 -2.23 97.14
N LEU D 702 60.51 -1.83 98.41
CA LEU D 702 61.58 -0.92 98.82
C LEU D 702 62.95 -1.56 98.65
N LYS D 703 63.03 -2.89 98.77
CA LYS D 703 64.30 -3.61 98.66
C LYS D 703 64.40 -4.40 97.37
N MET D 704 63.62 -4.03 96.36
CA MET D 704 63.77 -4.59 95.02
C MET D 704 64.70 -3.70 94.20
N ASP D 705 64.85 -4.04 92.92
CA ASP D 705 65.63 -3.21 92.02
C ASP D 705 64.87 -1.92 91.73
N PRO D 706 65.57 -0.79 91.61
CA PRO D 706 64.89 0.45 91.19
C PRO D 706 64.31 0.28 89.80
N ILE D 707 63.10 0.83 89.62
CA ILE D 707 62.39 0.58 88.36
C ILE D 707 63.03 1.35 87.22
N MET D 708 63.58 2.53 87.48
CA MET D 708 64.17 3.35 86.41
C MET D 708 65.55 3.88 86.80
C1 GOL E . -21.78 -14.95 -62.80
O1 GOL E . -20.45 -15.17 -63.14
C2 GOL E . -21.88 -14.73 -61.26
O2 GOL E . -22.90 -15.47 -60.70
C3 GOL E . -20.48 -15.11 -60.70
O3 GOL E . -20.48 -14.78 -59.34
C1 GOL F . -37.23 -21.19 -36.33
O1 GOL F . -35.85 -21.07 -36.27
C2 GOL F . -37.84 -19.77 -36.11
O2 GOL F . -39.22 -19.74 -36.30
C3 GOL F . -37.43 -19.38 -34.68
O3 GOL F . -38.08 -18.19 -34.38
O1 PE4 G . -33.98 -9.75 -52.34
C1 PE4 G . -33.28 -10.18 -51.17
C2 PE4 G . -31.79 -10.34 -51.47
O2 PE4 G . -30.99 -9.31 -50.87
C3 PE4 G . -31.58 -8.01 -50.97
C4 PE4 G . -31.55 -7.32 -49.61
O3 PE4 G . -32.78 -6.65 -49.38
C5 PE4 G . -33.01 -6.44 -47.98
C6 PE4 G . -34.13 -7.34 -47.49
O4 PE4 G . -34.46 -7.01 -46.14
C7 PE4 G . -34.32 -8.14 -45.29
C8 PE4 G . -35.67 -8.49 -44.65
O5 PE4 G . -35.73 -7.93 -43.33
C9 PE4 G . -36.07 -6.55 -43.33
C10 PE4 G . -35.59 -5.91 -42.03
O6 PE4 G . -36.29 -4.69 -41.77
C11 PE4 G . -36.30 -3.81 -42.89
C12 PE4 G . -35.02 -2.99 -42.94
O7 PE4 G . -34.00 -3.68 -43.67
C13 PE4 G . -33.97 -3.30 -45.05
FE1 SF4 H . -51.66 19.32 -40.88
FE2 SF4 H . -52.59 21.57 -39.88
FE3 SF4 H . -52.58 19.37 -38.38
FE4 SF4 H . -54.25 19.59 -40.44
S1 SF4 H . -54.32 20.89 -38.53
S2 SF4 H . -53.02 17.72 -39.93
S3 SF4 H . -53.06 20.77 -42.01
S4 SF4 H . -50.70 20.49 -39.13
F F I . -42.04 -36.53 -65.71
F F J . -58.74 15.13 -39.12
NI NI K . -58.76 21.60 -39.07
NI NI L . -56.27 20.44 -39.92
C1 GOL M . 11.18 -14.91 -43.80
O1 GOL M . 11.44 -13.64 -44.31
C2 GOL M . 10.25 -14.73 -42.57
O2 GOL M . 9.28 -15.73 -42.52
C3 GOL M . 11.19 -14.76 -41.34
O3 GOL M . 10.41 -14.49 -40.22
C1 GOL N . -10.07 -7.49 0.57
O1 GOL N . -10.25 -7.92 -0.75
C2 GOL N . -9.22 -6.20 0.51
O2 GOL N . -8.16 -6.31 -0.39
C3 GOL N . -8.75 -5.96 1.97
O3 GOL N . -9.90 -5.92 2.76
C9 PE4 O . -16.06 16.45 -38.05
C10 PE4 O . -16.06 17.04 -36.64
O6 PE4 O . -15.41 18.30 -36.62
C11 PE4 O . -14.00 18.18 -36.88
C12 PE4 O . -13.43 19.57 -37.18
O7 PE4 O . -12.34 19.85 -36.29
C13 PE4 O . -12.58 20.97 -35.42
C14 PE4 O . -13.79 20.73 -34.54
O8 PE4 O . -13.92 21.76 -33.57
C15 PE4 O . -15.16 21.72 -32.88
C16 PE4 O . -15.16 20.60 -31.87
C1 GOL P . -11.55 24.67 -40.02
O1 GOL P . -11.53 23.28 -40.05
C2 GOL P . -12.77 25.09 -39.17
O2 GOL P . -12.60 24.79 -37.82
C3 GOL P . -12.96 26.60 -39.43
O3 GOL P . -14.19 26.95 -38.87
C1 GOL Q . -22.49 -24.85 -35.23
O1 GOL Q . -22.75 -24.96 -36.59
C2 GOL Q . -21.82 -26.18 -34.80
O2 GOL Q . -20.64 -26.44 -35.50
C3 GOL Q . -21.59 -26.04 -33.27
O3 GOL Q . -21.24 -27.32 -32.79
C1 GOL R . -7.41 -26.36 -33.07
O1 GOL R . -6.13 -26.88 -33.30
C2 GOL R . -7.50 -26.02 -31.58
O2 GOL R . -6.45 -25.21 -31.15
C3 GOL R . -8.89 -25.34 -31.41
O3 GOL R . -9.28 -25.52 -30.08
FE1 SF4 S . 23.46 -5.66 -25.70
FE2 SF4 S . 22.67 -3.86 -23.93
FE3 SF4 S . 25.15 -4.81 -23.81
FE4 SF4 S . 23.10 -6.35 -23.18
S1 SF4 S . 23.77 -4.48 -22.00
S2 SF4 S . 24.89 -7.00 -24.47
S3 SF4 S . 21.42 -5.68 -24.60
S4 SF4 S . 24.30 -3.51 -25.52
FE1 SF4 T . 23.31 -12.33 -14.38
FE2 SF4 T . 21.63 -13.94 -13.13
FE3 SF4 T . 20.71 -12.23 -14.94
FE4 SF4 T . 21.60 -11.35 -12.62
S1 SF4 T . 19.72 -12.66 -12.91
S2 SF4 T . 22.07 -10.40 -14.65
S3 SF4 T . 23.34 -12.77 -12.12
S4 SF4 T . 22.10 -14.02 -15.38
FE1 XCC U . 1.02 3.96 -29.15
FE2 XCC U . -2.19 2.73 -28.21
FE3 XCC U . 1.45 1.36 -30.92
FE4 XCC U . -1.11 3.28 -31.54
S1 XCC U . -0.66 1.25 -31.03
S2 XCC U . 0.95 3.37 -31.14
S4 XCC U . 1.15 1.75 -28.74
S3 XCC U . -1.08 3.98 -29.53
NI XCC U . -1.21 0.47 -28.95
F F V . 6.48 28.00 -37.96
NA NA W . -20.99 -5.24 -21.60
NA NA X . 8.92 26.29 -29.47
NA NA Y . 1.59 -30.12 -31.15
C1 GOL Z . 10.07 19.30 -15.94
O1 GOL Z . 9.39 20.12 -16.86
C2 GOL Z . 9.25 19.30 -14.62
O2 GOL Z . 9.81 18.49 -13.63
C3 GOL Z . 9.20 20.79 -14.19
O3 GOL Z . 8.88 20.80 -12.84
C1 GOL AA . 18.43 19.79 19.55
O1 GOL AA . 17.11 19.59 19.97
C2 GOL AA . 19.33 18.82 20.34
O2 GOL AA . 19.75 19.35 21.55
C3 GOL AA . 18.50 17.53 20.51
O3 GOL AA . 18.00 17.53 21.81
C1 GOL BA . -11.10 -1.98 -3.09
O1 GOL BA . -9.76 -2.37 -3.09
C2 GOL BA . -11.14 -0.46 -3.45
O2 GOL BA . -12.43 -0.02 -3.77
C3 GOL BA . -10.57 0.25 -2.21
O3 GOL BA . -10.36 1.58 -2.56
FE1 SF4 CA . 12.61 2.16 -27.15
FE2 SF4 CA . 13.52 4.55 -26.56
FE3 SF4 CA . 15.15 2.73 -27.63
FE4 SF4 CA . 14.27 2.41 -25.13
S1 SF4 CA . 15.67 4.09 -25.86
S2 SF4 CA . 14.39 0.75 -26.71
S3 SF4 CA . 12.15 3.29 -25.19
S4 SF4 CA . 13.38 3.73 -28.69
FE1 XCC DA . 19.21 -11.51 -1.35
FE2 XCC DA . 17.93 -12.57 1.87
FE3 XCC DA . 20.89 -9.14 0.02
FE4 XCC DA . 21.30 -12.20 1.07
S1 XCC DA . 20.60 -10.31 1.75
S2 XCC DA . 21.14 -11.08 -0.69
S4 XCC DA . 18.72 -9.57 -0.33
S3 XCC DA . 19.39 -12.80 0.34
NI XCC DA . 18.37 -10.11 2.17
F F EA . 28.40 -4.95 -27.34
F F FA . 8.16 16.13 -9.44
F F GA . 21.73 17.93 5.58
F F HA . 0.02 8.52 -10.87
F F IA . 27.59 -37.34 -1.42
F F JA . 8.71 -8.55 23.28
NA NA KA . 36.05 5.16 -6.65
NA NA LA . 5.00 -1.36 16.19
NA NA MA . 23.78 21.24 -2.93
C1 GOL NA . 45.35 7.65 30.39
O1 GOL NA . 46.25 7.14 31.33
C2 GOL NA . 44.12 6.73 30.40
O2 GOL NA . 44.45 5.39 30.56
C3 GOL NA . 43.23 7.25 31.55
O3 GOL NA . 41.98 7.53 31.01
FE1 SF4 OA . 37.90 -3.95 72.70
FE2 SF4 OA . 40.05 -3.53 74.21
FE3 SF4 OA . 37.65 -3.72 75.34
FE4 SF4 OA . 38.27 -1.61 73.89
S1 SF4 OA . 39.25 -2.17 75.90
S2 SF4 OA . 36.26 -2.74 73.79
S3 SF4 OA . 39.59 -2.45 72.21
S4 SF4 OA . 38.75 -5.43 74.25
NI NI PA . 38.70 0.44 75.63
NI NI QA . 39.60 2.40 77.26
#